data_8JIW
#
_entry.id   8JIW
#
_cell.length_a   1.00
_cell.length_b   1.00
_cell.length_c   1.00
_cell.angle_alpha   90.00
_cell.angle_beta   90.00
_cell.angle_gamma   90.00
#
_symmetry.space_group_name_H-M   'P 1'
#
loop_
_entity.id
_entity.type
_entity.pdbx_description
1 polymer '18S rRNA'
2 polymer '40S ribosomal protein SA'
3 polymer '40S ribosomal protein S3a'
4 polymer 'S5 DRBM domain-containing protein'
5 polymer '40S ribosomal protein S4'
6 polymer '40S ribosomal protein S6'
7 polymer '40S ribosomal protein S7'
8 polymer '40S ribosomal protein S8'
9 polymer '30S ribosomal protein S4, chloroplastic'
10 polymer '40S ribosomal protein S11 N-terminal domain-containing protein'
11 polymer 'Ribosomal protein S13/S15 N-terminal domain-containing protein'
12 polymer '40S ribosomal protein S14'
13 polymer '40S ribosomal protein S17'
14 polymer '40S ribosomal protein S21'
15 polymer '30S ribosomal protein S8, chloroplastic'
16 polymer '40S ribosomal protein S23'
17 polymer '40S ribosomal protein S24'
18 polymer '40S ribosomal protein S26'
19 polymer '40S ribosomal protein S27'
20 polymer '40S ribosomal protein S30'
21 polymer '60S ribosomal protein L41'
22 polymer 'KH type-2 domain-containing protein'
23 polymer 'Ribosomal protein S7 domain-containing protein'
24 polymer 'Plectin/S10 N-terminal domain-containing protein'
25 polymer '40S ribosomal protein S15'
26 polymer '40S ribosomal protein S16'
27 polymer '40S ribosomal protein S18'
28 polymer '40S ribosomal protein S19'
29 polymer 'Ribosomal protein S10 domain-containing protein'
30 polymer '40S ribosomal protein S28'
31 polymer '40S ribosomal protein S29'
32 polymer 'Mitogen-activated protein kinase'
33 polymer '40S ribosomal protein S25'
34 non-polymer 'POTASSIUM ION'
35 non-polymer 'MAGNESIUM ION'
36 non-polymer 'ZINC ION'
#
loop_
_entity_poly.entity_id
_entity_poly.type
_entity_poly.pdbx_seq_one_letter_code
_entity_poly.pdbx_strand_id
1 'polyribonucleotide'
;UACCUGGUUGAUCCUGCCAGUAGUCAU(A2M)UGCUUGUCU(OMC)AAAGAUUAAGCCAUGCAUGUGCAAGUAUGAACCA
AUUUGAACUGUGAAACUGCGAAUGGCUCAU(PSU)AAAUCAG(PSU)UAUAGUUUG(PSU)U(OMU)GAUGGUACGUGCU
ACUCGGAUAACCGUAGUAAUUCUAG(A2M)GCUAAUACGUGCAACAAACCCCGACUUCUGGGAGGGGCGCAUUUA(PSU)
UAGAUAAAAGGCUGACGCGGGCUCUGCUCGCUGAUCC(OMG)AUGAUUCA(PSU)GA(PSU)AACUCGACGGAUCGCACG
GCCUUCGUGCCGGCGACGCAUCA(PSU)UCAAA(PSU)UUCUGCCCUAUCAACUUUCGAUGGUAGGAUAGGGGCCUACCA
UGGUGGUGACGGG(PSU)GACGGAGAAUUAGGGUUCGA(PSU)UCCGGAGA(OMG)GGAGCCUGAGAAACGGCUACCACA
U(OMC)CAAGGAAGGCAGCAGGCGCGC(A2M)AAUUACCCAA(PSU)CCUGACACGGGGAGGU(A2M)GUGA(OMC)AAU
AAAUAACAAUACCGGGCGCAUUAGUGUCUGGUAAUUGGAAUGAGUACAAUCUAAAUCCCUUAACGAGG(A2M)UCCAUUG
GAGGGCAAGUCUGGUGCCAGCAGCCGCGGUAA(PSU)UCCAGCUCCAAUA(OMG)CGUAUA(PSU)UUAAGUUG(OMU)U
GCAGUU(A2M)AAAAGCUCGUAG(PSU)UGGACCUUGGGCCGGGUCGGCCGGUCCGCCUCACGGCGAGCACCGACCUACU
CGACCCUUCGGCCGGCAUCGCGCUCCUAGCCUUAAUUGGCCGGGUCGUGUUUCCGGCAUCGUUACU(PSU)UGAAGAAA
(PSU)UAGAGUGCUCAAAGCAAGCCAUCGCUCUGGAU(A2M)CAUU(A2M)GCAUGGGA(PSU)AACAUCAUAGGAUUCC
GGUCCUAUUGUGUUGGCCUUCGGGAUCGGAGUAAUGAUUAAUAGGGACAGUCGGGGGCAUUCGUAUUUCAUAGUCAGAGG
UGAAAU(PSU)CUUGGAUUUAUGAAAGACGAACAACUGCGAAAGCAU(PSU)(PSU)GCCAAGGAUGUUUUCAUUAAUCA
AGA(A2M)CGAAAGUUGGGGGCUCGAAGACGA(PSU)CAGAUACCG(OMU)CCUAGUCUCAACCA(PSU)AAACGAUGCC
GACCAGGGAUCGGCGGAUGUUGCUUAUAGGACUCCGCCGGCACCUUAUGAGAAAUCAAAGUCUUUGGG(PSU)UCCGGGG
GGAGUA(PSU)GGUCGCAAGGCUGAAACUUAAAGGAAUUGACGGAAGGGCACCACCAGGCGUGGAGCCUGCGGCUUAAUU
UGACUCAACACGGGGAAACUUACCAGGUCCAGACAUAGCAAGGAUUGACAGACUGAGAGCUCUUUCUUGAUUCUAUGGGU
GGUGGUGCAUGGCCGUUCUUAGUUGGUGGAGCGAUUUGUCUGGUUAAUUCCGUUAACGAACGAGACCUCAGCCUGCUAAC
UAGCUAUGCGGAGCCAUCCCUCCGCAGCUAGCUUCUUAGAGGGACUAUCGCCGUUUAGGCGACGGAAGUUUGAGGCAAUA
ACAGGUCUGUGAUGCCCUUAGAUGUUCUGGGCCGCACGCGCGCUACACUGAUGUAUUCAACGAGUAUAUAGCCUUGGCCG
ACAGGCCCGGGUAAUCUUGGGAAAUUUCAUCGUGAUGGGGAUAGAUCAUUGCAAUUGUUGGUCUUCAACGAGGAAUGCCU
AGUAAGCGCGAGUCAUCAGCUCGCGUUGACUACGUCCCUGCCCUUUGUACACACCG(OMC)CCGUCGCUCCUACCGAUUG
AAUGGUCCGGUGAAGUGUUCGGAUCGCGGCGACGGGGGCGGUUCGCCGCCCCCGACGUCGCGAGAAGUCCAUUGAACCUU
AUCAUUUAGAGGA(A2M)GGAGAAGUCGUAACAAGGUUUCCGUAGGUG(MA6)(MA6)CCUGCGGAAGGAUCAUUG
;
Ad
2 'polypeptide(L)'
;MAAEGGGVRALSQREQDIQMMLAADVHLGTKNCDFQMERYVYKRRTDGIYIINLGKTWEKLQMAARVIVAIENPQDIIVQ
SARPYGQRAVLKFAQYTGANAIAGRHTPGTFTNQMQTSFSEPRLLILTDPRTDHQPIKESALGNIPTIAFCDTDSPMRYV
DIGIPANNKGKQSIGCLFWLLARMVLQMRGTILPGHKWEIMVDLFFYRDPEEAKELEEDEALGAPEYAAVAEYTAPAGDT
WGAEWPGAAAPAAAVEAPAGAEWTGAPAPAADGWDAVAAPAPTGWEQGSAPAPAAAPAATPNWE
;
BA
3 'polypeptide(L)'
;MAVGKNKRISKGRKGSKKKAVDPFTKKQWYDIKAPLLFTSRNVGKTLVSRTQGTKIASEGLKHRVFEVSLADLQNDEDQA
YRKIRLRAEDVQGMNVLTNFWGMDFTTDKLRSLVRKWQTLIEAHVDVKTTDNYMLRMFAIGFTKRRPNQVKRTCYAQASQ
IRQIRRKMVEIMVNQAASCDLKELVNKFIPEVIGKEIEKATSSIFPLQNVYVRKVKILKAPKFDLGKLMEVHGDYKEDVG
VKLDRPADGDEVIPGAEEVAAAE
;
BB
4 'polypeptide(L)'
;MADRGGERGVGERGGDRGGFGRGFGRGGRGDRGGRRGGRRGPRQEEEKWVPVTKLGRLVKEGRFTKMEEIYLHSLPVKEH
QIVETLCPGLKDEVMKITPVQKQTRAGQRTRFKAFVVVGDSNGHVGLGVKCAKEVATAIRGAIILAKLSIVPVRRGYWGN
KIGQPHTVPCKVTGKCGSVTVRMVPAPRGSGIVAARVPKKVLQFAGIDDVFTSSRGSTKTLGNFVKATFDCLMKTYGFLT
PDFWRETTFTKAPYQEFTDILAKPTKALMLDAPAEKIEA
;
BC
5 'polypeptide(L)'
;MARGLKKHLKRLNAPSHWMLDKLGGAFAPKPSSGPHKARECLPLILILRNRLKYALTYREVQSILMQRHIMVDGKVRTDK
TYPAGFMDIISIPKTGENYRLLYDTKGRFRLHSVRDEDAKFKLCKVRSVQFGQKGIPYLNTYDGRTIRYPDPLIKANDTI
KLDLETNKIVDFIKFDVGNVVMVTGGRNTGRVGVIKNREKHKGTFETIHVEDAQGHQFATRLGNVFTIGKGTKPWVSLPK
GKGIKLTIIEEQRKRDAAAQAAAKA
;
BE
6 'polypeptide(L)'
;MKLNIANPTTGCQKKVEIDDDQKLRNLYDKRISQEVVGDLLGEEFKGYIFKIMGGCDKQGFPMKQGVLTSGRVRLLLHRG
TPCFRGFGRRNGERRRKSVRGCIVSQDLSVINLVIVKKGENDLPGLTDTEKPRMRGPKRASKIKKLFNLGKDDDVRSYVN
TYRRTFLNKKGKKVSKAPKIQRLVTPLTLQRKRARIADKKKRIAKKKSEAAEYQKLLAQRLKEQRDRRSESMAKRRSKLS
AATKAPAASA
;
BG
7 'polypeptide(L)'
;MYTARKKIQKDKGVEPSEFEDTVAQAFFDLENGNQELKSDLKDLYINTAIQMDVVGNRKAVVIHVPYRLRKPFRKIHVRL
VRELEKKFSGKDVVFVATRRIVRPPKKGSAVQRPRTRTLTAVHDGILEDVVYPAEIVGKRVRYRLDGAKVIKIYLDPKER
NNTEYKLETFSAVYRRLCGKDVVFEYPVTETA
;
BH
8 'polypeptide(L)'
;GISRDSMHKRRATGGKQKAWRKKRKYELGRQPANTKLSSNKTVRRVRVRGGNVKWRALRLDTGNFSWGSEAVTRKTRLLD
VVYNSSNNELVRTQTLVKNAIVQVDAAPFKQWYLTHYGVEIGRKKKAAAAAKKDAAEGQESEVAAAATEEAKKSNNVQRK
LEKRQQGRTLDSHIEEQFSGGRLLACISSRPGQCGRADGYILEGKELEFYMRKLQKKKGKGATA
;
BI
9 'polypeptide(L)'
;MVHVNFYRNYGKTFKKPRRPYEKERLDAELKLVGEYGLRCKRELWRVQYALSRIRNAARHLLTLDEKNPRRIFEGAALLR
RMNRYGLLAEGQDKLDYVLALTAENFLARRLQTLVFKAGMAKSIHHARVLIRQRHIRVGRQIVNVPSFMVRVESEKHIDF
SLTSPFGGGPAGRVKRKNQKKASGGGDAGGDEEEE
;
BJ
10 'polypeptide(L)'
;MAEQTEKAFLKQPKVFLCSKKTTKGNNKPGKEGNRFWKSVGLGFKTPKEAIEGTYIDKKCPFTGTVSIRGRIIAGTCHSA
KMNRTIIVRRNYLHYVKKYQRYEKRHSNIPAHISPCFRVREGDHVIIGQCRPLSKTVRFNVLKVVPAGSKSGAVKKAFTG
A
;
BL
11 'polypeptide(L)'
;MGRMHSRGKGISSSALPYKRTPPSWVKTAVADVDELITKAAKKGQMPSQIGVLLRDQHGIPLVKSVTGSKILRILKAHGL
APEIPEDLYFLIKKAVAIRKHLERNRKDKDSKFRLILVESRIHRLARYYKRTKKLPPTWKYESTTASTLVA
;
BN
12 'polypeptide(L)'
;MSSKRKTREPKEENVTLGPAVREGEHVFGVAHIFASFNDTFIHVTDLSGRETLVRITGGMKVKADRDESSPYAAMLASQD
VATRCKELGITALHIKLRATGGNKTKTPGPGAQSALRALARSGMKIGRIEDVTPVPTDSTRRKGGRRGRRL
;
BO
13 'polypeptide(L)'
;MGRVRTKTVKKTSRQVIEKYYSRMTLDFHTNKKVLEEVSILQSKRLRNKVAGFTTHLMRRIQRGPVRGISLKLQEEERER
RMDFVPEKSALEVDEIRVDKETMDMLAFLGMADLPGVERAPEATSAAAPYRQPFNGPRGGNRA
;
BR
14 'polypeptide(L)'
;MQNEVGDMVDLYVPRKCSATNRIITAKDHASVQINIGHVDENGLYDGRFTTFALSGFVRAQGDADGSLDRLWQKRKAEIK
QL
;
BV
15 'polypeptide(L)'
;MVRVSVLNDALKSMYNAEKRGKRQVMIRPSSKVIIKFLIVMQKHGYIGEFEYVDDHRSGKIVVELNGRLNKCGVISPRFD
VGVKEIEGWTARLLPSRQFGYIVLTTSAGIMDHEEARRKNVGGKVLGFFY
;
BW
16 'polypeptide(L)'
;MGKTRGMGAGRKLKTHRRNQRWADKAYKKSHLGNEWKKPFAGSSHAKGIVLEKIGIEAKQPNSAIRKCARVQLVKNGKKI
AAFVPNDGCLNFIEENDEVLIAGFGRKGHAVGDIPGVRFKVVKVSGVSLLALFKEKKEKPRS
;
BX
17 'polypeptide(L)'
;MADAKTAPAVTLRTRKFMTNRLLSRKQFVLEVIHPGRANVSKADLKERLAKIYEVKDSNCIFVFKFRTHFGGGKSTGFGL
IYDNLEAAKKFEPKYRLIRNGLATKVEKSRKQIKERKNRTKKIRGVKKTKAGDAKKK
;
BY
18 'polypeptide(L)'
;MTFKRRNGGRNKHGRGHVKYIRCSNCAKCCPKDKAIKRFLVRNIVEQAAVRDVQEACVHDGYVLPKLYAKVHHCVSCAIH
AHIVRVRSRENRRNREPPQRFRRRDDGPRPGQGGPPRAGGPGGAPAGAGAVPGAPAPRV
;
Ba
19 'polypeptide(L)'
;MVLQNDIDLLNPPAELEKLKHKKKRLVQSPNSFFMDVKCQGCFNITTVFSHSQTVVVCPGCQTVLCQPTGGKARLTEGCS
FRRKGD
;
Bb
20 'polypeptide(L)' MGKVHGSLARAGKVRGQTPKVAKQDKKKQPRGRAHKRIQYNRRFVTAVVGFGKKRGPNSSEK Be
21 'polypeptide(L)' MRAKWKKKRMRRLKRKRRKMRQRSK Cn
22 'polypeptide(L)'
;MATQISKKKKFVSDGVFYAELNEMLTRELAEDGYSGVEVRVTPMRTEIIIRATRTQNVLGEKGRRIRELTSVVQKRFNFP
ENGVELYAEKVVNRGLCAIAQAESLRYKLLGGLAVRRACYGVLRFVMESGAKGCEVIVSGKLRAQRAKSMKFKDGYMISS
GQPVNEYIDAAVRHVLLRQGVLGIKVKIMLDWDPKGKLGPTTPLPDLVTIHPPKEEDELRPPALVEV
;
BD
23 'polypeptide(L)'
;MAVVEPVPGGDVKLFNRWTFEDVQVSDISLNDYLAVTSMKHYTFLPHSAGRYSAKRFRKAQCPIIERLTNSLMMHGRNNG
KKIMAVRIIKHTMEIIHLLTDANPIQIIVDAIINSGPREDATRIGSAGVVRRQAVDISPLRRVNQAIYLLTTGARESAFR
NVKTIAECLADELINAAKGSSNSYAIKKKDEIERVAKANR
;
BF
24 'polypeptide(L)'
;MIISKKNRNEICKYLFQEGVLYAKKDYNLAKHPQIDVPNLQVIKLMQSFKSKEYVRETFSWQHYYWYLTNDGIEFLRNFL
NLPSEIVPATLKKSARPPGRPLGSGPPGDRPRGPPRFEGDRPRYGDRDGYRGGPRGAPGDFGGEKGGAPAEFQPSFRSSG
GGGFGRGGGGGFGRGGGGGGGFGASPME
;
BK
25 'polypeptide(L)'
;MADVDVDPEVAAAGPKKRTFRKFSYRGVDLDALLDMSTEDLVQLFPARPRRRFSRGLKRKPMALVKKLRKAKSEAPAGEK
PEQVRTHLRNMIIMPEMIGSVVGIYNGKCFNQVEIKPEMIGHYLAEFSLSYKPVKHGRPGIGATHSSRFIPLK
;
BP
26 'polypeptide(L)'
;MAAVLTRPTPGTVQCFGRKKTAVAVAYCKPGRGLIKVNGAPIELIRPEMLRLKAFEPILLAGRSRFKDIDMRIRVRGGGK
TSQIYSIRQAIAKSLVAYYQKYVDEAAKKEVKEIFARYDRTLLVADPRRCEPKKFGGRGARARFQKSYR
;
BQ
27 'polypeptide(L)'
;MSLSAGEEFQHILRVLNTNVDGKQKIMFALTSIKGVGRRFSNIVCKKADIDMNKRAGELSAEEMDRLMAVVHNPRQFKVP
DWFLNRKKDYKDGRFSQVVSNAVDMKLRDDLERLKKIRNHRGLRHYWGVRVRGQHTKTTGRRGKTVGVSKKR
;
BS
28 'polypeptide(L)'
;MATVPAPAAETAASTARTVKDVNPHEFVKAYSAHLKRSGKMELPEWVDIVKTARFKELPPSDADWYYIRAASMARKIYLR
QGIGIGGFQKIYGGRQRNGSRPPHFCKSSGAVSRNILQELQKMGIIDVDPKGGRLITSQGRRDLDQVAGTVPAEF
;
BT
29 'polypeptide(L)'
;MKSGKAGFEGPQEAQHRIRITLSSKSVKNLEKVCSDLVRGAKDKLLRVKGPVRMPTKVLNITTRKSPCGEGTNTWDRFEM
RVHKRVIDLVSSPDVVKQITSITIEPGVEVEVTISDQ
;
BU
30 'polypeptide(L)' MDTQVKLAVVVKVMGRTGSRGQVTQVRVKFLDDQNRLIMRNVKGPVREGDILTLLESEREARRLR Bc
31 'polypeptide(L)' MGHSNVWNSHPKNYGPGSRVCRVCGNSHGLIRKYGLMCCRQCFRSNAKDIGFIKYR Bd
32 'polypeptide(L)'
;MANMQESLALVGTMRGHNDVVTAIAAPIDNSPYIVSGSRDKSLLVWDLTNPVPSLGDGTVGTDYAVPFRRLTGHGHFVQD
VVISSDGQFALSGSWDGELRLWDLSTGLTTRRFVGHTKDVISVAFSVDNRQIVSASRDNTIKLWNTLGECKYTIGGDMGG
GEGHTGWVSCVRFSPNIQQPTIVSGSWDKTVKVWNLTNCKLRSTLAGHGGYVNAVAVSPDGSLCASGGKDGVTLLWDLSE
GKRLYQLEAGSIIHALCFSPNRYWLCAATEESVKIWDLESKHVVQDLKPEVQVSKNQMLYCTSLSWSADGSTLYTGYTDG
TIRVFKIQAGFAGYA
;
Bg
33 'polypeptide(L)'
;MAPKKEKAPAASSKPAKSGGGKQKEKVNNAVLFDQATYDKLLTEVPKYKQITPSVLSERLRINGSLARRAIKDLMERGLI
RMVSIHSSQQIFTRATNT
;
BZ
#
loop_
_chem_comp.id
_chem_comp.type
_chem_comp.name
_chem_comp.formula
A RNA linking ADENOSINE-5'-MONOPHOSPHATE 'C10 H14 N5 O7 P'
A2M RNA linking '2'-O-methyladenosine 5'-(dihydrogen phosphate)' 'C11 H16 N5 O7 P'
C RNA linking CYTIDINE-5'-MONOPHOSPHATE 'C9 H14 N3 O8 P'
G RNA linking GUANOSINE-5'-MONOPHOSPHATE 'C10 H14 N5 O8 P'
K non-polymer 'POTASSIUM ION' 'K 1'
MA6 RNA linking 6N-DIMETHYLADENOSINE-5'-MONOPHOSHATE 'C12 H18 N5 O7 P'
MG non-polymer 'MAGNESIUM ION' 'Mg 2'
OMC RNA linking O2'-METHYLYCYTIDINE-5'-MONOPHOSPHATE 'C10 H16 N3 O8 P'
OMG RNA linking O2'-METHYLGUANOSINE-5'-MONOPHOSPHATE 'C11 H16 N5 O8 P'
OMU RNA linking 'O2'-METHYLURIDINE 5'-MONOPHOSPHATE' 'C10 H15 N2 O9 P'
PSU RNA linking PSEUDOURIDINE-5'-MONOPHOSPHATE 'C9 H13 N2 O9 P'
U RNA linking URIDINE-5'-MONOPHOSPHATE 'C9 H13 N2 O9 P'
ZN non-polymer 'ZINC ION' 'Zn 2'
#
# COMPACT_ATOMS: atom_id res chain seq x y z
P A2M A 28 -9.66 45.12 -28.11
OP1 A2M A 28 -10.31 46.39 -28.61
O5' A2M A 28 -8.15 44.96 -28.69
C5' A2M A 28 -7.61 43.68 -28.69
C4' A2M A 28 -6.12 43.71 -28.28
O4' A2M A 28 -5.87 42.83 -27.36
C3' A2M A 28 -5.33 43.29 -29.51
O3' A2M A 28 -4.81 44.38 -30.12
C2' A2M A 28 -4.23 42.33 -28.99
O2' A2M A 28 -2.93 43.03 -28.80
C1' A2M A 28 -4.67 41.87 -27.86
CM' A2M A 28 -1.86 42.13 -28.80
N9 A2M A 28 -5.16 40.54 -28.08
C8 A2M A 28 -4.22 39.63 -28.31
N7 A2M A 28 -4.84 38.45 -28.52
C5 A2M A 28 -6.15 38.67 -28.42
C6 A2M A 28 -7.22 37.81 -28.53
N6 A2M A 28 -6.86 36.44 -28.82
N1 A2M A 28 -8.45 38.28 -28.39
C2 A2M A 28 -8.65 39.58 -28.13
N3 A2M A 28 -7.60 40.43 -28.01
C4 A2M A 28 -6.35 39.96 -28.16
OP2 A2M A 28 -10.50 43.92 -28.45
N1 OMC A 38 -27.59 43.75 -33.87
C2 OMC A 38 -27.81 44.16 -35.29
N3 OMC A 38 -26.71 44.03 -36.31
C4 OMC A 38 -25.43 43.50 -35.93
C5 OMC A 38 -25.19 43.09 -34.52
C6 OMC A 38 -26.28 43.21 -33.50
O2 OMC A 38 -28.85 44.58 -35.65
N4 OMC A 38 -24.39 43.37 -36.89
C1' OMC A 38 -28.62 43.84 -32.81
C2' OMC A 38 -28.57 45.17 -32.05
O2' OMC A 38 -28.88 44.93 -30.69
CM2 OMC A 38 -28.17 43.85 -30.07
C3' OMC A 38 -29.68 45.94 -32.74
C4' OMC A 38 -30.71 44.86 -32.99
O4' OMC A 38 -29.90 43.72 -33.39
O3' OMC A 38 -30.18 47.02 -31.99
C5' OMC A 38 -31.74 45.17 -34.03
O5' OMC A 38 -31.16 45.83 -35.15
P OMC A 38 -32.02 46.18 -36.45
OP1 OMC A 38 -33.16 47.07 -36.01
OP2 OMC A 38 -31.06 46.65 -37.52
N1 PSU A 103 -8.49 57.85 -4.56
C2 PSU A 103 -9.69 57.03 -4.91
N3 PSU A 103 -10.99 57.29 -4.24
C4 PSU A 103 -11.09 58.34 -3.23
C5 PSU A 103 -9.89 59.16 -2.91
C6 PSU A 103 -8.61 58.90 -3.58
O2 PSU A 103 -9.60 56.18 -5.70
O4 PSU A 103 -12.07 58.54 -2.73
C1' PSU A 103 -9.99 60.25 -1.87
C2' PSU A 103 -10.03 59.66 -0.47
O2' PSU A 103 -10.81 60.51 0.36
C3' PSU A 103 -8.56 59.76 -0.08
C4' PSU A 103 -8.13 61.07 -0.72
O3' PSU A 103 -8.34 59.75 1.33
O4' PSU A 103 -8.88 61.10 -1.96
C5' PSU A 103 -6.66 61.21 -1.01
O5' PSU A 103 -6.21 60.23 -1.93
P PSU A 103 -4.71 60.22 -2.44
OP1 PSU A 103 -3.81 60.53 -1.25
OP2 PSU A 103 -4.49 58.92 -3.24
N1 PSU A 111 -29.21 57.13 7.03
C2 PSU A 111 -29.43 57.60 5.64
N3 PSU A 111 -30.49 56.97 4.80
C4 PSU A 111 -31.29 55.89 5.36
C5 PSU A 111 -31.07 55.43 6.75
C6 PSU A 111 -30.02 56.06 7.57
O2 PSU A 111 -28.79 58.46 5.20
O4 PSU A 111 -32.10 55.43 4.72
C1' PSU A 111 -31.89 54.32 7.37
C2' PSU A 111 -33.17 54.89 8.01
O2' PSU A 111 -33.37 54.23 9.25
C3' PSU A 111 -34.23 54.49 7.00
C4' PSU A 111 -33.73 53.15 6.51
O3' PSU A 111 -35.54 54.44 7.53
O4' PSU A 111 -32.29 53.33 6.43
C5' PSU A 111 -34.27 52.68 5.18
O5' PSU A 111 -34.02 53.64 4.16
P PSU A 111 -34.22 53.26 2.63
OP1 PSU A 111 -35.65 52.74 2.47
OP2 PSU A 111 -33.77 54.45 1.78
N1 PSU A 121 -40.23 76.85 -7.47
C2 PSU A 121 -39.78 77.41 -6.15
N3 PSU A 121 -38.98 78.66 -6.13
C4 PSU A 121 -38.66 79.34 -7.37
C5 PSU A 121 -39.11 78.78 -8.68
C6 PSU A 121 -39.89 77.53 -8.70
O2 PSU A 121 -40.04 76.87 -5.16
O4 PSU A 121 -38.05 80.29 -7.33
C1' PSU A 121 -38.81 79.45 -10.00
C2' PSU A 121 -40.06 79.32 -10.87
O2' PSU A 121 -39.67 79.09 -12.21
C3' PSU A 121 -40.67 80.71 -10.73
C4' PSU A 121 -39.43 81.59 -10.68
O3' PSU A 121 -41.56 81.08 -11.77
O4' PSU A 121 -38.51 80.82 -9.88
C5' PSU A 121 -39.62 82.98 -10.12
O5' PSU A 121 -39.66 82.96 -8.71
P PSU A 121 -39.37 84.29 -7.87
OP1 PSU A 121 -40.08 85.45 -8.58
OP2 PSU A 121 -39.67 84.00 -6.40
N1 OMU A 123 -48.18 77.53 -6.81
C2 OMU A 123 -48.04 77.69 -5.31
N3 OMU A 123 -46.99 78.62 -4.74
C4 OMU A 123 -46.11 79.33 -5.64
C5 OMU A 123 -46.24 79.16 -7.12
C6 OMU A 123 -47.28 78.24 -7.68
O2 OMU A 123 -48.77 77.12 -4.56
O4 OMU A 123 -45.27 80.05 -5.20
C1' OMU A 123 -49.18 76.61 -7.38
C2' OMU A 123 -50.63 77.04 -7.09
O2' OMU A 123 -51.38 75.87 -6.80
CM2 OMU A 123 -50.81 75.00 -5.80
C3' OMU A 123 -51.06 77.62 -8.44
C4' OMU A 123 -50.30 76.76 -9.42
O3' OMU A 123 -52.46 77.60 -8.65
O4' OMU A 123 -49.02 76.59 -8.79
C5' OMU A 123 -50.13 77.35 -10.80
O5' OMU A 123 -48.77 77.48 -11.14
P OMU A 123 -48.20 78.86 -11.72
OP1 OMU A 123 -49.04 79.25 -12.88
OP2 OMU A 123 -48.02 79.83 -10.54
P A2M A 162 -17.21 113.93 -25.04
OP1 A2M A 162 -17.61 114.51 -23.70
O5' A2M A 162 -17.82 114.84 -26.27
C5' A2M A 162 -17.07 115.93 -26.68
C4' A2M A 162 -17.55 116.33 -28.08
O4' A2M A 162 -17.06 115.52 -28.98
C3' A2M A 162 -19.06 116.10 -28.18
O3' A2M A 162 -19.74 117.15 -27.66
C2' A2M A 162 -19.26 115.97 -29.69
O2' A2M A 162 -19.22 117.32 -30.33
C1' A2M A 162 -18.23 115.27 -30.08
CM' A2M A 162 -19.02 117.28 -31.71
N9 A2M A 162 -18.59 113.89 -30.12
C8 A2M A 162 -18.14 113.15 -29.09
N7 A2M A 162 -18.56 111.90 -29.29
C5 A2M A 162 -19.27 111.87 -30.43
C6 A2M A 162 -19.92 110.85 -31.09
N6 A2M A 162 -19.83 109.56 -30.43
N1 A2M A 162 -20.56 111.09 -32.22
C2 A2M A 162 -20.57 112.34 -32.73
N3 A2M A 162 -19.93 113.35 -32.09
C4 A2M A 162 -19.28 113.10 -30.94
OP2 A2M A 162 -17.69 112.51 -25.15
N1 PSU A 208 -43.56 92.33 25.72
C2 PSU A 208 -42.59 91.61 24.85
N3 PSU A 208 -41.20 91.35 25.35
C4 PSU A 208 -40.82 91.81 26.68
C5 PSU A 208 -41.80 92.53 27.54
C6 PSU A 208 -43.17 92.78 27.03
O2 PSU A 208 -42.90 91.25 23.79
O4 PSU A 208 -39.77 91.60 27.04
C1' PSU A 208 -41.46 93.04 28.93
C2' PSU A 208 -42.19 92.21 30.00
O2' PSU A 208 -42.69 93.10 30.98
C3' PSU A 208 -41.06 91.37 30.55
C4' PSU A 208 -39.87 92.32 30.48
O3' PSU A 208 -41.30 90.89 31.86
O4' PSU A 208 -40.08 93.01 29.23
C5' PSU A 208 -38.50 91.68 30.49
O5' PSU A 208 -38.30 90.84 29.36
P PSU A 208 -36.86 90.24 29.03
OP1 PSU A 208 -36.27 89.67 30.32
OP2 PSU A 208 -37.00 89.34 27.81
P OMG A 246 -57.94 75.81 22.54
OP1 OMG A 246 -59.23 75.02 22.55
OP2 OMG A 246 -57.07 75.85 23.77
O5' OMG A 246 -57.06 75.28 21.33
C5' OMG A 246 -57.66 74.95 20.08
C4' OMG A 246 -56.74 75.23 18.92
O4' OMG A 246 -55.99 76.45 19.14
C3' OMG A 246 -55.65 74.20 18.65
O3' OMG A 246 -56.12 73.03 18.03
C2' OMG A 246 -54.67 75.00 17.79
O2' OMG A 246 -55.13 75.09 16.45
CM2 OMG A 246 -54.39 75.97 15.66
C1' OMG A 246 -54.77 76.40 18.43
N9 OMG A 246 -53.66 76.64 19.36
C8 OMG A 246 -52.57 76.51 18.59
N7 OMG A 246 -51.48 76.72 19.35
C5 OMG A 246 -51.90 76.98 20.58
C6 OMG A 246 -51.14 77.28 21.87
O6 OMG A 246 -49.97 77.32 21.87
N1 OMG A 246 -51.86 77.52 23.09
C2 OMG A 246 -53.30 77.47 23.09
N2 OMG A 246 -54.03 77.71 24.32
N3 OMG A 246 -54.02 77.17 21.86
C4 OMG A 246 -53.27 76.92 20.59
N1 PSU A 255 -47.99 83.92 20.73
C2 PSU A 255 -46.51 83.76 20.55
N3 PSU A 255 -45.96 83.50 19.20
C4 PSU A 255 -46.87 83.37 18.06
C5 PSU A 255 -48.34 83.52 18.24
C6 PSU A 255 -48.87 83.79 19.60
O2 PSU A 255 -45.80 83.87 21.45
O4 PSU A 255 -46.43 83.17 17.04
C1' PSU A 255 -49.34 83.40 17.10
C2' PSU A 255 -50.09 84.72 16.93
O2' PSU A 255 -51.37 84.42 16.42
C3' PSU A 255 -49.24 85.39 15.87
C4' PSU A 255 -48.86 84.23 14.97
O3' PSU A 255 -49.88 86.44 15.18
O4' PSU A 255 -48.71 83.10 15.87
C5' PSU A 255 -47.59 84.43 14.18
O5' PSU A 255 -47.37 83.36 13.27
P PSU A 255 -46.03 82.53 13.32
OP1 PSU A 255 -45.40 82.54 11.92
OP2 PSU A 255 -45.20 83.00 14.51
N1 PSU A 258 -43.64 94.72 23.43
C2 PSU A 258 -43.98 94.47 22.00
N3 PSU A 258 -45.30 94.90 21.47
C4 PSU A 258 -46.26 95.56 22.36
C5 PSU A 258 -45.91 95.80 23.78
C6 PSU A 258 -44.60 95.37 24.29
O2 PSU A 258 -43.22 93.95 21.30
O4 PSU A 258 -47.26 95.87 21.94
C1' PSU A 258 -46.86 96.48 24.75
C2' PSU A 258 -46.40 97.94 24.93
O2' PSU A 258 -46.57 98.30 26.29
C3' PSU A 258 -47.40 98.66 24.05
C4' PSU A 258 -48.67 97.88 24.30
O3' PSU A 258 -47.52 100.05 24.34
O4' PSU A 258 -48.21 96.51 24.33
C5' PSU A 258 -49.78 98.04 23.30
O5' PSU A 258 -49.43 97.55 22.02
P PSU A 258 -50.53 97.31 20.90
OP1 PSU A 258 -51.36 98.58 20.76
OP2 PSU A 258 -49.84 96.71 19.67
N1 PSU A 300 -43.96 76.91 -3.16
C2 PSU A 300 -43.24 77.59 -2.03
N3 PSU A 300 -43.47 77.13 -0.64
C4 PSU A 300 -44.37 76.00 -0.38
C5 PSU A 300 -45.07 75.33 -1.51
C6 PSU A 300 -44.85 75.81 -2.89
O2 PSU A 300 -42.54 78.48 -2.24
O4 PSU A 300 -44.52 75.67 0.68
C1' PSU A 300 -46.03 74.17 -1.30
C2' PSU A 300 -45.43 72.81 -1.63
O2' PSU A 300 -46.38 72.06 -2.36
C3' PSU A 300 -45.21 72.22 -0.25
C4' PSU A 300 -46.38 72.78 0.55
O3' PSU A 300 -45.20 70.80 -0.24
O4' PSU A 300 -46.52 74.12 0.02
C5' PSU A 300 -46.20 72.83 2.04
O5' PSU A 300 -45.06 73.60 2.40
P PSU A 300 -44.70 73.88 3.92
OP1 PSU A 300 -44.81 72.55 4.68
OP2 PSU A 300 -43.39 74.67 3.97
N1 PSU A 306 -28.28 67.59 6.61
C2 PSU A 306 -27.97 67.08 5.24
N3 PSU A 306 -26.71 67.51 4.58
C4 PSU A 306 -25.79 68.41 5.27
C5 PSU A 306 -26.11 68.90 6.64
C6 PSU A 306 -27.36 68.47 7.28
O2 PSU A 306 -28.70 66.37 4.69
O4 PSU A 306 -24.84 68.71 4.75
C1' PSU A 306 -25.20 69.84 7.41
C2' PSU A 306 -24.40 69.04 8.45
O2' PSU A 306 -24.31 69.83 9.62
C3' PSU A 306 -23.06 68.94 7.77
C4' PSU A 306 -22.92 70.28 7.08
O3' PSU A 306 -21.98 68.67 8.66
O4' PSU A 306 -24.27 70.54 6.61
C5' PSU A 306 -21.96 70.35 5.93
O5' PSU A 306 -22.29 69.44 4.91
P PSU A 306 -21.92 69.76 3.39
OP1 PSU A 306 -20.42 70.07 3.34
OP2 PSU A 306 -22.49 68.65 2.51
N1 PSU A 362 -5.94 51.77 -1.20
C2 PSU A 362 -5.05 52.87 -0.72
N3 PSU A 362 -3.67 53.00 -1.26
C4 PSU A 362 -3.21 52.06 -2.28
C5 PSU A 362 -4.10 50.97 -2.76
C6 PSU A 362 -5.45 50.85 -2.21
O2 PSU A 362 -5.41 53.61 0.09
O4 PSU A 362 -2.17 52.19 -2.68
C1' PSU A 362 -3.65 49.97 -3.82
C2' PSU A 362 -4.13 50.45 -5.19
O2' PSU A 362 -4.53 49.31 -5.93
C3' PSU A 362 -2.85 51.04 -5.77
C4' PSU A 362 -1.80 50.10 -5.23
O3' PSU A 362 -2.85 51.15 -7.17
O4' PSU A 362 -2.25 49.81 -3.89
C5' PSU A 362 -0.39 50.62 -5.20
O5' PSU A 362 -0.31 51.89 -4.58
P PSU A 362 1.09 52.50 -4.11
OP1 PSU A 362 2.03 52.49 -5.32
OP2 PSU A 362 0.82 53.82 -3.38
N1 PSU A 383 -18.43 49.52 -19.35
C2 PSU A 383 -17.99 49.03 -18.02
N3 PSU A 383 -17.48 49.99 -17.00
C4 PSU A 383 -17.40 51.41 -17.33
C5 PSU A 383 -17.84 51.90 -18.67
C6 PSU A 383 -18.35 50.93 -19.65
O2 PSU A 383 -18.06 47.90 -17.76
O4 PSU A 383 -17.00 52.12 -16.54
C1' PSU A 383 -17.79 53.36 -19.08
C2' PSU A 383 -19.22 53.92 -19.11
O2' PSU A 383 -19.30 54.84 -20.19
C3' PSU A 383 -19.27 54.66 -17.78
C4' PSU A 383 -17.87 55.24 -17.68
O3' PSU A 383 -20.29 55.63 -17.71
O4' PSU A 383 -17.04 54.17 -18.19
C5' PSU A 383 -17.42 55.64 -16.30
O5' PSU A 383 -17.51 54.56 -15.39
P PSU A 383 -17.10 54.75 -13.87
OP1 PSU A 383 -17.80 56.02 -13.36
OP2 PSU A 383 -17.34 53.44 -13.14
P OMG A 392 -8.15 72.25 -17.77
OP1 OMG A 392 -7.66 73.05 -18.94
OP2 OMG A 392 -8.99 71.03 -18.07
O5' OMG A 392 -6.86 71.79 -16.98
C5' OMG A 392 -6.30 70.51 -17.24
C4' OMG A 392 -4.85 70.41 -16.87
O4' OMG A 392 -4.05 71.37 -17.59
C3' OMG A 392 -4.47 70.68 -15.43
O3' OMG A 392 -4.84 69.64 -14.55
C2' OMG A 392 -2.96 70.90 -15.53
O2' OMG A 392 -2.29 69.64 -15.59
CM2 OMG A 392 -0.90 69.75 -15.68
C1' OMG A 392 -2.84 71.56 -16.91
N9 OMG A 392 -2.56 73.00 -16.78
C8 OMG A 392 -3.43 73.63 -17.59
N7 OMG A 392 -3.18 74.95 -17.48
C5 OMG A 392 -2.19 75.12 -16.62
C6 OMG A 392 -1.48 76.36 -16.08
O6 OMG A 392 -1.80 77.44 -16.45
N1 OMG A 392 -0.42 76.22 -15.13
C2 OMG A 392 -0.02 74.91 -14.68
N2 OMG A 392 1.05 74.75 -13.72
N3 OMG A 392 -0.71 73.74 -15.19
C4 OMG A 392 -1.81 73.90 -16.18
N1 OMC A 418 1.46 86.30 -31.91
C2 OMC A 418 2.27 85.77 -30.77
N3 OMC A 418 2.58 86.69 -29.60
C4 OMC A 418 2.12 88.06 -29.60
C5 OMC A 418 1.33 88.57 -30.74
C6 OMC A 418 1.00 87.68 -31.90
O2 OMC A 418 2.65 84.65 -30.74
N4 OMC A 418 2.41 88.95 -28.52
C1' OMC A 418 1.06 85.53 -33.11
C2' OMC A 418 1.20 86.39 -34.38
O2' OMC A 418 0.05 86.18 -35.20
CM2 OMC A 418 -0.86 87.28 -35.16
C3' OMC A 418 2.45 85.79 -35.03
C4' OMC A 418 2.35 84.33 -34.62
O4' OMC A 418 1.89 84.40 -33.26
O3' OMC A 418 2.52 85.99 -36.43
C5' OMC A 418 3.64 83.54 -34.69
O5' OMC A 418 3.81 82.72 -33.55
P OMC A 418 3.61 81.14 -33.65
OP1 OMC A 418 3.55 80.76 -35.11
OP2 OMC A 418 4.62 80.49 -32.73
P A2M A 440 -0.25 48.82 -30.37
OP1 A2M A 440 -0.06 49.15 -31.82
O5' A2M A 440 -1.84 48.85 -29.96
C5' A2M A 440 -2.75 48.17 -30.77
C4' A2M A 440 -4.06 47.99 -29.97
O4' A2M A 440 -3.78 47.44 -28.82
C3' A2M A 440 -4.67 49.36 -29.63
O3' A2M A 440 -5.61 49.69 -30.54
C2' A2M A 440 -5.28 49.16 -28.24
O2' A2M A 440 -6.74 48.86 -28.36
C1' A2M A 440 -4.68 48.15 -27.69
CM' A2M A 440 -7.35 48.55 -27.14
N9 A2M A 440 -3.84 48.61 -26.61
C8 A2M A 440 -2.65 49.07 -27.00
N7 A2M A 440 -1.99 49.45 -25.90
C5 A2M A 440 -2.78 49.21 -24.85
C6 A2M A 440 -2.61 49.41 -23.50
N6 A2M A 440 -1.33 49.98 -23.13
N1 A2M A 440 -3.56 49.09 -22.64
C2 A2M A 440 -4.72 48.56 -23.11
N3 A2M A 440 -4.90 48.36 -24.43
C4 A2M A 440 -3.93 48.69 -25.29
OP2 A2M A 440 0.58 49.70 -29.48
N1 PSU A 451 -34.06 64.88 -27.86
C2 PSU A 451 -34.70 65.52 -29.03
N3 PSU A 451 -36.03 65.05 -29.49
C4 PSU A 451 -36.69 63.96 -28.79
C5 PSU A 451 -36.05 63.32 -27.60
C6 PSU A 451 -34.71 63.79 -27.17
O2 PSU A 451 -34.18 66.39 -29.59
O4 PSU A 451 -37.69 63.62 -29.16
C1' PSU A 451 -36.69 62.14 -26.87
C2' PSU A 451 -37.47 62.44 -25.60
O2' PSU A 451 -37.12 61.46 -24.63
C3' PSU A 451 -38.92 62.25 -26.06
C4' PSU A 451 -38.81 61.20 -27.14
O3' PSU A 451 -39.78 61.84 -25.02
O4' PSU A 451 -37.52 61.43 -27.76
C5' PSU A 451 -39.88 61.27 -28.20
O5' PSU A 451 -40.10 62.62 -28.61
P PSU A 451 -41.26 63.00 -29.63
OP1 PSU A 451 -42.57 62.41 -29.09
OP2 PSU A 451 -41.15 64.48 -29.94
P A2M A 468 -29.46 54.94 -39.65
OP1 A2M A 468 -30.29 53.91 -40.38
O5' A2M A 468 -28.12 55.33 -40.51
C5' A2M A 468 -28.06 54.96 -41.86
C4' A2M A 468 -27.18 55.98 -42.63
O4' A2M A 468 -27.14 57.11 -41.99
C3' A2M A 468 -25.72 55.53 -42.66
O3' A2M A 468 -25.46 54.66 -43.67
C2' A2M A 468 -25.00 56.85 -42.92
O2' A2M A 468 -25.20 57.27 -44.33
C1' A2M A 468 -25.63 57.67 -42.13
CM' A2M A 468 -24.23 58.18 -44.80
N9 A2M A 468 -24.99 57.68 -40.85
C8 A2M A 468 -25.69 57.13 -39.87
N7 A2M A 468 -24.95 57.20 -38.76
C5 A2M A 468 -23.80 57.81 -39.07
C6 A2M A 468 -22.70 58.15 -38.31
N6 A2M A 468 -22.80 57.77 -36.91
N1 A2M A 468 -21.67 58.74 -38.87
C2 A2M A 468 -21.69 59.04 -40.19
N3 A2M A 468 -22.77 58.71 -40.94
C4 A2M A 468 -23.81 58.10 -40.37
OP2 A2M A 468 -29.08 54.46 -38.27
N1 OMC A 473 -17.09 44.09 -29.61
C2 OMC A 473 -18.17 44.26 -28.60
N3 OMC A 473 -19.53 44.74 -29.03
C4 OMC A 473 -19.79 45.03 -30.42
C5 OMC A 473 -18.73 44.86 -31.44
C6 OMC A 473 -17.37 44.40 -31.01
O2 OMC A 473 -17.96 44.02 -27.46
N4 OMC A 473 -21.08 45.49 -30.82
C1' OMC A 473 -15.75 43.63 -29.21
C2' OMC A 473 -15.74 42.15 -28.84
O2' OMC A 473 -14.68 41.92 -27.92
CM2 OMC A 473 -15.14 41.77 -26.57
C3' OMC A 473 -15.42 41.52 -30.19
C4' OMC A 473 -14.42 42.50 -30.77
O4' OMC A 473 -14.87 43.79 -30.30
O3' OMC A 473 -14.92 40.20 -30.10
C5' OMC A 473 -14.31 42.50 -32.27
O5' OMC A 473 -15.56 42.79 -32.87
P OMC A 473 -15.67 43.12 -34.42
OP1 OMC A 473 -17.06 43.64 -34.70
OP2 OMC A 473 -14.47 43.98 -34.77
P A2M A 545 -21.28 19.95 -60.39
OP1 A2M A 545 -21.15 19.34 -59.02
O5' A2M A 545 -22.26 21.28 -60.35
C5' A2M A 545 -21.97 22.30 -59.44
C4' A2M A 545 -22.54 23.62 -60.03
O4' A2M A 545 -23.83 23.54 -60.14
C3' A2M A 545 -22.34 24.81 -59.07
O3' A2M A 545 -21.08 25.30 -59.19
C2' A2M A 545 -23.36 25.80 -59.64
O2' A2M A 545 -22.75 26.51 -60.81
C1' A2M A 545 -24.36 25.06 -60.05
CM' A2M A 545 -22.84 27.89 -60.75
N9 A2M A 545 -25.45 25.17 -59.11
C8 A2M A 545 -26.66 25.19 -59.68
N7 A2M A 545 -27.55 25.29 -58.69
C5 A2M A 545 -26.89 25.33 -57.53
C6 A2M A 545 -27.32 25.41 -56.22
N6 A2M A 545 -28.76 25.49 -56.08
N1 A2M A 545 -26.44 25.43 -55.23
C2 A2M A 545 -25.12 25.36 -55.50
N3 A2M A 545 -24.70 25.26 -56.78
C4 A2M A 545 -25.59 25.25 -57.79
OP2 A2M A 545 -21.79 18.95 -61.40
N1 PSU A 585 0.98 4.63 -33.42
C2 PSU A 585 2.18 4.80 -32.54
N3 PSU A 585 3.40 5.48 -33.06
C4 PSU A 585 3.41 5.98 -34.44
C5 PSU A 585 2.22 5.80 -35.31
C6 PSU A 585 1.03 5.12 -34.78
O2 PSU A 585 2.16 4.42 -31.45
O4 PSU A 585 4.35 6.49 -34.81
C1' PSU A 585 2.17 6.28 -36.76
C2' PSU A 585 2.38 7.79 -36.92
O2' PSU A 585 1.46 8.26 -37.90
C3' PSU A 585 3.81 7.84 -37.47
C4' PSU A 585 3.90 6.58 -38.31
O3' PSU A 585 4.09 9.01 -38.20
O4' PSU A 585 3.12 5.62 -37.55
C5' PSU A 585 5.28 6.04 -38.54
O5' PSU A 585 5.81 5.44 -37.37
P PSU A 585 7.35 5.10 -37.26
OP1 PSU A 585 7.66 4.75 -35.79
OP2 PSU A 585 7.70 4.11 -38.37
P OMG A 599 -20.67 32.44 -37.01
OP1 OMG A 599 -22.14 32.35 -37.31
OP2 OMG A 599 -20.13 33.64 -36.26
O5' OMG A 599 -20.25 31.15 -36.18
C5' OMG A 599 -19.04 31.11 -35.45
C4' OMG A 599 -17.98 30.30 -36.17
O4' OMG A 599 -17.30 31.15 -37.11
C3' OMG A 599 -16.87 29.75 -35.30
O3' OMG A 599 -17.23 28.54 -34.68
C2' OMG A 599 -15.68 29.62 -36.26
O2' OMG A 599 -15.62 28.31 -36.81
CM2 OMG A 599 -15.27 28.26 -38.17
C1' OMG A 599 -16.04 30.60 -37.38
N9 OMG A 599 -15.06 31.70 -37.52
C8 OMG A 599 -15.67 32.76 -36.97
N7 OMG A 599 -14.84 33.82 -37.07
C5 OMG A 599 -13.75 33.41 -37.70
C6 OMG A 599 -12.47 34.16 -38.11
O6 OMG A 599 -12.35 35.30 -37.86
N1 OMG A 599 -11.42 33.45 -38.78
C2 OMG A 599 -11.58 32.06 -39.08
N2 OMG A 599 -10.53 31.34 -39.76
N3 OMG A 599 -12.80 31.36 -38.68
C4 OMG A 599 -13.88 32.10 -37.99
N1 PSU A 606 -9.87 32.98 -16.84
C2 PSU A 606 -8.46 32.83 -17.29
N3 PSU A 606 -7.35 33.35 -16.45
C4 PSU A 606 -7.64 34.00 -15.18
C5 PSU A 606 -9.06 34.16 -14.74
C6 PSU A 606 -10.14 33.63 -15.57
O2 PSU A 606 -8.23 32.32 -18.30
O4 PSU A 606 -6.79 34.39 -14.56
C1' PSU A 606 -9.44 34.79 -13.41
C2' PSU A 606 -8.72 34.00 -12.33
O2' PSU A 606 -9.33 32.75 -12.09
C3' PSU A 606 -8.74 34.97 -11.15
C4' PSU A 606 -8.68 36.34 -11.83
O3' PSU A 606 -9.97 34.82 -10.44
O4' PSU A 606 -9.02 36.13 -13.23
C5' PSU A 606 -7.34 37.00 -11.76
O5' PSU A 606 -6.31 36.08 -12.11
P PSU A 606 -4.78 36.51 -12.06
OP1 PSU A 606 -4.49 37.06 -10.65
OP2 PSU A 606 -3.95 35.35 -12.60
N1 OMU A 615 -17.91 28.23 6.21
C2 OMU A 615 -16.72 28.71 5.42
N3 OMU A 615 -16.87 29.13 3.98
C4 OMU A 615 -18.18 29.07 3.35
C5 OMU A 615 -19.35 28.60 4.15
C6 OMU A 615 -19.20 28.18 5.57
O2 OMU A 615 -15.63 28.78 5.90
O4 OMU A 615 -18.30 29.39 2.22
C1' OMU A 615 -17.86 27.82 7.63
C2' OMU A 615 -18.39 26.41 7.86
O2' OMU A 615 -19.27 26.44 8.97
CM2 OMU A 615 -20.57 27.01 8.67
C3' OMU A 615 -17.12 25.64 8.21
C4' OMU A 615 -16.23 26.70 8.85
O3' OMU A 615 -17.34 24.54 9.07
O4' OMU A 615 -16.54 27.89 8.11
C5' OMU A 615 -14.74 26.44 8.77
O5' OMU A 615 -14.17 27.08 7.63
P OMU A 615 -12.76 26.63 7.07
OP1 OMU A 615 -12.21 27.76 6.29
OP2 OMU A 615 -11.94 26.06 8.24
P A2M A 623 8.01 12.18 8.02
OP1 A2M A 623 9.35 12.60 7.47
O5' A2M A 623 6.86 12.26 6.86
C5' A2M A 623 7.05 11.42 5.78
C4' A2M A 623 6.24 11.88 4.54
O4' A2M A 623 5.09 11.29 4.49
C3' A2M A 623 5.84 13.36 4.59
O3' A2M A 623 6.86 14.13 4.14
C2' A2M A 623 4.68 13.40 3.58
O2' A2M A 623 5.18 14.04 2.32
C1' A2M A 623 4.36 12.15 3.35
CM' A2M A 623 4.71 13.48 1.13
N9 A2M A 623 2.94 11.91 3.44
C8 A2M A 623 2.26 12.77 4.20
N7 A2M A 623 0.98 12.39 4.17
C5 A2M A 623 0.88 11.32 3.38
C6 A2M A 623 -0.20 10.55 3.00
N6 A2M A 623 -1.47 10.98 3.55
N1 A2M A 623 -0.02 9.53 2.18
C2 A2M A 623 1.21 9.23 1.73
N3 A2M A 623 2.27 9.98 2.10
C4 A2M A 623 2.09 11.03 2.92
OP2 A2M A 623 7.63 13.03 9.21
N1 PSU A 636 -13.16 30.31 25.84
C2 PSU A 636 -13.09 31.58 26.61
N3 PSU A 636 -13.30 32.87 25.92
C4 PSU A 636 -13.57 32.89 24.49
C5 PSU A 636 -13.63 31.62 23.71
C6 PSU A 636 -13.41 30.34 24.41
O2 PSU A 636 -12.90 31.57 27.75
O4 PSU A 636 -13.72 33.87 23.99
C1' PSU A 636 -13.87 31.59 22.21
C2' PSU A 636 -15.21 30.93 21.89
O2' PSU A 636 -15.05 30.18 20.69
C3' PSU A 636 -16.09 32.14 21.65
C4' PSU A 636 -15.14 33.08 20.92
O3' PSU A 636 -17.26 31.85 20.91
O4' PSU A 636 -13.88 32.87 21.60
C5' PSU A 636 -15.51 34.54 20.94
O5' PSU A 636 -15.71 35.01 22.26
P PSU A 636 -15.75 36.57 22.56
OP1 PSU A 636 -16.78 37.19 21.61
OP2 PSU A 636 -15.90 36.76 24.06
N1 PSU A 755 -42.78 38.50 13.92
C2 PSU A 755 -41.29 38.60 13.97
N3 PSU A 755 -40.46 37.49 13.44
C4 PSU A 755 -41.11 36.32 12.88
C5 PSU A 755 -42.59 36.22 12.82
C6 PSU A 755 -43.40 37.33 13.35
O2 PSU A 755 -40.78 39.53 14.42
O4 PSU A 755 -40.46 35.50 12.48
C1' PSU A 755 -43.30 35.00 12.23
C2' PSU A 755 -43.70 35.32 10.79
O2' PSU A 755 -44.84 34.55 10.50
C3' PSU A 755 -42.47 34.79 10.06
C4' PSU A 755 -42.23 33.48 10.80
O3' PSU A 755 -42.51 34.68 8.64
O4' PSU A 755 -42.50 33.84 12.18
C5' PSU A 755 -40.85 32.89 10.67
O5' PSU A 755 -39.89 33.88 10.34
P PSU A 755 -38.39 33.48 10.06
OP1 PSU A 755 -38.37 32.57 8.83
OP2 PSU A 755 -37.55 34.76 10.06
N1 PSU A 764 -33.39 45.00 -13.10
C2 PSU A 764 -33.23 44.29 -11.79
N3 PSU A 764 -32.03 43.45 -11.54
C4 PSU A 764 -31.01 43.32 -12.56
C5 PSU A 764 -31.18 44.01 -13.86
C6 PSU A 764 -32.37 44.85 -14.11
O2 PSU A 764 -34.04 44.40 -10.98
O4 PSU A 764 -30.09 42.69 -12.38
C1' PSU A 764 -30.11 43.89 -14.93
C2' PSU A 764 -30.12 42.53 -15.59
O2' PSU A 764 -28.79 42.23 -16.00
C3' PSU A 764 -31.00 42.78 -16.81
C4' PSU A 764 -30.62 44.21 -17.19
O3' PSU A 764 -30.79 41.86 -17.85
O4' PSU A 764 -30.36 44.86 -15.93
C5' PSU A 764 -31.66 44.99 -17.96
O5' PSU A 764 -32.95 44.87 -17.39
P PSU A 764 -34.22 45.53 -18.08
OP1 PSU A 764 -34.27 45.08 -19.53
OP2 PSU A 764 -35.43 45.29 -17.17
P A2M A 797 -45.15 41.39 -5.45
OP1 A2M A 797 -45.72 41.43 -4.06
O5' A2M A 797 -43.75 40.52 -5.48
C5' A2M A 797 -43.67 39.37 -4.69
C4' A2M A 797 -42.71 38.32 -5.30
O4' A2M A 797 -42.37 38.60 -6.52
C3' A2M A 797 -41.34 38.35 -4.59
O3' A2M A 797 -41.39 37.79 -3.37
C2' A2M A 797 -40.51 37.50 -5.58
O2' A2M A 797 -40.68 36.06 -5.25
C1' A2M A 797 -41.00 37.76 -6.76
CM' A2M A 797 -39.54 35.28 -5.49
N9 A2M A 797 -40.04 38.54 -7.48
C8 A2M A 797 -38.81 38.03 -7.49
N7 A2M A 797 -38.03 38.85 -8.19
C5 A2M A 797 -38.78 39.88 -8.61
C6 A2M A 797 -38.47 40.99 -9.36
N6 A2M A 797 -37.08 41.06 -9.77
N1 A2M A 797 -39.41 41.86 -9.63
C2 A2M A 797 -40.67 41.68 -9.19
N3 A2M A 797 -40.98 40.58 -8.46
C4 A2M A 797 -40.02 39.69 -8.17
OP2 A2M A 797 -44.93 42.78 -6.00
P A2M A 802 -28.75 42.69 11.23
OP1 A2M A 802 -28.47 42.13 12.60
O5' A2M A 802 -28.66 44.32 11.23
C5' A2M A 802 -27.47 44.91 11.70
C4' A2M A 802 -27.50 46.42 11.35
O4' A2M A 802 -27.44 46.59 10.06
C3' A2M A 802 -28.87 47.03 11.71
O3' A2M A 802 -28.93 47.34 13.03
C2' A2M A 802 -28.87 48.29 10.84
O2' A2M A 802 -28.11 49.35 11.52
C1' A2M A 802 -28.28 47.95 9.73
CM' A2M A 802 -28.47 50.63 11.09
N9 A2M A 802 -29.30 47.68 8.76
C8 A2M A 802 -29.36 46.44 8.32
N7 A2M A 802 -30.36 46.38 7.44
C5 A2M A 802 -30.93 47.59 7.37
C6 A2M A 802 -31.98 48.07 6.63
N6 A2M A 802 -32.62 47.09 5.77
N1 A2M A 802 -32.34 49.34 6.74
C2 A2M A 802 -31.67 50.16 7.58
N3 A2M A 802 -30.63 49.69 8.29
C4 A2M A 802 -30.27 48.40 8.19
OP2 A2M A 802 -30.09 42.21 10.71
N1 PSU A 811 -33.21 31.71 22.85
C2 PSU A 811 -34.20 31.99 23.93
N3 PSU A 811 -34.76 30.87 24.74
C4 PSU A 811 -34.33 29.49 24.46
C5 PSU A 811 -33.33 29.23 23.39
C6 PSU A 811 -32.79 30.35 22.61
O2 PSU A 811 -34.54 33.08 24.15
O4 PSU A 811 -34.77 28.66 25.08
C1' PSU A 811 -32.86 27.82 23.07
C2' PSU A 811 -31.49 27.54 23.69
O2' PSU A 811 -30.70 26.83 22.75
C3' PSU A 811 -31.86 26.64 24.86
C4' PSU A 811 -33.04 25.85 24.32
O3' PSU A 811 -30.81 25.81 25.30
O4' PSU A 811 -33.75 26.82 23.50
C5' PSU A 811 -33.97 25.27 25.35
O5' PSU A 811 -34.42 26.26 26.26
P PSU A 811 -35.65 25.98 27.23
OP1 PSU A 811 -35.30 24.75 28.07
OP2 PSU A 811 -36.01 27.29 27.92
N1 PSU A 914 56.64 2.39 27.50
C2 PSU A 914 57.27 2.02 26.20
N3 PSU A 914 57.42 3.04 25.13
C4 PSU A 914 56.96 4.42 25.36
C5 PSU A 914 56.33 4.78 26.66
C6 PSU A 914 56.19 3.76 27.71
O2 PSU A 914 57.63 0.94 26.02
O4 PSU A 914 57.08 5.17 24.53
C1' PSU A 914 55.83 6.18 26.96
C2' PSU A 914 56.48 6.69 28.25
O2' PSU A 914 55.54 7.51 28.94
C3' PSU A 914 57.62 7.52 27.70
C4' PSU A 914 57.01 8.16 26.46
O3' PSU A 914 58.13 8.48 28.62
O4' PSU A 914 56.14 7.11 25.94
C5' PSU A 914 57.98 8.60 25.40
O5' PSU A 914 58.59 7.50 24.75
P PSU A 914 59.58 7.71 23.53
OP1 PSU A 914 60.37 9.00 23.77
OP2 PSU A 914 60.32 6.39 23.29
N1 PSU A 951 23.56 10.62 55.43
C2 PSU A 951 23.32 11.02 54.01
N3 PSU A 951 22.72 10.03 53.07
C4 PSU A 951 22.36 8.70 53.54
C5 PSU A 951 22.61 8.31 54.95
C6 PSU A 951 23.21 9.29 55.88
O2 PSU A 951 23.60 12.07 53.65
O4 PSU A 951 21.91 7.98 52.80
C1' PSU A 951 22.27 6.93 55.49
C2' PSU A 951 21.06 6.90 56.42
O2' PSU A 951 21.37 6.10 57.55
C3' PSU A 951 20.01 6.20 55.55
C4' PSU A 951 20.85 5.26 54.71
O3' PSU A 951 19.01 5.53 56.30
O4' PSU A 951 22.08 5.98 54.47
C5' PSU A 951 20.25 4.85 53.38
O5' PSU A 951 20.13 5.96 52.51
P PSU A 951 19.50 5.80 51.06
OP1 PSU A 951 18.26 4.90 51.17
OP2 PSU A 951 19.35 7.20 50.44
N1 PSU A 952 20.85 13.13 56.41
C2 PSU A 952 20.26 12.59 55.15
N3 PSU A 952 19.58 11.26 55.18
C4 PSU A 952 19.51 10.51 56.42
C5 PSU A 952 20.12 11.05 57.66
C6 PSU A 952 20.78 12.37 57.63
O2 PSU A 952 20.31 13.20 54.16
O4 PSU A 952 19.00 9.51 56.42
C1' PSU A 952 20.07 10.30 58.99
C2' PSU A 952 18.84 10.72 59.80
O2' PSU A 952 19.22 10.83 61.16
C3' PSU A 952 17.91 9.53 59.58
C4' PSU A 952 18.88 8.37 59.54
O3' PSU A 952 16.91 9.41 60.58
O4' PSU A 952 20.02 8.90 58.84
C5' PSU A 952 18.38 7.11 58.88
O5' PSU A 952 17.88 7.39 57.58
P PSU A 952 17.58 6.21 56.54
OP1 PSU A 952 16.68 5.18 57.23
OP2 PSU A 952 17.13 6.85 55.23
P A2M A 979 10.36 35.25 34.01
OP1 A2M A 979 11.34 36.24 34.61
O5' A2M A 979 10.47 33.79 34.75
C5' A2M A 979 10.06 33.76 36.08
C4' A2M A 979 9.39 32.40 36.42
O4' A2M A 979 8.47 32.04 35.58
C3' A2M A 979 10.37 31.23 36.25
O3' A2M A 979 11.39 31.25 37.12
C2' A2M A 979 9.38 30.09 36.54
O2' A2M A 979 9.15 29.96 38.01
C1' A2M A 979 8.27 30.48 35.95
CM' A2M A 979 8.97 28.65 38.43
N9 A2M A 979 8.09 29.63 34.80
C8 A2M A 979 7.92 28.36 35.12
N7 A2M A 979 7.76 27.67 33.98
C5 A2M A 979 7.84 28.55 32.98
C6 A2M A 979 7.74 28.38 31.63
N6 A2M A 979 7.53 27.01 31.23
N1 A2M A 979 7.86 29.41 30.82
C2 A2M A 979 8.08 30.65 31.33
N3 A2M A 979 8.16 30.83 32.66
C4 A2M A 979 8.05 29.77 33.49
OP2 A2M A 979 10.55 35.13 32.52
N1 PSU A 1004 47.49 5.61 8.44
C2 PSU A 1004 48.75 6.26 8.92
N3 PSU A 1004 49.78 5.43 9.60
C4 PSU A 1004 49.56 4.01 9.80
C5 PSU A 1004 48.30 3.38 9.32
C6 PSU A 1004 47.29 4.20 8.64
O2 PSU A 1004 48.93 7.40 8.76
O4 PSU A 1004 50.35 3.41 10.32
C1' PSU A 1004 48.01 1.89 9.50
C2' PSU A 1004 48.05 1.14 8.16
O2' PSU A 1004 46.98 0.20 8.15
C3' PSU A 1004 49.39 0.42 8.26
C4' PSU A 1004 49.50 0.10 9.73
O3' PSU A 1004 49.47 -0.73 7.42
O4' PSU A 1004 48.90 1.25 10.39
C5' PSU A 1004 50.90 -0.11 10.26
O5' PSU A 1004 51.73 1.00 9.97
P PSU A 1004 53.23 1.07 10.50
OP1 PSU A 1004 53.93 -0.25 10.14
OP2 PSU A 1004 53.83 2.39 10.04
N1 OMU A 1014 49.37 7.82 23.92
C2 OMU A 1014 49.85 9.06 23.20
N3 OMU A 1014 48.96 9.72 22.17
C4 OMU A 1014 47.66 9.15 21.87
C5 OMU A 1014 47.21 7.93 22.58
C6 OMU A 1014 48.08 7.27 23.59
O2 OMU A 1014 50.92 9.52 23.44
O4 OMU A 1014 46.96 9.67 21.06
C1' OMU A 1014 50.24 7.13 24.90
C2' OMU A 1014 50.22 7.78 26.28
O2' OMU A 1014 51.55 7.75 26.80
CM2 OMU A 1014 52.50 8.55 26.06
C3' OMU A 1014 49.33 6.84 27.08
C4' OMU A 1014 49.57 5.48 26.43
O3' OMU A 1014 49.63 6.82 28.46
O4' OMU A 1014 49.77 5.81 25.03
C5' OMU A 1014 48.45 4.47 26.56
O5' OMU A 1014 47.28 4.91 25.90
P OMU A 1014 46.02 3.96 25.72
OP1 OMU A 1014 45.86 3.13 27.01
OP2 OMU A 1014 44.88 4.77 25.23
N1 PSU A 1029 18.67 22.66 25.18
C2 PSU A 1029 18.00 23.31 26.34
N3 PSU A 1029 17.45 24.69 26.20
C4 PSU A 1029 17.59 25.39 24.92
C5 PSU A 1029 18.26 24.73 23.77
C6 PSU A 1029 18.80 23.36 23.93
O2 PSU A 1029 17.89 22.76 27.35
O4 PSU A 1029 17.17 26.42 24.82
C1' PSU A 1029 18.42 25.44 22.44
C2' PSU A 1029 18.33 24.46 21.25
O2' PSU A 1029 19.52 24.59 20.49
C3' PSU A 1029 17.13 25.00 20.46
C4' PSU A 1029 17.12 26.47 20.82
O3' PSU A 1029 17.21 24.78 19.07
O4' PSU A 1029 17.49 26.47 22.21
C5' PSU A 1029 15.81 27.18 20.62
O5' PSU A 1029 14.97 27.07 21.76
P PSU A 1029 14.75 28.31 22.74
OP1 PSU A 1029 14.36 29.52 21.88
OP2 PSU A 1029 13.83 27.86 23.88
N1 PSU A 1108 -8.88 22.15 20.99
C2 PSU A 1108 -9.89 21.84 19.94
N3 PSU A 1108 -11.12 22.66 19.81
C4 PSU A 1108 -11.33 23.79 20.72
C5 PSU A 1108 -10.32 24.10 21.77
C6 PSU A 1108 -9.11 23.27 21.88
O2 PSU A 1108 -9.72 20.94 19.23
O4 PSU A 1108 -12.26 24.39 20.60
C1' PSU A 1108 -10.46 25.26 22.73
C2' PSU A 1108 -9.62 26.42 22.21
O2' PSU A 1108 -9.06 27.10 23.32
C3' PSU A 1108 -10.68 27.28 21.54
C4' PSU A 1108 -11.84 27.14 22.49
O3' PSU A 1108 -10.28 28.61 21.31
O4' PSU A 1108 -11.79 25.75 22.89
C5' PSU A 1108 -13.20 27.49 21.95
O5' PSU A 1108 -13.54 26.69 20.83
P PSU A 1108 -15.05 26.57 20.34
OP1 PSU A 1108 -15.59 27.97 20.11
OP2 PSU A 1108 -15.08 25.55 19.19
N1 PSU A 1122 15.03 40.19 7.90
C2 PSU A 1122 15.97 39.06 8.19
N3 PSU A 1122 17.34 39.09 7.62
C4 PSU A 1122 17.76 40.21 6.78
C5 PSU A 1122 16.82 41.33 6.50
C6 PSU A 1122 15.45 41.29 7.06
O2 PSU A 1122 15.63 38.18 8.85
O4 PSU A 1122 18.80 40.20 6.37
C1' PSU A 1122 17.20 42.52 5.64
C2' PSU A 1122 17.48 43.76 6.48
O2' PSU A 1122 16.95 44.90 5.83
C3' PSU A 1122 19.00 43.79 6.48
C4' PSU A 1122 19.33 43.32 5.07
O3' PSU A 1122 19.55 45.08 6.76
O4' PSU A 1122 18.34 42.29 4.82
C5' PSU A 1122 20.71 42.74 4.87
O5' PSU A 1122 21.03 41.78 5.86
P PSU A 1122 22.22 40.75 5.65
OP1 PSU A 1122 23.51 41.55 5.45
OP2 PSU A 1122 22.14 39.70 6.76
N1 OMC A 1648 25.13 4.94 -6.32
C2 OMC A 1648 26.17 4.71 -7.37
N3 OMC A 1648 27.64 4.73 -6.99
C4 OMC A 1648 28.04 4.97 -5.62
C5 OMC A 1648 27.01 5.20 -4.58
C6 OMC A 1648 25.56 5.17 -4.95
O2 OMC A 1648 25.90 4.51 -8.50
N4 OMC A 1648 29.42 4.99 -5.28
C1' OMC A 1648 23.67 4.93 -6.57
C2' OMC A 1648 23.04 6.30 -6.36
O2' OMC A 1648 21.79 6.12 -5.73
CM2 OMC A 1648 21.85 6.18 -4.30
C3' OMC A 1648 22.86 6.78 -7.79
C4' OMC A 1648 22.57 5.51 -8.55
O4' OMC A 1648 23.42 4.54 -7.91
O3' OMC A 1648 21.84 7.76 -7.93
C5' OMC A 1648 22.86 5.54 -10.03
O5' OMC A 1648 23.12 4.23 -10.53
P OMC A 1648 24.22 3.98 -11.65
OP1 OMC A 1648 23.62 4.39 -12.98
OP2 OMC A 1648 25.52 4.63 -11.21
P A2M A 1761 30.88 32.06 -0.84
OP1 A2M A 1761 31.48 30.94 -0.02
O5' A2M A 1761 29.25 31.88 -0.99
C5' A2M A 1761 28.47 32.26 0.10
C4' A2M A 1761 27.03 32.52 -0.38
O4' A2M A 1761 26.94 33.60 -1.11
C3' A2M A 1761 26.62 31.42 -1.36
O3' A2M A 1761 26.30 30.31 -0.67
C2' A2M A 1761 25.41 32.05 -2.07
O2' A2M A 1761 24.17 31.83 -1.26
C1' A2M A 1761 25.69 33.34 -2.11
CM' A2M A 1761 23.21 32.84 -1.39
N9 A2M A 1761 26.02 33.74 -3.45
C8 A2M A 1761 27.34 33.83 -3.69
N7 A2M A 1761 27.48 34.22 -4.95
C5 A2M A 1761 26.26 34.37 -5.48
C6 A2M A 1761 25.84 34.77 -6.74
N6 A2M A 1761 26.92 35.06 -7.67
N1 A2M A 1761 24.55 34.84 -7.00
C2 A2M A 1761 23.64 34.54 -6.06
N3 A2M A 1761 24.05 34.16 -4.83
C4 A2M A 1761 25.36 34.08 -4.55
OP2 A2M A 1761 31.55 32.16 -2.20
C2 MA6 A 1792 38.33 14.44 -0.08
C4 MA6 A 1792 38.09 16.59 0.77
C5 MA6 A 1792 38.97 16.32 1.73
P MA6 A 1792 38.60 21.75 4.17
OP1 MA6 A 1792 38.02 22.69 5.16
OP2 MA6 A 1792 38.57 20.28 4.43
O5' MA6 A 1792 37.87 22.01 2.78
C5' MA6 A 1792 36.47 21.86 2.65
C4' MA6 A 1792 36.10 20.90 1.56
O4' MA6 A 1792 37.26 20.19 1.09
C1' MA6 A 1792 36.84 18.98 0.48
N9 MA6 A 1792 37.69 17.86 0.94
N3 MA6 A 1792 37.76 15.66 -0.14
N1 MA6 A 1792 39.23 14.17 0.90
C6 MA6 A 1792 39.55 15.08 1.79
N6 MA6 A 1792 40.49 14.37 2.61
C9 MA6 A 1792 40.94 14.96 3.85
C10 MA6 A 1792 40.99 13.08 2.23
N7 MA6 A 1792 39.11 17.41 2.50
C8 MA6 A 1792 38.31 18.36 2.01
C2' MA6 A 1792 35.36 18.77 0.83
O2' MA6 A 1792 34.59 19.12 -0.31
C3' MA6 A 1792 35.16 19.78 1.95
O3' MA6 A 1792 33.82 20.20 2.13
C2 MA6 A 1793 36.57 15.18 4.79
C4 MA6 A 1793 35.16 14.81 2.99
C5 MA6 A 1793 35.69 13.60 2.83
P MA6 A 1793 33.17 20.19 3.60
OP1 MA6 A 1793 31.80 20.76 3.52
OP2 MA6 A 1793 34.14 20.78 4.55
O5' MA6 A 1793 33.04 18.64 3.94
C5' MA6 A 1793 31.81 17.97 3.83
C4' MA6 A 1793 31.73 17.13 2.57
O4' MA6 A 1793 33.05 16.99 1.98
C1' MA6 A 1793 33.16 15.73 1.37
N9 MA6 A 1793 34.22 14.97 2.04
N3 MA6 A 1793 35.59 15.60 3.98
N1 MA6 A 1793 37.11 13.95 4.63
C6 MA6 A 1793 36.69 13.16 3.66
N6 MA6 A 1793 37.50 12.00 3.84
C9 MA6 A 1793 38.05 11.67 5.13
C10 MA6 A 1793 37.77 11.15 2.72
N7 MA6 A 1793 35.10 13.01 1.79
C8 MA6 A 1793 34.19 13.84 1.31
C2' MA6 A 1793 31.81 15.04 1.50
O2' MA6 A 1793 31.01 15.38 0.38
C3' MA6 A 1793 31.28 15.70 2.76
O3' MA6 A 1793 29.88 15.58 2.96
N SER B 12 -35.04 -38.54 28.67
CA SER B 12 -35.68 -38.98 29.90
C SER B 12 -35.92 -37.82 30.85
N GLN B 13 -36.18 -38.14 32.11
CA GLN B 13 -36.31 -37.11 33.14
C GLN B 13 -34.98 -36.40 33.32
N ARG B 14 -35.04 -35.09 33.57
CA ARG B 14 -33.82 -34.30 33.71
C ARG B 14 -32.96 -34.77 34.87
N GLU B 15 -33.58 -35.37 35.90
CA GLU B 15 -32.82 -35.80 37.07
C GLU B 15 -31.80 -36.88 36.70
N GLN B 16 -32.22 -37.85 35.88
CA GLN B 16 -31.31 -38.93 35.49
C GLN B 16 -30.13 -38.40 34.69
N ASP B 17 -30.40 -37.53 33.72
CA ASP B 17 -29.31 -36.96 32.92
C ASP B 17 -28.40 -36.11 33.78
N ILE B 18 -28.97 -35.32 34.70
CA ILE B 18 -28.17 -34.47 35.56
C ILE B 18 -27.25 -35.31 36.44
N GLN B 19 -27.78 -36.38 37.05
CA GLN B 19 -26.95 -37.23 37.89
C GLN B 19 -25.90 -37.96 37.06
N MET B 20 -26.22 -38.28 35.81
CA MET B 20 -25.23 -38.96 34.95
C MET B 20 -24.07 -38.04 34.60
N MET B 21 -24.37 -36.80 34.17
CA MET B 21 -23.27 -35.87 33.91
C MET B 21 -22.55 -35.46 35.18
N LEU B 22 -23.23 -35.55 36.34
CA LEU B 22 -22.51 -35.43 37.60
C LEU B 22 -21.52 -36.56 37.76
N ALA B 23 -21.93 -37.79 37.41
CA ALA B 23 -21.02 -38.92 37.43
C ALA B 23 -19.90 -38.74 36.41
N ALA B 24 -20.22 -38.19 35.25
CA ALA B 24 -19.25 -38.01 34.19
C ALA B 24 -18.39 -36.76 34.35
N ASP B 25 -18.58 -36.02 35.45
CA ASP B 25 -17.75 -34.85 35.77
C ASP B 25 -17.85 -33.77 34.70
N VAL B 26 -19.04 -33.62 34.11
CA VAL B 26 -19.27 -32.59 33.10
C VAL B 26 -19.44 -31.21 33.69
N HIS B 27 -19.56 -31.10 35.01
CA HIS B 27 -19.74 -29.80 35.64
C HIS B 27 -18.43 -29.07 35.92
N LEU B 28 -17.29 -29.74 35.80
CA LEU B 28 -16.02 -29.07 36.09
C LEU B 28 -15.66 -28.07 35.00
N GLY B 29 -15.08 -26.95 35.42
CA GLY B 29 -14.64 -25.95 34.46
C GLY B 29 -13.13 -25.84 34.39
N THR B 30 -12.64 -24.64 34.11
CA THR B 30 -11.21 -24.38 34.04
C THR B 30 -10.84 -23.32 35.08
N LYS B 31 -9.57 -22.89 35.04
CA LYS B 31 -9.10 -21.89 35.99
C LYS B 31 -9.70 -20.52 35.74
N ASN B 32 -10.29 -20.29 34.58
CA ASN B 32 -10.81 -18.99 34.20
C ASN B 32 -11.95 -19.18 33.19
N CYS B 33 -12.53 -18.06 32.77
CA CYS B 33 -13.55 -18.07 31.73
C CYS B 33 -13.43 -16.81 30.89
N ASP B 34 -13.98 -16.86 29.68
CA ASP B 34 -14.05 -15.68 28.85
C ASP B 34 -15.22 -14.81 29.29
N PHE B 35 -15.42 -13.68 28.61
CA PHE B 35 -16.54 -12.82 28.95
C PHE B 35 -17.87 -13.38 28.49
N GLN B 36 -17.87 -14.46 27.72
CA GLN B 36 -19.07 -15.25 27.52
C GLN B 36 -19.15 -16.32 28.61
N MET B 37 -20.21 -17.13 28.57
CA MET B 37 -20.44 -18.29 29.43
C MET B 37 -20.68 -17.95 30.91
N GLU B 38 -20.64 -16.69 31.32
CA GLU B 38 -21.16 -16.39 32.66
C GLU B 38 -22.66 -16.60 32.74
N ARG B 39 -23.36 -16.61 31.61
CA ARG B 39 -24.75 -17.05 31.62
C ARG B 39 -24.86 -18.54 31.90
N TYR B 40 -23.75 -19.28 31.89
CA TYR B 40 -23.77 -20.73 32.08
C TYR B 40 -23.06 -21.22 33.34
N VAL B 41 -22.14 -20.44 33.92
CA VAL B 41 -21.42 -20.87 35.11
C VAL B 41 -22.30 -20.67 36.33
N TYR B 42 -21.91 -21.25 37.47
CA TYR B 42 -22.72 -21.15 38.67
C TYR B 42 -21.99 -20.43 39.79
N LYS B 43 -20.80 -20.89 40.17
CA LYS B 43 -19.77 -19.96 40.62
C LYS B 43 -18.42 -20.63 40.41
N ARG B 44 -17.41 -20.17 41.14
CA ARG B 44 -16.07 -20.74 41.06
C ARG B 44 -15.65 -21.25 42.42
N ARG B 45 -14.91 -22.37 42.42
CA ARG B 45 -14.36 -22.92 43.65
C ARG B 45 -13.17 -22.08 44.11
N THR B 46 -12.82 -22.25 45.39
CA THR B 46 -11.66 -21.55 45.94
C THR B 46 -10.37 -21.87 45.22
N ASP B 47 -10.30 -23.02 44.53
CA ASP B 47 -9.14 -23.36 43.73
C ASP B 47 -9.12 -22.67 42.38
N GLY B 48 -10.21 -22.04 41.97
CA GLY B 48 -10.29 -21.36 40.70
C GLY B 48 -11.08 -22.11 39.63
N ILE B 49 -11.45 -23.37 39.89
CA ILE B 49 -12.22 -24.11 38.91
C ILE B 49 -13.65 -23.58 38.85
N TYR B 50 -14.32 -23.85 37.73
CA TYR B 50 -15.70 -23.44 37.54
C TYR B 50 -16.63 -24.65 37.57
N ILE B 51 -17.87 -24.40 37.97
CA ILE B 51 -18.80 -25.44 38.37
C ILE B 51 -20.02 -25.42 37.44
N ILE B 52 -19.77 -25.19 36.15
CA ILE B 52 -20.77 -24.77 35.16
C ILE B 52 -22.10 -25.46 35.37
N ASN B 53 -23.18 -24.69 35.34
CA ASN B 53 -24.47 -25.15 35.81
C ASN B 53 -25.01 -26.14 34.78
N LEU B 54 -25.04 -27.43 35.14
CA LEU B 54 -25.57 -28.45 34.25
C LEU B 54 -27.03 -28.24 33.93
N GLY B 55 -27.77 -27.55 34.80
CA GLY B 55 -29.19 -27.34 34.55
C GLY B 55 -29.44 -26.60 33.24
N LYS B 56 -28.72 -25.50 33.01
CA LYS B 56 -28.84 -24.78 31.74
C LYS B 56 -28.32 -25.61 30.58
N THR B 57 -27.27 -26.40 30.82
CA THR B 57 -26.75 -27.26 29.76
C THR B 57 -27.80 -28.25 29.29
N TRP B 58 -28.64 -28.74 30.21
CA TRP B 58 -29.63 -29.75 29.83
C TRP B 58 -30.57 -29.23 28.75
N GLU B 59 -31.23 -28.10 29.01
CA GLU B 59 -32.15 -27.64 27.97
C GLU B 59 -31.43 -26.90 26.85
N LYS B 60 -30.16 -26.52 27.02
CA LYS B 60 -29.41 -26.04 25.86
C LYS B 60 -29.18 -27.16 24.86
N LEU B 61 -28.74 -28.32 25.32
CA LEU B 61 -28.61 -29.44 24.38
C LEU B 61 -29.97 -29.98 23.96
N GLN B 62 -30.99 -29.79 24.78
CA GLN B 62 -32.35 -30.15 24.35
C GLN B 62 -32.81 -29.27 23.20
N MET B 63 -32.56 -27.96 23.27
CA MET B 63 -32.90 -27.09 22.16
C MET B 63 -32.02 -27.37 20.95
N ALA B 64 -30.77 -27.77 21.19
CA ALA B 64 -29.93 -28.21 20.07
C ALA B 64 -30.55 -29.43 19.39
N ALA B 65 -31.05 -30.38 20.17
CA ALA B 65 -31.74 -31.53 19.60
C ALA B 65 -32.97 -31.10 18.82
N ARG B 66 -33.75 -30.18 19.37
CA ARG B 66 -34.88 -29.61 18.62
C ARG B 66 -34.41 -29.06 17.29
N VAL B 67 -33.26 -28.39 17.28
CA VAL B 67 -32.73 -27.80 16.05
C VAL B 67 -32.38 -28.90 15.04
N ILE B 68 -31.71 -29.96 15.49
CA ILE B 68 -31.06 -30.83 14.52
C ILE B 68 -32.04 -31.86 13.93
N VAL B 69 -33.11 -32.21 14.62
CA VAL B 69 -34.21 -32.95 13.98
C VAL B 69 -35.19 -31.89 13.50
N ALA B 70 -34.85 -31.26 12.39
CA ALA B 70 -35.78 -30.36 11.72
C ALA B 70 -35.62 -30.37 10.21
N ILE B 71 -34.75 -31.19 9.64
CA ILE B 71 -34.37 -31.05 8.24
C ILE B 71 -34.59 -32.35 7.48
N GLU B 72 -34.81 -33.44 8.21
CA GLU B 72 -35.26 -34.74 7.70
C GLU B 72 -34.37 -35.29 6.58
N ASN B 73 -33.23 -34.67 6.32
CA ASN B 73 -32.23 -35.16 5.38
C ASN B 73 -30.90 -35.17 6.10
N PRO B 74 -30.70 -36.12 7.02
CA PRO B 74 -29.51 -36.08 7.89
C PRO B 74 -28.19 -36.25 7.15
N GLN B 75 -28.19 -36.40 5.82
CA GLN B 75 -26.96 -36.62 5.10
C GLN B 75 -26.01 -35.43 5.23
N ASP B 76 -26.54 -34.22 5.11
CA ASP B 76 -25.70 -33.02 5.21
C ASP B 76 -25.70 -32.48 6.65
N ILE B 77 -25.24 -33.34 7.55
CA ILE B 77 -24.89 -32.95 8.91
C ILE B 77 -23.56 -33.58 9.26
N ILE B 78 -22.46 -32.85 9.08
CA ILE B 78 -21.14 -33.35 9.45
C ILE B 78 -20.87 -33.04 10.91
N VAL B 79 -20.54 -34.09 11.66
CA VAL B 79 -19.97 -33.96 12.99
C VAL B 79 -18.46 -33.99 12.84
N GLN B 80 -17.79 -33.00 13.42
CA GLN B 80 -16.35 -32.85 13.31
C GLN B 80 -15.70 -33.01 14.67
N SER B 81 -14.47 -33.54 14.67
CA SER B 81 -13.71 -33.69 15.90
C SER B 81 -12.23 -33.72 15.52
N ALA B 82 -11.53 -32.61 15.78
CA ALA B 82 -10.11 -32.55 15.50
C ALA B 82 -9.27 -33.24 16.56
N ARG B 83 -9.65 -33.10 17.83
CA ARG B 83 -8.93 -33.75 18.89
C ARG B 83 -9.05 -35.28 18.76
N PRO B 84 -7.99 -36.01 19.10
CA PRO B 84 -8.02 -37.46 18.93
C PRO B 84 -8.61 -38.20 20.13
N TYR B 85 -9.32 -37.45 20.99
CA TYR B 85 -9.84 -37.98 22.23
C TYR B 85 -11.35 -38.22 22.18
N GLY B 86 -12.08 -37.50 21.34
CA GLY B 86 -13.50 -37.71 21.19
C GLY B 86 -13.86 -38.27 19.82
N GLN B 87 -12.87 -38.85 19.13
CA GLN B 87 -13.13 -39.41 17.81
C GLN B 87 -14.10 -40.59 17.89
N ARG B 88 -14.01 -41.38 18.95
CA ARG B 88 -14.88 -42.55 19.09
C ARG B 88 -16.35 -42.14 19.17
N ALA B 89 -16.65 -41.09 19.92
CA ALA B 89 -18.03 -40.63 20.04
C ALA B 89 -18.56 -40.13 18.69
N VAL B 90 -17.74 -39.35 17.97
CA VAL B 90 -18.12 -38.87 16.66
C VAL B 90 -18.21 -40.01 15.65
N LEU B 91 -17.53 -41.12 15.91
CA LEU B 91 -17.62 -42.28 15.01
C LEU B 91 -19.03 -42.84 15.02
N LYS B 92 -19.63 -43.01 16.19
CA LYS B 92 -21.06 -43.25 16.23
C LYS B 92 -21.74 -41.89 16.12
N PHE B 93 -23.03 -41.84 16.42
CA PHE B 93 -23.85 -40.63 16.26
C PHE B 93 -23.96 -40.31 14.77
N ALA B 94 -23.29 -41.07 13.91
CA ALA B 94 -23.37 -40.94 12.47
C ALA B 94 -24.10 -42.10 11.81
N GLN B 95 -24.20 -43.25 12.49
CA GLN B 95 -25.06 -44.33 12.05
C GLN B 95 -26.27 -44.52 12.95
N TYR B 96 -26.21 -44.06 14.20
CA TYR B 96 -27.42 -43.99 15.01
C TYR B 96 -28.42 -43.02 14.40
N THR B 97 -27.93 -41.86 13.99
CA THR B 97 -28.68 -40.96 13.11
C THR B 97 -28.10 -41.08 11.70
N GLY B 98 -28.64 -40.28 10.79
CA GLY B 98 -28.14 -40.29 9.43
C GLY B 98 -27.01 -39.32 9.16
N ALA B 99 -26.47 -38.68 10.19
CA ALA B 99 -25.47 -37.65 10.00
C ALA B 99 -24.15 -38.27 9.51
N ASN B 100 -23.39 -37.47 8.77
CA ASN B 100 -22.02 -37.81 8.42
C ASN B 100 -21.08 -37.33 9.52
N ALA B 101 -19.86 -37.86 9.51
CA ALA B 101 -18.90 -37.51 10.56
C ALA B 101 -17.49 -37.62 10.00
N ILE B 102 -16.74 -36.51 10.06
CA ILE B 102 -15.33 -36.50 9.70
C ILE B 102 -14.52 -36.36 10.97
N ALA B 103 -13.56 -37.25 11.16
CA ALA B 103 -12.81 -37.37 12.39
C ALA B 103 -11.36 -36.97 12.19
N GLY B 104 -10.81 -36.22 13.13
CA GLY B 104 -9.39 -35.91 13.16
C GLY B 104 -8.94 -34.76 12.29
N ARG B 105 -8.84 -34.99 10.98
CA ARG B 105 -8.28 -34.02 10.05
C ARG B 105 -9.39 -33.49 9.14
N HIS B 106 -9.41 -32.17 8.96
CA HIS B 106 -10.39 -31.49 8.12
C HIS B 106 -9.63 -30.68 7.08
N THR B 107 -9.59 -31.19 5.85
CA THR B 107 -8.83 -30.53 4.80
C THR B 107 -9.46 -29.18 4.46
N PRO B 108 -8.70 -28.09 4.51
CA PRO B 108 -9.27 -26.79 4.12
C PRO B 108 -9.75 -26.82 2.68
N GLY B 109 -10.87 -26.15 2.43
CA GLY B 109 -11.47 -26.12 1.12
C GLY B 109 -12.66 -27.03 0.95
N THR B 110 -12.95 -27.90 1.93
CA THR B 110 -14.07 -28.82 1.81
C THR B 110 -15.43 -28.13 1.91
N PHE B 111 -15.46 -26.86 2.31
CA PHE B 111 -16.69 -26.09 2.37
C PHE B 111 -16.71 -24.92 1.40
N THR B 112 -15.60 -24.61 0.74
CA THR B 112 -15.53 -23.46 -0.13
C THR B 112 -15.04 -23.82 -1.53
N ASN B 113 -14.16 -24.81 -1.62
CA ASN B 113 -13.58 -25.22 -2.90
C ASN B 113 -14.49 -26.24 -3.56
N GLN B 114 -15.18 -25.82 -4.62
CA GLN B 114 -16.13 -26.70 -5.29
C GLN B 114 -15.47 -27.66 -6.26
N MET B 115 -14.17 -27.52 -6.51
CA MET B 115 -13.42 -28.50 -7.29
C MET B 115 -12.74 -29.56 -6.43
N GLN B 116 -12.75 -29.40 -5.12
CA GLN B 116 -12.15 -30.40 -4.25
C GLN B 116 -12.96 -31.70 -4.29
N THR B 117 -12.25 -32.82 -4.18
CA THR B 117 -12.92 -34.11 -4.22
C THR B 117 -13.83 -34.31 -3.02
N SER B 118 -13.52 -33.67 -1.90
CA SER B 118 -14.30 -33.78 -0.67
C SER B 118 -15.21 -32.57 -0.46
N PHE B 119 -15.71 -31.97 -1.53
CA PHE B 119 -16.61 -30.82 -1.40
C PHE B 119 -17.97 -31.30 -0.94
N SER B 120 -18.44 -30.78 0.20
CA SER B 120 -19.73 -31.18 0.75
C SER B 120 -20.22 -30.01 1.60
N GLU B 121 -21.23 -29.30 1.10
CA GLU B 121 -21.80 -28.18 1.81
C GLU B 121 -22.96 -28.65 2.68
N PRO B 122 -22.91 -28.44 4.00
CA PRO B 122 -23.99 -28.93 4.86
C PRO B 122 -25.15 -27.98 5.00
N ARG B 123 -26.07 -28.35 5.88
CA ARG B 123 -27.08 -27.45 6.41
C ARG B 123 -26.88 -27.21 7.89
N LEU B 124 -25.91 -27.88 8.51
CA LEU B 124 -25.67 -27.83 9.94
C LEU B 124 -24.34 -28.47 10.24
N LEU B 125 -23.60 -27.89 11.18
CA LEU B 125 -22.31 -28.40 11.62
C LEU B 125 -22.36 -28.70 13.11
N ILE B 126 -21.80 -29.83 13.51
CA ILE B 126 -21.67 -30.19 14.92
C ILE B 126 -20.19 -30.37 15.22
N LEU B 127 -19.72 -29.70 16.27
CA LEU B 127 -18.30 -29.61 16.57
C LEU B 127 -18.05 -29.99 18.02
N THR B 128 -16.96 -30.72 18.26
CA THR B 128 -16.65 -31.13 19.63
C THR B 128 -16.20 -29.95 20.47
N ASP B 129 -15.36 -29.08 19.91
CA ASP B 129 -14.83 -27.95 20.68
C ASP B 129 -14.43 -26.82 19.76
N PRO B 130 -14.96 -25.61 19.96
CA PRO B 130 -14.61 -24.49 19.08
C PRO B 130 -13.13 -24.12 19.11
N ARG B 131 -12.42 -24.44 20.19
CA ARG B 131 -11.01 -24.09 20.26
C ARG B 131 -10.16 -25.02 19.38
N THR B 132 -10.47 -26.32 19.38
CA THR B 132 -9.62 -27.27 18.66
C THR B 132 -9.75 -27.12 17.15
N ASP B 133 -10.94 -27.36 16.62
CA ASP B 133 -11.17 -27.22 15.18
C ASP B 133 -11.88 -25.89 14.91
N HIS B 134 -11.08 -24.82 14.99
CA HIS B 134 -11.53 -23.50 14.60
C HIS B 134 -11.57 -23.31 13.09
N GLN B 135 -10.76 -24.08 12.36
CA GLN B 135 -10.74 -23.97 10.90
C GLN B 135 -12.09 -24.29 10.27
N PRO B 136 -12.78 -25.38 10.63
CA PRO B 136 -14.13 -25.57 10.08
C PRO B 136 -15.10 -24.47 10.47
N ILE B 137 -14.94 -23.86 11.64
CA ILE B 137 -15.79 -22.73 12.02
C ILE B 137 -15.57 -21.57 11.06
N LYS B 138 -14.30 -21.20 10.85
CA LYS B 138 -14.00 -20.07 9.99
C LYS B 138 -14.43 -20.35 8.56
N GLU B 139 -14.36 -21.61 8.14
CA GLU B 139 -14.79 -21.96 6.79
C GLU B 139 -16.30 -21.98 6.65
N SER B 140 -17.01 -22.43 7.69
CA SER B 140 -18.47 -22.39 7.70
C SER B 140 -18.99 -20.97 7.72
N ALA B 141 -18.18 -20.03 8.20
CA ALA B 141 -18.57 -18.62 8.13
C ALA B 141 -18.73 -18.13 6.70
N LEU B 142 -18.20 -18.84 5.70
CA LEU B 142 -18.28 -18.44 4.31
C LEU B 142 -19.33 -19.21 3.51
N GLY B 143 -20.25 -19.89 4.17
CA GLY B 143 -21.24 -20.67 3.44
C GLY B 143 -22.63 -20.68 4.04
N ASN B 144 -22.89 -19.80 5.00
CA ASN B 144 -24.17 -19.76 5.73
C ASN B 144 -24.46 -21.12 6.37
N ILE B 145 -23.49 -21.63 7.13
CA ILE B 145 -23.62 -22.92 7.80
C ILE B 145 -23.90 -22.65 9.27
N PRO B 146 -25.08 -22.97 9.78
CA PRO B 146 -25.31 -22.89 11.22
C PRO B 146 -24.43 -23.88 11.95
N THR B 147 -23.96 -23.49 13.13
CA THR B 147 -22.96 -24.26 13.86
C THR B 147 -23.41 -24.52 15.29
N ILE B 148 -23.16 -25.73 15.75
CA ILE B 148 -23.43 -26.15 17.13
C ILE B 148 -22.15 -26.76 17.67
N ALA B 149 -21.72 -26.31 18.84
CA ALA B 149 -20.50 -26.82 19.44
C ALA B 149 -20.69 -26.98 20.94
N PHE B 150 -19.89 -27.87 21.53
CA PHE B 150 -19.91 -28.09 22.97
C PHE B 150 -18.81 -27.24 23.60
N CYS B 151 -19.10 -25.95 23.75
CA CYS B 151 -18.08 -25.04 24.25
C CYS B 151 -17.88 -25.25 25.75
N ASP B 152 -16.63 -25.16 26.18
CA ASP B 152 -16.27 -25.14 27.59
C ASP B 152 -15.87 -23.70 27.95
N THR B 153 -15.60 -23.47 29.22
CA THR B 153 -14.95 -22.22 29.60
C THR B 153 -13.60 -22.13 28.90
N ASP B 154 -13.21 -20.90 28.55
CA ASP B 154 -12.02 -20.64 27.72
C ASP B 154 -12.22 -21.17 26.30
N SER B 155 -13.38 -20.87 25.72
CA SER B 155 -13.67 -21.25 24.35
C SER B 155 -14.34 -20.07 23.67
N PRO B 156 -13.84 -19.61 22.52
CA PRO B 156 -14.42 -18.45 21.86
C PRO B 156 -15.81 -18.75 21.32
N MET B 157 -16.65 -17.71 21.30
CA MET B 157 -17.98 -17.77 20.74
C MET B 157 -18.02 -17.21 19.32
N ARG B 158 -16.88 -17.20 18.64
CA ARG B 158 -16.66 -16.28 17.54
C ARG B 158 -17.65 -16.47 16.40
N TYR B 159 -17.93 -17.71 16.02
CA TYR B 159 -18.93 -17.96 14.99
C TYR B 159 -19.90 -19.08 15.33
N VAL B 160 -19.64 -19.88 16.36
CA VAL B 160 -20.57 -20.93 16.75
C VAL B 160 -21.87 -20.32 17.25
N ASP B 161 -22.99 -20.83 16.75
CA ASP B 161 -24.30 -20.24 16.94
C ASP B 161 -25.08 -20.83 18.11
N ILE B 162 -24.96 -22.12 18.37
CA ILE B 162 -25.54 -22.75 19.54
C ILE B 162 -24.43 -23.44 20.31
N GLY B 163 -24.23 -23.02 21.56
CA GLY B 163 -23.13 -23.57 22.33
C GLY B 163 -23.53 -24.27 23.61
N ILE B 164 -23.32 -25.58 23.66
CA ILE B 164 -23.62 -26.37 24.85
C ILE B 164 -22.47 -26.24 25.83
N PRO B 165 -22.72 -25.79 27.06
CA PRO B 165 -21.64 -25.56 28.04
C PRO B 165 -21.19 -26.83 28.77
N ALA B 166 -20.34 -27.61 28.12
CA ALA B 166 -19.89 -28.87 28.70
C ALA B 166 -18.36 -28.96 28.69
N ASN B 167 -17.83 -30.12 29.06
CA ASN B 167 -16.39 -30.37 29.05
C ASN B 167 -16.00 -31.16 27.81
N ASN B 168 -14.90 -30.77 27.19
CA ASN B 168 -14.38 -31.44 26.00
C ASN B 168 -12.97 -31.98 26.23
N LYS B 169 -12.56 -32.12 27.48
CA LYS B 169 -11.24 -32.64 27.81
C LYS B 169 -11.30 -33.89 28.67
N GLY B 170 -12.48 -34.48 28.85
CA GLY B 170 -12.66 -35.63 29.70
C GLY B 170 -13.14 -36.84 28.91
N LYS B 171 -12.68 -38.02 29.33
CA LYS B 171 -13.15 -39.26 28.72
C LYS B 171 -14.64 -39.46 28.94
N GLN B 172 -15.12 -39.13 30.14
CA GLN B 172 -16.54 -39.32 30.43
C GLN B 172 -17.39 -38.21 29.82
N SER B 173 -16.92 -36.97 29.87
CA SER B 173 -17.73 -35.84 29.42
C SER B 173 -18.12 -35.98 27.95
N ILE B 174 -17.13 -35.96 27.06
CA ILE B 174 -17.37 -36.41 25.71
C ILE B 174 -17.76 -37.89 25.77
N GLY B 175 -18.58 -38.32 24.82
CA GLY B 175 -19.11 -39.65 24.90
C GLY B 175 -20.43 -39.67 25.63
N CYS B 176 -20.45 -39.44 26.94
CA CYS B 176 -21.72 -39.39 27.64
C CYS B 176 -22.58 -38.26 27.10
N LEU B 177 -21.98 -37.09 26.88
CA LEU B 177 -22.73 -35.95 26.36
C LEU B 177 -23.23 -36.21 24.94
N PHE B 178 -22.38 -36.78 24.08
CA PHE B 178 -22.80 -37.09 22.72
C PHE B 178 -23.91 -38.13 22.70
N TRP B 179 -23.80 -39.15 23.55
CA TRP B 179 -24.83 -40.18 23.63
C TRP B 179 -26.15 -39.59 24.12
N LEU B 180 -26.08 -38.70 25.11
CA LEU B 180 -27.30 -38.09 25.63
C LEU B 180 -27.98 -37.25 24.55
N LEU B 181 -27.19 -36.49 23.79
CA LEU B 181 -27.73 -35.73 22.68
C LEU B 181 -28.41 -36.66 21.67
N ALA B 182 -27.70 -37.71 21.24
CA ALA B 182 -28.27 -38.61 20.25
C ALA B 182 -29.51 -39.31 20.77
N ARG B 183 -29.53 -39.65 22.07
CA ARG B 183 -30.69 -40.30 22.66
C ARG B 183 -31.91 -39.40 22.58
N MET B 184 -31.78 -38.14 23.01
CA MET B 184 -32.93 -37.26 22.90
C MET B 184 -33.30 -36.93 21.46
N VAL B 185 -32.34 -36.95 20.54
CA VAL B 185 -32.67 -36.70 19.13
C VAL B 185 -33.50 -37.84 18.58
N LEU B 186 -33.10 -39.09 18.88
CA LEU B 186 -33.91 -40.24 18.45
C LEU B 186 -35.27 -40.23 19.14
N GLN B 187 -35.33 -39.77 20.39
CA GLN B 187 -36.60 -39.65 21.07
C GLN B 187 -37.51 -38.66 20.36
N MET B 188 -36.97 -37.51 19.96
CA MET B 188 -37.76 -36.52 19.24
C MET B 188 -38.20 -37.06 17.88
N ARG B 189 -37.32 -37.79 17.20
CA ARG B 189 -37.68 -38.41 15.93
C ARG B 189 -38.77 -39.46 16.10
N GLY B 190 -38.97 -39.97 17.31
CA GLY B 190 -40.02 -40.93 17.59
C GLY B 190 -39.58 -42.37 17.62
N THR B 191 -38.35 -42.67 17.18
CA THR B 191 -37.87 -44.04 17.19
C THR B 191 -37.79 -44.59 18.61
N ILE B 192 -37.32 -43.77 19.56
CA ILE B 192 -37.27 -44.18 20.96
C ILE B 192 -38.61 -43.80 21.58
N LEU B 193 -39.57 -44.69 21.44
CA LEU B 193 -40.79 -44.59 22.23
C LEU B 193 -40.42 -44.77 23.70
N PRO B 194 -41.22 -44.20 24.63
CA PRO B 194 -40.83 -44.21 26.05
C PRO B 194 -40.31 -45.57 26.53
N GLY B 195 -39.03 -45.60 26.87
CA GLY B 195 -38.32 -46.82 27.17
C GLY B 195 -37.05 -46.55 27.94
N HIS B 196 -35.96 -47.23 27.58
CA HIS B 196 -34.69 -47.06 28.29
C HIS B 196 -33.54 -47.19 27.29
N LYS B 197 -32.33 -47.16 27.83
CA LYS B 197 -31.13 -47.16 27.00
C LYS B 197 -30.87 -48.54 26.43
N TRP B 198 -30.56 -48.58 25.12
CA TRP B 198 -30.09 -49.78 24.44
C TRP B 198 -28.75 -49.54 23.78
N GLU B 199 -28.03 -48.51 24.22
CA GLU B 199 -26.76 -48.08 23.65
C GLU B 199 -25.74 -47.87 24.75
N ILE B 200 -25.57 -48.89 25.60
CA ILE B 200 -24.65 -48.88 26.74
C ILE B 200 -23.31 -48.29 26.30
N MET B 201 -22.69 -47.50 27.17
CA MET B 201 -21.57 -46.62 26.83
C MET B 201 -20.50 -47.37 26.03
N VAL B 202 -20.30 -46.96 24.78
CA VAL B 202 -19.31 -47.57 23.90
C VAL B 202 -18.32 -46.52 23.44
N ASP B 203 -18.76 -45.26 23.43
CA ASP B 203 -17.97 -44.18 22.87
C ASP B 203 -16.84 -43.73 23.79
N LEU B 204 -16.85 -44.14 25.05
CA LEU B 204 -15.78 -43.77 25.96
C LEU B 204 -14.46 -44.33 25.45
N PHE B 205 -13.38 -43.56 25.67
CA PHE B 205 -12.09 -43.89 25.07
C PHE B 205 -11.61 -45.25 25.53
N PHE B 206 -10.98 -45.98 24.62
CA PHE B 206 -10.50 -47.33 24.88
C PHE B 206 -9.50 -47.37 26.04
N PRO C 23 63.26 -15.21 50.51
CA PRO C 23 63.73 -16.25 49.60
C PRO C 23 65.24 -16.46 49.69
N PHE C 24 65.94 -15.49 50.27
CA PHE C 24 67.38 -15.53 50.36
C PHE C 24 67.83 -16.53 51.42
N THR C 25 69.14 -16.75 51.48
CA THR C 25 69.70 -17.55 52.57
C THR C 25 69.50 -16.88 53.92
N LYS C 26 69.22 -15.58 53.94
CA LYS C 26 68.86 -14.86 55.14
C LYS C 26 67.37 -15.06 55.44
N LYS C 27 66.82 -14.21 56.31
CA LYS C 27 65.42 -14.23 56.73
C LYS C 27 65.19 -15.32 57.77
N GLN C 28 64.16 -15.18 58.59
CA GLN C 28 63.85 -16.14 59.64
C GLN C 28 62.42 -16.63 59.47
N TRP C 29 62.22 -17.93 59.68
CA TRP C 29 60.90 -18.56 59.58
C TRP C 29 60.21 -18.46 60.93
N TYR C 30 59.36 -17.46 61.09
CA TYR C 30 58.54 -17.28 62.28
C TYR C 30 57.20 -17.98 62.07
N ASP C 31 56.53 -18.27 63.18
CA ASP C 31 55.20 -18.86 63.15
C ASP C 31 54.21 -17.97 63.88
N ILE C 32 53.05 -17.76 63.28
CA ILE C 32 52.02 -16.88 63.83
C ILE C 32 51.24 -17.65 64.90
N LYS C 33 50.64 -16.90 65.81
CA LYS C 33 49.82 -17.48 66.89
C LYS C 33 48.48 -16.76 66.90
N ALA C 34 47.43 -17.46 66.50
CA ALA C 34 46.09 -16.92 66.54
C ALA C 34 45.65 -16.75 68.00
N PRO C 35 44.71 -15.85 68.25
CA PRO C 35 44.26 -15.62 69.64
C PRO C 35 43.61 -16.87 70.22
N LEU C 36 43.55 -16.91 71.55
CA LEU C 36 43.04 -18.08 72.25
C LEU C 36 41.55 -18.31 72.00
N LEU C 37 40.83 -17.30 71.51
CA LEU C 37 39.39 -17.43 71.37
C LEU C 37 39.01 -18.49 70.35
N PHE C 38 39.81 -18.68 69.30
CA PHE C 38 39.52 -19.68 68.29
C PHE C 38 39.92 -21.07 68.80
N THR C 39 39.86 -22.07 67.93
CA THR C 39 40.19 -23.45 68.29
C THR C 39 41.61 -23.83 67.95
N SER C 40 42.11 -23.44 66.78
CA SER C 40 43.47 -23.75 66.35
C SER C 40 44.28 -22.48 66.26
N ARG C 41 45.42 -22.44 66.93
CA ARG C 41 46.24 -21.24 67.00
C ARG C 41 47.30 -21.18 65.92
N ASN C 42 47.78 -22.31 65.43
CA ASN C 42 48.83 -22.32 64.42
C ASN C 42 48.29 -21.79 63.10
N VAL C 43 48.88 -20.71 62.60
CA VAL C 43 48.44 -20.06 61.37
C VAL C 43 49.68 -19.83 60.51
N GLY C 44 49.98 -20.78 59.62
CA GLY C 44 51.04 -20.64 58.64
C GLY C 44 52.39 -20.22 59.18
N LYS C 45 53.25 -19.72 58.29
CA LYS C 45 54.58 -19.25 58.65
C LYS C 45 54.85 -17.93 57.94
N THR C 46 55.81 -17.17 58.46
CA THR C 46 56.11 -15.84 57.95
C THR C 46 57.62 -15.62 57.94
N LEU C 47 58.05 -14.61 57.19
CA LEU C 47 59.45 -14.26 57.02
C LEU C 47 59.75 -12.90 57.64
N VAL C 48 61.04 -12.65 57.84
CA VAL C 48 61.54 -11.33 58.22
C VAL C 48 63.04 -11.32 58.02
N SER C 49 63.58 -10.13 57.78
CA SER C 49 65.04 -9.98 57.74
C SER C 49 65.61 -10.17 59.13
N ARG C 50 66.73 -10.90 59.22
CA ARG C 50 67.24 -11.33 60.52
C ARG C 50 67.66 -10.15 61.40
N THR C 51 68.75 -9.47 61.04
CA THR C 51 69.20 -8.34 61.85
C THR C 51 69.84 -7.22 61.05
N GLN C 52 69.85 -7.28 59.72
CA GLN C 52 70.75 -6.47 58.90
C GLN C 52 70.59 -4.97 59.14
N GLY C 53 71.62 -4.34 59.71
CA GLY C 53 71.64 -2.90 59.86
C GLY C 53 70.49 -2.40 60.71
N THR C 54 69.77 -1.41 60.17
CA THR C 54 68.64 -0.80 60.86
C THR C 54 67.36 -1.60 60.70
N LYS C 55 67.35 -2.65 59.88
CA LYS C 55 66.17 -3.47 59.66
C LYS C 55 66.03 -4.44 60.83
N ILE C 56 65.43 -3.94 61.92
CA ILE C 56 65.22 -4.75 63.11
C ILE C 56 64.14 -5.78 62.84
N ALA C 57 64.37 -7.01 63.31
CA ALA C 57 63.37 -8.07 63.14
C ALA C 57 62.09 -7.76 63.90
N SER C 58 62.22 -7.21 65.12
CA SER C 58 61.03 -6.90 65.91
C SER C 58 60.15 -5.87 65.24
N GLU C 59 60.76 -4.82 64.69
CA GLU C 59 59.98 -3.80 64.00
C GLU C 59 59.52 -4.28 62.62
N GLY C 60 60.36 -5.07 61.94
CA GLY C 60 60.01 -5.55 60.62
C GLY C 60 58.91 -6.59 60.60
N LEU C 61 58.68 -7.27 61.73
CA LEU C 61 57.62 -8.26 61.82
C LEU C 61 56.29 -7.65 62.26
N LYS C 62 56.19 -6.33 62.36
CA LYS C 62 54.91 -5.68 62.62
C LYS C 62 54.09 -5.61 61.32
N HIS C 63 53.89 -6.79 60.73
CA HIS C 63 53.07 -6.90 59.53
C HIS C 63 51.64 -6.48 59.84
N ARG C 64 51.11 -6.92 60.98
CA ARG C 64 49.90 -6.42 61.60
C ARG C 64 48.63 -6.75 60.81
N VAL C 65 48.72 -7.61 59.79
CA VAL C 65 47.55 -8.02 59.03
C VAL C 65 47.77 -9.44 58.53
N PHE C 66 46.80 -10.31 58.82
CA PHE C 66 46.80 -11.69 58.35
C PHE C 66 45.37 -12.08 58.02
N GLU C 67 45.14 -12.49 56.77
CA GLU C 67 43.81 -12.87 56.32
C GLU C 67 43.66 -14.39 56.45
N VAL C 68 42.69 -14.81 57.25
CA VAL C 68 42.37 -16.22 57.42
C VAL C 68 40.89 -16.42 57.13
N SER C 69 40.47 -17.68 57.07
CA SER C 69 39.12 -18.01 56.62
C SER C 69 38.14 -18.28 57.76
N LEU C 70 38.63 -18.50 58.98
CA LEU C 70 37.84 -18.83 60.17
C LEU C 70 37.33 -20.27 60.07
N ALA C 71 37.46 -20.88 58.89
CA ALA C 71 37.22 -22.31 58.79
C ALA C 71 38.37 -23.10 59.39
N ASP C 72 39.60 -22.66 59.10
CA ASP C 72 40.77 -23.30 59.67
C ASP C 72 40.83 -23.06 61.18
N LEU C 73 40.49 -21.86 61.63
CA LEU C 73 40.53 -21.54 63.06
C LEU C 73 39.42 -22.23 63.84
N GLN C 74 38.46 -22.85 63.15
CA GLN C 74 37.42 -23.63 63.80
C GLN C 74 37.36 -25.07 63.30
N ASN C 75 38.16 -25.42 62.29
CA ASN C 75 38.22 -26.77 61.72
C ASN C 75 36.88 -27.20 61.13
N ASP C 76 35.99 -26.25 60.85
CA ASP C 76 34.69 -26.52 60.26
C ASP C 76 34.61 -25.80 58.93
N GLU C 77 34.10 -26.49 57.90
CA GLU C 77 34.21 -25.99 56.53
C GLU C 77 33.04 -25.11 56.11
N ASP C 78 31.90 -25.14 56.81
CA ASP C 78 30.75 -24.40 56.33
C ASP C 78 30.90 -22.90 56.52
N GLN C 79 31.78 -22.47 57.43
CA GLN C 79 32.05 -21.06 57.66
C GLN C 79 33.18 -20.52 56.80
N ALA C 80 33.47 -21.16 55.68
CA ALA C 80 34.54 -20.70 54.80
C ALA C 80 34.24 -19.35 54.16
N TYR C 81 32.97 -18.93 54.16
CA TYR C 81 32.62 -17.64 53.57
C TYR C 81 33.19 -16.47 54.35
N ARG C 82 33.51 -16.67 55.62
CA ARG C 82 34.02 -15.59 56.46
C ARG C 82 35.49 -15.33 56.18
N LYS C 83 35.97 -14.20 56.68
CA LYS C 83 37.39 -13.88 56.67
C LYS C 83 37.72 -13.12 57.95
N ILE C 84 38.84 -13.47 58.56
CA ILE C 84 39.29 -12.83 59.79
C ILE C 84 40.60 -12.12 59.49
N ARG C 85 40.67 -10.85 59.87
CA ARG C 85 41.87 -10.03 59.74
C ARG C 85 42.51 -9.94 61.11
N LEU C 86 43.63 -10.63 61.29
CA LEU C 86 44.38 -10.62 62.54
C LEU C 86 45.48 -9.58 62.46
N ARG C 87 45.87 -9.03 63.60
CA ARG C 87 46.90 -8.01 63.67
C ARG C 87 48.04 -8.47 64.57
N ALA C 88 49.25 -8.49 64.04
CA ALA C 88 50.42 -8.79 64.84
C ALA C 88 50.69 -7.65 65.81
N GLU C 89 50.58 -7.93 67.10
CA GLU C 89 50.75 -6.93 68.14
C GLU C 89 52.14 -6.93 68.74
N ASP C 90 52.62 -8.07 69.24
CA ASP C 90 53.94 -8.18 69.85
C ASP C 90 54.63 -9.44 69.38
N VAL C 91 55.86 -9.30 68.91
CA VAL C 91 56.68 -10.45 68.52
C VAL C 91 57.49 -10.87 69.74
N GLN C 92 57.31 -12.12 70.17
CA GLN C 92 58.06 -12.64 71.30
C GLN C 92 58.16 -14.15 71.19
N GLY C 93 59.30 -14.69 71.60
CA GLY C 93 59.50 -16.13 71.65
C GLY C 93 59.30 -16.81 70.30
N MET C 94 59.83 -16.22 69.23
CA MET C 94 59.76 -16.78 67.88
C MET C 94 58.32 -16.83 67.36
N ASN C 95 57.38 -16.27 68.11
CA ASN C 95 55.98 -16.20 67.73
C ASN C 95 55.58 -14.74 67.52
N VAL C 96 54.35 -14.54 67.04
CA VAL C 96 53.94 -13.22 66.57
C VAL C 96 52.79 -12.66 67.39
N LEU C 97 52.01 -13.54 68.03
CA LEU C 97 50.99 -13.14 69.01
C LEU C 97 49.99 -12.15 68.42
N THR C 98 49.21 -12.63 67.44
CA THR C 98 48.28 -11.76 66.75
C THR C 98 47.06 -11.44 67.62
N ASN C 99 46.22 -10.55 67.10
CA ASN C 99 44.99 -10.15 67.76
C ASN C 99 43.98 -9.75 66.70
N PHE C 100 42.71 -9.70 67.10
CA PHE C 100 41.64 -9.38 66.16
C PHE C 100 41.78 -7.96 65.63
N TRP C 101 41.60 -7.80 64.32
CA TRP C 101 41.64 -6.50 63.67
C TRP C 101 40.51 -6.28 62.67
N GLY C 102 39.80 -7.32 62.27
CA GLY C 102 38.64 -7.15 61.42
C GLY C 102 37.96 -8.45 61.06
N MET C 103 36.73 -8.39 60.54
CA MET C 103 36.02 -9.59 60.10
C MET C 103 35.20 -9.23 58.88
N ASP C 104 35.55 -9.81 57.73
CA ASP C 104 34.91 -9.47 56.46
C ASP C 104 34.33 -10.70 55.77
N PHE C 105 33.85 -10.52 54.54
CA PHE C 105 33.27 -11.56 53.72
C PHE C 105 34.10 -11.80 52.46
N THR C 106 34.04 -13.03 51.96
CA THR C 106 34.55 -13.31 50.63
C THR C 106 33.59 -12.79 49.58
N THR C 107 34.12 -12.51 48.39
CA THR C 107 33.26 -12.05 47.30
C THR C 107 32.29 -13.12 46.83
N ASP C 108 32.65 -14.40 47.00
CA ASP C 108 31.78 -15.48 46.57
C ASP C 108 30.42 -15.40 47.25
N LYS C 109 30.42 -15.31 48.59
CA LYS C 109 29.16 -15.31 49.32
C LYS C 109 28.33 -14.07 49.02
N LEU C 110 28.97 -12.90 49.00
CA LEU C 110 28.24 -11.67 48.74
C LEU C 110 27.64 -11.67 47.34
N ARG C 111 28.38 -12.16 46.35
CA ARG C 111 27.85 -12.21 45.00
C ARG C 111 26.77 -13.27 44.85
N SER C 112 26.86 -14.35 45.65
CA SER C 112 25.81 -15.36 45.60
C SER C 112 24.52 -14.88 46.23
N LEU C 113 24.61 -14.04 47.26
CA LEU C 113 23.41 -13.64 47.98
C LEU C 113 22.54 -12.68 47.18
N VAL C 114 23.15 -11.69 46.54
CA VAL C 114 22.39 -10.63 45.87
C VAL C 114 21.69 -11.24 44.65
N ARG C 115 20.37 -11.33 44.72
CA ARG C 115 19.56 -11.90 43.65
C ARG C 115 18.55 -10.88 43.16
N LYS C 116 18.18 -11.01 41.89
CA LYS C 116 17.13 -10.18 41.34
C LYS C 116 15.78 -10.60 41.91
N TRP C 117 14.79 -9.72 41.74
CA TRP C 117 13.46 -9.90 42.34
C TRP C 117 13.57 -10.10 43.85
N GLN C 118 14.20 -9.11 44.49
CA GLN C 118 14.47 -9.16 45.92
C GLN C 118 14.81 -7.76 46.39
N THR C 119 14.71 -7.56 47.69
CA THR C 119 15.04 -6.28 48.30
C THR C 119 16.27 -6.45 49.18
N LEU C 120 17.30 -5.65 48.91
CA LEU C 120 18.54 -5.65 49.68
C LEU C 120 18.50 -4.53 50.70
N ILE C 121 18.76 -4.85 51.96
CA ILE C 121 18.75 -3.86 53.03
C ILE C 121 20.12 -3.87 53.70
N GLU C 122 20.79 -2.72 53.72
CA GLU C 122 22.12 -2.60 54.29
C GLU C 122 22.10 -1.54 55.38
N ALA C 123 22.65 -1.88 56.54
CA ALA C 123 22.74 -0.96 57.66
C ALA C 123 24.17 -0.92 58.17
N HIS C 124 24.53 0.18 58.82
CA HIS C 124 25.87 0.34 59.36
C HIS C 124 25.84 1.30 60.53
N VAL C 125 26.69 1.04 61.52
CA VAL C 125 26.78 1.86 62.72
C VAL C 125 28.24 1.99 63.13
N ASP C 126 28.52 2.95 64.00
CA ASP C 126 29.87 3.28 64.45
C ASP C 126 30.02 3.08 65.95
N VAL C 127 29.53 1.95 66.47
CA VAL C 127 29.46 1.75 67.90
C VAL C 127 30.86 1.72 68.52
N LYS C 128 30.91 1.94 69.83
CA LYS C 128 32.15 2.01 70.60
C LYS C 128 32.08 1.04 71.78
N THR C 129 33.18 0.36 72.04
CA THR C 129 33.28 -0.58 73.13
C THR C 129 33.95 0.07 74.36
N THR C 130 33.94 -0.67 75.46
CA THR C 130 34.53 -0.15 76.70
C THR C 130 36.04 0.05 76.58
N ASP C 131 36.72 -0.79 75.82
CA ASP C 131 38.17 -0.70 75.62
C ASP C 131 38.56 0.43 74.70
N ASN C 132 37.63 1.33 74.36
CA ASN C 132 37.89 2.42 73.43
C ASN C 132 38.36 1.90 72.07
N TYR C 133 37.81 0.76 71.64
CA TYR C 133 38.07 0.21 70.31
C TYR C 133 36.97 0.70 69.39
N MET C 134 37.16 1.88 68.82
CA MET C 134 36.20 2.42 67.86
C MET C 134 36.13 1.50 66.66
N LEU C 135 34.94 0.97 66.38
CA LEU C 135 34.78 0.07 65.24
C LEU C 135 33.45 0.34 64.55
N ARG C 136 33.40 -0.01 63.27
CA ARG C 136 32.22 0.19 62.43
C ARG C 136 31.68 -1.17 62.03
N MET C 137 30.37 -1.34 62.18
CA MET C 137 29.71 -2.61 61.89
C MET C 137 28.71 -2.44 60.76
N PHE C 138 28.64 -3.45 59.89
CA PHE C 138 27.74 -3.46 58.74
C PHE C 138 26.90 -4.73 58.77
N ALA C 139 25.59 -4.58 58.62
CA ALA C 139 24.68 -5.72 58.49
C ALA C 139 23.98 -5.68 57.14
N ILE C 140 23.65 -6.86 56.64
CA ILE C 140 23.03 -7.04 55.33
C ILE C 140 21.87 -8.02 55.47
N GLY C 141 20.77 -7.73 54.79
CA GLY C 141 19.58 -8.55 54.91
C GLY C 141 18.78 -8.56 53.62
N PHE C 142 17.98 -9.61 53.48
CA PHE C 142 17.19 -9.82 52.27
C PHE C 142 15.79 -10.30 52.64
N THR C 143 14.81 -9.82 51.90
CA THR C 143 13.42 -10.23 52.11
C THR C 143 13.23 -11.69 51.71
N LYS C 144 12.35 -12.37 52.43
CA LYS C 144 12.09 -13.79 52.22
C LYS C 144 10.68 -14.00 51.71
N ARG C 145 10.53 -14.80 50.65
CA ARG C 145 9.22 -15.16 50.15
C ARG C 145 8.56 -16.17 51.08
N ARG C 146 7.24 -16.07 51.18
CA ARG C 146 6.46 -16.95 52.02
C ARG C 146 6.33 -18.33 51.36
N PRO C 147 6.03 -19.37 52.14
CA PRO C 147 5.87 -20.70 51.54
C PRO C 147 4.80 -20.76 50.47
N ASN C 148 3.71 -20.03 50.64
CA ASN C 148 2.63 -19.96 49.63
C ASN C 148 2.66 -18.56 49.03
N GLN C 149 3.51 -18.37 48.03
CA GLN C 149 3.70 -17.07 47.41
C GLN C 149 3.59 -17.20 45.91
N VAL C 150 2.62 -16.50 45.32
CA VAL C 150 2.49 -16.43 43.87
C VAL C 150 3.12 -15.16 43.32
N LYS C 151 3.28 -14.12 44.13
CA LYS C 151 3.98 -12.92 43.71
C LYS C 151 5.42 -13.26 43.35
N ARG C 152 5.87 -12.76 42.20
CA ARG C 152 7.17 -13.13 41.65
C ARG C 152 8.27 -12.15 42.00
N THR C 153 8.00 -11.18 42.88
CA THR C 153 8.99 -10.16 43.19
C THR C 153 9.43 -10.16 44.64
N CYS C 154 8.48 -10.18 45.58
CA CYS C 154 8.79 -10.13 47.01
C CYS C 154 9.62 -8.89 47.35
N TYR C 155 9.02 -7.72 47.13
CA TYR C 155 9.65 -6.45 47.42
C TYR C 155 9.18 -5.92 48.77
N ALA C 156 9.67 -4.74 49.13
CA ALA C 156 9.25 -4.06 50.34
C ALA C 156 9.15 -2.57 50.05
N GLN C 157 8.29 -1.89 50.81
CA GLN C 157 8.16 -0.45 50.68
C GLN C 157 9.25 0.25 51.46
N ALA C 158 9.73 1.38 50.92
CA ALA C 158 10.82 2.11 51.55
C ALA C 158 10.47 2.48 53.00
N SER C 159 9.21 2.78 53.27
CA SER C 159 8.77 3.07 54.62
C SER C 159 8.89 1.86 55.54
N GLN C 160 9.07 0.67 54.99
CA GLN C 160 9.33 -0.54 55.78
C GLN C 160 10.82 -0.84 55.89
N ILE C 161 11.57 -0.66 54.80
CA ILE C 161 13.00 -0.90 54.87
C ILE C 161 13.67 0.10 55.81
N ARG C 162 13.11 1.31 55.93
CA ARG C 162 13.65 2.26 56.89
C ARG C 162 13.47 1.78 58.33
N GLN C 163 12.30 1.21 58.64
CA GLN C 163 12.10 0.63 59.96
C GLN C 163 13.02 -0.56 60.19
N ILE C 164 13.22 -1.38 59.16
CA ILE C 164 14.17 -2.49 59.27
C ILE C 164 15.57 -1.97 59.57
N ARG C 165 15.99 -0.91 58.88
CA ARG C 165 17.31 -0.35 59.12
C ARG C 165 17.43 0.20 60.54
N ARG C 166 16.38 0.86 61.02
CA ARG C 166 16.38 1.35 62.40
C ARG C 166 16.50 0.20 63.39
N LYS C 167 15.77 -0.89 63.15
CA LYS C 167 15.86 -2.05 64.02
C LYS C 167 17.26 -2.64 64.00
N MET C 168 17.87 -2.74 62.81
CA MET C 168 19.23 -3.23 62.69
C MET C 168 20.18 -2.40 63.53
N VAL C 169 20.10 -1.07 63.39
CA VAL C 169 21.02 -0.19 64.11
C VAL C 169 20.82 -0.30 65.61
N GLU C 170 19.57 -0.31 66.06
CA GLU C 170 19.35 -0.35 67.52
C GLU C 170 19.77 -1.69 68.10
N ILE C 171 19.59 -2.80 67.37
CA ILE C 171 20.05 -4.08 67.88
C ILE C 171 21.58 -4.12 67.91
N MET C 172 22.23 -3.58 66.88
CA MET C 172 23.69 -3.50 66.88
C MET C 172 24.20 -2.76 68.11
N VAL C 173 23.66 -1.56 68.36
CA VAL C 173 24.12 -0.77 69.49
C VAL C 173 23.64 -1.34 70.83
N ASN C 174 22.64 -2.23 70.82
CA ASN C 174 22.21 -2.86 72.05
C ASN C 174 23.14 -3.99 72.46
N GLN C 175 23.45 -4.91 71.53
CA GLN C 175 24.36 -5.99 71.87
C GLN C 175 25.78 -5.48 72.10
N ALA C 176 26.18 -4.45 71.37
CA ALA C 176 27.43 -3.76 71.64
C ALA C 176 27.23 -2.80 72.81
N ALA C 177 28.18 -1.89 73.02
CA ALA C 177 28.16 -0.98 74.16
C ALA C 177 28.12 -1.78 75.47
N SER C 178 29.05 -2.71 75.60
CA SER C 178 29.09 -3.66 76.69
C SER C 178 30.57 -3.97 76.96
N CYS C 179 30.82 -5.10 77.61
CA CYS C 179 32.17 -5.47 78.03
C CYS C 179 33.11 -5.68 76.84
N ASP C 180 34.35 -6.04 77.13
CA ASP C 180 35.45 -6.05 76.17
C ASP C 180 35.16 -6.82 74.89
N LEU C 181 35.98 -6.61 73.87
CA LEU C 181 35.73 -7.19 72.55
C LEU C 181 35.75 -8.71 72.57
N LYS C 182 36.28 -9.32 73.63
CA LYS C 182 36.29 -10.78 73.71
C LYS C 182 34.88 -11.34 73.49
N GLU C 183 33.90 -10.81 74.23
CA GLU C 183 32.53 -11.24 74.01
C GLU C 183 32.00 -10.82 72.65
N LEU C 184 32.50 -9.70 72.12
CA LEU C 184 32.01 -9.23 70.83
C LEU C 184 32.37 -10.21 69.72
N VAL C 185 33.60 -10.74 69.74
CA VAL C 185 33.96 -11.76 68.76
C VAL C 185 33.38 -13.11 69.17
N ASN C 186 33.11 -13.31 70.46
CA ASN C 186 32.38 -14.49 70.88
C ASN C 186 30.96 -14.51 70.33
N LYS C 187 30.40 -13.36 69.96
CA LYS C 187 29.11 -13.29 69.30
C LYS C 187 29.24 -12.94 67.82
N PHE C 188 30.43 -13.09 67.25
CA PHE C 188 30.65 -12.87 65.82
C PHE C 188 30.85 -14.17 65.05
N ILE C 189 31.67 -15.08 65.55
CA ILE C 189 31.86 -16.36 64.88
C ILE C 189 30.56 -17.18 64.91
N PRO C 190 29.65 -16.99 65.90
CA PRO C 190 28.28 -17.45 65.68
C PRO C 190 27.41 -16.30 65.18
N GLU C 191 26.19 -16.59 64.76
CA GLU C 191 25.29 -15.55 64.26
C GLU C 191 24.31 -15.19 65.38
N VAL C 192 24.79 -14.34 66.29
CA VAL C 192 23.97 -13.83 67.40
C VAL C 192 23.34 -12.51 67.05
N ILE C 193 24.14 -11.56 66.54
CA ILE C 193 23.59 -10.31 66.04
C ILE C 193 22.64 -10.57 64.87
N GLY C 194 23.07 -11.41 63.93
CA GLY C 194 22.25 -11.65 62.75
C GLY C 194 20.93 -12.30 63.08
N LYS C 195 20.96 -13.35 63.91
CA LYS C 195 19.72 -14.03 64.28
C LYS C 195 18.81 -13.11 65.09
N GLU C 196 19.38 -12.32 65.99
CA GLU C 196 18.58 -11.40 66.79
C GLU C 196 17.89 -10.35 65.92
N ILE C 197 18.61 -9.81 64.94
CA ILE C 197 18.00 -8.87 64.00
C ILE C 197 16.94 -9.57 63.16
N GLU C 198 17.23 -10.81 62.71
CA GLU C 198 16.28 -11.59 61.95
C GLU C 198 14.96 -11.73 62.69
N LYS C 199 15.01 -12.13 63.95
CA LYS C 199 13.80 -12.43 64.68
C LYS C 199 13.23 -11.23 65.42
N ALA C 200 13.92 -10.10 65.44
CA ALA C 200 13.38 -8.86 65.97
C ALA C 200 12.70 -8.01 64.92
N THR C 201 12.73 -8.44 63.65
CA THR C 201 12.11 -7.72 62.56
C THR C 201 11.01 -8.51 61.88
N SER C 202 10.68 -9.71 62.37
CA SER C 202 9.64 -10.52 61.75
C SER C 202 8.27 -9.86 61.84
N SER C 203 8.11 -8.87 62.71
CA SER C 203 6.88 -8.08 62.73
C SER C 203 6.76 -7.17 61.52
N ILE C 204 7.83 -6.96 60.77
CA ILE C 204 7.79 -6.13 59.57
C ILE C 204 7.89 -7.01 58.33
N PHE C 205 9.01 -7.70 58.17
CA PHE C 205 9.23 -8.62 57.06
C PHE C 205 9.95 -9.87 57.58
N PRO C 206 9.85 -10.98 56.84
CA PRO C 206 10.59 -12.19 57.25
C PRO C 206 12.10 -11.97 57.35
N LEU C 207 12.71 -11.27 56.40
CA LEU C 207 14.10 -10.85 56.47
C LEU C 207 15.07 -12.04 56.60
N GLN C 208 15.10 -12.84 55.54
CA GLN C 208 16.01 -13.98 55.51
C GLN C 208 17.46 -13.53 55.33
N ASN C 209 18.38 -14.38 55.76
CA ASN C 209 19.83 -14.24 55.51
C ASN C 209 20.36 -12.92 56.08
N VAL C 210 20.24 -12.79 57.40
CA VAL C 210 20.65 -11.58 58.10
C VAL C 210 21.84 -11.90 58.99
N TYR C 211 22.92 -11.14 58.84
CA TYR C 211 24.09 -11.23 59.69
C TYR C 211 25.00 -10.05 59.37
N VAL C 212 26.13 -9.99 60.07
CA VAL C 212 27.06 -8.86 59.97
C VAL C 212 27.92 -9.04 58.73
N ARG C 213 27.82 -8.09 57.80
CA ARG C 213 28.60 -8.18 56.57
C ARG C 213 30.09 -8.03 56.85
N LYS C 214 30.47 -6.98 57.58
CA LYS C 214 31.88 -6.74 57.84
C LYS C 214 32.02 -5.83 59.05
N VAL C 215 33.19 -5.87 59.66
CA VAL C 215 33.53 -5.02 60.78
C VAL C 215 34.86 -4.35 60.50
N LYS C 216 34.91 -3.03 60.69
CA LYS C 216 36.11 -2.24 60.47
C LYS C 216 36.51 -1.59 61.78
N ILE C 217 37.78 -1.80 62.19
CA ILE C 217 38.28 -1.21 63.43
C ILE C 217 38.72 0.22 63.12
N LEU C 218 37.96 1.20 63.60
CA LEU C 218 38.24 2.60 63.31
C LEU C 218 39.45 3.10 64.09
N LYS C 219 39.60 2.66 65.34
CA LYS C 219 40.68 3.12 66.19
C LYS C 219 40.89 2.15 67.32
N ALA C 220 42.15 1.87 67.63
CA ALA C 220 42.71 1.08 68.72
C ALA C 220 43.19 1.99 69.84
N PRO C 221 42.92 1.64 71.10
CA PRO C 221 43.33 2.51 72.21
C PRO C 221 44.84 2.64 72.33
N LYS C 222 45.53 1.52 72.50
CA LYS C 222 46.99 1.47 72.65
C LYS C 222 47.35 -0.01 72.78
N PHE C 223 48.66 -0.27 72.79
CA PHE C 223 49.14 -1.62 73.05
C PHE C 223 48.76 -2.08 74.45
N ASP C 224 48.90 -1.19 75.44
CA ASP C 224 48.47 -1.39 76.82
C ASP C 224 49.36 -2.37 77.57
N LEU C 225 50.29 -3.02 76.86
CA LEU C 225 51.42 -3.74 77.45
C LEU C 225 50.96 -4.75 78.50
N GLY C 226 50.25 -5.77 78.04
CA GLY C 226 49.92 -6.87 78.92
C GLY C 226 48.52 -7.44 78.77
N LYS C 227 47.54 -6.59 78.43
CA LYS C 227 46.18 -7.10 78.22
C LYS C 227 46.11 -8.09 77.06
N LEU C 228 47.09 -8.05 76.15
CA LEU C 228 47.14 -9.05 75.09
C LEU C 228 47.48 -10.43 75.63
N MET C 229 48.33 -10.50 76.66
CA MET C 229 48.69 -11.79 77.22
C MET C 229 47.55 -12.42 78.01
N GLU C 230 46.51 -11.65 78.36
CA GLU C 230 45.37 -12.24 79.04
C GLU C 230 44.50 -13.08 78.12
N VAL C 231 44.68 -12.94 76.80
CA VAL C 231 43.92 -13.72 75.84
C VAL C 231 44.83 -14.60 75.00
N HIS C 232 45.99 -14.99 75.55
CA HIS C 232 46.93 -15.87 74.89
C HIS C 232 47.37 -16.95 75.86
N GLY C 233 47.75 -18.11 75.30
CA GLY C 233 48.20 -19.23 76.10
C GLY C 233 49.66 -19.11 76.47
N ASP C 234 50.17 -20.18 77.07
CA ASP C 234 51.57 -20.24 77.48
C ASP C 234 52.40 -20.79 76.32
N TYR C 235 53.29 -19.96 75.78
CA TYR C 235 54.12 -20.35 74.66
C TYR C 235 55.61 -20.16 74.96
N LYS D 48 -22.85 -30.70 -21.79
CA LYS D 48 -21.85 -29.63 -21.83
C LYS D 48 -21.52 -29.13 -20.43
N TRP D 49 -22.54 -28.89 -19.63
CA TRP D 49 -22.37 -28.41 -18.26
C TRP D 49 -22.83 -29.49 -17.29
N VAL D 50 -21.95 -29.86 -16.37
CA VAL D 50 -22.25 -30.82 -15.31
C VAL D 50 -22.16 -30.07 -13.99
N PRO D 51 -23.29 -29.75 -13.36
CA PRO D 51 -23.25 -28.97 -12.11
C PRO D 51 -22.43 -29.69 -11.03
N VAL D 52 -21.68 -28.91 -10.27
CA VAL D 52 -20.79 -29.43 -9.24
C VAL D 52 -21.21 -28.99 -7.85
N THR D 53 -22.25 -28.17 -7.72
CA THR D 53 -22.72 -27.69 -6.43
C THR D 53 -24.22 -27.89 -6.34
N LYS D 54 -24.73 -27.83 -5.11
CA LYS D 54 -26.16 -28.06 -4.89
C LYS D 54 -27.01 -27.03 -5.63
N LEU D 55 -26.58 -25.76 -5.62
CA LEU D 55 -27.35 -24.72 -6.26
C LEU D 55 -27.44 -24.93 -7.77
N GLY D 56 -26.31 -25.27 -8.41
CA GLY D 56 -26.35 -25.52 -9.85
C GLY D 56 -27.14 -26.75 -10.21
N ARG D 57 -26.97 -27.83 -9.43
CA ARG D 57 -27.77 -29.04 -9.63
C ARG D 57 -29.25 -28.73 -9.47
N LEU D 58 -29.59 -27.79 -8.58
CA LEU D 58 -30.98 -27.39 -8.39
C LEU D 58 -31.49 -26.56 -9.56
N VAL D 59 -30.63 -25.69 -10.10
CA VAL D 59 -31.03 -24.80 -11.19
C VAL D 59 -31.23 -25.56 -12.48
N LYS D 60 -30.35 -26.52 -12.79
CA LYS D 60 -30.20 -27.00 -14.16
C LYS D 60 -31.51 -27.55 -14.72
N GLU D 61 -32.30 -28.24 -13.89
CA GLU D 61 -33.57 -28.76 -14.38
C GLU D 61 -34.67 -27.71 -14.45
N GLY D 62 -34.48 -26.55 -13.82
CA GLY D 62 -35.44 -25.48 -13.94
C GLY D 62 -36.31 -25.26 -12.71
N ARG D 63 -35.72 -25.37 -11.52
CA ARG D 63 -36.43 -25.11 -10.27
C ARG D 63 -36.33 -23.65 -9.85
N PHE D 64 -36.10 -22.75 -10.79
CA PHE D 64 -36.04 -21.32 -10.49
C PHE D 64 -36.51 -20.55 -11.71
N THR D 65 -36.94 -19.31 -11.47
CA THR D 65 -37.33 -18.41 -12.55
C THR D 65 -36.39 -17.21 -12.66
N LYS D 66 -36.20 -16.48 -11.58
CA LYS D 66 -35.25 -15.37 -11.48
C LYS D 66 -34.18 -15.75 -10.45
N MET D 67 -33.29 -14.81 -10.17
CA MET D 67 -32.22 -15.04 -9.19
C MET D 67 -32.41 -14.22 -7.93
N GLU D 68 -33.58 -13.59 -7.74
CA GLU D 68 -33.81 -12.81 -6.55
C GLU D 68 -34.02 -13.69 -5.33
N GLU D 69 -34.45 -14.94 -5.52
CA GLU D 69 -34.58 -15.85 -4.39
C GLU D 69 -33.22 -16.29 -3.89
N ILE D 70 -32.24 -16.43 -4.78
CA ILE D 70 -30.87 -16.71 -4.35
C ILE D 70 -30.33 -15.55 -3.52
N TYR D 71 -30.59 -14.32 -3.96
CA TYR D 71 -30.22 -13.16 -3.15
C TYR D 71 -30.95 -13.18 -1.81
N LEU D 72 -32.21 -13.62 -1.81
CA LEU D 72 -33.03 -13.57 -0.61
C LEU D 72 -32.43 -14.38 0.53
N HIS D 73 -31.79 -15.50 0.21
CA HIS D 73 -31.13 -16.32 1.21
C HIS D 73 -29.62 -16.13 1.22
N SER D 74 -29.10 -15.17 0.44
CA SER D 74 -27.68 -14.84 0.40
C SER D 74 -26.83 -16.08 0.10
N LEU D 75 -27.26 -16.84 -0.89
CA LEU D 75 -26.57 -18.08 -1.24
C LEU D 75 -25.27 -17.77 -1.97
N PRO D 76 -24.20 -18.51 -1.66
CA PRO D 76 -22.91 -18.27 -2.33
C PRO D 76 -22.85 -18.86 -3.73
N VAL D 77 -23.31 -18.11 -4.73
CA VAL D 77 -23.21 -18.57 -6.12
C VAL D 77 -21.75 -18.83 -6.45
N LYS D 78 -21.49 -20.01 -7.04
CA LYS D 78 -20.14 -20.42 -7.35
C LYS D 78 -19.98 -21.03 -8.74
N GLU D 79 -21.05 -21.16 -9.51
CA GLU D 79 -20.97 -21.60 -10.90
C GLU D 79 -21.58 -20.51 -11.77
N HIS D 80 -20.89 -20.18 -12.86
CA HIS D 80 -21.28 -19.02 -13.66
C HIS D 80 -22.40 -19.32 -14.65
N GLN D 81 -22.78 -20.58 -14.84
CA GLN D 81 -23.93 -20.87 -15.68
C GLN D 81 -25.25 -20.59 -14.99
N ILE D 82 -25.26 -20.48 -13.67
CA ILE D 82 -26.49 -20.15 -12.96
C ILE D 82 -26.99 -18.77 -13.38
N VAL D 83 -26.08 -17.78 -13.42
CA VAL D 83 -26.48 -16.45 -13.83
C VAL D 83 -26.78 -16.40 -15.32
N GLU D 84 -26.13 -17.25 -16.12
CA GLU D 84 -26.50 -17.35 -17.53
C GLU D 84 -27.95 -17.80 -17.69
N THR D 85 -28.35 -18.82 -16.93
CA THR D 85 -29.69 -19.37 -17.08
C THR D 85 -30.74 -18.45 -16.47
N LEU D 86 -30.45 -17.87 -15.30
CA LEU D 86 -31.45 -17.10 -14.59
C LEU D 86 -31.62 -15.70 -15.18
N CYS D 87 -30.55 -14.91 -15.18
CA CYS D 87 -30.63 -13.56 -15.74
C CYS D 87 -30.73 -13.64 -17.25
N PRO D 88 -31.80 -13.13 -17.85
CA PRO D 88 -31.96 -13.26 -19.31
C PRO D 88 -30.92 -12.47 -20.11
N GLY D 89 -30.79 -11.18 -19.81
CA GLY D 89 -29.92 -10.29 -20.56
C GLY D 89 -28.66 -9.97 -19.78
N LEU D 90 -27.51 -10.18 -20.42
CA LEU D 90 -26.22 -9.80 -19.87
C LEU D 90 -25.42 -9.10 -20.95
N LYS D 91 -24.83 -7.95 -20.61
CA LYS D 91 -23.96 -7.22 -21.52
C LYS D 91 -22.58 -7.09 -20.88
N ASP D 92 -21.55 -7.08 -21.72
CA ASP D 92 -20.17 -7.14 -21.23
C ASP D 92 -19.31 -6.16 -22.00
N GLU D 93 -18.76 -5.17 -21.30
CA GLU D 93 -17.73 -4.29 -21.83
C GLU D 93 -16.53 -4.34 -20.90
N VAL D 94 -15.36 -4.54 -21.46
CA VAL D 94 -14.14 -4.50 -20.67
C VAL D 94 -13.76 -3.04 -20.42
N MET D 95 -13.29 -2.75 -19.21
CA MET D 95 -12.95 -1.39 -18.84
C MET D 95 -11.48 -1.06 -19.07
N LYS D 96 -10.57 -1.91 -18.58
CA LYS D 96 -9.16 -1.66 -18.81
C LYS D 96 -8.39 -2.96 -18.86
N ILE D 97 -7.24 -2.90 -19.54
CA ILE D 97 -6.28 -4.00 -19.63
C ILE D 97 -4.95 -3.45 -19.17
N THR D 98 -4.66 -3.57 -17.87
CA THR D 98 -3.46 -2.99 -17.30
C THR D 98 -2.36 -4.04 -17.22
N PRO D 99 -1.18 -3.80 -17.83
CA PRO D 99 -0.07 -4.76 -17.69
C PRO D 99 0.70 -4.51 -16.40
N VAL D 100 0.70 -5.49 -15.51
CA VAL D 100 1.50 -5.45 -14.30
C VAL D 100 2.72 -6.34 -14.52
N GLN D 101 3.75 -6.12 -13.71
CA GLN D 101 5.04 -6.78 -13.91
C GLN D 101 5.60 -7.28 -12.58
N LYS D 102 6.34 -8.39 -12.66
CA LYS D 102 7.12 -8.91 -11.55
C LYS D 102 8.55 -9.10 -12.03
N GLN D 103 9.50 -8.48 -11.34
CA GLN D 103 10.89 -8.55 -11.77
C GLN D 103 11.52 -9.85 -11.30
N THR D 104 11.94 -10.68 -12.24
CA THR D 104 12.68 -11.90 -11.97
C THR D 104 14.15 -11.66 -12.25
N ARG D 105 14.98 -12.66 -11.95
CA ARG D 105 16.41 -12.54 -12.18
C ARG D 105 16.72 -12.34 -13.65
N ALA D 106 16.03 -13.09 -14.53
CA ALA D 106 16.25 -12.95 -15.95
C ALA D 106 15.73 -11.62 -16.47
N GLY D 107 14.43 -11.38 -16.32
CA GLY D 107 13.80 -10.16 -16.79
C GLY D 107 12.55 -9.85 -16.00
N GLN D 108 11.58 -9.25 -16.67
CA GLN D 108 10.31 -8.85 -16.06
C GLN D 108 9.19 -9.71 -16.63
N ARG D 109 8.59 -10.53 -15.79
CA ARG D 109 7.42 -11.33 -16.16
C ARG D 109 6.20 -10.42 -16.15
N THR D 110 5.57 -10.26 -17.31
CA THR D 110 4.44 -9.35 -17.45
C THR D 110 3.13 -10.15 -17.52
N ARG D 111 2.12 -9.67 -16.81
CA ARG D 111 0.80 -10.27 -16.83
C ARG D 111 -0.23 -9.18 -17.03
N PHE D 112 -1.24 -9.46 -17.85
CA PHE D 112 -2.26 -8.47 -18.17
C PHE D 112 -3.47 -8.72 -17.27
N LYS D 113 -3.91 -7.68 -16.57
CA LYS D 113 -5.05 -7.75 -15.68
C LYS D 113 -6.20 -6.96 -16.30
N ALA D 114 -7.34 -7.61 -16.48
CA ALA D 114 -8.48 -7.05 -17.18
C ALA D 114 -9.64 -6.84 -16.22
N PHE D 115 -10.34 -5.72 -16.42
CA PHE D 115 -11.53 -5.37 -15.67
C PHE D 115 -12.74 -5.50 -16.58
N VAL D 116 -13.80 -6.15 -16.09
CA VAL D 116 -15.02 -6.36 -16.84
C VAL D 116 -16.21 -5.99 -15.97
N VAL D 117 -17.21 -5.35 -16.58
CA VAL D 117 -18.45 -4.99 -15.91
C VAL D 117 -19.60 -5.71 -16.60
N VAL D 118 -20.43 -6.37 -15.81
CA VAL D 118 -21.54 -7.18 -16.30
C VAL D 118 -22.84 -6.65 -15.73
N GLY D 119 -23.94 -7.00 -16.39
CA GLY D 119 -25.26 -6.72 -15.86
C GLY D 119 -26.18 -6.01 -16.83
N ASP D 120 -27.40 -6.52 -16.98
CA ASP D 120 -28.42 -5.82 -17.73
C ASP D 120 -28.81 -4.54 -17.00
N SER D 121 -29.28 -3.55 -17.76
CA SER D 121 -29.61 -2.27 -17.16
C SER D 121 -30.99 -2.33 -16.51
N ASN D 122 -31.21 -3.34 -15.67
CA ASN D 122 -32.48 -3.49 -14.96
C ASN D 122 -32.21 -3.97 -13.54
N GLY D 123 -31.23 -3.36 -12.87
CA GLY D 123 -31.03 -3.59 -11.46
C GLY D 123 -29.96 -4.60 -11.07
N HIS D 124 -29.37 -5.30 -12.03
CA HIS D 124 -28.32 -6.27 -11.75
C HIS D 124 -27.00 -5.79 -12.34
N VAL D 125 -25.93 -5.92 -11.56
CA VAL D 125 -24.61 -5.47 -11.99
C VAL D 125 -23.56 -6.30 -11.27
N GLY D 126 -22.40 -6.46 -11.90
CA GLY D 126 -21.32 -7.22 -11.33
C GLY D 126 -19.99 -6.78 -11.88
N LEU D 127 -18.93 -7.09 -11.14
CA LEU D 127 -17.59 -6.64 -11.45
C LEU D 127 -16.61 -7.81 -11.40
N GLY D 128 -15.78 -7.93 -12.42
CA GLY D 128 -14.80 -9.00 -12.48
C GLY D 128 -13.42 -8.47 -12.77
N VAL D 129 -12.43 -9.00 -12.06
CA VAL D 129 -11.03 -8.63 -12.22
C VAL D 129 -10.23 -9.92 -12.40
N LYS D 130 -9.45 -10.00 -13.46
CA LYS D 130 -8.65 -11.20 -13.66
C LYS D 130 -7.30 -10.87 -14.28
N CYS D 131 -6.25 -11.39 -13.68
CA CYS D 131 -4.88 -11.20 -14.15
C CYS D 131 -4.38 -12.51 -14.74
N ALA D 132 -3.96 -12.48 -16.01
CA ALA D 132 -3.55 -13.69 -16.71
C ALA D 132 -2.28 -13.43 -17.51
N LYS D 133 -1.76 -14.51 -18.10
CA LYS D 133 -0.51 -14.41 -18.85
C LYS D 133 -0.69 -13.55 -20.10
N GLU D 134 -1.80 -13.73 -20.81
CA GLU D 134 -2.10 -12.92 -21.98
C GLU D 134 -3.56 -12.48 -21.93
N VAL D 135 -3.90 -11.52 -22.80
CA VAL D 135 -5.12 -10.75 -22.65
C VAL D 135 -6.38 -11.61 -22.83
N ALA D 136 -6.32 -12.63 -23.68
CA ALA D 136 -7.52 -13.39 -24.00
C ALA D 136 -8.07 -14.11 -22.76
N THR D 137 -7.21 -14.88 -22.09
CA THR D 137 -7.66 -15.59 -20.89
C THR D 137 -8.01 -14.63 -19.77
N ALA D 138 -7.30 -13.50 -19.67
CA ALA D 138 -7.64 -12.49 -18.67
C ALA D 138 -9.06 -11.98 -18.89
N ILE D 139 -9.40 -11.65 -20.14
CA ILE D 139 -10.73 -11.13 -20.43
C ILE D 139 -11.79 -12.19 -20.16
N ARG D 140 -11.53 -13.44 -20.58
CA ARG D 140 -12.52 -14.49 -20.38
C ARG D 140 -12.74 -14.77 -18.90
N GLY D 141 -11.67 -14.87 -18.12
CA GLY D 141 -11.81 -15.13 -16.70
C GLY D 141 -12.45 -13.96 -15.97
N ALA D 142 -12.15 -12.73 -16.39
CA ALA D 142 -12.79 -11.57 -15.78
C ALA D 142 -14.27 -11.54 -16.10
N ILE D 143 -14.66 -11.93 -17.31
CA ILE D 143 -16.08 -12.06 -17.64
C ILE D 143 -16.74 -13.08 -16.73
N ILE D 144 -16.09 -14.22 -16.54
CA ILE D 144 -16.65 -15.27 -15.68
C ILE D 144 -16.82 -14.75 -14.25
N LEU D 145 -15.80 -14.08 -13.72
CA LEU D 145 -15.87 -13.56 -12.36
C LEU D 145 -16.95 -12.50 -12.22
N ALA D 146 -17.05 -11.60 -13.20
CA ALA D 146 -18.08 -10.56 -13.16
C ALA D 146 -19.47 -11.18 -13.15
N LYS D 147 -19.70 -12.18 -14.01
CA LYS D 147 -20.98 -12.87 -13.99
C LYS D 147 -21.22 -13.57 -12.66
N LEU D 148 -20.15 -14.07 -12.04
CA LEU D 148 -20.29 -14.70 -10.73
C LEU D 148 -20.58 -13.71 -9.62
N SER D 149 -20.24 -12.43 -9.80
CA SER D 149 -20.35 -11.45 -8.72
C SER D 149 -21.55 -10.51 -8.90
N ILE D 150 -22.59 -10.94 -9.59
CA ILE D 150 -23.74 -10.08 -9.83
C ILE D 150 -24.49 -9.86 -8.52
N VAL D 151 -24.82 -8.59 -8.24
CA VAL D 151 -25.55 -8.23 -7.04
C VAL D 151 -26.76 -7.38 -7.44
N PRO D 152 -27.80 -7.31 -6.60
CA PRO D 152 -28.94 -6.44 -6.91
C PRO D 152 -28.75 -5.03 -6.36
N VAL D 153 -29.28 -4.06 -7.09
CA VAL D 153 -29.22 -2.65 -6.70
C VAL D 153 -30.63 -2.16 -6.44
N ARG D 154 -30.77 -1.26 -5.47
CA ARG D 154 -32.07 -0.71 -5.12
C ARG D 154 -32.25 0.63 -5.81
N ARG D 155 -33.36 0.78 -6.53
CA ARG D 155 -33.67 2.02 -7.22
C ARG D 155 -34.89 2.65 -6.56
N GLY D 156 -34.74 3.90 -6.13
CA GLY D 156 -35.79 4.64 -5.49
C GLY D 156 -36.26 5.81 -6.34
N TYR D 157 -36.93 6.75 -5.68
CA TYR D 157 -37.47 7.93 -6.33
C TYR D 157 -36.87 9.18 -5.69
N TRP D 158 -36.93 10.29 -6.44
CA TRP D 158 -36.40 11.54 -5.90
C TRP D 158 -37.41 12.19 -4.97
N GLY D 159 -38.57 12.60 -5.51
CA GLY D 159 -39.58 13.23 -4.70
C GLY D 159 -40.99 12.75 -4.95
N ASN D 160 -41.20 11.97 -6.01
CA ASN D 160 -42.54 11.54 -6.38
C ASN D 160 -42.48 10.15 -6.97
N LYS D 161 -43.62 9.46 -6.93
CA LYS D 161 -43.70 8.04 -7.26
C LYS D 161 -44.36 7.79 -8.62
N ILE D 162 -44.10 8.65 -9.60
CA ILE D 162 -44.45 8.33 -10.97
C ILE D 162 -43.57 7.17 -11.43
N GLY D 163 -44.19 6.16 -12.03
CA GLY D 163 -43.59 4.84 -12.19
C GLY D 163 -42.23 4.76 -12.85
N GLN D 164 -41.65 3.55 -12.87
CA GLN D 164 -40.29 3.29 -13.34
C GLN D 164 -39.26 4.04 -12.51
N PRO D 165 -38.97 3.60 -11.29
CA PRO D 165 -37.98 4.30 -10.47
C PRO D 165 -36.64 4.43 -11.17
N HIS D 166 -35.97 5.54 -10.93
CA HIS D 166 -34.83 5.95 -11.76
C HIS D 166 -33.60 6.35 -10.97
N THR D 167 -33.62 6.29 -9.65
CA THR D 167 -32.55 6.84 -8.85
C THR D 167 -32.28 5.94 -7.64
N VAL D 168 -31.09 6.10 -7.08
CA VAL D 168 -30.75 5.46 -5.80
C VAL D 168 -31.69 6.03 -4.75
N PRO D 169 -32.07 5.27 -3.73
CA PRO D 169 -33.07 5.75 -2.78
C PRO D 169 -32.52 6.73 -1.76
N CYS D 170 -31.23 6.61 -1.43
CA CYS D 170 -30.65 7.36 -0.32
C CYS D 170 -29.32 7.95 -0.77
N LYS D 171 -28.63 8.57 0.17
CA LYS D 171 -27.25 9.00 -0.05
C LYS D 171 -26.33 7.85 0.33
N VAL D 172 -25.63 7.31 -0.66
CA VAL D 172 -24.81 6.11 -0.48
C VAL D 172 -23.38 6.42 -0.89
N THR D 173 -22.44 5.86 -0.13
CA THR D 173 -21.01 6.08 -0.35
C THR D 173 -20.28 4.74 -0.34
N GLY D 174 -19.13 4.73 -1.00
CA GLY D 174 -18.30 3.54 -1.07
C GLY D 174 -16.83 3.89 -1.12
N LYS D 175 -16.04 3.24 -0.27
CA LYS D 175 -14.61 3.50 -0.16
C LYS D 175 -13.83 2.25 -0.56
N CYS D 176 -12.85 2.41 -1.43
CA CYS D 176 -11.96 1.31 -1.82
C CYS D 176 -10.53 1.81 -1.72
N GLY D 177 -9.94 1.67 -0.54
CA GLY D 177 -8.58 2.11 -0.31
C GLY D 177 -8.52 3.59 -0.03
N SER D 178 -8.58 4.42 -1.08
CA SER D 178 -8.57 5.87 -0.90
C SER D 178 -9.71 6.49 -1.67
N VAL D 179 -10.11 5.86 -2.78
CA VAL D 179 -11.16 6.38 -3.63
C VAL D 179 -12.48 6.22 -2.88
N THR D 180 -13.08 7.34 -2.51
CA THR D 180 -14.43 7.37 -1.97
C THR D 180 -15.36 7.97 -3.02
N VAL D 181 -16.46 7.29 -3.30
CA VAL D 181 -17.45 7.74 -4.27
C VAL D 181 -18.78 7.88 -3.55
N ARG D 182 -19.50 8.95 -3.86
CA ARG D 182 -20.81 9.21 -3.29
C ARG D 182 -21.80 9.43 -4.41
N MET D 183 -22.95 8.77 -4.32
CA MET D 183 -24.09 9.11 -5.16
C MET D 183 -25.29 9.55 -4.35
N VAL D 184 -25.93 10.60 -4.84
CA VAL D 184 -27.01 11.34 -4.21
C VAL D 184 -28.19 11.34 -5.19
N PRO D 185 -29.42 11.19 -4.71
CA PRO D 185 -30.57 11.16 -5.62
C PRO D 185 -30.69 12.42 -6.46
N ALA D 186 -31.15 12.25 -7.69
CA ALA D 186 -31.32 13.33 -8.65
C ALA D 186 -32.72 13.26 -9.27
N PRO D 187 -33.27 14.40 -9.71
CA PRO D 187 -34.60 14.41 -10.31
C PRO D 187 -34.67 13.64 -11.62
N ARG D 188 -35.86 13.61 -12.22
CA ARG D 188 -36.13 12.69 -13.32
C ARG D 188 -35.27 12.98 -14.54
N GLY D 189 -35.00 14.25 -14.83
CA GLY D 189 -34.32 14.63 -16.04
C GLY D 189 -32.83 14.92 -15.92
N SER D 190 -32.22 14.61 -14.79
CA SER D 190 -30.82 15.01 -14.58
C SER D 190 -29.87 14.24 -15.47
N GLY D 191 -30.01 12.91 -15.52
CA GLY D 191 -29.01 12.07 -16.15
C GLY D 191 -27.90 11.73 -15.19
N ILE D 192 -26.97 10.91 -15.68
CA ILE D 192 -25.84 10.48 -14.86
C ILE D 192 -24.79 11.58 -14.85
N VAL D 193 -24.45 12.05 -13.65
CA VAL D 193 -23.40 13.04 -13.48
C VAL D 193 -22.20 12.37 -12.82
N ALA D 194 -21.29 11.86 -13.64
CA ALA D 194 -20.16 11.10 -13.12
C ALA D 194 -19.09 11.03 -14.20
N ALA D 195 -17.92 10.53 -13.80
CA ALA D 195 -16.85 10.28 -14.75
C ALA D 195 -17.21 9.08 -15.63
N ARG D 196 -16.30 8.72 -16.53
CA ARG D 196 -16.60 7.67 -17.50
C ARG D 196 -16.85 6.33 -16.81
N VAL D 197 -16.05 6.00 -15.80
CA VAL D 197 -16.11 4.70 -15.14
C VAL D 197 -17.39 4.54 -14.34
N PRO D 198 -17.71 5.44 -13.39
CA PRO D 198 -19.01 5.31 -12.71
C PRO D 198 -20.18 5.43 -13.66
N LYS D 199 -20.04 6.21 -14.73
CA LYS D 199 -21.12 6.30 -15.71
C LYS D 199 -21.38 4.96 -16.36
N LYS D 200 -20.32 4.25 -16.75
CA LYS D 200 -20.51 2.92 -17.34
C LYS D 200 -21.13 1.96 -16.33
N VAL D 201 -20.63 1.98 -15.09
CA VAL D 201 -21.16 1.06 -14.08
C VAL D 201 -22.63 1.34 -13.82
N LEU D 202 -23.01 2.61 -13.72
CA LEU D 202 -24.40 2.96 -13.42
C LEU D 202 -25.31 2.71 -14.61
N GLN D 203 -24.80 2.93 -15.83
CA GLN D 203 -25.59 2.60 -17.01
C GLN D 203 -25.88 1.11 -17.07
N PHE D 204 -24.89 0.28 -16.76
CA PHE D 204 -25.13 -1.16 -16.72
C PHE D 204 -25.99 -1.57 -15.54
N ALA D 205 -25.97 -0.79 -14.45
CA ALA D 205 -26.84 -1.08 -13.31
C ALA D 205 -28.29 -0.67 -13.54
N GLY D 206 -28.57 0.15 -14.54
CA GLY D 206 -29.91 0.59 -14.82
C GLY D 206 -30.29 1.95 -14.28
N ILE D 207 -29.37 2.63 -13.58
CA ILE D 207 -29.66 3.95 -13.06
C ILE D 207 -29.80 4.94 -14.21
N ASP D 208 -30.73 5.87 -14.08
CA ASP D 208 -30.98 6.88 -15.11
C ASP D 208 -30.46 8.26 -14.73
N ASP D 209 -30.64 8.69 -13.48
CA ASP D 209 -30.19 9.99 -13.02
C ASP D 209 -29.58 9.86 -11.63
N VAL D 210 -28.46 10.55 -11.41
CA VAL D 210 -27.81 10.52 -10.11
C VAL D 210 -26.79 11.66 -10.06
N PHE D 211 -26.45 12.12 -8.86
CA PHE D 211 -25.41 13.11 -8.65
C PHE D 211 -24.24 12.46 -7.93
N THR D 212 -23.06 12.47 -8.54
CA THR D 212 -21.91 11.77 -7.98
C THR D 212 -20.82 12.75 -7.58
N SER D 213 -20.02 12.32 -6.60
CA SER D 213 -18.82 13.03 -6.18
C SER D 213 -17.67 12.04 -6.16
N SER D 214 -16.50 12.52 -5.76
CA SER D 214 -15.34 11.64 -5.68
C SER D 214 -14.27 12.29 -4.80
N ARG D 215 -13.49 11.43 -4.16
CA ARG D 215 -12.36 11.88 -3.36
C ARG D 215 -11.28 10.80 -3.43
N GLY D 216 -10.04 11.25 -3.36
CA GLY D 216 -8.91 10.34 -3.45
C GLY D 216 -8.41 10.20 -4.88
N SER D 217 -7.43 9.31 -5.03
CA SER D 217 -6.78 9.11 -6.32
C SER D 217 -7.70 8.30 -7.22
N THR D 218 -8.63 9.01 -7.86
CA THR D 218 -9.54 8.35 -8.79
C THR D 218 -8.85 7.93 -10.08
N LYS D 219 -7.60 8.33 -10.30
CA LYS D 219 -6.85 7.84 -11.45
C LYS D 219 -6.65 6.33 -11.36
N THR D 220 -6.62 5.79 -10.14
CA THR D 220 -6.53 4.34 -9.92
C THR D 220 -7.84 3.71 -10.34
N LEU D 221 -7.84 3.07 -11.52
CA LEU D 221 -9.08 2.52 -12.05
C LEU D 221 -9.62 1.39 -11.19
N GLY D 222 -8.74 0.51 -10.70
CA GLY D 222 -9.22 -0.60 -9.89
C GLY D 222 -9.99 -0.15 -8.68
N ASN D 223 -9.40 0.74 -7.88
CA ASN D 223 -10.07 1.24 -6.68
C ASN D 223 -11.31 2.06 -7.02
N PHE D 224 -11.26 2.88 -8.08
CA PHE D 224 -12.41 3.67 -8.47
C PHE D 224 -13.61 2.78 -8.78
N VAL D 225 -13.42 1.81 -9.67
CA VAL D 225 -14.53 0.97 -10.08
C VAL D 225 -14.96 0.05 -8.94
N LYS D 226 -14.03 -0.41 -8.09
CA LYS D 226 -14.41 -1.25 -6.97
C LYS D 226 -15.23 -0.47 -5.96
N ALA D 227 -14.88 0.80 -5.71
CA ALA D 227 -15.68 1.61 -4.80
C ALA D 227 -17.06 1.88 -5.38
N THR D 228 -17.15 2.17 -6.67
CA THR D 228 -18.46 2.38 -7.29
C THR D 228 -19.32 1.14 -7.14
N PHE D 229 -18.79 -0.03 -7.51
CA PHE D 229 -19.56 -1.26 -7.42
C PHE D 229 -19.91 -1.59 -5.96
N ASP D 230 -18.95 -1.40 -5.05
CA ASP D 230 -19.20 -1.68 -3.64
C ASP D 230 -20.34 -0.85 -3.09
N CYS D 231 -20.38 0.44 -3.41
CA CYS D 231 -21.46 1.26 -2.89
C CYS D 231 -22.77 0.98 -3.60
N LEU D 232 -22.72 0.55 -4.87
CA LEU D 232 -23.92 0.04 -5.51
C LEU D 232 -24.48 -1.16 -4.75
N MET D 233 -23.60 -2.00 -4.19
CA MET D 233 -24.09 -3.05 -3.30
C MET D 233 -24.73 -2.46 -2.04
N LYS D 234 -24.13 -1.42 -1.46
CA LYS D 234 -24.66 -0.80 -0.26
C LYS D 234 -26.01 -0.16 -0.48
N THR D 235 -26.36 0.17 -1.73
CA THR D 235 -27.66 0.79 -2.00
C THR D 235 -28.81 -0.05 -1.47
N TYR D 236 -28.64 -1.37 -1.40
CA TYR D 236 -29.69 -2.26 -0.90
C TYR D 236 -29.55 -2.51 0.60
N GLY D 237 -28.73 -1.73 1.29
CA GLY D 237 -28.42 -2.01 2.68
C GLY D 237 -29.03 -1.07 3.69
N PHE D 238 -29.36 0.14 3.26
CA PHE D 238 -29.95 1.11 4.18
C PHE D 238 -31.33 0.66 4.63
N LEU D 239 -31.63 0.90 5.91
CA LEU D 239 -32.92 0.50 6.49
C LEU D 239 -33.87 1.69 6.42
N THR D 240 -34.63 1.75 5.33
CA THR D 240 -35.63 2.79 5.18
C THR D 240 -36.83 2.50 6.08
N PRO D 241 -37.62 3.53 6.41
CA PRO D 241 -38.78 3.31 7.28
C PRO D 241 -39.82 2.37 6.68
N ASP D 242 -39.82 2.19 5.37
CA ASP D 242 -40.77 1.26 4.77
C ASP D 242 -40.36 -0.20 4.96
N PHE D 243 -39.06 -0.48 5.00
CA PHE D 243 -38.59 -1.85 5.14
C PHE D 243 -38.87 -2.44 6.52
N TRP D 244 -39.15 -1.62 7.53
CA TRP D 244 -39.17 -2.16 8.87
C TRP D 244 -40.52 -2.74 9.27
N ARG D 245 -41.34 -3.15 8.31
CA ARG D 245 -42.43 -4.06 8.60
C ARG D 245 -41.85 -5.41 8.98
N GLU D 246 -42.46 -6.06 9.98
CA GLU D 246 -41.89 -7.28 10.53
C GLU D 246 -41.75 -8.36 9.45
N THR D 247 -40.63 -9.08 9.49
CA THR D 247 -40.25 -10.01 8.45
C THR D 247 -40.90 -11.37 8.64
N THR D 248 -41.27 -11.99 7.52
CA THR D 248 -41.70 -13.37 7.49
C THR D 248 -40.62 -14.21 6.82
N PHE D 249 -40.53 -15.48 7.21
CA PHE D 249 -39.43 -16.34 6.78
C PHE D 249 -39.91 -17.40 5.82
N THR D 250 -39.06 -17.73 4.85
CA THR D 250 -39.37 -18.68 3.80
C THR D 250 -38.26 -19.73 3.76
N LYS D 251 -38.65 -20.97 3.47
CA LYS D 251 -37.69 -22.07 3.41
C LYS D 251 -36.63 -21.80 2.35
N ALA D 252 -35.37 -22.03 2.72
CA ALA D 252 -34.27 -21.86 1.80
C ALA D 252 -34.32 -22.93 0.71
N PRO D 253 -33.71 -22.68 -0.45
CA PRO D 253 -33.70 -23.70 -1.51
C PRO D 253 -33.05 -25.00 -1.07
N TYR D 254 -32.06 -24.95 -0.18
CA TYR D 254 -31.45 -26.17 0.34
C TYR D 254 -32.40 -26.96 1.22
N GLN D 255 -33.41 -26.31 1.80
CA GLN D 255 -34.28 -26.94 2.79
C GLN D 255 -35.61 -27.42 2.21
N GLU D 256 -36.20 -26.69 1.28
CA GLU D 256 -37.48 -27.10 0.72
C GLU D 256 -37.34 -27.94 -0.53
N PHE D 257 -36.12 -28.16 -1.02
CA PHE D 257 -35.86 -29.08 -2.12
C PHE D 257 -35.08 -30.31 -1.66
N THR D 258 -35.19 -30.65 -0.37
CA THR D 258 -34.48 -31.80 0.18
C THR D 258 -34.89 -33.12 -0.48
N ASP D 259 -36.10 -33.18 -1.02
CA ASP D 259 -36.60 -34.43 -1.60
C ASP D 259 -35.73 -34.89 -2.76
N ILE D 260 -35.30 -33.95 -3.60
CA ILE D 260 -34.53 -34.28 -4.80
C ILE D 260 -33.03 -34.08 -4.56
N LEU D 261 -32.60 -34.00 -3.30
CA LEU D 261 -31.20 -33.73 -2.99
C LEU D 261 -30.62 -34.72 -1.99
N ALA D 262 -31.26 -35.86 -1.78
CA ALA D 262 -30.75 -36.83 -0.79
C ALA D 262 -29.77 -37.79 -1.45
N LYS D 263 -30.25 -38.62 -2.38
CA LYS D 263 -29.32 -39.32 -3.26
C LYS D 263 -29.85 -39.55 -4.67
N PRO D 264 -30.46 -38.55 -5.35
CA PRO D 264 -30.60 -38.67 -6.81
C PRO D 264 -29.44 -37.95 -7.49
N THR D 265 -28.27 -38.60 -7.43
CA THR D 265 -26.98 -37.96 -7.73
C THR D 265 -27.01 -37.08 -8.98
N LYS D 266 -27.26 -37.69 -10.15
CA LYS D 266 -27.33 -36.92 -11.38
C LYS D 266 -28.43 -37.38 -12.33
N ALA D 267 -29.25 -38.35 -11.93
CA ALA D 267 -30.31 -38.85 -12.80
C ALA D 267 -31.61 -38.09 -12.57
N ALA E 2 -24.92 69.78 -9.83
CA ALA E 2 -24.10 69.75 -8.62
C ALA E 2 -24.02 71.12 -7.98
N ARG E 3 -23.66 72.12 -8.79
CA ARG E 3 -23.61 73.50 -8.32
C ARG E 3 -24.99 74.14 -8.23
N GLY E 4 -26.03 73.47 -8.72
CA GLY E 4 -27.37 73.98 -8.64
C GLY E 4 -28.44 72.96 -8.96
N LEU E 5 -29.51 73.41 -9.61
CA LEU E 5 -30.65 72.55 -9.90
C LEU E 5 -30.42 71.78 -11.19
N LYS E 6 -31.22 70.74 -11.38
CA LYS E 6 -31.17 69.88 -12.55
C LYS E 6 -32.45 70.03 -13.34
N LYS E 7 -32.33 70.24 -14.65
CA LYS E 7 -33.47 70.45 -15.52
C LYS E 7 -33.77 69.26 -16.42
N HIS E 8 -33.11 68.12 -16.19
CA HIS E 8 -33.25 66.95 -17.04
C HIS E 8 -33.66 65.75 -16.21
N LEU E 9 -34.46 64.87 -16.82
CA LEU E 9 -34.87 63.61 -16.20
C LEU E 9 -34.62 62.49 -17.19
N LYS E 10 -33.70 61.60 -16.84
CA LYS E 10 -33.40 60.46 -17.68
C LYS E 10 -34.57 59.47 -17.67
N ARG E 11 -34.78 58.81 -18.82
CA ARG E 11 -35.91 57.91 -18.94
C ARG E 11 -35.84 56.79 -17.91
N LEU E 12 -34.65 56.24 -17.69
CA LEU E 12 -34.50 55.16 -16.73
C LEU E 12 -34.70 55.63 -15.29
N ASN E 13 -34.63 56.93 -15.05
CA ASN E 13 -34.85 57.47 -13.72
C ASN E 13 -36.28 57.95 -13.50
N ALA E 14 -37.16 57.76 -14.47
CA ALA E 14 -38.54 58.19 -14.35
C ALA E 14 -39.29 57.32 -13.34
N PRO E 15 -40.36 57.84 -12.75
CA PRO E 15 -41.18 57.01 -11.85
C PRO E 15 -41.79 55.82 -12.57
N SER E 16 -41.97 54.73 -11.81
CA SER E 16 -42.39 53.47 -12.42
C SER E 16 -43.79 53.56 -13.03
N HIS E 17 -44.71 54.26 -12.36
CA HIS E 17 -46.07 54.34 -12.88
C HIS E 17 -46.15 55.07 -14.20
N TRP E 18 -45.12 55.81 -14.58
CA TRP E 18 -44.97 56.28 -15.96
C TRP E 18 -44.39 55.12 -16.75
N MET E 19 -45.27 54.24 -17.22
CA MET E 19 -44.78 53.12 -18.00
C MET E 19 -44.31 53.62 -19.35
N LEU E 20 -43.01 53.90 -19.43
CA LEU E 20 -42.39 54.50 -20.60
C LEU E 20 -41.49 53.46 -21.27
N ASP E 21 -41.57 53.39 -22.60
CA ASP E 21 -40.73 52.47 -23.34
C ASP E 21 -39.25 52.81 -23.11
N LYS E 22 -38.48 51.79 -22.75
CA LYS E 22 -37.08 52.01 -22.42
C LYS E 22 -36.28 52.53 -23.60
N LEU E 23 -36.51 51.98 -24.79
CA LEU E 23 -35.85 52.46 -26.00
C LEU E 23 -36.73 53.47 -26.75
N GLY E 24 -37.20 54.49 -26.03
CA GLY E 24 -38.00 55.53 -26.66
C GLY E 24 -37.26 56.85 -26.72
N GLY E 25 -36.15 56.93 -26.02
CA GLY E 25 -35.37 58.15 -25.96
C GLY E 25 -34.48 58.14 -24.73
N ALA E 26 -33.59 59.12 -24.68
CA ALA E 26 -32.67 59.25 -23.57
C ALA E 26 -33.25 60.05 -22.41
N PHE E 27 -34.32 60.79 -22.63
CA PHE E 27 -34.85 61.70 -21.62
C PHE E 27 -36.35 61.48 -21.44
N ALA E 28 -36.81 61.77 -20.23
CA ALA E 28 -38.21 61.77 -19.85
C ALA E 28 -38.61 63.18 -19.43
N PRO E 29 -39.90 63.53 -19.51
CA PRO E 29 -40.29 64.90 -19.18
C PRO E 29 -40.22 65.17 -17.70
N LYS E 30 -39.28 66.01 -17.28
CA LYS E 30 -39.18 66.35 -15.87
C LYS E 30 -40.41 67.13 -15.45
N PRO E 31 -41.09 66.73 -14.37
CA PRO E 31 -42.27 67.47 -13.94
C PRO E 31 -41.88 68.83 -13.39
N SER E 32 -42.67 69.84 -13.74
CA SER E 32 -42.42 71.18 -13.26
C SER E 32 -42.72 71.27 -11.77
N SER E 33 -42.26 72.36 -11.16
CA SER E 33 -42.69 72.67 -9.82
C SER E 33 -44.19 72.93 -9.82
N GLY E 34 -44.88 72.43 -8.81
CA GLY E 34 -46.32 72.56 -8.76
C GLY E 34 -46.92 72.00 -7.49
N PRO E 35 -48.23 71.80 -7.51
CA PRO E 35 -48.93 71.33 -6.30
C PRO E 35 -48.47 69.98 -5.81
N HIS E 36 -48.00 69.10 -6.69
CA HIS E 36 -47.73 67.72 -6.34
C HIS E 36 -46.23 67.41 -6.44
N LYS E 37 -45.83 66.35 -5.74
CA LYS E 37 -44.46 66.03 -5.36
C LYS E 37 -43.59 65.55 -6.50
N ALA E 38 -43.95 65.61 -7.78
CA ALA E 38 -43.08 65.31 -8.92
C ALA E 38 -42.69 63.85 -9.00
N ARG E 39 -43.04 63.04 -8.01
CA ARG E 39 -42.91 61.59 -8.09
C ARG E 39 -44.25 60.88 -7.98
N GLU E 40 -45.28 61.56 -7.48
CA GLU E 40 -46.64 61.07 -7.47
C GLU E 40 -47.53 61.96 -8.33
N CYS E 41 -47.03 62.33 -9.50
CA CYS E 41 -47.75 63.22 -10.39
C CYS E 41 -47.68 62.67 -11.81
N LEU E 42 -48.68 63.05 -12.62
CA LEU E 42 -48.73 62.69 -14.03
C LEU E 42 -48.72 63.96 -14.87
N PRO E 43 -47.58 64.33 -15.44
CA PRO E 43 -47.53 65.58 -16.21
C PRO E 43 -48.46 65.55 -17.41
N LEU E 44 -48.89 66.74 -17.82
CA LEU E 44 -49.85 66.86 -18.91
C LEU E 44 -49.33 66.23 -20.20
N ILE E 45 -48.01 66.26 -20.40
CA ILE E 45 -47.43 65.63 -21.57
C ILE E 45 -47.76 64.14 -21.59
N LEU E 46 -47.79 63.51 -20.41
CA LEU E 46 -48.15 62.12 -20.26
C LEU E 46 -49.66 61.91 -20.13
N ILE E 47 -50.46 62.88 -20.57
CA ILE E 47 -51.92 62.72 -20.56
C ILE E 47 -52.42 62.77 -22.00
N LEU E 48 -52.15 63.88 -22.69
CA LEU E 48 -52.47 63.97 -24.10
C LEU E 48 -51.65 62.99 -24.92
N ARG E 49 -50.57 62.46 -24.36
CA ARG E 49 -49.80 61.39 -24.94
C ARG E 49 -49.64 60.29 -23.90
N ASN E 50 -49.47 59.05 -24.37
CA ASN E 50 -49.20 57.89 -23.52
C ASN E 50 -50.40 57.46 -22.69
N ARG E 51 -51.46 58.26 -22.68
CA ARG E 51 -52.71 57.84 -22.06
C ARG E 51 -53.89 58.08 -22.98
N LEU E 52 -53.89 59.18 -23.72
CA LEU E 52 -54.82 59.41 -24.81
C LEU E 52 -54.01 59.56 -26.09
N LYS E 53 -54.59 59.13 -27.20
CA LYS E 53 -53.94 59.28 -28.49
C LYS E 53 -54.21 60.65 -29.12
N TYR E 54 -54.57 61.63 -28.30
CA TYR E 54 -54.88 62.96 -28.82
C TYR E 54 -53.66 63.58 -29.49
N ALA E 55 -52.49 63.44 -28.86
CA ALA E 55 -51.25 64.00 -29.39
C ALA E 55 -50.25 62.87 -29.64
N LEU E 56 -49.42 63.06 -30.66
CA LEU E 56 -48.48 62.03 -31.08
C LEU E 56 -47.02 62.33 -30.75
N THR E 57 -46.67 63.58 -30.47
CA THR E 57 -45.26 63.96 -30.29
C THR E 57 -45.17 65.05 -29.24
N TYR E 58 -43.93 65.42 -28.91
CA TYR E 58 -43.65 66.61 -28.11
C TYR E 58 -43.64 67.79 -29.08
N ARG E 59 -44.65 67.84 -29.95
CA ARG E 59 -44.92 69.02 -30.76
C ARG E 59 -46.40 69.29 -30.95
N GLU E 60 -47.28 68.33 -30.68
CA GLU E 60 -48.71 68.54 -30.75
C GLU E 60 -49.34 68.65 -29.37
N VAL E 61 -48.66 68.20 -28.33
CA VAL E 61 -49.07 68.55 -26.97
C VAL E 61 -49.01 70.06 -26.79
N GLN E 62 -47.92 70.68 -27.24
CA GLN E 62 -47.84 72.13 -27.25
C GLN E 62 -48.87 72.74 -28.19
N SER E 63 -49.08 72.11 -29.34
CA SER E 63 -50.01 72.65 -30.33
C SER E 63 -51.45 72.66 -29.85
N ILE E 64 -51.77 71.91 -28.80
CA ILE E 64 -53.12 71.93 -28.22
C ILE E 64 -53.16 72.56 -26.84
N LEU E 65 -52.01 72.72 -26.18
CA LEU E 65 -52.01 73.52 -24.96
C LEU E 65 -52.05 75.01 -25.27
N MET E 66 -51.41 75.43 -26.36
CA MET E 66 -51.42 76.85 -26.73
C MET E 66 -52.82 77.29 -27.16
N GLN E 67 -53.67 76.37 -27.57
CA GLN E 67 -55.05 76.73 -27.84
C GLN E 67 -55.88 76.83 -26.58
N ARG E 68 -55.24 76.66 -25.43
CA ARG E 68 -55.89 76.77 -24.13
C ARG E 68 -57.04 75.76 -24.00
N HIS E 69 -56.77 74.52 -24.39
CA HIS E 69 -57.78 73.47 -24.44
C HIS E 69 -57.81 72.61 -23.17
N ILE E 70 -56.91 72.81 -22.22
CA ILE E 70 -56.81 71.98 -21.04
C ILE E 70 -57.11 72.82 -19.82
N MET E 71 -58.03 72.34 -18.97
CA MET E 71 -58.51 73.07 -17.81
C MET E 71 -58.42 72.15 -16.60
N VAL E 72 -57.27 72.13 -15.95
CA VAL E 72 -57.04 71.29 -14.78
C VAL E 72 -57.41 72.06 -13.52
N ASP E 73 -58.23 71.43 -12.67
CA ASP E 73 -58.65 72.01 -11.40
C ASP E 73 -59.33 73.36 -11.61
N GLY E 74 -60.16 73.45 -12.64
CA GLY E 74 -60.89 74.67 -12.92
C GLY E 74 -60.01 75.86 -13.28
N LYS E 75 -59.01 75.64 -14.13
CA LYS E 75 -58.12 76.70 -14.55
C LYS E 75 -57.33 76.24 -15.76
N VAL E 76 -57.22 77.12 -16.76
CA VAL E 76 -56.48 76.77 -17.98
C VAL E 76 -55.00 76.72 -17.64
N ARG E 77 -54.36 75.61 -18.02
CA ARG E 77 -52.93 75.42 -17.80
C ARG E 77 -52.25 75.16 -19.12
N THR E 78 -51.06 75.74 -19.29
CA THR E 78 -50.30 75.63 -20.52
C THR E 78 -49.00 74.85 -20.36
N ASP E 79 -48.38 74.91 -19.19
CA ASP E 79 -47.15 74.18 -18.94
C ASP E 79 -47.35 72.69 -19.16
N LYS E 80 -46.69 72.14 -20.18
CA LYS E 80 -46.92 70.75 -20.56
C LYS E 80 -46.44 69.76 -19.50
N THR E 81 -45.56 70.18 -18.61
CA THR E 81 -45.10 69.34 -17.52
C THR E 81 -45.71 69.74 -16.18
N TYR E 82 -46.90 70.31 -16.21
CA TYR E 82 -47.59 70.67 -14.98
C TYR E 82 -47.98 69.40 -14.23
N PRO E 83 -47.66 69.29 -12.95
CA PRO E 83 -47.85 68.03 -12.21
C PRO E 83 -49.25 67.79 -11.66
N ALA E 84 -50.13 67.27 -12.52
CA ALA E 84 -51.41 66.75 -12.07
C ALA E 84 -51.16 65.47 -11.29
N GLY E 85 -51.46 65.48 -9.99
CA GLY E 85 -50.94 64.42 -9.15
C GLY E 85 -51.91 63.47 -8.48
N PHE E 86 -53.10 63.93 -8.10
CA PHE E 86 -54.09 63.01 -7.55
C PHE E 86 -55.47 63.66 -7.49
N MET E 87 -56.46 63.02 -8.08
CA MET E 87 -57.85 63.45 -8.05
C MET E 87 -58.06 64.81 -8.68
N ASP E 88 -57.06 65.35 -9.36
CA ASP E 88 -57.22 66.60 -10.09
C ASP E 88 -58.25 66.42 -11.18
N ILE E 89 -59.14 67.40 -11.32
CA ILE E 89 -60.17 67.33 -12.34
C ILE E 89 -59.59 67.88 -13.64
N ILE E 90 -59.03 67.00 -14.47
CA ILE E 90 -58.62 67.39 -15.81
C ILE E 90 -59.90 67.53 -16.62
N SER E 91 -60.39 68.75 -16.74
CA SER E 91 -61.66 69.01 -17.41
C SER E 91 -61.33 69.53 -18.80
N ILE E 92 -61.42 68.65 -19.79
CA ILE E 92 -61.24 69.08 -21.18
C ILE E 92 -62.55 69.71 -21.62
N PRO E 93 -62.56 71.01 -21.95
CA PRO E 93 -63.78 71.63 -22.47
C PRO E 93 -64.04 71.21 -23.90
N LYS E 94 -65.01 71.85 -24.55
CA LYS E 94 -65.33 71.56 -25.94
C LYS E 94 -65.92 70.16 -26.03
N THR E 95 -65.06 69.14 -25.94
CA THR E 95 -65.54 67.76 -26.02
C THR E 95 -66.13 67.29 -24.68
N GLY E 96 -65.73 67.90 -23.57
CA GLY E 96 -66.23 67.50 -22.27
C GLY E 96 -65.66 66.20 -21.74
N GLU E 97 -64.37 66.20 -21.40
CA GLU E 97 -63.74 65.00 -20.85
C GLU E 97 -63.29 65.18 -19.42
N ASN E 98 -64.18 65.68 -18.56
CA ASN E 98 -63.89 65.76 -17.14
C ASN E 98 -63.37 64.42 -16.62
N TYR E 99 -62.12 64.38 -16.18
CA TYR E 99 -61.47 63.17 -15.71
C TYR E 99 -60.94 63.41 -14.31
N ARG E 100 -61.22 62.48 -13.40
CA ARG E 100 -60.57 62.47 -12.10
C ARG E 100 -59.38 61.53 -12.16
N LEU E 101 -58.23 62.00 -11.66
CA LEU E 101 -57.02 61.19 -11.63
C LEU E 101 -57.07 60.28 -10.42
N LEU E 102 -57.47 59.03 -10.63
CA LEU E 102 -57.58 58.07 -9.55
C LEU E 102 -56.45 57.05 -9.64
N TYR E 103 -56.27 56.30 -8.56
CA TYR E 103 -55.17 55.35 -8.45
C TYR E 103 -55.67 53.96 -8.77
N ASP E 104 -55.08 53.34 -9.80
CA ASP E 104 -55.38 51.95 -10.12
C ASP E 104 -54.86 51.04 -9.02
N THR E 105 -55.46 49.85 -8.93
CA THR E 105 -55.08 48.90 -7.88
C THR E 105 -53.63 48.45 -8.00
N LYS E 106 -53.01 48.66 -9.16
CA LYS E 106 -51.60 48.31 -9.38
C LYS E 106 -50.69 49.53 -9.26
N GLY E 107 -51.14 50.60 -8.60
CA GLY E 107 -50.34 51.79 -8.44
C GLY E 107 -50.31 52.70 -9.64
N ARG E 108 -51.10 52.42 -10.67
CA ARG E 108 -51.11 53.22 -11.89
C ARG E 108 -51.95 54.47 -11.68
N PHE E 109 -52.06 55.28 -12.74
CA PHE E 109 -52.93 56.44 -12.76
C PHE E 109 -53.99 56.25 -13.82
N ARG E 110 -55.25 56.45 -13.45
CA ARG E 110 -56.37 56.23 -14.35
C ARG E 110 -57.22 57.49 -14.44
N LEU E 111 -57.71 57.78 -15.63
CA LEU E 111 -58.55 58.94 -15.90
C LEU E 111 -60.00 58.50 -15.80
N HIS E 112 -60.54 58.49 -14.58
CA HIS E 112 -61.92 58.09 -14.39
C HIS E 112 -62.84 59.17 -14.92
N SER E 113 -63.64 58.85 -15.93
CA SER E 113 -64.49 59.83 -16.60
C SER E 113 -65.70 60.11 -15.72
N VAL E 114 -65.65 61.21 -14.98
CA VAL E 114 -66.74 61.59 -14.11
C VAL E 114 -67.71 62.47 -14.88
N ARG E 115 -68.92 62.59 -14.36
CA ARG E 115 -69.92 63.46 -14.97
C ARG E 115 -69.60 64.92 -14.68
N ASP E 116 -70.13 65.80 -15.53
CA ASP E 116 -69.74 67.21 -15.49
C ASP E 116 -70.11 67.87 -14.16
N GLU E 117 -71.32 67.59 -13.66
CA GLU E 117 -71.74 68.24 -12.41
C GLU E 117 -70.93 67.75 -11.22
N ASP E 118 -70.41 66.53 -11.29
CA ASP E 118 -69.49 66.04 -10.25
C ASP E 118 -68.08 66.57 -10.43
N ALA E 119 -67.80 67.23 -11.54
CA ALA E 119 -66.48 67.78 -11.83
C ALA E 119 -66.31 69.21 -11.33
N LYS E 120 -67.34 69.80 -10.73
CA LYS E 120 -67.25 71.15 -10.22
C LYS E 120 -66.60 71.21 -8.84
N PHE E 121 -66.32 70.07 -8.22
CA PHE E 121 -65.70 70.01 -6.92
C PHE E 121 -64.58 68.97 -6.95
N LYS E 122 -63.80 68.94 -5.88
CA LYS E 122 -62.81 67.89 -5.68
C LYS E 122 -62.66 67.67 -4.18
N LEU E 123 -61.67 66.88 -3.80
CA LEU E 123 -61.35 66.70 -2.39
C LEU E 123 -59.85 66.86 -2.19
N CYS E 124 -59.48 67.32 -1.01
CA CYS E 124 -58.09 67.55 -0.67
C CYS E 124 -57.79 67.02 0.73
N LYS E 125 -56.63 66.40 0.89
CA LYS E 125 -56.14 66.03 2.20
C LYS E 125 -55.51 67.25 2.87
N VAL E 126 -55.55 67.26 4.20
CA VAL E 126 -55.27 68.46 4.98
C VAL E 126 -54.00 68.24 5.78
N ARG E 127 -53.02 69.11 5.57
CA ARG E 127 -51.81 69.15 6.38
C ARG E 127 -52.10 69.90 7.67
N SER E 128 -51.04 70.30 8.39
CA SER E 128 -51.23 70.96 9.69
C SER E 128 -52.12 72.19 9.56
N VAL E 129 -52.73 72.57 10.69
CA VAL E 129 -53.58 73.75 10.77
C VAL E 129 -53.08 74.58 11.95
N GLN E 130 -52.62 75.80 11.68
CA GLN E 130 -52.06 76.64 12.73
C GLN E 130 -52.50 78.08 12.48
N PHE E 131 -51.91 79.00 13.24
CA PHE E 131 -52.29 80.40 13.21
C PHE E 131 -51.35 81.18 12.31
N GLY E 132 -51.92 81.98 11.41
CA GLY E 132 -51.14 82.83 10.54
C GLY E 132 -50.83 84.17 11.17
N GLN E 133 -50.33 85.08 10.34
CA GLN E 133 -50.09 86.43 10.80
C GLN E 133 -51.40 87.12 11.14
N LYS E 134 -51.35 88.00 12.13
CA LYS E 134 -52.53 88.63 12.72
C LYS E 134 -53.45 87.62 13.38
N GLY E 135 -52.94 86.42 13.67
CA GLY E 135 -53.76 85.40 14.30
C GLY E 135 -54.91 84.90 13.45
N ILE E 136 -54.67 84.69 12.16
CA ILE E 136 -55.69 84.22 11.24
C ILE E 136 -55.38 82.76 10.92
N PRO E 137 -56.20 81.81 11.37
CA PRO E 137 -55.95 80.40 11.04
C PRO E 137 -56.10 80.13 9.56
N TYR E 138 -55.34 79.15 9.06
CA TYR E 138 -55.36 78.79 7.66
C TYR E 138 -55.21 77.27 7.53
N LEU E 139 -55.50 76.78 6.32
CA LEU E 139 -55.73 75.35 6.11
C LEU E 139 -54.46 74.61 5.69
N ASN E 140 -53.85 75.00 4.58
CA ASN E 140 -52.60 74.40 4.10
C ASN E 140 -52.79 72.91 3.80
N THR E 141 -53.53 72.63 2.73
CA THR E 141 -53.80 71.26 2.33
C THR E 141 -52.55 70.59 1.77
N TYR E 142 -52.71 69.36 1.30
CA TYR E 142 -51.61 68.53 0.80
C TYR E 142 -51.34 68.69 -0.69
N ASP E 143 -52.07 69.56 -1.39
CA ASP E 143 -51.82 69.81 -2.79
C ASP E 143 -51.48 71.27 -3.02
N GLY E 144 -50.70 71.85 -2.12
CA GLY E 144 -50.27 73.23 -2.21
C GLY E 144 -51.33 74.25 -1.88
N ARG E 145 -52.60 73.89 -1.89
CA ARG E 145 -53.67 74.83 -1.62
C ARG E 145 -53.64 75.30 -0.17
N THR E 146 -54.01 76.56 0.04
CA THR E 146 -54.09 77.14 1.37
C THR E 146 -55.37 77.95 1.46
N ILE E 147 -56.16 77.71 2.51
CA ILE E 147 -57.46 78.35 2.68
C ILE E 147 -57.47 79.04 4.04
N ARG E 148 -57.77 80.33 4.02
CA ARG E 148 -57.86 81.10 5.26
C ARG E 148 -59.24 80.94 5.88
N TYR E 149 -59.30 81.19 7.19
CA TYR E 149 -60.52 81.09 7.98
C TYR E 149 -61.20 79.74 7.80
N PRO E 150 -60.62 78.66 8.31
CA PRO E 150 -61.29 77.36 8.27
C PRO E 150 -62.19 77.14 9.48
N ASP E 151 -63.14 76.25 9.30
CA ASP E 151 -64.05 75.90 10.40
C ASP E 151 -63.25 75.24 11.52
N PRO E 152 -63.46 75.63 12.78
CA PRO E 152 -62.60 75.12 13.86
C PRO E 152 -62.65 73.61 14.06
N LEU E 153 -63.70 72.94 13.58
CA LEU E 153 -63.74 71.48 13.73
C LEU E 153 -62.70 70.80 12.86
N ILE E 154 -62.34 71.39 11.73
CA ILE E 154 -61.35 70.80 10.83
C ILE E 154 -60.01 70.72 11.54
N LYS E 155 -59.35 69.56 11.42
CA LYS E 155 -58.04 69.38 12.02
C LYS E 155 -57.09 68.73 11.03
N ALA E 156 -55.90 68.34 11.49
CA ALA E 156 -54.90 67.76 10.61
C ALA E 156 -55.35 66.40 10.11
N ASN E 157 -54.84 66.03 8.94
CA ASN E 157 -55.04 64.74 8.29
C ASN E 157 -56.49 64.51 7.86
N ASP E 158 -57.35 65.51 8.01
CA ASP E 158 -58.74 65.39 7.58
C ASP E 158 -58.81 65.40 6.06
N THR E 159 -60.03 65.35 5.53
CA THR E 159 -60.23 65.57 4.11
C THR E 159 -61.36 66.57 3.93
N ILE E 160 -61.26 67.40 2.90
CA ILE E 160 -62.20 68.47 2.66
C ILE E 160 -62.73 68.37 1.23
N LYS E 161 -64.04 68.55 1.07
CA LYS E 161 -64.65 68.65 -0.24
C LYS E 161 -64.65 70.12 -0.63
N LEU E 162 -63.90 70.44 -1.67
CA LEU E 162 -63.54 71.82 -2.01
C LEU E 162 -64.13 72.17 -3.37
N ASP E 163 -64.87 73.27 -3.41
CA ASP E 163 -65.46 73.76 -4.65
C ASP E 163 -64.41 74.45 -5.51
N LEU E 164 -64.71 74.56 -6.80
CA LEU E 164 -63.73 75.05 -7.76
C LEU E 164 -64.05 76.47 -8.26
N GLU E 165 -65.25 76.69 -8.79
CA GLU E 165 -65.60 78.02 -9.28
C GLU E 165 -65.66 79.02 -8.14
N THR E 166 -66.21 78.62 -7.00
CA THR E 166 -66.26 79.44 -5.80
C THR E 166 -65.51 78.65 -4.73
N ASN E 167 -64.20 78.88 -4.64
CA ASN E 167 -63.35 78.02 -3.83
C ASN E 167 -63.59 78.20 -2.35
N LYS E 168 -64.47 77.37 -1.79
CA LYS E 168 -64.74 77.35 -0.36
C LYS E 168 -65.05 75.91 0.03
N ILE E 169 -64.78 75.58 1.30
CA ILE E 169 -64.99 74.23 1.78
C ILE E 169 -66.50 74.00 1.93
N VAL E 170 -67.00 72.97 1.24
CA VAL E 170 -68.42 72.66 1.31
C VAL E 170 -68.72 71.79 2.52
N ASP E 171 -67.91 70.74 2.72
CA ASP E 171 -68.01 69.88 3.89
C ASP E 171 -66.68 69.15 4.05
N PHE E 172 -66.60 68.29 5.05
CA PHE E 172 -65.34 67.63 5.35
C PHE E 172 -65.61 66.32 6.08
N ILE E 173 -64.61 65.45 6.04
CA ILE E 173 -64.62 64.19 6.77
C ILE E 173 -63.40 64.15 7.69
N LYS E 174 -63.64 63.85 8.95
CA LYS E 174 -62.58 63.69 9.93
C LYS E 174 -61.83 62.39 9.70
N PHE E 175 -60.66 62.29 10.31
CA PHE E 175 -59.85 61.07 10.24
C PHE E 175 -60.15 60.22 11.47
N ASP E 176 -60.88 59.13 11.26
CA ASP E 176 -61.27 58.26 12.35
C ASP E 176 -61.56 56.87 11.79
N VAL E 177 -61.63 55.89 12.68
CA VAL E 177 -61.92 54.52 12.27
C VAL E 177 -63.33 54.44 11.72
N GLY E 178 -63.54 53.51 10.79
CA GLY E 178 -64.84 53.33 10.18
C GLY E 178 -65.11 54.17 8.95
N ASN E 179 -64.08 54.80 8.38
CA ASN E 179 -64.23 55.65 7.21
C ASN E 179 -63.55 55.02 6.01
N VAL E 180 -64.13 55.23 4.83
CA VAL E 180 -63.51 54.75 3.60
C VAL E 180 -62.20 55.47 3.38
N VAL E 181 -61.17 54.71 3.02
CA VAL E 181 -59.83 55.26 2.80
C VAL E 181 -59.24 54.62 1.55
N MET E 182 -58.64 55.42 0.69
CA MET E 182 -57.87 54.95 -0.44
C MET E 182 -56.40 55.21 -0.17
N VAL E 183 -55.56 54.21 -0.45
CA VAL E 183 -54.13 54.32 -0.22
C VAL E 183 -53.47 54.87 -1.49
N THR E 184 -52.61 55.87 -1.32
CA THR E 184 -52.00 56.58 -2.44
C THR E 184 -50.48 56.51 -2.42
N GLY E 185 -49.90 55.57 -1.71
CA GLY E 185 -48.45 55.45 -1.66
C GLY E 185 -48.03 54.03 -1.31
N GLY E 186 -46.88 53.65 -1.83
CA GLY E 186 -46.33 52.33 -1.54
C GLY E 186 -46.94 51.25 -2.42
N ARG E 187 -46.80 50.01 -1.95
CA ARG E 187 -47.28 48.86 -2.71
C ARG E 187 -48.80 48.74 -2.65
N ASN E 188 -49.42 49.25 -1.58
CA ASN E 188 -50.86 49.15 -1.41
C ASN E 188 -51.61 50.28 -2.09
N THR E 189 -50.99 50.94 -3.06
CA THR E 189 -51.61 52.08 -3.73
C THR E 189 -52.85 51.64 -4.48
N GLY E 190 -53.91 52.46 -4.37
CA GLY E 190 -55.13 52.20 -5.11
C GLY E 190 -56.09 51.22 -4.48
N ARG E 191 -55.86 50.82 -3.23
CA ARG E 191 -56.72 49.85 -2.54
C ARG E 191 -57.60 50.60 -1.55
N VAL E 192 -58.91 50.46 -1.72
CA VAL E 192 -59.87 51.14 -0.85
C VAL E 192 -60.27 50.19 0.27
N GLY E 193 -60.59 50.77 1.43
CA GLY E 193 -60.95 49.95 2.57
C GLY E 193 -61.54 50.80 3.67
N VAL E 194 -61.69 50.19 4.85
CA VAL E 194 -62.22 50.86 6.03
C VAL E 194 -61.19 50.74 7.14
N ILE E 195 -60.88 51.87 7.79
CA ILE E 195 -59.89 51.85 8.86
C ILE E 195 -60.45 51.09 10.05
N LYS E 196 -59.68 50.13 10.57
CA LYS E 196 -60.09 49.35 11.73
C LYS E 196 -59.55 49.91 13.03
N ASN E 197 -58.24 50.19 13.08
CA ASN E 197 -57.66 50.84 14.25
C ASN E 197 -56.38 51.54 13.81
N ARG E 198 -56.02 52.57 14.57
CA ARG E 198 -54.79 53.32 14.35
C ARG E 198 -53.87 53.10 15.53
N GLU E 199 -52.62 52.76 15.24
CA GLU E 199 -51.61 52.50 16.26
C GLU E 199 -50.62 53.65 16.27
N LYS E 200 -50.36 54.18 17.47
CA LYS E 200 -49.57 55.38 17.64
C LYS E 200 -48.26 55.04 18.35
N HIS E 201 -47.15 55.48 17.76
CA HIS E 201 -45.83 55.29 18.35
C HIS E 201 -45.23 56.66 18.59
N LYS E 202 -44.92 56.95 19.86
CA LYS E 202 -44.40 58.25 20.23
C LYS E 202 -43.02 58.44 19.61
N GLY E 203 -42.94 59.28 18.58
CA GLY E 203 -41.68 59.55 17.92
C GLY E 203 -41.76 59.50 16.40
N THR E 204 -42.54 58.57 15.87
CA THR E 204 -42.66 58.40 14.42
C THR E 204 -43.68 57.32 14.11
N PHE E 205 -43.95 57.16 12.82
CA PHE E 205 -44.52 55.93 12.25
C PHE E 205 -45.90 55.60 12.85
N GLU E 206 -46.85 56.48 12.55
CA GLU E 206 -48.25 56.18 12.81
C GLU E 206 -48.74 55.18 11.77
N THR E 207 -49.10 53.98 12.21
CA THR E 207 -49.49 52.89 11.31
C THR E 207 -50.99 52.71 11.32
N ILE E 208 -51.58 52.61 10.13
CA ILE E 208 -53.03 52.48 9.96
C ILE E 208 -53.31 51.09 9.41
N HIS E 209 -54.27 50.40 10.03
CA HIS E 209 -54.72 49.09 9.59
C HIS E 209 -56.07 49.23 8.92
N VAL E 210 -56.20 48.67 7.71
CA VAL E 210 -57.37 48.85 6.87
C VAL E 210 -57.91 47.47 6.51
N GLU E 211 -59.24 47.39 6.41
CA GLU E 211 -59.97 46.18 6.09
C GLU E 211 -60.61 46.37 4.72
N ASP E 212 -60.30 45.47 3.80
CA ASP E 212 -60.85 45.56 2.46
C ASP E 212 -62.32 45.15 2.45
N ALA E 213 -63.04 45.59 1.42
CA ALA E 213 -64.45 45.22 1.29
C ALA E 213 -64.61 43.71 1.11
N GLN E 214 -63.72 43.09 0.35
CA GLN E 214 -63.80 41.66 0.07
C GLN E 214 -63.15 40.80 1.16
N GLY E 215 -62.86 41.36 2.33
CA GLY E 215 -62.38 40.61 3.46
C GLY E 215 -60.90 40.73 3.74
N HIS E 216 -60.12 41.27 2.80
CA HIS E 216 -58.68 41.34 2.99
C HIS E 216 -58.30 42.46 3.96
N GLN E 217 -57.12 42.33 4.55
CA GLN E 217 -56.63 43.27 5.54
C GLN E 217 -55.19 43.65 5.23
N PHE E 218 -54.88 44.94 5.33
CA PHE E 218 -53.53 45.40 5.03
C PHE E 218 -53.25 46.66 5.82
N ALA E 219 -51.96 46.92 6.07
CA ALA E 219 -51.54 48.06 6.86
C ALA E 219 -50.67 48.98 6.01
N THR E 220 -50.56 50.22 6.46
CA THR E 220 -49.74 51.22 5.79
C THR E 220 -49.43 52.34 6.77
N ARG E 221 -48.80 53.40 6.27
CA ARG E 221 -48.42 54.53 7.10
C ARG E 221 -49.60 55.47 7.29
N LEU E 222 -49.42 56.45 8.19
CA LEU E 222 -50.42 57.50 8.32
C LEU E 222 -50.49 58.32 7.04
N GLY E 223 -49.34 58.62 6.45
CA GLY E 223 -49.31 59.12 5.09
C GLY E 223 -49.73 58.02 4.13
N ASN E 224 -49.82 58.40 2.86
CA ASN E 224 -50.23 57.54 1.75
C ASN E 224 -51.70 57.15 1.83
N VAL E 225 -52.43 57.54 2.87
CA VAL E 225 -53.85 57.25 2.98
C VAL E 225 -54.62 58.53 2.72
N PHE E 226 -55.88 58.36 2.30
CA PHE E 226 -56.70 59.49 1.91
C PHE E 226 -58.14 59.10 2.19
N THR E 227 -58.76 59.75 3.19
CA THR E 227 -60.15 59.48 3.49
C THR E 227 -61.03 59.95 2.34
N ILE E 228 -62.00 59.11 1.96
CA ILE E 228 -62.80 59.31 0.76
C ILE E 228 -64.24 59.68 1.12
N GLY E 229 -64.87 58.91 2.01
CA GLY E 229 -66.25 59.15 2.35
C GLY E 229 -66.55 58.78 3.78
N LYS E 230 -67.63 59.36 4.29
CA LYS E 230 -68.06 59.06 5.65
C LYS E 230 -68.65 57.66 5.73
N GLY E 231 -68.33 56.95 6.80
CA GLY E 231 -68.83 55.59 6.94
C GLY E 231 -68.21 54.68 5.90
N THR E 232 -69.07 53.96 5.17
CA THR E 232 -68.63 52.99 4.17
C THR E 232 -69.09 53.37 2.76
N LYS E 233 -69.46 54.63 2.54
CA LYS E 233 -69.95 55.06 1.23
C LYS E 233 -69.03 56.14 0.66
N PRO E 234 -68.22 55.83 -0.34
CA PRO E 234 -67.32 56.85 -0.91
C PRO E 234 -68.08 57.98 -1.56
N TRP E 235 -67.46 59.16 -1.56
CA TRP E 235 -68.05 60.34 -2.18
C TRP E 235 -67.75 60.46 -3.66
N VAL E 236 -66.89 59.60 -4.20
CA VAL E 236 -66.54 59.62 -5.62
C VAL E 236 -66.66 58.22 -6.18
N SER E 237 -66.81 58.16 -7.50
CA SER E 237 -66.95 56.88 -8.19
C SER E 237 -65.57 56.27 -8.40
N LEU E 238 -65.38 55.06 -7.87
CA LEU E 238 -64.13 54.35 -8.04
C LEU E 238 -64.00 53.84 -9.46
N PRO E 239 -62.77 53.70 -9.99
CA PRO E 239 -62.61 53.31 -11.39
C PRO E 239 -63.21 51.94 -11.69
N LYS E 240 -62.70 50.90 -11.04
CA LYS E 240 -63.19 49.54 -11.20
C LYS E 240 -62.45 48.59 -10.25
N GLY E 241 -63.10 47.48 -9.90
CA GLY E 241 -62.44 46.47 -9.08
C GLY E 241 -62.27 46.87 -7.63
N LYS E 242 -61.42 47.85 -7.38
CA LYS E 242 -61.17 48.42 -6.05
C LYS E 242 -60.54 47.39 -5.10
N GLY E 243 -60.32 46.17 -5.59
CA GLY E 243 -59.69 45.13 -4.81
C GLY E 243 -58.33 44.77 -5.37
N ILE E 244 -57.47 44.19 -4.54
CA ILE E 244 -56.08 43.95 -4.97
C ILE E 244 -56.04 42.97 -6.14
N LYS E 245 -56.86 41.92 -6.09
CA LYS E 245 -56.97 40.96 -7.19
C LYS E 245 -55.62 40.30 -7.48
N LEU E 246 -55.19 39.46 -6.53
CA LEU E 246 -53.92 38.74 -6.62
C LEU E 246 -53.79 37.96 -7.93
N THR E 247 -52.56 37.54 -8.25
CA THR E 247 -52.25 37.07 -9.60
C THR E 247 -53.12 35.89 -10.02
N ILE E 248 -53.40 34.96 -9.09
CA ILE E 248 -54.14 33.76 -9.47
C ILE E 248 -55.54 34.11 -9.94
N ILE E 249 -56.22 35.00 -9.24
CA ILE E 249 -57.58 35.33 -9.68
C ILE E 249 -57.57 36.17 -10.95
N GLU E 250 -56.49 36.91 -11.21
CA GLU E 250 -56.34 37.54 -12.52
C GLU E 250 -56.22 36.49 -13.62
N GLU E 251 -55.48 35.42 -13.35
CA GLU E 251 -55.42 34.31 -14.30
C GLU E 251 -56.79 33.70 -14.49
N GLN E 252 -57.58 33.59 -13.42
CA GLN E 252 -58.94 33.08 -13.54
C GLN E 252 -59.80 34.00 -14.40
N ARG E 253 -59.67 35.31 -14.23
CA ARG E 253 -60.42 36.25 -15.07
C ARG E 253 -60.04 36.09 -16.53
N LYS E 254 -58.74 35.96 -16.81
CA LYS E 254 -58.31 35.76 -18.19
C LYS E 254 -58.87 34.45 -18.74
N ARG E 255 -58.88 33.38 -17.93
CA ARG E 255 -59.42 32.11 -18.37
C ARG E 255 -60.90 32.26 -18.72
N ASP E 256 -61.70 32.83 -17.81
CA ASP E 256 -63.13 32.92 -18.08
C ASP E 256 -63.43 33.89 -19.22
N ALA E 257 -62.58 34.89 -19.43
CA ALA E 257 -62.71 35.73 -20.61
C ALA E 257 -62.49 34.92 -21.88
N ALA E 258 -61.52 33.99 -21.85
CA ALA E 258 -61.33 33.09 -22.98
C ALA E 258 -62.51 32.14 -23.16
N ALA E 259 -63.04 31.60 -22.06
CA ALA E 259 -64.07 30.57 -22.14
C ALA E 259 -65.44 31.16 -22.44
N GLN E 260 -65.61 32.46 -22.28
CA GLN E 260 -66.84 33.16 -22.65
C GLN E 260 -66.49 34.19 -23.73
N ALA E 261 -67.47 35.03 -24.07
CA ALA E 261 -67.30 36.02 -25.12
C ALA E 261 -66.86 35.32 -26.41
N ALA E 262 -65.55 35.19 -26.58
CA ALA E 262 -65.00 34.39 -27.68
C ALA E 262 -65.53 32.96 -27.58
N ALA E 263 -65.15 32.25 -26.52
CA ALA E 263 -65.69 30.93 -26.18
C ALA E 263 -65.49 29.91 -27.30
N LYS E 264 -64.66 30.22 -28.29
CA LYS E 264 -64.48 29.36 -29.45
C LYS E 264 -63.01 29.30 -29.88
N MET F 1 1.83 115.47 -32.95
CA MET F 1 0.75 114.98 -32.11
C MET F 1 -0.60 115.46 -32.62
N LYS F 2 -1.36 114.55 -33.21
CA LYS F 2 -2.67 114.90 -33.76
C LYS F 2 -3.62 115.36 -32.67
N LEU F 3 -4.46 116.32 -32.99
CA LEU F 3 -5.46 116.86 -32.08
C LEU F 3 -6.83 116.71 -32.72
N ASN F 4 -7.78 116.22 -31.94
CA ASN F 4 -9.17 116.12 -32.35
C ASN F 4 -9.93 117.28 -31.73
N ILE F 5 -10.19 118.32 -32.50
CA ILE F 5 -10.85 119.52 -32.01
C ILE F 5 -12.34 119.37 -32.26
N ALA F 6 -13.14 119.49 -31.20
CA ALA F 6 -14.58 119.31 -31.26
C ALA F 6 -15.29 120.58 -30.81
N ASN F 7 -16.23 121.06 -31.63
CA ASN F 7 -17.06 122.21 -31.32
C ASN F 7 -18.38 121.72 -30.75
N PRO F 8 -18.54 121.66 -29.43
CA PRO F 8 -19.73 120.99 -28.87
C PRO F 8 -21.01 121.78 -29.01
N THR F 9 -20.93 123.11 -29.15
CA THR F 9 -22.15 123.93 -29.18
C THR F 9 -23.01 123.57 -30.39
N THR F 10 -22.50 123.85 -31.58
CA THR F 10 -23.22 123.50 -32.81
C THR F 10 -22.32 123.01 -33.93
N GLY F 11 -21.02 122.89 -33.71
CA GLY F 11 -20.09 122.54 -34.75
C GLY F 11 -19.77 121.06 -34.80
N CYS F 12 -18.73 120.74 -35.56
CA CYS F 12 -18.29 119.38 -35.81
C CYS F 12 -16.87 119.20 -35.27
N GLN F 13 -16.27 118.06 -35.61
CA GLN F 13 -14.91 117.74 -35.19
C GLN F 13 -13.97 117.76 -36.38
N LYS F 14 -12.70 118.04 -36.11
CA LYS F 14 -11.67 118.04 -37.14
C LYS F 14 -10.35 117.59 -36.53
N LYS F 15 -9.44 117.19 -37.41
CA LYS F 15 -8.11 116.76 -37.01
C LYS F 15 -7.08 117.82 -37.39
N VAL F 16 -6.32 118.27 -36.41
CA VAL F 16 -5.25 119.25 -36.61
C VAL F 16 -3.94 118.59 -36.21
N GLU F 17 -3.00 118.50 -37.14
CA GLU F 17 -1.72 117.88 -36.90
C GLU F 17 -0.63 118.94 -36.90
N ILE F 18 0.10 119.04 -35.80
CA ILE F 18 1.22 119.97 -35.68
C ILE F 18 2.39 119.24 -35.04
N ASP F 19 3.60 119.72 -35.32
CA ASP F 19 4.81 119.01 -34.92
C ASP F 19 5.83 119.87 -34.18
N ASP F 20 5.78 121.19 -34.29
CA ASP F 20 6.79 122.02 -33.66
C ASP F 20 6.70 121.92 -32.14
N ASP F 21 7.87 121.89 -31.50
CA ASP F 21 7.92 121.59 -30.07
C ASP F 21 7.49 122.78 -29.22
N GLN F 22 7.73 124.00 -29.69
CA GLN F 22 7.39 125.18 -28.90
C GLN F 22 5.88 125.30 -28.71
N LYS F 23 5.12 125.16 -29.80
CA LYS F 23 3.66 125.22 -29.69
C LYS F 23 3.11 124.06 -28.89
N LEU F 24 3.63 122.86 -29.11
CA LEU F 24 3.22 121.68 -28.34
C LEU F 24 4.12 121.45 -27.13
N ARG F 25 4.25 122.46 -26.28
CA ARG F 25 4.94 122.28 -25.00
C ARG F 25 4.03 122.78 -23.89
N ASN F 26 3.21 123.79 -24.20
CA ASN F 26 2.27 124.33 -23.22
C ASN F 26 1.37 123.24 -22.68
N LEU F 27 0.89 122.36 -23.56
CA LEU F 27 0.11 121.19 -23.18
C LEU F 27 0.99 119.96 -22.96
N TYR F 28 2.08 120.12 -22.22
CA TYR F 28 2.96 119.00 -21.93
C TYR F 28 3.04 118.65 -20.46
N ASP F 29 2.28 119.32 -19.60
CA ASP F 29 2.10 118.85 -18.23
C ASP F 29 0.67 119.01 -17.73
N LYS F 30 -0.26 119.46 -18.58
CA LYS F 30 -1.65 119.56 -18.18
C LYS F 30 -2.28 118.18 -18.09
N ARG F 31 -3.45 118.12 -17.47
CA ARG F 31 -4.16 116.88 -17.26
C ARG F 31 -5.52 116.93 -17.95
N ILE F 32 -6.30 115.86 -17.80
CA ILE F 32 -7.67 115.86 -18.30
C ILE F 32 -8.46 116.92 -17.55
N SER F 33 -9.39 117.56 -18.27
CA SER F 33 -10.27 118.61 -17.77
C SER F 33 -9.52 119.89 -17.43
N GLN F 34 -8.29 120.06 -17.91
CA GLN F 34 -7.56 121.30 -17.73
C GLN F 34 -7.70 122.16 -18.98
N GLU F 35 -7.76 123.48 -18.76
CA GLU F 35 -7.93 124.44 -19.84
C GLU F 35 -6.57 124.79 -20.43
N VAL F 36 -6.52 124.95 -21.75
CA VAL F 36 -5.33 125.40 -22.46
C VAL F 36 -5.71 126.58 -23.34
N VAL F 37 -4.93 127.65 -23.24
CA VAL F 37 -5.19 128.86 -24.01
C VAL F 37 -4.79 128.64 -25.46
N GLY F 38 -5.62 129.13 -26.38
CA GLY F 38 -5.37 128.89 -27.79
C GLY F 38 -4.15 129.60 -28.32
N ASP F 39 -3.91 130.84 -27.86
CA ASP F 39 -2.78 131.61 -28.37
C ASP F 39 -1.45 130.93 -28.08
N LEU F 40 -1.31 130.37 -26.87
CA LEU F 40 -0.03 129.77 -26.48
C LEU F 40 0.35 128.63 -27.42
N LEU F 41 -0.62 127.82 -27.82
CA LEU F 41 -0.35 126.72 -28.74
C LEU F 41 -0.31 127.17 -30.19
N GLY F 42 -0.57 128.43 -30.48
CA GLY F 42 -0.39 128.94 -31.82
C GLY F 42 -1.36 130.07 -32.11
N GLU F 43 -1.22 130.61 -33.33
CA GLU F 43 -2.07 131.67 -33.84
C GLU F 43 -3.43 131.08 -34.21
N GLU F 44 -4.31 131.91 -34.77
CA GLU F 44 -5.69 131.58 -35.17
C GLU F 44 -6.54 131.07 -34.00
N PHE F 45 -6.03 131.15 -32.78
CA PHE F 45 -6.73 130.67 -31.60
C PHE F 45 -6.74 131.74 -30.51
N LYS F 46 -7.09 132.97 -30.90
CA LYS F 46 -6.96 134.10 -29.99
C LYS F 46 -8.02 134.05 -28.89
N GLY F 47 -9.30 134.06 -29.26
CA GLY F 47 -10.35 134.03 -28.26
C GLY F 47 -10.76 132.62 -27.90
N TYR F 48 -9.91 131.65 -28.24
CA TYR F 48 -10.26 130.23 -28.13
C TYR F 48 -9.57 129.61 -26.92
N ILE F 49 -10.31 128.77 -26.21
CA ILE F 49 -9.79 127.95 -25.14
C ILE F 49 -10.19 126.51 -25.41
N PHE F 50 -9.23 125.59 -25.29
CA PHE F 50 -9.49 124.18 -25.49
C PHE F 50 -9.43 123.46 -24.16
N LYS F 51 -10.20 122.39 -24.05
CA LYS F 51 -10.23 121.57 -22.85
C LYS F 51 -9.76 120.17 -23.20
N ILE F 52 -8.87 119.64 -22.38
CA ILE F 52 -8.30 118.31 -22.55
C ILE F 52 -9.22 117.31 -21.88
N MET F 53 -9.81 116.41 -22.67
CA MET F 53 -10.65 115.37 -22.09
C MET F 53 -10.45 114.03 -22.79
N GLY F 54 -9.24 113.76 -23.25
CA GLY F 54 -8.97 112.48 -23.87
C GLY F 54 -7.58 112.47 -24.49
N GLY F 55 -7.26 111.33 -25.08
CA GLY F 55 -5.97 111.13 -25.72
C GLY F 55 -5.50 109.70 -25.68
N CYS F 56 -4.88 109.24 -26.77
CA CYS F 56 -4.42 107.88 -26.89
C CYS F 56 -2.91 107.85 -27.07
N ASP F 57 -2.30 106.73 -26.67
CA ASP F 57 -0.85 106.58 -26.73
C ASP F 57 -0.41 106.32 -28.17
N LYS F 58 0.89 106.04 -28.33
CA LYS F 58 1.42 105.62 -29.61
C LYS F 58 1.06 104.19 -29.95
N GLN F 59 0.39 103.47 -29.04
CA GLN F 59 -0.09 102.12 -29.30
C GLN F 59 -1.61 102.04 -29.24
N GLY F 60 -2.31 103.18 -29.21
CA GLY F 60 -3.75 103.19 -29.10
C GLY F 60 -4.29 103.08 -27.69
N PHE F 61 -3.42 102.94 -26.70
CA PHE F 61 -3.87 102.79 -25.33
C PHE F 61 -4.48 104.10 -24.82
N PRO F 62 -5.56 104.04 -24.06
CA PRO F 62 -6.28 105.27 -23.70
C PRO F 62 -5.67 105.95 -22.49
N MET F 63 -6.12 107.18 -22.27
CA MET F 63 -5.73 107.96 -21.10
C MET F 63 -6.88 107.93 -20.11
N LYS F 64 -6.60 107.44 -18.90
CA LYS F 64 -7.62 107.24 -17.88
C LYS F 64 -7.49 108.34 -16.83
N GLN F 65 -8.57 109.09 -16.63
CA GLN F 65 -8.56 110.18 -15.66
C GLN F 65 -8.32 109.64 -14.25
N GLY F 66 -7.50 110.36 -13.49
CA GLY F 66 -7.25 110.03 -12.10
C GLY F 66 -5.95 109.31 -11.82
N VAL F 67 -5.15 109.02 -12.85
CA VAL F 67 -3.87 108.34 -12.69
C VAL F 67 -2.77 109.37 -12.94
N LEU F 68 -1.67 109.23 -12.19
CA LEU F 68 -0.62 110.24 -12.15
C LEU F 68 0.28 110.19 -13.39
N THR F 69 1.46 110.81 -13.29
CA THR F 69 2.31 111.14 -14.43
C THR F 69 2.34 110.03 -15.48
N SER F 70 2.28 110.46 -16.74
CA SER F 70 2.11 109.56 -17.87
C SER F 70 3.08 108.39 -17.83
N GLY F 71 2.53 107.19 -17.69
CA GLY F 71 3.28 105.96 -17.70
C GLY F 71 2.31 104.81 -17.75
N ARG F 72 2.51 103.86 -18.67
CA ARG F 72 1.55 102.80 -18.85
C ARG F 72 1.49 101.92 -17.60
N VAL F 73 0.30 101.82 -17.02
CA VAL F 73 0.06 101.02 -15.83
C VAL F 73 -1.09 100.05 -16.14
N ARG F 74 -1.27 99.09 -15.24
CA ARG F 74 -2.30 98.07 -15.39
C ARG F 74 -3.35 98.25 -14.31
N LEU F 75 -4.61 98.29 -14.71
CA LEU F 75 -5.73 98.52 -13.81
C LEU F 75 -6.77 97.43 -13.96
N LEU F 76 -7.34 97.01 -12.84
CA LEU F 76 -8.40 96.01 -12.81
C LEU F 76 -9.74 96.71 -13.01
N LEU F 77 -10.02 97.03 -14.26
CA LEU F 77 -11.19 97.83 -14.59
C LEU F 77 -12.47 96.99 -14.56
N HIS F 78 -13.56 97.66 -14.24
CA HIS F 78 -14.91 97.13 -14.29
C HIS F 78 -15.54 97.43 -15.65
N ARG F 79 -16.52 96.61 -16.01
CA ARG F 79 -17.21 96.79 -17.28
C ARG F 79 -17.98 98.10 -17.30
N GLY F 80 -18.01 98.76 -18.45
CA GLY F 80 -18.76 99.97 -18.64
C GLY F 80 -18.05 101.24 -18.22
N THR F 81 -16.97 101.13 -17.46
CA THR F 81 -16.17 102.29 -17.12
C THR F 81 -15.37 102.75 -18.33
N PRO F 82 -14.87 103.99 -18.32
CA PRO F 82 -13.95 104.40 -19.38
C PRO F 82 -12.72 103.50 -19.39
N CYS F 83 -12.21 103.26 -20.60
CA CYS F 83 -11.03 102.45 -20.89
C CYS F 83 -11.29 100.96 -20.76
N PHE F 84 -12.54 100.54 -20.63
CA PHE F 84 -12.88 99.12 -20.64
C PHE F 84 -14.35 98.98 -21.00
N ARG F 85 -14.63 98.34 -22.12
CA ARG F 85 -16.00 98.11 -22.56
C ARG F 85 -16.35 96.63 -22.38
N GLY F 86 -17.62 96.32 -22.59
CA GLY F 86 -18.11 94.98 -22.42
C GLY F 86 -18.22 94.28 -23.75
N PHE F 87 -19.42 94.27 -24.33
CA PHE F 87 -19.65 93.75 -25.67
C PHE F 87 -19.33 92.26 -25.74
N GLY F 88 -20.08 91.48 -24.99
CA GLY F 88 -19.92 90.05 -24.95
C GLY F 88 -19.20 89.52 -23.74
N ARG F 89 -19.34 90.15 -22.59
CA ARG F 89 -18.68 89.73 -21.37
C ARG F 89 -19.73 89.56 -20.27
N ARG F 90 -19.44 88.67 -19.32
CA ARG F 90 -20.38 88.39 -18.26
C ARG F 90 -20.61 89.62 -17.40
N ASN F 91 -21.77 89.65 -16.74
CA ASN F 91 -22.24 90.88 -16.11
C ASN F 91 -21.26 91.38 -15.06
N GLY F 92 -20.83 90.52 -14.15
CA GLY F 92 -19.99 90.96 -13.06
C GLY F 92 -18.52 90.71 -13.29
N GLU F 93 -18.10 90.73 -14.55
CA GLU F 93 -16.76 90.34 -14.93
C GLU F 93 -15.88 91.58 -15.07
N ARG F 94 -14.73 91.55 -14.42
CA ARG F 94 -13.72 92.60 -14.51
C ARG F 94 -12.58 92.14 -15.42
N ARG F 95 -11.66 93.05 -15.70
CA ARG F 95 -10.51 92.67 -16.51
C ARG F 95 -9.35 93.63 -16.23
N ARG F 96 -8.13 93.09 -16.25
CA ARG F 96 -6.93 93.91 -16.12
C ARG F 96 -6.57 94.43 -17.51
N LYS F 97 -6.66 95.74 -17.68
CA LYS F 97 -6.25 96.41 -18.91
C LYS F 97 -5.07 97.31 -18.63
N SER F 98 -4.53 97.89 -19.71
CA SER F 98 -3.40 98.80 -19.61
C SER F 98 -3.85 100.20 -20.02
N VAL F 99 -3.65 101.16 -19.12
CA VAL F 99 -4.02 102.55 -19.34
C VAL F 99 -2.80 103.42 -19.08
N ARG F 100 -2.96 104.72 -19.35
CA ARG F 100 -1.94 105.70 -19.03
C ARG F 100 -2.53 106.82 -18.20
N GLY F 101 -1.70 107.43 -17.38
CA GLY F 101 -2.16 108.48 -16.50
C GLY F 101 -2.60 109.72 -17.24
N CYS F 102 -3.43 110.52 -16.58
CA CYS F 102 -4.02 111.70 -17.21
C CYS F 102 -2.99 112.76 -17.57
N ILE F 103 -1.78 112.68 -17.02
CA ILE F 103 -0.75 113.66 -17.34
C ILE F 103 -0.38 113.56 -18.81
N VAL F 104 -0.34 114.68 -19.49
CA VAL F 104 0.02 114.74 -20.91
C VAL F 104 1.53 114.80 -21.05
N SER F 105 2.05 114.10 -22.05
CA SER F 105 3.48 114.08 -22.34
C SER F 105 3.67 113.71 -23.81
N GLN F 106 4.93 113.57 -24.22
CA GLN F 106 5.25 113.25 -25.60
C GLN F 106 4.88 111.82 -25.99
N ASP F 107 4.50 110.98 -25.04
CA ASP F 107 4.17 109.58 -25.31
C ASP F 107 2.76 109.40 -25.86
N LEU F 108 2.13 110.46 -26.36
CA LEU F 108 0.77 110.41 -26.85
C LEU F 108 0.75 110.64 -28.35
N SER F 109 -0.03 109.83 -29.06
CA SER F 109 -0.15 109.97 -30.51
C SER F 109 -1.34 110.84 -30.92
N VAL F 110 -2.31 111.04 -30.03
CA VAL F 110 -3.46 111.89 -30.33
C VAL F 110 -3.98 112.45 -29.01
N ILE F 111 -4.62 113.61 -29.10
CA ILE F 111 -5.21 114.27 -27.94
C ILE F 111 -6.52 114.90 -28.37
N ASN F 112 -7.54 114.76 -27.53
CA ASN F 112 -8.87 115.27 -27.85
C ASN F 112 -9.11 116.57 -27.10
N LEU F 113 -9.36 117.65 -27.85
CA LEU F 113 -9.67 118.96 -27.29
C LEU F 113 -11.11 119.33 -27.64
N VAL F 114 -11.78 119.97 -26.70
CA VAL F 114 -13.10 120.50 -26.94
C VAL F 114 -13.06 122.01 -26.77
N ILE F 115 -13.75 122.72 -27.65
CA ILE F 115 -13.74 124.19 -27.62
C ILE F 115 -14.69 124.66 -26.54
N VAL F 116 -14.20 125.50 -25.64
CA VAL F 116 -15.01 126.08 -24.58
C VAL F 116 -15.48 127.48 -24.92
N LYS F 117 -14.57 128.32 -25.43
CA LYS F 117 -14.87 129.70 -25.75
C LYS F 117 -14.87 129.88 -27.26
N LYS F 118 -15.92 130.54 -27.77
CA LYS F 118 -16.08 130.68 -29.21
C LYS F 118 -14.95 131.50 -29.82
N GLY F 119 -14.59 132.61 -29.18
CA GLY F 119 -13.57 133.48 -29.75
C GLY F 119 -14.15 134.41 -30.80
N GLU F 120 -13.25 134.89 -31.68
CA GLU F 120 -13.64 135.86 -32.70
C GLU F 120 -13.16 135.52 -34.11
N ASN F 121 -12.12 134.71 -34.27
CA ASN F 121 -11.61 134.35 -35.60
C ASN F 121 -12.17 132.99 -36.00
N ASP F 122 -12.73 132.92 -37.19
CA ASP F 122 -13.38 131.70 -37.68
C ASP F 122 -12.34 130.64 -38.03
N LEU F 123 -12.80 129.40 -38.13
CA LEU F 123 -12.00 128.30 -38.65
C LEU F 123 -12.77 127.62 -39.77
N PRO F 124 -12.15 127.43 -40.94
CA PRO F 124 -12.80 126.63 -41.98
C PRO F 124 -13.12 125.24 -41.45
N GLY F 125 -14.41 124.91 -41.44
CA GLY F 125 -14.83 123.66 -40.85
C GLY F 125 -15.84 123.84 -39.73
N LEU F 126 -15.42 123.61 -38.50
CA LEU F 126 -16.33 123.55 -37.36
C LEU F 126 -16.74 124.92 -36.84
N THR F 127 -17.17 125.80 -37.74
CA THR F 127 -17.71 127.10 -37.34
C THR F 127 -18.96 127.51 -38.10
N ASP F 128 -19.31 126.85 -39.20
CA ASP F 128 -20.43 127.29 -40.02
C ASP F 128 -21.38 126.13 -40.34
N THR F 129 -20.86 124.91 -40.33
CA THR F 129 -21.65 123.74 -40.71
C THR F 129 -22.73 123.50 -39.66
N GLU F 130 -23.97 123.81 -40.02
CA GLU F 130 -25.12 123.58 -39.15
C GLU F 130 -25.78 122.27 -39.55
N LYS F 131 -25.97 121.39 -38.58
CA LYS F 131 -26.51 120.07 -38.86
C LYS F 131 -27.67 119.76 -37.93
N PRO F 132 -28.65 118.99 -38.40
CA PRO F 132 -29.72 118.55 -37.51
C PRO F 132 -29.32 117.29 -36.76
N ARG F 133 -30.25 116.74 -35.98
CA ARG F 133 -30.03 115.50 -35.24
C ARG F 133 -31.30 114.66 -35.38
N MET F 134 -31.43 113.64 -34.55
CA MET F 134 -32.72 112.97 -34.43
C MET F 134 -33.73 113.92 -33.80
N ARG F 135 -34.96 113.44 -33.66
CA ARG F 135 -36.03 114.25 -33.12
C ARG F 135 -35.63 114.83 -31.77
N GLY F 136 -36.22 115.97 -31.44
CA GLY F 136 -36.19 116.47 -30.09
C GLY F 136 -36.76 115.41 -29.16
N PRO F 137 -36.64 115.63 -27.86
CA PRO F 137 -36.98 114.56 -26.91
C PRO F 137 -38.41 114.06 -27.11
N LYS F 138 -38.59 112.76 -26.98
CA LYS F 138 -39.89 112.14 -27.21
C LYS F 138 -40.70 111.98 -25.93
N ARG F 139 -40.17 112.41 -24.79
CA ARG F 139 -40.95 112.40 -23.56
C ARG F 139 -42.03 113.46 -23.61
N ALA F 140 -43.06 113.28 -22.77
CA ALA F 140 -44.15 114.24 -22.74
C ALA F 140 -43.72 115.56 -22.13
N SER F 141 -43.04 115.50 -20.98
CA SER F 141 -42.63 116.72 -20.29
C SER F 141 -41.50 117.45 -21.00
N LYS F 142 -40.79 116.78 -21.90
CA LYS F 142 -39.70 117.40 -22.62
C LYS F 142 -40.13 117.99 -23.96
N ILE F 143 -41.41 117.94 -24.28
CA ILE F 143 -41.96 118.76 -25.36
C ILE F 143 -42.41 120.11 -24.83
N LYS F 144 -43.19 120.13 -23.75
CA LYS F 144 -43.59 121.38 -23.13
C LYS F 144 -42.40 122.13 -22.55
N LYS F 145 -41.27 121.47 -22.37
CA LYS F 145 -40.05 122.14 -21.94
C LYS F 145 -39.23 122.69 -23.09
N LEU F 146 -39.58 122.36 -24.34
CA LEU F 146 -38.84 122.84 -25.50
C LEU F 146 -39.63 123.90 -26.26
N PHE F 147 -40.89 123.62 -26.59
CA PHE F 147 -41.85 124.68 -26.88
C PHE F 147 -42.48 125.10 -25.56
N ASN F 148 -42.26 126.35 -25.17
CA ASN F 148 -42.72 126.81 -23.87
C ASN F 148 -44.23 126.69 -23.76
N LEU F 149 -44.70 125.80 -22.90
CA LEU F 149 -46.11 125.48 -22.77
C LEU F 149 -46.51 125.40 -21.31
N GLY F 150 -47.79 125.63 -21.05
CA GLY F 150 -48.35 125.52 -19.73
C GLY F 150 -48.90 124.13 -19.45
N LYS F 151 -49.72 124.06 -18.39
CA LYS F 151 -50.33 122.78 -18.03
C LYS F 151 -51.26 122.28 -19.13
N ASP F 152 -52.02 123.18 -19.73
CA ASP F 152 -52.91 122.85 -20.84
C ASP F 152 -52.11 122.83 -22.14
N ASP F 153 -52.81 122.86 -23.27
CA ASP F 153 -52.19 122.88 -24.60
C ASP F 153 -51.37 121.60 -24.82
N ASP F 154 -52.10 120.49 -24.90
CA ASP F 154 -51.50 119.17 -25.08
C ASP F 154 -50.49 119.18 -26.23
N VAL F 155 -49.49 118.29 -26.12
CA VAL F 155 -48.39 118.26 -27.08
C VAL F 155 -48.67 117.37 -28.28
N ARG F 156 -49.87 116.79 -28.37
CA ARG F 156 -50.18 115.91 -29.49
C ARG F 156 -50.10 116.67 -30.81
N SER F 157 -50.68 117.86 -30.87
CA SER F 157 -50.63 118.69 -32.07
C SER F 157 -49.46 119.66 -32.01
N TYR F 158 -48.26 119.12 -31.76
CA TYR F 158 -47.07 119.95 -31.65
C TYR F 158 -45.86 119.33 -32.31
N VAL F 159 -46.00 118.21 -33.00
CA VAL F 159 -44.86 117.58 -33.68
C VAL F 159 -44.79 118.21 -35.07
N ASN F 160 -44.17 119.39 -35.12
CA ASN F 160 -43.89 120.07 -36.37
C ASN F 160 -42.63 119.54 -37.03
N THR F 161 -41.87 118.70 -36.32
CA THR F 161 -40.57 118.20 -36.78
C THR F 161 -40.69 116.80 -37.39
N TYR F 162 -41.79 116.54 -38.10
CA TYR F 162 -41.91 115.36 -38.92
C TYR F 162 -40.68 115.18 -39.79
N ARG F 163 -39.94 114.10 -39.59
CA ARG F 163 -38.77 113.82 -40.43
C ARG F 163 -39.30 113.30 -41.77
N ARG F 164 -39.81 114.23 -42.57
CA ARG F 164 -40.24 113.94 -43.92
C ARG F 164 -39.02 113.89 -44.82
N THR F 165 -39.23 113.91 -46.13
CA THR F 165 -38.16 114.06 -47.12
C THR F 165 -37.14 112.93 -47.06
N PHE F 166 -37.58 111.71 -46.73
CA PHE F 166 -36.77 110.52 -46.91
C PHE F 166 -37.22 109.72 -48.12
N LEU F 167 -37.55 110.44 -49.20
CA LEU F 167 -38.31 109.93 -50.35
C LEU F 167 -37.93 108.49 -50.69
N ASN F 168 -38.95 107.64 -50.79
CA ASN F 168 -38.74 106.22 -50.95
C ASN F 168 -38.18 105.89 -52.32
N LYS F 169 -37.50 104.75 -52.40
CA LYS F 169 -36.90 104.32 -53.67
C LYS F 169 -37.95 104.08 -54.74
N LYS F 170 -39.21 103.87 -54.37
CA LYS F 170 -40.30 103.74 -55.31
C LYS F 170 -41.00 105.06 -55.59
N GLY F 171 -40.33 106.18 -55.31
CA GLY F 171 -40.91 107.49 -55.56
C GLY F 171 -42.16 107.77 -54.73
N LYS F 172 -42.15 107.39 -53.47
CA LYS F 172 -43.29 107.57 -52.58
C LYS F 172 -42.88 108.46 -51.41
N LYS F 173 -43.71 109.46 -51.12
CA LYS F 173 -43.44 110.39 -50.03
C LYS F 173 -44.18 109.92 -48.78
N VAL F 174 -43.41 109.48 -47.79
CA VAL F 174 -43.94 109.02 -46.52
C VAL F 174 -43.27 109.81 -45.41
N SER F 175 -44.01 110.05 -44.33
CA SER F 175 -43.54 110.84 -43.21
C SER F 175 -43.33 109.96 -41.99
N LYS F 176 -42.30 110.27 -41.21
CA LYS F 176 -41.97 109.52 -40.00
C LYS F 176 -41.86 110.48 -38.83
N ALA F 177 -42.55 110.15 -37.74
CA ALA F 177 -42.50 110.90 -36.50
C ALA F 177 -42.45 109.92 -35.34
N PRO F 178 -41.87 110.31 -34.22
CA PRO F 178 -41.78 109.42 -33.06
C PRO F 178 -43.13 109.30 -32.35
N LYS F 179 -43.11 108.60 -31.23
CA LYS F 179 -44.28 108.39 -30.40
C LYS F 179 -44.00 108.92 -28.99
N ILE F 180 -44.90 109.76 -28.48
CA ILE F 180 -44.72 110.34 -27.16
C ILE F 180 -44.76 109.24 -26.10
N GLN F 181 -43.83 109.30 -25.15
CA GLN F 181 -43.59 108.18 -24.25
C GLN F 181 -44.05 108.43 -22.82
N ARG F 182 -44.67 109.58 -22.54
CA ARG F 182 -45.30 109.76 -21.24
C ARG F 182 -46.63 110.50 -21.33
N LEU F 183 -47.27 110.47 -22.50
CA LEU F 183 -48.53 111.17 -22.68
C LEU F 183 -49.64 110.48 -21.89
N VAL F 184 -50.48 111.28 -21.24
CA VAL F 184 -51.61 110.78 -20.47
C VAL F 184 -52.81 110.65 -21.40
N THR F 185 -53.34 109.44 -21.51
CA THR F 185 -54.51 109.15 -22.32
C THR F 185 -55.61 108.62 -21.39
N PRO F 186 -56.85 108.44 -21.87
CA PRO F 186 -57.86 107.83 -21.00
C PRO F 186 -57.49 106.42 -20.54
N LEU F 187 -56.65 105.71 -21.30
CA LEU F 187 -56.26 104.36 -20.93
C LEU F 187 -55.49 104.36 -19.60
N THR F 188 -54.58 105.31 -19.41
CA THR F 188 -53.83 105.38 -18.17
C THR F 188 -54.73 105.64 -16.98
N LEU F 189 -55.69 106.56 -17.14
CA LEU F 189 -56.66 106.81 -16.07
C LEU F 189 -57.50 105.59 -15.78
N GLN F 190 -57.90 104.86 -16.83
CA GLN F 190 -58.66 103.63 -16.64
C GLN F 190 -57.84 102.62 -15.84
N ARG F 191 -56.55 102.49 -16.14
CA ARG F 191 -55.69 101.57 -15.39
C ARG F 191 -55.57 101.99 -13.93
N LYS F 192 -55.43 103.30 -13.69
CA LYS F 192 -55.38 103.79 -12.32
C LYS F 192 -56.66 103.45 -11.56
N ARG F 193 -57.81 103.68 -12.19
CA ARG F 193 -59.08 103.38 -11.55
C ARG F 193 -59.24 101.88 -11.33
N ALA F 194 -58.73 101.06 -12.25
CA ALA F 194 -58.77 99.62 -12.08
C ALA F 194 -57.96 99.19 -10.86
N ARG F 195 -56.76 99.77 -10.70
CA ARG F 195 -55.96 99.46 -9.52
C ARG F 195 -56.69 99.86 -8.24
N ILE F 196 -57.31 101.03 -8.24
CA ILE F 196 -58.05 101.48 -7.05
C ILE F 196 -59.20 100.52 -6.76
N ALA F 197 -59.92 100.10 -7.80
CA ALA F 197 -61.03 99.17 -7.61
C ALA F 197 -60.56 97.82 -7.08
N ASP F 198 -59.40 97.37 -7.54
CA ASP F 198 -58.85 96.11 -7.02
C ASP F 198 -58.54 96.23 -5.53
N LYS F 199 -57.94 97.35 -5.13
CA LYS F 199 -57.69 97.57 -3.71
C LYS F 199 -59.00 97.59 -2.92
N LYS F 200 -60.04 98.23 -3.46
CA LYS F 200 -61.34 98.23 -2.81
C LYS F 200 -61.88 96.82 -2.66
N LYS F 201 -61.76 96.00 -3.71
CA LYS F 201 -62.28 94.64 -3.65
C LYS F 201 -61.57 93.83 -2.58
N ARG F 202 -60.24 93.96 -2.50
CA ARG F 202 -59.50 93.25 -1.45
C ARG F 202 -59.96 93.70 -0.07
N ILE F 203 -60.10 95.01 0.12
CA ILE F 203 -60.46 95.53 1.44
C ILE F 203 -61.87 95.09 1.83
N ALA F 204 -62.76 94.92 0.85
CA ALA F 204 -64.10 94.44 1.16
C ALA F 204 -64.09 92.94 1.48
N LYS F 205 -63.36 92.16 0.70
CA LYS F 205 -63.33 90.71 0.92
C LYS F 205 -62.76 90.36 2.29
N LYS F 206 -61.71 91.08 2.72
CA LYS F 206 -61.11 90.76 4.00
C LYS F 206 -62.12 90.91 5.15
N LYS F 207 -62.81 92.04 5.20
CA LYS F 207 -63.76 92.26 6.28
C LYS F 207 -64.96 91.34 6.16
N SER F 208 -65.39 91.03 4.93
CA SER F 208 -66.49 90.07 4.78
C SER F 208 -66.12 88.72 5.38
N GLU F 209 -64.94 88.21 5.04
CA GLU F 209 -64.52 86.92 5.57
C GLU F 209 -64.37 86.96 7.09
N ALA F 210 -63.83 88.06 7.62
CA ALA F 210 -63.70 88.17 9.07
C ALA F 210 -65.06 88.13 9.76
N ALA F 211 -66.04 88.85 9.20
CA ALA F 211 -67.38 88.85 9.80
C ALA F 211 -68.01 87.46 9.74
N GLU F 212 -67.86 86.77 8.62
CA GLU F 212 -68.44 85.43 8.51
C GLU F 212 -67.78 84.46 9.49
N TYR F 213 -66.47 84.56 9.68
CA TYR F 213 -65.81 83.68 10.64
C TYR F 213 -66.22 84.02 12.07
N GLN F 214 -66.44 85.30 12.37
CA GLN F 214 -66.98 85.66 13.68
C GLN F 214 -68.37 85.06 13.89
N LYS F 215 -69.21 85.09 12.86
CA LYS F 215 -70.51 84.46 12.95
C LYS F 215 -70.40 82.96 13.17
N LEU F 216 -69.45 82.32 12.49
CA LEU F 216 -69.24 80.88 12.66
C LEU F 216 -68.80 80.56 14.09
N LEU F 217 -67.93 81.38 14.66
CA LEU F 217 -67.54 81.15 16.05
C LEU F 217 -68.68 81.43 17.02
N ALA F 218 -69.57 82.37 16.67
CA ALA F 218 -70.78 82.54 17.48
C ALA F 218 -71.63 81.29 17.46
N GLN F 219 -71.77 80.67 16.28
CA GLN F 219 -72.49 79.41 16.19
C GLN F 219 -71.78 78.31 17.00
N ARG F 220 -70.45 78.32 17.00
CA ARG F 220 -69.71 77.35 17.80
C ARG F 220 -69.94 77.57 19.30
N LEU F 221 -70.05 78.83 19.71
CA LEU F 221 -70.40 79.11 21.10
C LEU F 221 -71.80 78.59 21.41
N LYS F 222 -72.73 78.76 20.47
CA LYS F 222 -74.06 78.17 20.64
C LYS F 222 -73.99 76.65 20.74
N GLU F 223 -73.04 76.04 20.03
CA GLU F 223 -72.80 74.61 20.15
C GLU F 223 -72.25 74.26 21.53
N GLN F 224 -71.44 75.15 22.10
CA GLN F 224 -70.90 74.98 23.45
C GLN F 224 -71.97 74.95 24.52
N ARG F 225 -73.24 75.12 24.15
CA ARG F 225 -74.35 74.90 25.08
C ARG F 225 -74.63 73.41 25.29
N ASP F 226 -73.71 72.53 24.89
CA ASP F 226 -73.85 71.10 25.10
C ASP F 226 -72.76 70.48 25.95
N ARG F 227 -71.72 71.23 26.32
CA ARG F 227 -70.70 70.69 27.22
C ARG F 227 -71.30 70.37 28.58
N ARG F 228 -72.14 71.27 29.11
CA ARG F 228 -72.94 70.97 30.28
C ARG F 228 -74.35 71.53 30.19
N SER F 229 -74.71 72.19 29.10
CA SER F 229 -76.03 72.79 28.90
C SER F 229 -76.42 73.70 30.06
N GLN G 9 -60.10 28.24 59.30
CA GLN G 9 -61.41 28.00 58.70
C GLN G 9 -61.26 27.71 57.21
N LYS G 10 -61.43 28.74 56.38
CA LYS G 10 -61.25 28.59 54.94
C LYS G 10 -60.71 29.89 54.37
N ASP G 11 -60.06 29.77 53.20
CA ASP G 11 -59.21 30.84 52.71
C ASP G 11 -59.99 32.12 52.43
N LYS G 12 -61.16 32.01 51.82
CA LYS G 12 -61.92 33.19 51.41
C LYS G 12 -63.38 33.02 51.77
N GLY G 13 -64.08 34.14 51.86
CA GLY G 13 -65.49 34.13 52.20
C GLY G 13 -65.73 33.78 53.65
N VAL G 14 -67.00 33.47 53.94
CA VAL G 14 -67.40 33.13 55.31
C VAL G 14 -68.11 31.78 55.42
N GLU G 15 -68.74 31.27 54.37
CA GLU G 15 -69.58 30.09 54.49
C GLU G 15 -68.96 28.94 53.71
N PRO G 16 -68.36 27.94 54.37
CA PRO G 16 -67.82 26.78 53.64
C PRO G 16 -68.89 25.83 53.12
N SER G 17 -68.48 24.65 52.68
CA SER G 17 -69.40 23.70 52.07
C SER G 17 -70.29 23.07 53.14
N GLU G 18 -70.98 22.00 52.79
CA GLU G 18 -71.77 21.23 53.74
C GLU G 18 -71.05 19.98 54.24
N PHE G 19 -69.85 19.71 53.74
CA PHE G 19 -69.10 18.51 54.11
C PHE G 19 -68.23 18.72 55.34
N GLU G 20 -67.72 19.94 55.55
CA GLU G 20 -66.76 20.18 56.62
C GLU G 20 -67.39 20.04 58.00
N ASP G 21 -68.72 20.06 58.08
CA ASP G 21 -69.39 19.99 59.38
C ASP G 21 -69.08 18.67 60.08
N THR G 22 -69.09 17.56 59.33
CA THR G 22 -68.79 16.27 59.92
C THR G 22 -67.36 16.24 60.46
N VAL G 23 -66.40 16.75 59.70
CA VAL G 23 -65.01 16.70 60.16
C VAL G 23 -64.79 17.66 61.32
N ALA G 24 -65.49 18.79 61.34
CA ALA G 24 -65.38 19.71 62.47
C ALA G 24 -65.97 19.12 63.73
N GLN G 25 -67.11 18.45 63.62
CA GLN G 25 -67.68 17.77 64.78
C GLN G 25 -66.79 16.62 65.23
N ALA G 26 -66.16 15.92 64.28
CA ALA G 26 -65.22 14.87 64.64
C ALA G 26 -64.01 15.44 65.37
N PHE G 27 -63.55 16.61 64.95
CA PHE G 27 -62.46 17.28 65.67
C PHE G 27 -62.89 17.66 67.08
N PHE G 28 -64.08 18.24 67.23
CA PHE G 28 -64.56 18.66 68.55
C PHE G 28 -64.88 17.48 69.45
N ASP G 29 -65.14 16.31 68.88
CA ASP G 29 -65.57 15.13 69.63
C ASP G 29 -64.40 14.22 69.98
N LEU G 30 -63.55 13.91 69.00
CA LEU G 30 -62.52 12.88 69.17
C LEU G 30 -61.51 13.24 70.26
N GLU G 31 -61.36 14.52 70.60
CA GLU G 31 -60.44 14.90 71.66
C GLU G 31 -60.84 14.25 72.97
N ASN G 32 -62.13 14.24 73.28
CA ASN G 32 -62.64 13.57 74.47
C ASN G 32 -62.56 12.06 74.26
N GLY G 33 -61.55 11.43 74.85
CA GLY G 33 -61.34 10.01 74.66
C GLY G 33 -59.86 9.65 74.60
N ASN G 34 -59.00 10.66 74.57
CA ASN G 34 -57.56 10.47 74.55
C ASN G 34 -56.93 11.24 75.70
N GLN G 35 -55.67 10.93 75.99
CA GLN G 35 -54.92 11.59 77.04
C GLN G 35 -53.99 12.66 76.47
N GLU G 36 -53.13 12.28 75.53
CA GLU G 36 -52.23 13.25 74.90
C GLU G 36 -52.86 13.94 73.70
N LEU G 37 -53.60 13.19 72.88
CA LEU G 37 -54.27 13.80 71.73
C LEU G 37 -55.34 14.80 72.15
N LYS G 38 -55.88 14.64 73.36
CA LYS G 38 -56.88 15.58 73.86
C LYS G 38 -56.31 16.98 74.02
N SER G 39 -55.09 17.09 74.56
CA SER G 39 -54.54 18.41 74.88
C SER G 39 -54.14 19.17 73.62
N ASP G 40 -53.45 18.53 72.69
CA ASP G 40 -52.86 19.21 71.54
C ASP G 40 -53.83 19.24 70.36
N LEU G 41 -54.98 19.86 70.57
CA LEU G 41 -55.95 20.09 69.51
C LEU G 41 -56.51 21.50 69.62
N LYS G 42 -55.63 22.47 69.91
CA LYS G 42 -55.99 23.88 69.90
C LYS G 42 -55.56 24.57 68.61
N ASP G 43 -55.01 23.82 67.65
CA ASP G 43 -54.59 24.39 66.38
C ASP G 43 -55.81 24.66 65.49
N LEU G 44 -55.58 25.47 64.46
CA LEU G 44 -56.62 25.71 63.47
C LEU G 44 -57.06 24.39 62.85
N TYR G 45 -58.36 24.12 62.91
CA TYR G 45 -58.86 22.77 62.64
C TYR G 45 -58.60 22.34 61.19
N ILE G 46 -59.26 22.95 60.22
CA ILE G 46 -59.17 22.56 58.81
C ILE G 46 -59.34 23.81 57.94
N ASN G 47 -59.06 23.67 56.66
CA ASN G 47 -59.41 24.67 55.65
C ASN G 47 -60.40 24.16 54.62
N THR G 48 -60.31 22.89 54.25
CA THR G 48 -61.27 22.30 53.33
C THR G 48 -61.27 20.80 53.53
N ALA G 49 -62.40 20.17 53.17
CA ALA G 49 -62.55 18.73 53.22
C ALA G 49 -63.27 18.28 51.97
N ILE G 50 -62.65 17.39 51.20
CA ILE G 50 -63.18 16.99 49.91
C ILE G 50 -63.25 15.47 49.86
N GLN G 51 -64.40 14.94 49.45
CA GLN G 51 -64.58 13.51 49.30
C GLN G 51 -64.32 13.10 47.85
N MET G 52 -63.80 11.89 47.68
CA MET G 52 -63.47 11.38 46.34
C MET G 52 -63.50 9.86 46.41
N ASP G 53 -64.49 9.27 45.74
CA ASP G 53 -64.54 7.82 45.66
C ASP G 53 -63.44 7.30 44.75
N VAL G 54 -62.83 6.19 45.14
CA VAL G 54 -61.80 5.56 44.35
C VAL G 54 -62.43 4.40 43.58
N VAL G 55 -61.67 3.83 42.64
CA VAL G 55 -62.21 2.83 41.74
C VAL G 55 -62.85 1.69 42.51
N GLY G 56 -64.10 1.39 42.19
CA GLY G 56 -64.84 0.32 42.81
C GLY G 56 -65.61 0.72 44.06
N ASN G 57 -64.90 0.93 45.16
CA ASN G 57 -65.52 1.27 46.44
C ASN G 57 -64.45 1.87 47.34
N ARG G 58 -64.77 2.01 48.63
CA ARG G 58 -63.84 2.55 49.62
C ARG G 58 -63.42 3.98 49.27
N LYS G 59 -64.41 4.88 49.33
CA LYS G 59 -64.17 6.29 49.06
C LYS G 59 -63.15 6.87 50.04
N ALA G 60 -62.68 8.07 49.72
CA ALA G 60 -61.60 8.71 50.48
C ALA G 60 -61.97 10.15 50.80
N VAL G 61 -61.32 10.68 51.83
CA VAL G 61 -61.49 12.06 52.26
C VAL G 61 -60.13 12.73 52.33
N VAL G 62 -60.05 13.97 51.82
CA VAL G 62 -58.81 14.73 51.80
C VAL G 62 -59.03 16.02 52.57
N ILE G 63 -58.13 16.30 53.52
CA ILE G 63 -58.19 17.47 54.39
C ILE G 63 -56.93 18.30 54.15
N HIS G 64 -57.01 19.57 54.53
CA HIS G 64 -55.94 20.55 54.25
C HIS G 64 -55.57 21.32 55.51
N VAL G 65 -54.44 20.96 56.10
CA VAL G 65 -53.79 21.81 57.12
C VAL G 65 -53.28 23.07 56.43
N PRO G 66 -53.38 24.27 57.06
CA PRO G 66 -53.09 25.49 56.29
C PRO G 66 -51.69 25.55 55.71
N TYR G 67 -50.67 25.79 56.53
CA TYR G 67 -49.32 25.29 56.24
C TYR G 67 -48.57 24.96 57.51
N ARG G 68 -48.73 25.82 58.52
CA ARG G 68 -47.82 25.83 59.67
C ARG G 68 -48.10 24.70 60.63
N LEU G 69 -49.34 24.23 60.70
CA LEU G 69 -49.70 23.15 61.61
C LEU G 69 -49.38 21.78 61.04
N ARG G 70 -48.77 21.71 59.85
CA ARG G 70 -48.42 20.42 59.28
C ARG G 70 -47.40 19.70 60.15
N LYS G 71 -46.39 20.42 60.65
CA LYS G 71 -45.37 19.78 61.48
C LYS G 71 -45.94 19.19 62.77
N PRO G 72 -46.80 19.88 63.52
CA PRO G 72 -47.43 19.21 64.67
C PRO G 72 -48.24 17.98 64.29
N PHE G 73 -48.93 18.00 63.15
CA PHE G 73 -49.76 16.86 62.80
C PHE G 73 -48.93 15.63 62.46
N ARG G 74 -47.69 15.81 62.00
CA ARG G 74 -46.82 14.65 61.82
C ARG G 74 -46.61 13.91 63.13
N LYS G 75 -46.72 14.63 64.26
CA LYS G 75 -46.61 14.00 65.57
C LYS G 75 -47.87 13.23 65.95
N ILE G 76 -49.01 13.51 65.31
CA ILE G 76 -50.26 12.84 65.63
C ILE G 76 -50.85 12.09 64.45
N HIS G 77 -50.33 12.29 63.23
CA HIS G 77 -50.89 11.63 62.06
C HIS G 77 -50.85 10.11 62.19
N VAL G 78 -49.92 9.59 62.99
CA VAL G 78 -49.86 8.14 63.21
C VAL G 78 -51.12 7.68 63.93
N ARG G 79 -51.57 8.43 64.93
CA ARG G 79 -52.72 8.03 65.74
C ARG G 79 -54.02 8.65 65.27
N LEU G 80 -54.01 9.90 64.83
CA LEU G 80 -55.25 10.63 64.57
C LEU G 80 -56.13 9.86 63.57
N VAL G 81 -55.57 9.49 62.42
CA VAL G 81 -56.33 8.74 61.44
C VAL G 81 -56.79 7.42 62.03
N ARG G 82 -55.90 6.74 62.78
CA ARG G 82 -56.32 5.54 63.50
C ARG G 82 -57.39 5.87 64.51
N GLU G 83 -57.23 6.99 65.23
CA GLU G 83 -58.31 7.45 66.11
C GLU G 83 -59.52 7.85 65.28
N LEU G 84 -59.31 8.34 64.07
CA LEU G 84 -60.43 8.63 63.18
C LEU G 84 -60.99 7.37 62.54
N GLU G 85 -60.40 6.20 62.81
CA GLU G 85 -60.99 4.95 62.34
C GLU G 85 -62.38 4.74 62.92
N LYS G 86 -62.57 5.08 64.20
CA LYS G 86 -63.89 5.01 64.84
C LYS G 86 -64.72 6.25 64.48
N LYS G 87 -65.02 6.35 63.19
CA LYS G 87 -65.74 7.48 62.62
C LYS G 87 -66.53 6.97 61.42
N PHE G 88 -66.87 7.87 60.51
CA PHE G 88 -67.72 7.53 59.37
C PHE G 88 -66.98 6.56 58.44
N SER G 89 -67.22 5.27 58.64
CA SER G 89 -66.45 4.22 58.01
C SER G 89 -66.60 4.26 56.49
N GLY G 90 -65.79 3.46 55.81
CA GLY G 90 -65.63 3.61 54.38
C GLY G 90 -64.76 4.78 54.01
N LYS G 91 -63.79 5.12 54.86
CA LYS G 91 -63.01 6.34 54.74
C LYS G 91 -61.56 6.00 54.42
N ASP G 92 -60.91 6.90 53.69
CA ASP G 92 -59.45 6.94 53.58
C ASP G 92 -59.07 8.41 53.77
N VAL G 93 -58.87 8.80 55.03
CA VAL G 93 -58.60 10.20 55.36
C VAL G 93 -57.12 10.49 55.19
N VAL G 94 -56.81 11.54 54.43
CA VAL G 94 -55.44 11.92 54.13
C VAL G 94 -55.30 13.43 54.30
N PHE G 95 -54.23 13.86 54.97
CA PHE G 95 -53.96 15.26 55.23
C PHE G 95 -52.90 15.77 54.26
N VAL G 96 -53.13 16.96 53.71
CA VAL G 96 -52.15 17.66 52.90
C VAL G 96 -52.04 19.09 53.42
N ALA G 97 -51.24 19.90 52.73
CA ALA G 97 -51.06 21.30 53.10
C ALA G 97 -51.32 22.18 51.89
N THR G 98 -52.21 23.18 52.06
CA THR G 98 -52.49 24.12 50.98
C THR G 98 -51.29 25.03 50.74
N ARG G 99 -50.94 25.20 49.46
CA ARG G 99 -49.75 25.95 49.10
C ARG G 99 -50.05 26.91 47.96
N ARG G 100 -49.45 28.10 48.01
CA ARG G 100 -49.54 29.02 46.90
C ARG G 100 -48.70 28.51 45.73
N ILE G 101 -49.15 28.84 44.52
CA ILE G 101 -48.63 28.21 43.31
C ILE G 101 -48.19 29.26 42.29
N VAL G 102 -47.73 30.42 42.78
CA VAL G 102 -47.60 31.62 41.96
C VAL G 102 -46.72 31.40 40.73
N ARG G 103 -47.36 31.43 39.56
CA ARG G 103 -46.80 31.42 38.21
C ARG G 103 -46.22 32.78 37.83
N PRO G 104 -46.73 33.86 38.42
CA PRO G 104 -46.84 35.17 37.73
C PRO G 104 -45.65 35.53 36.84
N PRO G 105 -44.39 35.55 37.36
CA PRO G 105 -43.30 36.17 36.58
C PRO G 105 -43.23 35.82 35.10
N LYS G 106 -43.37 36.84 34.26
CA LYS G 106 -43.37 36.73 32.81
C LYS G 106 -41.96 37.04 32.27
N LYS G 107 -41.87 37.26 30.95
CA LYS G 107 -40.58 37.51 30.32
C LYS G 107 -39.87 38.69 30.95
N GLY G 108 -40.61 39.73 31.33
CA GLY G 108 -40.05 40.80 32.13
C GLY G 108 -40.22 40.46 33.59
N SER G 109 -40.94 41.30 34.34
CA SER G 109 -41.46 40.93 35.66
C SER G 109 -40.35 40.43 36.58
N ALA G 110 -39.48 41.37 36.96
CA ALA G 110 -38.26 41.04 37.72
C ALA G 110 -38.54 40.37 39.05
N VAL G 111 -39.83 40.18 39.39
CA VAL G 111 -40.18 39.36 40.55
C VAL G 111 -39.64 37.95 40.37
N GLN G 112 -39.15 37.36 41.46
CA GLN G 112 -38.35 36.15 41.37
C GLN G 112 -39.11 34.86 41.66
N ARG G 113 -40.20 34.92 42.46
CA ARG G 113 -41.02 33.77 42.84
C ARG G 113 -40.14 32.60 43.30
N PRO G 114 -39.61 32.66 44.53
CA PRO G 114 -38.50 31.77 44.95
C PRO G 114 -38.55 30.35 44.42
N ARG G 115 -37.39 29.88 43.94
CA ARG G 115 -37.28 28.57 43.29
C ARG G 115 -37.54 27.41 44.23
N THR G 116 -37.81 27.66 45.50
CA THR G 116 -38.17 26.58 46.41
C THR G 116 -39.65 26.23 46.27
N ARG G 117 -40.52 27.19 46.52
CA ARG G 117 -41.97 26.98 46.43
C ARG G 117 -42.49 27.53 45.11
N THR G 118 -42.08 26.89 44.02
CA THR G 118 -42.49 27.31 42.69
C THR G 118 -43.88 26.76 42.39
N LEU G 119 -44.28 26.86 41.12
CA LEU G 119 -45.45 26.16 40.63
C LEU G 119 -45.01 24.77 40.17
N THR G 120 -45.81 23.77 40.52
CA THR G 120 -45.60 22.34 40.25
C THR G 120 -44.38 21.77 40.96
N ALA G 121 -43.60 22.58 41.68
CA ALA G 121 -42.76 22.02 42.73
C ALA G 121 -43.56 21.73 43.98
N VAL G 122 -44.77 22.30 44.07
CA VAL G 122 -45.75 21.87 45.05
C VAL G 122 -46.25 20.48 44.72
N HIS G 123 -46.25 20.12 43.43
CA HIS G 123 -46.79 18.83 43.01
C HIS G 123 -46.05 17.67 43.66
N ASP G 124 -44.72 17.75 43.69
CA ASP G 124 -43.96 16.78 44.47
C ASP G 124 -43.89 17.13 45.95
N GLY G 125 -44.39 18.30 46.34
CA GLY G 125 -44.44 18.69 47.73
C GLY G 125 -45.69 18.20 48.43
N ILE G 126 -46.73 17.90 47.66
CA ILE G 126 -47.91 17.23 48.20
C ILE G 126 -47.79 15.71 48.09
N LEU G 127 -46.83 15.21 47.31
CA LEU G 127 -46.76 13.78 47.05
C LEU G 127 -46.37 13.01 48.31
N GLU G 128 -45.35 13.48 49.03
CA GLU G 128 -44.95 12.79 50.25
C GLU G 128 -45.90 13.07 51.41
N ASP G 129 -46.72 14.11 51.31
CA ASP G 129 -47.73 14.35 52.34
C ASP G 129 -48.79 13.26 52.33
N VAL G 130 -49.18 12.79 51.15
CA VAL G 130 -50.18 11.73 51.04
C VAL G 130 -49.67 10.43 51.63
N VAL G 131 -48.36 10.24 51.70
CA VAL G 131 -47.78 8.99 52.17
C VAL G 131 -46.90 9.24 53.39
N TYR G 132 -47.27 10.21 54.22
CA TYR G 132 -46.38 10.70 55.28
C TYR G 132 -45.77 9.61 56.15
N PRO G 133 -46.52 8.63 56.67
CA PRO G 133 -45.88 7.64 57.55
C PRO G 133 -44.81 6.81 56.86
N ALA G 134 -44.81 6.72 55.53
CA ALA G 134 -43.83 5.94 54.79
C ALA G 134 -43.07 6.87 53.85
N GLU G 135 -41.79 7.10 54.14
CA GLU G 135 -41.00 8.04 53.35
C GLU G 135 -40.57 7.41 52.03
N ILE G 136 -40.64 8.20 50.96
CA ILE G 136 -40.22 7.74 49.64
C ILE G 136 -38.71 7.56 49.62
N VAL G 137 -38.26 6.44 49.05
CA VAL G 137 -36.85 6.19 48.85
C VAL G 137 -36.46 6.15 47.38
N GLY G 138 -37.41 6.15 46.46
CA GLY G 138 -37.07 6.23 45.06
C GLY G 138 -38.19 6.69 44.15
N LYS G 139 -37.85 7.30 43.00
CA LYS G 139 -38.87 7.78 42.07
C LYS G 139 -38.33 7.64 40.64
N ARG G 140 -39.18 7.11 39.76
CA ARG G 140 -38.83 6.97 38.35
C ARG G 140 -40.02 7.43 37.51
N VAL G 141 -39.74 7.90 36.30
CA VAL G 141 -40.76 8.37 35.37
C VAL G 141 -40.58 7.65 34.05
N ARG G 142 -41.58 6.89 33.63
CA ARG G 142 -41.55 6.12 32.39
C ARG G 142 -42.42 6.81 31.35
N TYR G 143 -41.86 7.03 30.17
CA TYR G 143 -42.56 7.73 29.09
C TYR G 143 -43.04 6.69 28.08
N ARG G 144 -44.32 6.36 28.13
CA ARG G 144 -44.88 5.32 27.30
C ARG G 144 -45.01 5.77 25.85
N LEU G 145 -45.28 4.81 24.97
CA LEU G 145 -45.29 5.06 23.53
C LEU G 145 -46.45 5.95 23.10
N ASP G 146 -47.48 6.10 23.93
CA ASP G 146 -48.63 6.93 23.59
C ASP G 146 -48.55 8.32 24.22
N GLY G 147 -47.39 8.71 24.73
CA GLY G 147 -47.29 9.96 25.45
C GLY G 147 -48.07 9.96 26.74
N ALA G 148 -47.99 8.87 27.50
CA ALA G 148 -48.80 8.63 28.69
C ALA G 148 -47.90 8.32 29.87
N LYS G 149 -46.91 9.18 30.10
CA LYS G 149 -45.88 8.93 31.10
C LYS G 149 -46.49 8.67 32.47
N VAL G 150 -45.91 7.71 33.19
CA VAL G 150 -46.35 7.29 34.50
C VAL G 150 -45.20 7.49 35.47
N ILE G 151 -45.53 7.63 36.76
CA ILE G 151 -44.55 7.83 37.81
C ILE G 151 -44.62 6.63 38.74
N LYS G 152 -43.49 5.98 38.95
CA LYS G 152 -43.37 4.85 39.86
C LYS G 152 -42.58 5.30 41.08
N ILE G 153 -43.11 4.99 42.27
CA ILE G 153 -42.52 5.43 43.53
C ILE G 153 -42.20 4.20 44.37
N TYR G 154 -40.96 4.12 44.81
CA TYR G 154 -40.51 3.07 45.71
C TYR G 154 -40.52 3.68 47.12
N LEU G 155 -41.50 3.28 47.91
CA LEU G 155 -41.58 3.65 49.31
C LEU G 155 -40.64 2.76 50.13
N ASP G 156 -40.37 3.18 51.36
CA ASP G 156 -39.52 2.40 52.22
C ASP G 156 -40.17 1.05 52.51
N PRO G 157 -39.40 -0.04 52.55
CA PRO G 157 -40.02 -1.36 52.80
C PRO G 157 -40.67 -1.49 54.16
N LYS G 158 -40.33 -0.63 55.12
CA LYS G 158 -40.90 -0.72 56.47
C LYS G 158 -42.33 -0.20 56.39
N GLU G 159 -43.22 -1.09 55.95
CA GLU G 159 -44.65 -0.74 55.85
C GLU G 159 -45.33 -0.93 57.20
N ARG G 160 -45.41 -2.18 57.67
CA ARG G 160 -45.84 -2.52 59.03
C ARG G 160 -47.20 -1.93 59.39
N ASN G 161 -47.99 -1.49 58.42
CA ASN G 161 -49.27 -0.84 58.72
C ASN G 161 -50.16 -0.95 57.50
N ASN G 162 -51.23 -0.14 57.48
CA ASN G 162 -52.23 -0.08 56.43
C ASN G 162 -51.76 0.64 55.17
N THR G 163 -50.47 0.94 54.99
CA THR G 163 -50.04 1.59 53.77
C THR G 163 -50.16 0.70 52.55
N GLU G 164 -50.40 -0.60 52.74
CA GLU G 164 -50.40 -1.54 51.62
C GLU G 164 -51.64 -1.39 50.75
N TYR G 165 -52.81 -1.21 51.36
CA TYR G 165 -54.06 -1.16 50.60
C TYR G 165 -54.48 0.26 50.24
N LYS G 166 -53.69 1.27 50.58
CA LYS G 166 -54.00 2.65 50.23
C LYS G 166 -53.38 3.08 48.90
N LEU G 167 -52.70 2.17 48.21
CA LEU G 167 -51.97 2.56 47.00
C LEU G 167 -52.92 3.06 45.91
N GLU G 168 -54.03 2.36 45.68
CA GLU G 168 -54.98 2.83 44.69
C GLU G 168 -55.67 4.11 45.15
N THR G 169 -55.90 4.25 46.45
CA THR G 169 -56.42 5.52 46.98
C THR G 169 -55.44 6.66 46.72
N PHE G 170 -54.15 6.41 46.95
CA PHE G 170 -53.14 7.42 46.65
C PHE G 170 -53.12 7.76 45.17
N SER G 171 -53.23 6.74 44.31
CA SER G 171 -53.24 6.99 42.87
C SER G 171 -54.42 7.87 42.47
N ALA G 172 -55.62 7.55 42.97
CA ALA G 172 -56.79 8.37 42.65
C ALA G 172 -56.66 9.78 43.21
N VAL G 173 -56.13 9.91 44.43
CA VAL G 173 -55.98 11.22 45.04
C VAL G 173 -55.01 12.08 44.24
N TYR G 174 -53.90 11.49 43.81
CA TYR G 174 -52.94 12.23 43.00
C TYR G 174 -53.52 12.56 41.63
N ARG G 175 -54.31 11.66 41.06
CA ARG G 175 -54.93 11.93 39.77
C ARG G 175 -55.88 13.12 39.87
N ARG G 176 -56.64 13.21 40.97
CA ARG G 176 -57.59 14.29 41.12
C ARG G 176 -56.99 15.55 41.75
N LEU G 177 -55.76 15.49 42.26
CA LEU G 177 -55.13 16.66 42.86
C LEU G 177 -54.05 17.29 41.98
N CYS G 178 -53.43 16.51 41.09
CA CYS G 178 -52.39 17.02 40.20
C CYS G 178 -52.54 16.56 38.76
N GLY G 179 -53.47 15.67 38.46
CA GLY G 179 -53.63 15.19 37.09
C GLY G 179 -52.45 14.37 36.60
N LYS G 180 -51.90 13.52 37.45
CA LYS G 180 -50.78 12.66 37.09
C LYS G 180 -51.08 11.22 37.50
N ASP G 181 -50.61 10.27 36.70
CA ASP G 181 -50.80 8.86 36.98
C ASP G 181 -49.58 8.34 37.72
N VAL G 182 -49.80 7.83 38.94
CA VAL G 182 -48.72 7.36 39.80
C VAL G 182 -49.05 5.97 40.28
N VAL G 183 -48.08 5.06 40.18
CA VAL G 183 -48.20 3.69 40.66
C VAL G 183 -47.08 3.43 41.64
N PHE G 184 -47.42 2.93 42.83
CA PHE G 184 -46.47 2.72 43.90
C PHE G 184 -45.97 1.27 43.92
N GLU G 185 -44.84 1.07 44.57
CA GLU G 185 -44.21 -0.24 44.65
C GLU G 185 -43.27 -0.24 45.86
N TYR G 186 -42.73 -1.43 46.16
CA TYR G 186 -41.84 -1.62 47.29
C TYR G 186 -40.57 -2.31 46.83
N PRO G 187 -39.45 -2.03 47.49
CA PRO G 187 -38.19 -2.71 47.13
C PRO G 187 -38.24 -4.19 47.43
N VAL G 188 -37.49 -4.96 46.64
CA VAL G 188 -37.46 -6.41 46.81
C VAL G 188 -36.50 -6.81 47.93
N THR G 189 -35.46 -6.01 48.18
CA THR G 189 -34.41 -6.41 49.11
C THR G 189 -34.97 -6.71 50.49
N GLU G 190 -35.51 -5.70 51.16
CA GLU G 190 -36.02 -5.88 52.51
C GLU G 190 -37.49 -5.51 52.62
N GLY H 1 -11.02 81.40 0.82
CA GLY H 1 -11.03 82.32 1.94
C GLY H 1 -11.24 81.62 3.26
N ILE H 2 -11.74 82.36 4.25
CA ILE H 2 -12.02 81.78 5.55
C ILE H 2 -13.16 80.79 5.42
N SER H 3 -12.96 79.57 5.93
CA SER H 3 -13.92 78.50 5.75
C SER H 3 -14.28 77.89 7.09
N ARG H 4 -15.46 77.28 7.13
CA ARG H 4 -16.01 76.67 8.35
C ARG H 4 -16.05 75.15 8.26
N ASP H 5 -15.28 74.56 7.35
CA ASP H 5 -15.28 73.12 7.20
C ASP H 5 -14.54 72.43 8.34
N SER H 6 -14.91 71.17 8.56
CA SER H 6 -14.08 70.25 9.33
C SER H 6 -13.01 69.61 8.47
N MET H 7 -12.93 70.05 7.22
CA MET H 7 -12.01 69.48 6.25
C MET H 7 -10.56 69.60 6.72
N HIS H 8 -10.20 70.75 7.27
CA HIS H 8 -8.85 70.99 7.76
C HIS H 8 -8.61 70.45 9.16
N LYS H 9 -9.66 70.04 9.86
CA LYS H 9 -9.53 69.57 11.23
C LYS H 9 -9.01 68.14 11.23
N ARG H 10 -9.04 67.51 12.40
CA ARG H 10 -8.55 66.15 12.57
C ARG H 10 -9.66 65.28 13.14
N ARG H 11 -9.58 63.99 12.85
CA ARG H 11 -10.57 63.05 13.36
C ARG H 11 -10.51 62.98 14.88
N ALA H 12 -11.61 62.50 15.47
CA ALA H 12 -11.67 62.35 16.92
C ALA H 12 -10.64 61.36 17.43
N THR H 13 -10.10 60.52 16.56
CA THR H 13 -9.04 59.59 16.93
C THR H 13 -7.66 60.20 16.87
N GLY H 14 -7.56 61.49 16.53
CA GLY H 14 -6.27 62.13 16.40
C GLY H 14 -5.53 61.81 15.13
N GLY H 15 -6.23 61.34 14.09
CA GLY H 15 -5.61 61.00 12.82
C GLY H 15 -5.87 62.07 11.78
N LYS H 16 -4.84 62.36 10.97
CA LYS H 16 -4.97 63.38 9.95
C LYS H 16 -5.99 62.98 8.90
N GLN H 17 -6.83 63.92 8.53
CA GLN H 17 -7.84 63.73 7.50
C GLN H 17 -7.33 64.37 6.20
N LYS H 18 -7.32 63.59 5.12
CA LYS H 18 -6.81 64.09 3.85
C LYS H 18 -7.87 64.96 3.18
N ALA H 19 -7.51 65.51 2.02
CA ALA H 19 -8.38 66.41 1.28
C ALA H 19 -8.82 65.76 -0.01
N TRP H 20 -10.14 65.73 -0.23
CA TRP H 20 -10.71 65.15 -1.42
C TRP H 20 -11.46 66.15 -2.28
N ARG H 21 -11.54 67.42 -1.87
CA ARG H 21 -12.23 68.44 -2.64
C ARG H 21 -11.69 69.80 -2.24
N LYS H 22 -11.92 70.78 -3.12
CA LYS H 22 -11.52 72.16 -2.86
C LYS H 22 -12.46 72.79 -1.83
N LYS H 23 -12.17 74.03 -1.47
CA LYS H 23 -13.09 74.80 -0.64
C LYS H 23 -14.33 75.17 -1.44
N ARG H 24 -15.46 75.28 -0.75
CA ARG H 24 -16.73 75.57 -1.38
C ARG H 24 -17.27 76.89 -0.88
N LYS H 25 -18.06 77.55 -1.73
CA LYS H 25 -18.59 78.86 -1.39
C LYS H 25 -19.58 78.78 -0.23
N TYR H 26 -20.44 77.78 -0.22
CA TYR H 26 -21.52 77.70 0.76
C TYR H 26 -21.03 77.43 2.16
N GLU H 27 -19.73 77.45 2.39
CA GLU H 27 -19.15 77.16 3.69
C GLU H 27 -18.07 78.20 4.05
N LEU H 28 -18.21 79.40 3.52
CA LEU H 28 -17.22 80.45 3.68
C LEU H 28 -17.36 81.14 5.04
N GLY H 29 -16.35 81.94 5.37
CA GLY H 29 -16.43 82.85 6.49
C GLY H 29 -16.01 84.25 6.05
N ARG H 30 -16.20 85.21 6.94
CA ARG H 30 -15.89 86.60 6.66
C ARG H 30 -15.14 87.20 7.83
N GLN H 31 -14.49 88.34 7.57
CA GLN H 31 -13.72 89.00 8.61
C GLN H 31 -14.64 89.57 9.67
N PRO H 32 -14.25 89.52 10.94
CA PRO H 32 -15.08 90.09 12.00
C PRO H 32 -15.27 91.59 11.81
N ALA H 33 -16.44 92.07 12.22
CA ALA H 33 -16.73 93.50 12.11
C ALA H 33 -15.83 94.33 13.01
N ASN H 34 -15.57 93.83 14.23
CA ASN H 34 -14.80 94.56 15.24
C ASN H 34 -15.40 95.94 15.47
N THR H 35 -16.66 95.94 15.89
CA THR H 35 -17.38 97.19 16.13
C THR H 35 -16.71 97.98 17.24
N LYS H 36 -16.70 99.30 17.08
CA LYS H 36 -16.07 100.20 18.03
C LYS H 36 -17.09 101.19 18.55
N LEU H 37 -16.87 101.67 19.77
CA LEU H 37 -17.73 102.69 20.38
C LEU H 37 -17.15 104.05 20.03
N SER H 38 -17.74 104.69 19.02
CA SER H 38 -17.22 105.95 18.51
C SER H 38 -18.39 106.83 18.09
N SER H 39 -18.13 108.14 18.03
CA SER H 39 -19.16 109.11 17.69
C SER H 39 -19.48 109.19 16.21
N ASN H 40 -18.63 108.62 15.35
CA ASN H 40 -18.84 108.67 13.91
C ASN H 40 -19.42 107.33 13.47
N LYS H 41 -20.75 107.24 13.47
CA LYS H 41 -21.42 105.99 13.15
C LYS H 41 -21.19 105.61 11.69
N THR H 42 -21.05 104.31 11.46
CA THR H 42 -20.89 103.77 10.10
C THR H 42 -21.33 102.33 10.12
N VAL H 43 -22.27 101.98 9.23
CA VAL H 43 -22.76 100.62 9.05
C VAL H 43 -22.76 100.32 7.56
N ARG H 44 -22.15 99.20 7.18
CA ARG H 44 -21.99 98.82 5.79
C ARG H 44 -22.83 97.59 5.47
N ARG H 45 -23.58 97.65 4.38
CA ARG H 45 -24.43 96.54 3.98
C ARG H 45 -23.60 95.39 3.43
N VAL H 46 -23.97 94.18 3.81
CA VAL H 46 -23.34 92.96 3.29
C VAL H 46 -24.40 92.15 2.56
N ARG H 47 -24.00 91.53 1.45
CA ARG H 47 -24.88 90.66 0.69
C ARG H 47 -24.54 89.22 1.03
N VAL H 48 -25.54 88.46 1.49
CA VAL H 48 -25.32 87.12 2.02
C VAL H 48 -26.01 86.10 1.15
N ARG H 49 -25.91 84.83 1.52
CA ARG H 49 -26.50 83.76 0.73
C ARG H 49 -27.99 83.95 0.56
N GLY H 50 -28.47 83.72 -0.66
CA GLY H 50 -29.87 83.90 -0.97
C GLY H 50 -30.25 85.29 -1.46
N GLY H 51 -29.30 86.23 -1.49
CA GLY H 51 -29.59 87.59 -1.86
C GLY H 51 -30.04 88.49 -0.73
N ASN H 52 -30.12 87.96 0.49
CA ASN H 52 -30.53 88.76 1.64
C ASN H 52 -29.39 89.69 2.04
N VAL H 53 -29.61 90.44 3.12
CA VAL H 53 -28.71 91.51 3.53
C VAL H 53 -28.39 91.37 5.01
N LYS H 54 -27.11 91.44 5.34
CA LYS H 54 -26.64 91.59 6.71
C LYS H 54 -26.09 93.00 6.88
N TRP H 55 -26.30 93.57 8.06
CA TRP H 55 -25.84 94.91 8.37
C TRP H 55 -24.62 94.81 9.28
N ARG H 56 -23.47 95.21 8.78
CA ARG H 56 -22.20 95.10 9.50
C ARG H 56 -21.87 96.49 10.06
N ALA H 57 -22.18 96.70 11.33
CA ALA H 57 -21.94 97.99 11.96
C ALA H 57 -20.47 98.12 12.32
N LEU H 58 -19.79 99.09 11.71
CA LEU H 58 -18.40 99.35 12.03
C LEU H 58 -18.24 100.33 13.19
N ARG H 59 -19.15 101.28 13.34
CA ARG H 59 -19.05 102.24 14.44
C ARG H 59 -20.44 102.66 14.88
N LEU H 60 -20.68 102.65 16.18
CA LEU H 60 -21.96 103.04 16.75
C LEU H 60 -21.73 103.92 17.96
N ASP H 61 -22.71 104.78 18.25
CA ASP H 61 -22.67 105.66 19.40
C ASP H 61 -23.94 105.65 20.23
N THR H 62 -25.06 105.18 19.69
CA THR H 62 -26.33 105.14 20.40
C THR H 62 -26.82 103.70 20.46
N GLY H 63 -27.93 103.51 21.16
CA GLY H 63 -28.52 102.19 21.27
C GLY H 63 -29.92 102.27 21.85
N ASN H 64 -30.61 101.14 21.77
CA ASN H 64 -31.97 101.01 22.29
C ASN H 64 -31.90 100.10 23.51
N PHE H 65 -32.12 100.67 24.69
CA PHE H 65 -31.93 99.95 25.93
C PHE H 65 -33.23 99.91 26.71
N SER H 66 -33.51 98.75 27.31
CA SER H 66 -34.78 98.49 27.96
C SER H 66 -34.59 98.29 29.46
N TRP H 67 -35.43 98.98 30.23
CA TRP H 67 -35.58 98.74 31.66
C TRP H 67 -36.69 97.72 31.82
N GLY H 68 -36.32 96.48 32.15
CA GLY H 68 -37.29 95.40 32.19
C GLY H 68 -38.29 95.53 33.32
N SER H 69 -37.83 95.96 34.49
CA SER H 69 -38.72 96.02 35.66
C SER H 69 -39.89 96.97 35.41
N GLU H 70 -39.63 98.16 34.88
CA GLU H 70 -40.67 99.08 34.48
C GLU H 70 -41.12 98.86 33.04
N ALA H 71 -40.45 97.98 32.30
CA ALA H 71 -40.81 97.65 30.93
C ALA H 71 -40.89 98.89 30.06
N VAL H 72 -39.80 99.67 30.05
CA VAL H 72 -39.71 100.88 29.26
C VAL H 72 -38.44 100.85 28.44
N THR H 73 -38.57 101.03 27.13
CA THR H 73 -37.43 101.00 26.22
C THR H 73 -37.16 102.40 25.70
N ARG H 74 -35.91 102.85 25.81
CA ARG H 74 -35.55 104.19 25.41
C ARG H 74 -34.25 104.15 24.60
N LYS H 75 -34.11 105.11 23.69
CA LYS H 75 -32.90 105.26 22.90
C LYS H 75 -31.95 106.21 23.63
N THR H 76 -30.73 105.74 23.89
CA THR H 76 -29.76 106.50 24.66
C THR H 76 -28.36 106.22 24.14
N ARG H 77 -27.44 107.13 24.43
CA ARG H 77 -26.08 107.04 23.94
C ARG H 77 -25.21 106.27 24.92
N LEU H 78 -24.47 105.29 24.41
CA LEU H 78 -23.49 104.60 25.23
C LEU H 78 -22.31 105.54 25.53
N LEU H 79 -21.78 105.44 26.74
CA LEU H 79 -20.68 106.29 27.17
C LEU H 79 -19.37 105.57 27.28
N ASP H 80 -19.36 104.33 27.79
CA ASP H 80 -18.11 103.62 27.98
C ASP H 80 -18.39 102.12 27.96
N VAL H 81 -17.33 101.35 27.71
CA VAL H 81 -17.35 99.90 27.85
C VAL H 81 -16.50 99.54 29.06
N VAL H 82 -17.08 98.80 29.99
CA VAL H 82 -16.43 98.56 31.28
C VAL H 82 -16.06 97.10 31.50
N TYR H 83 -16.67 96.15 30.81
CA TYR H 83 -16.39 94.75 31.05
C TYR H 83 -16.62 93.94 29.78
N ASN H 84 -15.79 92.92 29.58
CA ASN H 84 -15.96 91.97 28.48
C ASN H 84 -15.66 90.59 29.01
N SER H 85 -16.64 89.69 28.89
CA SER H 85 -16.50 88.37 29.49
C SER H 85 -15.37 87.57 28.84
N SER H 86 -15.26 87.63 27.52
CA SER H 86 -14.34 86.74 26.81
C SER H 86 -12.90 87.25 26.86
N ASN H 87 -12.66 88.42 26.28
CA ASN H 87 -11.31 88.98 26.16
C ASN H 87 -11.23 90.26 26.97
N ASN H 88 -10.16 90.39 27.74
CA ASN H 88 -9.97 91.59 28.55
C ASN H 88 -9.37 92.75 27.75
N GLU H 89 -8.95 92.51 26.51
CA GLU H 89 -8.50 93.58 25.64
C GLU H 89 -9.62 94.12 24.75
N LEU H 90 -10.81 93.53 24.81
CA LEU H 90 -11.96 94.05 24.08
C LEU H 90 -12.62 95.22 24.80
N VAL H 91 -12.28 95.45 26.06
CA VAL H 91 -12.75 96.64 26.77
C VAL H 91 -11.72 97.76 26.66
N ARG H 92 -10.43 97.41 26.66
CA ARG H 92 -9.39 98.40 26.40
C ARG H 92 -9.53 98.98 25.00
N THR H 93 -9.85 98.15 24.01
CA THR H 93 -10.10 98.62 22.66
C THR H 93 -11.51 99.16 22.48
N GLN H 94 -12.39 98.96 23.47
CA GLN H 94 -13.76 99.45 23.44
C GLN H 94 -14.51 98.90 22.23
N THR H 95 -14.66 97.58 22.22
CA THR H 95 -15.33 96.88 21.12
C THR H 95 -16.74 96.48 21.55
N LEU H 96 -17.72 96.80 20.72
CA LEU H 96 -19.12 96.50 20.99
C LEU H 96 -19.43 95.10 20.45
N VAL H 97 -19.72 94.17 21.36
CA VAL H 97 -20.13 92.82 21.03
C VAL H 97 -21.27 92.43 21.97
N LYS H 98 -21.81 91.24 21.76
CA LYS H 98 -22.86 90.74 22.64
C LYS H 98 -22.29 90.43 24.02
N ASN H 99 -23.13 90.60 25.03
CA ASN H 99 -22.80 90.31 26.43
C ASN H 99 -21.66 91.18 26.95
N ALA H 100 -21.43 92.34 26.32
CA ALA H 100 -20.40 93.27 26.77
C ALA H 100 -21.07 94.34 27.63
N ILE H 101 -20.58 94.51 28.86
CA ILE H 101 -21.14 95.50 29.76
C ILE H 101 -20.75 96.89 29.29
N VAL H 102 -21.73 97.79 29.26
CA VAL H 102 -21.52 99.17 28.83
C VAL H 102 -22.20 100.09 29.83
N GLN H 103 -21.98 101.40 29.64
CA GLN H 103 -22.63 102.43 30.43
C GLN H 103 -23.40 103.35 29.50
N VAL H 104 -24.68 103.57 29.81
CA VAL H 104 -25.54 104.43 29.00
C VAL H 104 -26.09 105.54 29.88
N ASP H 105 -26.14 106.75 29.32
CA ASP H 105 -26.61 107.88 30.12
C ASP H 105 -28.06 107.69 30.51
N ALA H 106 -28.40 108.17 31.71
CA ALA H 106 -29.70 107.93 32.31
C ALA H 106 -30.70 109.04 32.07
N ALA H 107 -30.38 110.01 31.21
CA ALA H 107 -31.29 111.14 31.01
C ALA H 107 -32.66 110.73 30.49
N PRO H 108 -32.78 109.91 29.43
CA PRO H 108 -34.13 109.50 29.00
C PRO H 108 -34.88 108.74 30.08
N PHE H 109 -34.19 107.88 30.84
CA PHE H 109 -34.84 107.13 31.89
C PHE H 109 -35.25 108.02 33.05
N LYS H 110 -34.42 108.99 33.41
CA LYS H 110 -34.82 109.97 34.42
C LYS H 110 -36.05 110.75 33.98
N GLN H 111 -36.07 111.17 32.71
CA GLN H 111 -37.21 111.92 32.21
C GLN H 111 -38.49 111.07 32.25
N TRP H 112 -38.40 109.82 31.80
CA TRP H 112 -39.57 108.95 31.85
C TRP H 112 -40.03 108.71 33.27
N TYR H 113 -39.07 108.47 34.19
CA TYR H 113 -39.44 108.22 35.58
C TYR H 113 -40.13 109.42 36.18
N LEU H 114 -39.61 110.62 35.91
CA LEU H 114 -40.26 111.83 36.41
C LEU H 114 -41.65 112.00 35.84
N THR H 115 -41.83 111.78 34.54
CA THR H 115 -43.13 112.03 33.93
C THR H 115 -44.12 110.90 34.16
N HIS H 116 -43.68 109.74 34.66
CA HIS H 116 -44.58 108.62 34.90
C HIS H 116 -44.88 108.41 36.38
N TYR H 117 -43.86 108.37 37.23
CA TYR H 117 -44.06 108.20 38.66
C TYR H 117 -44.26 109.52 39.39
N GLY H 118 -44.06 110.65 38.72
CA GLY H 118 -44.16 111.93 39.39
C GLY H 118 -43.10 112.18 40.43
N VAL H 119 -41.98 111.47 40.36
CA VAL H 119 -40.90 111.58 41.32
C VAL H 119 -39.60 111.84 40.57
N GLU H 120 -38.86 112.85 41.00
CA GLU H 120 -37.56 113.17 40.42
C GLU H 120 -36.47 112.58 41.28
N ILE H 121 -35.54 111.84 40.65
CA ILE H 121 -34.46 111.18 41.36
C ILE H 121 -33.16 111.43 40.59
N GLY H 122 -32.05 111.31 41.31
CA GLY H 122 -30.74 111.54 40.73
C GLY H 122 -30.33 113.00 40.75
N LYS H 153 -52.96 118.18 34.88
CA LYS H 153 -52.37 118.29 36.21
C LYS H 153 -53.46 118.56 37.24
N SER H 154 -54.64 118.94 36.75
CA SER H 154 -55.69 119.45 37.62
C SER H 154 -56.15 118.42 38.66
N ASN H 155 -56.83 117.37 38.22
CA ASN H 155 -57.20 116.33 39.18
C ASN H 155 -56.90 114.92 38.69
N ASN H 156 -57.05 114.65 37.39
CA ASN H 156 -56.79 113.30 36.89
C ASN H 156 -55.35 112.89 37.15
N VAL H 157 -54.40 113.78 36.87
CA VAL H 157 -52.99 113.42 36.97
C VAL H 157 -52.60 113.17 38.41
N GLN H 158 -53.06 114.01 39.34
CA GLN H 158 -52.75 113.77 40.75
C GLN H 158 -53.51 112.56 41.29
N ARG H 159 -54.75 112.35 40.84
CA ARG H 159 -55.51 111.18 41.27
C ARG H 159 -54.96 109.88 40.69
N LYS H 160 -54.10 109.96 39.67
CA LYS H 160 -53.47 108.77 39.11
C LYS H 160 -52.00 108.62 39.50
N LEU H 161 -51.36 109.69 39.96
CA LEU H 161 -49.93 109.61 40.28
C LEU H 161 -49.68 108.86 41.57
N GLU H 162 -50.50 109.08 42.60
CA GLU H 162 -50.30 108.38 43.86
C GLU H 162 -50.57 106.88 43.72
N LYS H 163 -51.39 106.48 42.74
CA LYS H 163 -51.58 105.05 42.49
C LYS H 163 -50.28 104.40 42.05
N ARG H 164 -49.53 105.05 41.16
CA ARG H 164 -48.23 104.55 40.77
C ARG H 164 -47.19 104.78 41.85
N GLN H 165 -47.42 105.74 42.74
CA GLN H 165 -46.52 105.97 43.86
C GLN H 165 -46.72 104.99 45.01
N GLN H 166 -47.84 104.28 45.04
CA GLN H 166 -48.09 103.31 46.09
C GLN H 166 -47.10 102.15 46.01
N GLY H 167 -46.95 101.57 44.83
CA GLY H 167 -46.01 100.49 44.61
C GLY H 167 -44.63 100.93 44.16
N ARG H 168 -44.35 102.23 44.16
CA ARG H 168 -43.07 102.73 43.70
C ARG H 168 -41.95 102.27 44.63
N THR H 169 -41.08 101.41 44.12
CA THR H 169 -39.92 100.95 44.87
C THR H 169 -38.76 100.78 43.90
N LEU H 170 -37.57 101.22 44.32
CA LEU H 170 -36.39 101.13 43.49
C LEU H 170 -35.23 100.54 44.29
N ASP H 171 -34.38 99.80 43.58
CA ASP H 171 -33.19 99.24 44.20
C ASP H 171 -32.23 100.37 44.53
N SER H 172 -31.55 100.24 45.66
CA SER H 172 -30.55 101.24 46.04
C SER H 172 -29.42 101.30 45.02
N HIS H 173 -28.95 100.14 44.56
CA HIS H 173 -27.89 100.12 43.56
C HIS H 173 -28.36 100.69 42.23
N ILE H 174 -29.65 100.52 41.91
CA ILE H 174 -30.19 101.11 40.69
C ILE H 174 -30.26 102.63 40.83
N GLU H 175 -30.75 103.11 41.97
CA GLU H 175 -30.92 104.55 42.14
C GLU H 175 -29.61 105.29 42.33
N GLU H 176 -28.55 104.61 42.80
CA GLU H 176 -27.29 105.30 43.01
C GLU H 176 -26.59 105.66 41.72
N GLN H 177 -27.04 105.16 40.58
CA GLN H 177 -26.42 105.48 39.30
C GLN H 177 -27.07 106.66 38.59
N PHE H 178 -28.30 107.01 38.96
CA PHE H 178 -28.96 108.15 38.33
C PHE H 178 -28.23 109.44 38.65
N SER H 179 -27.78 109.61 39.89
CA SER H 179 -27.00 110.78 40.25
C SER H 179 -25.70 110.84 39.46
N GLY H 180 -25.02 109.70 39.32
CA GLY H 180 -23.82 109.64 38.50
C GLY H 180 -24.06 109.89 37.03
N GLY H 181 -25.29 109.70 36.57
CA GLY H 181 -25.65 109.99 35.20
C GLY H 181 -25.48 108.84 34.22
N ARG H 182 -24.90 107.74 34.64
CA ARG H 182 -24.65 106.60 33.76
C ARG H 182 -25.10 105.31 34.44
N LEU H 183 -25.77 104.46 33.67
CA LEU H 183 -26.29 103.19 34.13
C LEU H 183 -25.53 102.04 33.48
N LEU H 184 -25.19 101.05 34.29
CA LEU H 184 -24.63 99.80 33.76
C LEU H 184 -25.70 99.05 32.97
N ALA H 185 -25.32 98.50 31.83
CA ALA H 185 -26.25 97.79 30.99
C ALA H 185 -25.50 96.72 30.20
N CYS H 186 -26.26 95.79 29.62
CA CYS H 186 -25.71 94.68 28.87
C CYS H 186 -26.26 94.67 27.46
N ILE H 187 -25.40 94.41 26.50
CA ILE H 187 -25.78 94.37 25.09
C ILE H 187 -26.30 92.97 24.78
N SER H 188 -27.49 92.90 24.18
CA SER H 188 -28.11 91.63 23.85
C SER H 188 -28.18 91.35 22.35
N SER H 189 -27.91 92.36 21.52
CA SER H 189 -27.90 92.17 20.07
C SER H 189 -26.48 91.87 19.60
N ARG H 190 -26.35 91.53 18.33
CA ARG H 190 -25.05 91.27 17.73
C ARG H 190 -24.71 92.43 16.80
N PRO H 191 -23.84 93.36 17.21
CA PRO H 191 -23.62 94.57 16.41
C PRO H 191 -23.09 94.30 15.02
N GLY H 192 -22.28 93.26 14.84
CA GLY H 192 -21.74 92.96 13.53
C GLY H 192 -22.66 92.21 12.62
N GLN H 193 -23.86 91.85 13.07
CA GLN H 193 -24.82 91.10 12.28
C GLN H 193 -26.07 91.91 11.97
N CYS H 194 -26.71 92.48 12.99
CA CYS H 194 -27.88 93.31 12.79
C CYS H 194 -27.54 94.78 12.56
N GLY H 195 -26.28 95.15 12.74
CA GLY H 195 -25.89 96.54 12.56
C GLY H 195 -26.31 97.47 13.68
N ARG H 196 -26.74 96.94 14.82
CA ARG H 196 -27.28 97.74 15.89
C ARG H 196 -26.78 97.23 17.23
N ALA H 197 -26.84 98.10 18.23
CA ALA H 197 -26.41 97.78 19.59
C ALA H 197 -27.57 98.08 20.54
N ASP H 198 -28.43 97.09 20.76
CA ASP H 198 -29.53 97.18 21.70
C ASP H 198 -29.21 96.35 22.93
N GLY H 199 -29.93 96.61 24.01
CA GLY H 199 -29.65 95.90 25.24
C GLY H 199 -30.62 96.20 26.35
N TYR H 200 -30.25 95.76 27.55
CA TYR H 200 -31.12 95.87 28.71
C TYR H 200 -30.32 96.36 29.91
N ILE H 201 -31.01 97.01 30.82
CA ILE H 201 -30.39 97.60 32.01
C ILE H 201 -30.16 96.51 33.04
N LEU H 202 -28.95 96.49 33.61
CA LEU H 202 -28.62 95.48 34.61
C LEU H 202 -29.38 95.73 35.90
N GLU H 203 -30.06 94.70 36.40
CA GLU H 203 -30.79 94.79 37.66
C GLU H 203 -30.70 93.46 38.37
N GLY H 204 -31.02 93.48 39.67
CA GLY H 204 -31.12 92.28 40.48
C GLY H 204 -29.80 91.52 40.55
N LYS H 205 -29.93 90.19 40.63
CA LYS H 205 -28.76 89.34 40.91
C LYS H 205 -27.66 89.52 39.88
N GLU H 206 -28.01 89.93 38.65
CA GLU H 206 -26.98 90.22 37.66
C GLU H 206 -26.09 91.38 38.10
N LEU H 207 -26.71 92.51 38.45
CA LEU H 207 -25.97 93.77 38.58
C LEU H 207 -24.84 93.66 39.58
N GLU H 208 -25.13 93.24 40.82
CA GLU H 208 -24.08 93.14 41.81
C GLU H 208 -23.01 92.15 41.42
N PHE H 209 -23.37 91.07 40.72
CA PHE H 209 -22.35 90.14 40.25
C PHE H 209 -21.32 90.86 39.41
N TYR H 210 -21.76 91.78 38.55
CA TYR H 210 -20.80 92.57 37.78
C TYR H 210 -20.19 93.68 38.63
N MET H 211 -20.94 94.22 39.60
CA MET H 211 -20.38 95.25 40.45
C MET H 211 -19.19 94.72 41.24
N ARG H 212 -19.33 93.54 41.85
CA ARG H 212 -18.22 92.91 42.53
C ARG H 212 -17.07 92.57 41.58
N LYS H 213 -17.35 92.54 40.28
CA LYS H 213 -16.29 92.37 39.29
C LYS H 213 -15.75 93.69 38.78
N LEU H 214 -16.51 94.78 38.93
CA LEU H 214 -16.07 96.08 38.47
C LEU H 214 -15.55 96.97 39.60
N GLN H 215 -15.76 96.60 40.85
CA GLN H 215 -15.32 97.38 41.98
C GLN H 215 -13.89 96.98 42.35
N LYS H 216 -13.06 97.98 42.66
CA LYS H 216 -11.68 97.75 43.03
C LYS H 216 -11.07 99.03 43.61
N VAL I 2 -24.79 59.74 -23.80
CA VAL I 2 -25.40 58.43 -23.63
C VAL I 2 -25.92 57.94 -24.98
N HIS I 3 -25.92 56.62 -25.16
CA HIS I 3 -26.48 55.99 -26.34
C HIS I 3 -27.62 55.11 -25.89
N VAL I 4 -28.84 55.44 -26.32
CA VAL I 4 -30.00 54.70 -25.84
C VAL I 4 -29.98 53.26 -26.31
N ASN I 5 -29.40 53.00 -27.49
CA ASN I 5 -29.32 51.63 -28.01
C ASN I 5 -28.56 50.70 -27.08
N PHE I 6 -27.72 51.24 -26.20
CA PHE I 6 -27.00 50.42 -25.24
C PHE I 6 -27.94 49.70 -24.27
N TYR I 7 -29.18 50.16 -24.13
CA TYR I 7 -30.07 49.61 -23.13
C TYR I 7 -30.80 48.36 -23.60
N ARG I 8 -30.57 47.91 -24.82
CA ARG I 8 -31.24 46.72 -25.33
C ARG I 8 -30.57 45.47 -24.77
N ASN I 9 -31.35 44.62 -24.11
CA ASN I 9 -30.82 43.41 -23.51
C ASN I 9 -30.37 42.45 -24.59
N TYR I 10 -29.48 41.53 -24.22
CA TYR I 10 -29.04 40.60 -25.25
C TYR I 10 -28.36 39.42 -24.57
N GLY I 11 -28.41 38.25 -25.21
CA GLY I 11 -27.92 37.06 -24.57
C GLY I 11 -27.51 35.99 -25.57
N LYS I 12 -27.02 34.87 -25.05
CA LYS I 12 -26.57 33.74 -25.83
C LYS I 12 -27.47 32.54 -25.62
N THR I 13 -27.52 31.67 -26.62
CA THR I 13 -28.51 30.60 -26.67
C THR I 13 -27.95 29.19 -26.68
N PHE I 14 -26.64 29.00 -26.76
CA PHE I 14 -26.05 27.66 -26.68
C PHE I 14 -24.83 27.72 -25.78
N LYS I 15 -24.30 26.55 -25.43
CA LYS I 15 -23.39 26.46 -24.30
C LYS I 15 -22.07 25.76 -24.62
N LYS I 16 -22.08 24.80 -25.56
CA LYS I 16 -20.94 23.96 -25.91
C LYS I 16 -20.62 22.98 -24.79
N PRO I 17 -20.15 21.77 -25.13
CA PRO I 17 -19.97 20.74 -24.10
C PRO I 17 -18.63 20.85 -23.41
N ARG I 18 -18.58 20.28 -22.19
CA ARG I 18 -17.36 20.34 -21.39
C ARG I 18 -16.27 19.46 -21.98
N ARG I 19 -16.61 18.22 -22.34
CA ARG I 19 -15.64 17.30 -22.92
C ARG I 19 -15.82 17.24 -24.42
N PRO I 20 -14.88 17.72 -25.21
CA PRO I 20 -15.13 17.89 -26.65
C PRO I 20 -15.00 16.60 -27.45
N TYR I 21 -14.19 15.66 -26.98
CA TYR I 21 -13.86 14.45 -27.74
C TYR I 21 -14.30 13.23 -26.94
N GLU I 22 -15.55 12.82 -27.14
CA GLU I 22 -16.08 11.58 -26.58
C GLU I 22 -16.82 10.84 -27.67
N LYS I 23 -16.52 9.55 -27.81
CA LYS I 23 -17.09 8.78 -28.92
C LYS I 23 -18.59 8.64 -28.80
N GLU I 24 -19.09 8.21 -27.64
CA GLU I 24 -20.52 7.95 -27.51
C GLU I 24 -21.33 9.22 -27.70
N ARG I 25 -20.90 10.34 -27.10
CA ARG I 25 -21.64 11.59 -27.28
C ARG I 25 -21.58 12.06 -28.73
N LEU I 26 -20.41 11.93 -29.37
CA LEU I 26 -20.29 12.35 -30.77
C LEU I 26 -21.23 11.56 -31.66
N ASP I 27 -21.27 10.23 -31.50
CA ASP I 27 -22.20 9.42 -32.28
C ASP I 27 -23.65 9.72 -31.96
N ALA I 28 -24.00 9.97 -30.69
CA ALA I 28 -25.38 10.34 -30.38
C ALA I 28 -25.78 11.62 -31.08
N GLU I 29 -24.94 12.66 -30.98
CA GLU I 29 -25.26 13.94 -31.60
C GLU I 29 -25.32 13.81 -33.11
N LEU I 30 -24.38 13.07 -33.72
CA LEU I 30 -24.42 12.89 -35.17
C LEU I 30 -25.66 12.11 -35.59
N LYS I 31 -26.06 11.10 -34.81
CA LYS I 31 -27.30 10.40 -35.09
C LYS I 31 -28.48 11.36 -35.13
N LEU I 32 -28.63 12.18 -34.08
CA LEU I 32 -29.75 13.11 -34.02
C LEU I 32 -29.71 14.09 -35.20
N VAL I 33 -28.53 14.63 -35.49
CA VAL I 33 -28.39 15.59 -36.59
C VAL I 33 -28.78 14.93 -37.91
N GLY I 34 -28.40 13.67 -38.10
CA GLY I 34 -28.64 12.99 -39.36
C GLY I 34 -30.10 12.83 -39.74
N GLU I 35 -30.94 12.36 -38.83
CA GLU I 35 -32.33 12.16 -39.19
C GLU I 35 -33.22 13.34 -38.83
N TYR I 36 -32.70 14.33 -38.12
CA TYR I 36 -33.44 15.57 -37.93
C TYR I 36 -32.99 16.68 -38.87
N GLY I 37 -32.11 16.37 -39.82
CA GLY I 37 -31.80 17.30 -40.90
C GLY I 37 -31.25 18.64 -40.45
N LEU I 38 -30.35 18.64 -39.49
CA LEU I 38 -29.83 19.89 -38.94
C LEU I 38 -28.63 20.36 -39.77
N ARG I 39 -27.94 21.39 -39.29
CA ARG I 39 -26.81 21.99 -40.00
C ARG I 39 -25.50 21.83 -39.25
N CYS I 40 -25.51 21.86 -37.92
CA CYS I 40 -24.31 21.71 -37.13
C CYS I 40 -24.72 21.31 -35.72
N LYS I 41 -23.74 21.13 -34.85
CA LYS I 41 -24.04 20.77 -33.47
C LYS I 41 -24.62 21.94 -32.69
N ARG I 42 -24.56 23.16 -33.23
CA ARG I 42 -25.15 24.30 -32.55
C ARG I 42 -26.67 24.25 -32.58
N GLU I 43 -27.25 23.82 -33.71
CA GLU I 43 -28.69 23.71 -33.81
C GLU I 43 -29.27 22.76 -32.79
N LEU I 44 -28.48 21.81 -32.31
CA LEU I 44 -28.90 20.87 -31.28
C LEU I 44 -28.49 21.33 -29.89
N TRP I 45 -27.36 22.00 -29.77
CA TRP I 45 -26.93 22.50 -28.47
C TRP I 45 -27.86 23.60 -27.97
N ARG I 46 -28.41 24.41 -28.87
CA ARG I 46 -29.36 25.42 -28.42
C ARG I 46 -30.67 24.80 -27.96
N VAL I 47 -31.11 23.73 -28.61
CA VAL I 47 -32.29 23.00 -28.14
C VAL I 47 -32.02 22.41 -26.76
N GLN I 48 -30.83 21.83 -26.57
CA GLN I 48 -30.46 21.33 -25.26
C GLN I 48 -30.46 22.45 -24.22
N TYR I 49 -29.98 23.63 -24.60
CA TYR I 49 -29.93 24.76 -23.67
C TYR I 49 -31.32 25.18 -23.25
N ALA I 50 -32.24 25.31 -24.21
CA ALA I 50 -33.61 25.69 -23.88
C ALA I 50 -34.27 24.63 -23.00
N LEU I 51 -34.08 23.36 -23.34
CA LEU I 51 -34.66 22.28 -22.54
C LEU I 51 -34.07 22.29 -21.14
N SER I 52 -32.78 22.58 -21.00
CA SER I 52 -32.15 22.63 -19.69
C SER I 52 -32.73 23.77 -18.86
N ARG I 53 -32.96 24.92 -19.48
CA ARG I 53 -33.59 26.03 -18.75
C ARG I 53 -34.98 25.64 -18.27
N ILE I 54 -35.77 25.02 -19.15
CA ILE I 54 -37.13 24.63 -18.77
C ILE I 54 -37.09 23.61 -17.63
N ARG I 55 -36.22 22.60 -17.75
CA ARG I 55 -36.12 21.57 -16.73
C ARG I 55 -35.66 22.15 -15.40
N ASN I 56 -34.73 23.11 -15.43
CA ASN I 56 -34.30 23.75 -14.19
C ASN I 56 -35.44 24.50 -13.55
N ALA I 57 -36.22 25.23 -14.34
CA ALA I 57 -37.37 25.94 -13.79
C ALA I 57 -38.36 24.97 -13.15
N ALA I 58 -38.66 23.87 -13.85
CA ALA I 58 -39.60 22.88 -13.32
C ALA I 58 -39.07 22.25 -12.04
N ARG I 59 -37.79 21.92 -12.00
CA ARG I 59 -37.21 21.32 -10.80
C ARG I 59 -37.26 22.29 -9.62
N HIS I 60 -36.98 23.57 -9.88
CA HIS I 60 -37.09 24.56 -8.81
C HIS I 60 -38.53 24.65 -8.31
N LEU I 61 -39.50 24.61 -9.23
CA LEU I 61 -40.89 24.67 -8.82
C LEU I 61 -41.28 23.46 -7.97
N LEU I 62 -40.83 22.27 -8.36
CA LEU I 62 -41.21 21.06 -7.64
C LEU I 62 -40.62 20.99 -6.24
N THR I 63 -39.62 21.81 -5.93
CA THR I 63 -39.03 21.80 -4.61
C THR I 63 -39.88 22.54 -3.58
N LEU I 64 -40.86 23.31 -4.02
CA LEU I 64 -41.69 24.11 -3.12
C LEU I 64 -42.87 23.31 -2.62
N ASP I 65 -43.49 23.81 -1.56
CA ASP I 65 -44.69 23.19 -1.02
C ASP I 65 -45.84 23.31 -2.01
N GLU I 66 -46.75 22.33 -1.95
CA GLU I 66 -47.86 22.29 -2.90
C GLU I 66 -48.74 23.52 -2.75
N LYS I 67 -49.04 23.91 -1.50
CA LYS I 67 -49.92 25.03 -1.22
C LYS I 67 -49.23 26.38 -1.37
N ASN I 68 -48.08 26.43 -2.05
CA ASN I 68 -47.37 27.69 -2.25
C ASN I 68 -47.84 28.33 -3.55
N PRO I 69 -48.37 29.56 -3.53
CA PRO I 69 -48.83 30.18 -4.78
C PRO I 69 -47.73 30.35 -5.80
N ARG I 70 -46.50 30.63 -5.36
CA ARG I 70 -45.36 30.71 -6.26
C ARG I 70 -44.94 29.34 -6.77
N ARG I 71 -45.70 28.31 -6.45
CA ARG I 71 -45.65 27.05 -7.17
C ARG I 71 -46.83 26.86 -8.10
N ILE I 72 -48.05 27.15 -7.63
CA ILE I 72 -49.25 26.92 -8.42
C ILE I 72 -49.24 27.76 -9.69
N PHE I 73 -48.91 29.05 -9.57
CA PHE I 73 -49.08 29.95 -10.70
C PHE I 73 -48.16 29.56 -11.87
N GLU I 74 -46.86 29.43 -11.60
CA GLU I 74 -45.96 29.09 -12.69
C GLU I 74 -45.99 27.61 -13.04
N GLY I 75 -46.47 26.74 -12.16
CA GLY I 75 -46.75 25.38 -12.59
C GLY I 75 -47.85 25.35 -13.64
N ALA I 76 -48.93 26.08 -13.39
CA ALA I 76 -49.98 26.20 -14.39
C ALA I 76 -49.45 26.82 -15.67
N ALA I 77 -48.62 27.87 -15.55
CA ALA I 77 -48.08 28.51 -16.75
C ALA I 77 -47.19 27.56 -17.55
N LEU I 78 -46.32 26.81 -16.88
CA LEU I 78 -45.43 25.88 -17.58
C LEU I 78 -46.22 24.78 -18.26
N LEU I 79 -47.20 24.19 -17.56
CA LEU I 79 -48.02 23.16 -18.18
C LEU I 79 -48.82 23.73 -19.34
N ARG I 80 -49.30 24.97 -19.22
CA ARG I 80 -50.01 25.60 -20.32
C ARG I 80 -49.11 25.76 -21.54
N ARG I 81 -47.86 26.20 -21.34
CA ARG I 81 -46.95 26.34 -22.46
C ARG I 81 -46.67 24.99 -23.12
N MET I 82 -46.44 23.96 -22.31
CA MET I 82 -46.18 22.63 -22.88
C MET I 82 -47.37 22.11 -23.66
N ASN I 83 -48.56 22.16 -23.09
CA ASN I 83 -49.74 21.74 -23.82
C ASN I 83 -50.03 22.63 -25.03
N ARG I 84 -49.51 23.86 -25.03
CA ARG I 84 -49.68 24.74 -26.17
C ARG I 84 -48.73 24.40 -27.31
N TYR I 85 -47.53 23.90 -27.00
CA TYR I 85 -46.53 23.62 -28.02
C TYR I 85 -46.50 22.16 -28.44
N GLY I 86 -47.46 21.35 -28.00
CA GLY I 86 -47.52 19.97 -28.43
C GLY I 86 -46.42 19.09 -27.85
N LEU I 87 -45.90 19.44 -26.68
CA LEU I 87 -44.86 18.64 -26.04
C LEU I 87 -45.46 17.63 -25.07
N LEU I 88 -46.19 18.11 -24.08
CA LEU I 88 -46.87 17.25 -23.11
C LEU I 88 -48.22 16.81 -23.67
N ALA I 89 -48.55 15.55 -23.44
CA ALA I 89 -49.85 15.04 -23.87
C ALA I 89 -50.93 15.47 -22.89
N GLU I 90 -52.19 15.26 -23.30
CA GLU I 90 -53.31 15.59 -22.43
C GLU I 90 -53.36 14.68 -21.20
N GLY I 91 -52.68 13.55 -21.23
CA GLY I 91 -52.58 12.66 -20.08
C GLY I 91 -51.45 12.96 -19.15
N GLN I 92 -50.69 14.05 -19.38
CA GLN I 92 -49.56 14.44 -18.53
C GLN I 92 -49.78 15.89 -18.12
N ASP I 93 -50.54 16.09 -17.05
CA ASP I 93 -50.85 17.41 -16.53
C ASP I 93 -50.21 17.67 -15.18
N LYS I 94 -49.07 17.04 -14.91
CA LYS I 94 -48.38 17.20 -13.64
C LYS I 94 -46.97 17.73 -13.87
N LEU I 95 -46.43 18.39 -12.85
CA LEU I 95 -45.10 18.97 -12.95
C LEU I 95 -44.01 17.90 -13.06
N ASP I 96 -44.34 16.65 -12.75
CA ASP I 96 -43.34 15.58 -12.83
C ASP I 96 -43.08 15.15 -14.27
N TYR I 97 -44.12 15.16 -15.11
CA TYR I 97 -43.96 14.72 -16.49
C TYR I 97 -43.04 15.67 -17.27
N VAL I 98 -43.11 16.96 -16.98
CA VAL I 98 -42.29 17.92 -17.70
C VAL I 98 -40.81 17.76 -17.37
N LEU I 99 -40.48 17.17 -16.22
CA LEU I 99 -39.09 16.84 -15.92
C LEU I 99 -38.57 15.72 -16.82
N ALA I 100 -39.46 14.92 -17.40
CA ALA I 100 -39.08 13.79 -18.23
C ALA I 100 -38.97 14.15 -19.70
N LEU I 101 -39.08 15.43 -20.04
CA LEU I 101 -38.95 15.86 -21.42
C LEU I 101 -37.53 15.64 -21.92
N THR I 102 -37.40 15.48 -23.23
CA THR I 102 -36.11 15.23 -23.86
C THR I 102 -36.00 16.01 -25.16
N ALA I 103 -34.80 16.02 -25.74
CA ALA I 103 -34.50 16.90 -26.86
C ALA I 103 -35.32 16.54 -28.09
N GLU I 104 -35.51 15.25 -28.36
CA GLU I 104 -36.27 14.87 -29.54
C GLU I 104 -37.72 15.33 -29.47
N ASN I 105 -38.27 15.53 -28.27
CA ASN I 105 -39.59 16.13 -28.17
C ASN I 105 -39.60 17.52 -28.79
N PHE I 106 -38.58 18.33 -28.49
CA PHE I 106 -38.49 19.66 -29.07
C PHE I 106 -38.23 19.59 -30.57
N LEU I 107 -37.29 18.73 -30.98
CA LEU I 107 -36.96 18.63 -32.39
C LEU I 107 -38.11 18.08 -33.22
N ALA I 108 -39.08 17.41 -32.59
CA ALA I 108 -40.23 16.91 -33.32
C ALA I 108 -41.21 18.03 -33.68
N ARG I 109 -41.13 19.18 -33.02
CA ARG I 109 -42.05 20.27 -33.24
C ARG I 109 -41.51 21.33 -34.20
N ARG I 110 -40.31 21.16 -34.73
CA ARG I 110 -39.77 22.11 -35.68
C ARG I 110 -40.60 22.10 -36.96
N LEU I 111 -40.61 23.25 -37.65
CA LEU I 111 -41.40 23.36 -38.86
C LEU I 111 -40.92 22.39 -39.93
N GLN I 112 -39.59 22.20 -40.03
CA GLN I 112 -39.06 21.25 -41.00
C GLN I 112 -39.52 19.83 -40.71
N THR I 113 -39.48 19.44 -39.43
CA THR I 113 -39.94 18.11 -39.05
C THR I 113 -41.41 17.91 -39.38
N LEU I 114 -42.25 18.90 -39.07
CA LEU I 114 -43.67 18.78 -39.33
C LEU I 114 -43.97 18.77 -40.83
N VAL I 115 -43.24 19.57 -41.61
CA VAL I 115 -43.42 19.55 -43.05
C VAL I 115 -43.06 18.18 -43.60
N PHE I 116 -41.95 17.60 -43.12
CA PHE I 116 -41.58 16.26 -43.58
C PHE I 116 -42.62 15.23 -43.19
N LYS I 117 -43.11 15.28 -41.95
CA LYS I 117 -44.06 14.29 -41.47
C LYS I 117 -45.47 14.53 -41.98
N ALA I 118 -45.75 15.67 -42.58
CA ALA I 118 -47.05 15.93 -43.18
C ALA I 118 -47.14 15.44 -44.61
N GLY I 119 -46.09 14.79 -45.12
CA GLY I 119 -46.09 14.27 -46.47
C GLY I 119 -45.82 15.28 -47.55
N MET I 120 -45.58 16.54 -47.20
CA MET I 120 -45.33 17.58 -48.18
C MET I 120 -43.91 17.55 -48.73
N ALA I 121 -42.99 16.87 -48.05
CA ALA I 121 -41.58 16.83 -48.43
C ALA I 121 -41.14 15.39 -48.64
N LYS I 122 -40.31 15.18 -49.65
CA LYS I 122 -39.81 13.84 -49.94
C LYS I 122 -38.84 13.36 -48.87
N SER I 123 -38.12 14.26 -48.23
CA SER I 123 -37.19 13.91 -47.17
C SER I 123 -37.00 15.12 -46.26
N ILE I 124 -36.45 14.86 -45.06
CA ILE I 124 -36.30 15.93 -44.08
C ILE I 124 -35.29 16.97 -44.54
N HIS I 125 -34.45 16.65 -45.54
CA HIS I 125 -33.60 17.66 -46.12
C HIS I 125 -34.33 18.43 -47.21
N HIS I 126 -35.16 17.74 -47.99
CA HIS I 126 -36.04 18.44 -48.92
C HIS I 126 -36.97 19.40 -48.19
N ALA I 127 -37.41 19.03 -46.98
CA ALA I 127 -38.25 19.93 -46.20
C ALA I 127 -37.51 21.21 -45.84
N ARG I 128 -36.27 21.09 -45.37
CA ARG I 128 -35.50 22.29 -45.03
C ARG I 128 -35.24 23.13 -46.26
N VAL I 129 -34.92 22.50 -47.39
CA VAL I 129 -34.68 23.25 -48.62
C VAL I 129 -35.94 24.01 -49.03
N LEU I 130 -37.10 23.35 -48.96
CA LEU I 130 -38.35 24.01 -49.32
C LEU I 130 -38.68 25.16 -48.37
N ILE I 131 -38.41 24.96 -47.08
CA ILE I 131 -38.68 26.01 -46.10
C ILE I 131 -37.83 27.24 -46.38
N ARG I 132 -36.53 27.04 -46.62
CA ARG I 132 -35.64 28.17 -46.84
C ARG I 132 -35.87 28.85 -48.18
N GLN I 133 -36.66 28.26 -49.07
CA GLN I 133 -36.92 28.84 -50.38
C GLN I 133 -38.27 29.53 -50.46
N ARG I 134 -38.89 29.81 -49.30
CA ARG I 134 -40.14 30.57 -49.22
C ARG I 134 -41.26 29.86 -49.98
N HIS I 135 -41.50 28.61 -49.58
CA HIS I 135 -42.59 27.81 -50.14
C HIS I 135 -43.63 27.42 -49.11
N ILE I 136 -43.44 27.78 -47.84
CA ILE I 136 -44.26 27.30 -46.75
C ILE I 136 -44.84 28.48 -45.98
N ARG I 137 -46.13 28.42 -45.70
CA ARG I 137 -46.80 29.42 -44.88
C ARG I 137 -47.51 28.74 -43.73
N VAL I 138 -47.31 29.26 -42.52
CA VAL I 138 -48.05 28.82 -41.34
C VAL I 138 -49.21 29.77 -41.16
N GLY I 139 -50.43 29.22 -41.10
CA GLY I 139 -51.61 30.04 -41.12
C GLY I 139 -51.69 30.81 -42.42
N ARG I 140 -51.46 32.12 -42.35
CA ARG I 140 -51.38 32.95 -43.54
C ARG I 140 -50.00 33.57 -43.76
N GLN I 141 -49.06 33.33 -42.85
CA GLN I 141 -47.77 34.02 -42.88
C GLN I 141 -46.70 33.13 -43.48
N ILE I 142 -46.02 33.64 -44.51
CA ILE I 142 -44.85 32.96 -45.06
C ILE I 142 -43.80 32.78 -43.97
N VAL I 143 -43.24 31.58 -43.87
CA VAL I 143 -42.15 31.31 -42.95
C VAL I 143 -41.01 30.69 -43.74
N ASN I 144 -39.80 31.22 -43.58
CA ASN I 144 -38.61 30.66 -44.18
C ASN I 144 -37.55 30.38 -43.12
N VAL I 145 -37.98 30.04 -41.91
CA VAL I 145 -37.08 29.70 -40.81
C VAL I 145 -37.35 28.25 -40.41
N PRO I 146 -36.46 27.32 -40.73
CA PRO I 146 -36.73 25.90 -40.41
C PRO I 146 -36.84 25.62 -38.92
N SER I 147 -36.33 26.49 -38.06
CA SER I 147 -36.41 26.27 -36.62
C SER I 147 -37.72 26.76 -36.03
N PHE I 148 -38.65 27.23 -36.85
CA PHE I 148 -39.94 27.72 -36.39
C PHE I 148 -40.68 26.63 -35.62
N MET I 149 -40.86 26.82 -34.32
CA MET I 149 -41.57 25.86 -33.50
C MET I 149 -43.07 26.08 -33.62
N VAL I 150 -43.77 25.11 -34.17
CA VAL I 150 -45.19 25.23 -34.43
C VAL I 150 -45.96 24.90 -33.16
N ARG I 151 -47.13 25.51 -33.02
CA ARG I 151 -48.05 25.23 -31.93
C ARG I 151 -49.17 24.31 -32.42
N VAL I 152 -49.90 23.73 -31.47
CA VAL I 152 -50.91 22.74 -31.82
C VAL I 152 -52.02 23.37 -32.64
N GLU I 153 -52.45 24.58 -32.27
CA GLU I 153 -53.55 25.23 -32.99
C GLU I 153 -53.18 25.60 -34.41
N SER I 154 -51.90 25.77 -34.71
CA SER I 154 -51.45 26.08 -36.06
C SER I 154 -50.96 24.86 -36.82
N GLU I 155 -51.00 23.67 -36.19
CA GLU I 155 -50.52 22.46 -36.84
C GLU I 155 -51.36 22.08 -38.05
N LYS I 156 -52.60 22.57 -38.13
CA LYS I 156 -53.53 22.19 -39.19
C LYS I 156 -53.59 23.22 -40.31
N HIS I 157 -52.64 24.15 -40.34
CA HIS I 157 -52.66 25.22 -41.35
C HIS I 157 -51.42 25.28 -42.22
N ILE I 158 -50.40 24.46 -41.97
CA ILE I 158 -49.22 24.47 -42.83
C ILE I 158 -49.60 24.01 -44.23
N ASP I 159 -49.23 24.80 -45.22
CA ASP I 159 -49.59 24.50 -46.61
C ASP I 159 -48.68 25.34 -47.49
N PHE I 160 -48.47 24.88 -48.71
CA PHE I 160 -47.68 25.65 -49.67
C PHE I 160 -48.35 26.98 -49.95
N SER I 161 -47.54 28.03 -50.04
CA SER I 161 -48.08 29.37 -50.13
C SER I 161 -48.74 29.61 -51.48
N LEU I 162 -49.60 30.63 -51.52
CA LEU I 162 -50.28 30.99 -52.76
C LEU I 162 -49.28 31.44 -53.82
N THR I 163 -48.25 32.19 -53.42
CA THR I 163 -47.23 32.62 -54.35
C THR I 163 -46.36 31.48 -54.84
N SER I 164 -46.25 30.42 -54.05
CA SER I 164 -45.37 29.30 -54.40
C SER I 164 -45.91 28.56 -55.63
N PRO I 165 -45.03 28.12 -56.54
CA PRO I 165 -45.48 27.22 -57.60
C PRO I 165 -46.03 25.92 -57.09
N PHE I 166 -45.64 25.50 -55.88
CA PHE I 166 -46.19 24.31 -55.24
C PHE I 166 -47.50 24.59 -54.52
N GLY I 167 -47.96 25.84 -54.53
CA GLY I 167 -49.22 26.19 -53.91
C GLY I 167 -50.10 27.04 -54.81
N GLY I 168 -49.81 27.03 -56.10
CA GLY I 168 -50.63 27.76 -57.06
C GLY I 168 -50.03 29.09 -57.49
N GLY I 169 -48.72 29.13 -57.71
CA GLY I 169 -48.06 30.32 -58.18
C GLY I 169 -47.55 30.16 -59.59
N PRO I 170 -47.13 31.27 -60.20
CA PRO I 170 -46.55 31.19 -61.56
C PRO I 170 -45.25 30.42 -61.55
N ALA I 171 -44.90 29.91 -62.73
CA ALA I 171 -43.70 29.10 -62.87
C ALA I 171 -42.45 29.90 -62.54
N GLY I 172 -41.47 29.22 -61.94
CA GLY I 172 -40.21 29.84 -61.59
C GLY I 172 -39.40 30.18 -62.83
N ARG I 173 -38.28 30.87 -62.58
CA ARG I 173 -37.48 31.37 -63.69
C ARG I 173 -36.90 30.24 -64.53
N VAL I 174 -36.69 29.07 -63.94
CA VAL I 174 -36.20 27.93 -64.72
C VAL I 174 -37.24 27.49 -65.74
N LYS I 175 -38.47 27.26 -65.27
CA LYS I 175 -39.53 26.84 -66.18
C LYS I 175 -39.86 27.92 -67.18
N ARG I 176 -39.90 29.18 -66.76
CA ARG I 176 -40.18 30.27 -67.68
C ARG I 176 -39.07 30.41 -68.73
N LYS I 177 -37.82 30.20 -68.32
CA LYS I 177 -36.73 30.21 -69.29
C LYS I 177 -36.88 29.07 -70.29
N ASN I 178 -37.29 27.89 -69.82
CA ASN I 178 -37.49 26.78 -70.73
C ASN I 178 -38.64 27.07 -71.70
N GLN I 179 -39.72 27.68 -71.22
CA GLN I 179 -40.82 28.05 -72.11
C GLN I 179 -40.39 29.11 -73.11
N LYS I 180 -39.54 30.04 -72.68
CA LYS I 180 -38.99 31.04 -73.59
C LYS I 180 -38.15 30.37 -74.68
N LYS I 181 -37.33 29.39 -74.28
CA LYS I 181 -36.53 28.66 -75.25
C LYS I 181 -37.40 27.91 -76.25
N ALA I 182 -38.45 27.25 -75.76
CA ALA I 182 -39.34 26.48 -76.64
C ALA I 182 -40.29 27.36 -77.43
N SER I 183 -40.43 28.63 -77.07
CA SER I 183 -41.33 29.52 -77.80
C SER I 183 -40.84 29.74 -79.22
N GLY I 184 -39.53 29.92 -79.39
CA GLY I 184 -38.95 30.13 -80.70
C GLY I 184 -38.01 29.02 -81.13
N ALA J 2 -21.91 79.80 44.48
CA ALA J 2 -23.15 79.44 43.81
C ALA J 2 -22.87 78.88 42.42
N GLU J 3 -23.92 78.79 41.59
CA GLU J 3 -23.79 78.27 40.25
C GLU J 3 -22.97 79.18 39.33
N GLN J 4 -22.74 80.43 39.73
CA GLN J 4 -21.99 81.38 38.92
C GLN J 4 -20.51 81.21 39.22
N THR J 5 -19.84 80.39 38.41
CA THR J 5 -18.41 80.12 38.56
C THR J 5 -17.62 80.53 37.33
N GLU J 6 -18.14 81.46 36.52
CA GLU J 6 -17.47 81.95 35.34
C GLU J 6 -17.48 83.47 35.34
N LYS J 7 -16.71 84.05 34.41
CA LYS J 7 -16.58 85.50 34.32
C LYS J 7 -17.78 86.17 33.66
N ALA J 8 -18.88 85.44 33.47
CA ALA J 8 -20.12 86.03 32.99
C ALA J 8 -21.28 85.45 33.79
N PHE J 9 -22.31 86.26 33.98
CA PHE J 9 -23.49 85.79 34.70
C PHE J 9 -24.24 84.77 33.85
N LEU J 10 -24.60 83.65 34.47
CA LEU J 10 -25.31 82.58 33.79
C LEU J 10 -26.79 82.66 34.14
N LYS J 11 -27.64 82.74 33.12
CA LYS J 11 -29.07 82.86 33.32
C LYS J 11 -29.79 82.08 32.23
N GLN J 12 -31.02 81.69 32.52
CA GLN J 12 -31.85 81.05 31.53
C GLN J 12 -32.42 82.10 30.57
N PRO J 13 -32.28 81.92 29.26
CA PRO J 13 -32.78 82.92 28.32
C PRO J 13 -34.28 83.09 28.43
N LYS J 14 -34.74 84.30 28.13
CA LYS J 14 -36.16 84.67 28.12
C LYS J 14 -36.84 84.47 29.46
N VAL J 15 -36.06 84.39 30.53
CA VAL J 15 -36.59 84.23 31.88
C VAL J 15 -36.21 85.49 32.66
N PHE J 16 -37.16 86.42 32.75
CA PHE J 16 -36.90 87.66 33.48
C PHE J 16 -36.75 87.36 34.96
N LEU J 17 -35.63 87.77 35.54
CA LEU J 17 -35.29 87.46 36.92
C LEU J 17 -35.52 88.62 37.87
N CYS J 18 -36.21 89.68 37.43
CA CYS J 18 -36.33 90.88 38.23
C CYS J 18 -37.75 91.42 38.28
N SER J 19 -38.75 90.62 37.93
CA SER J 19 -40.12 91.06 38.02
C SER J 19 -40.50 91.31 39.48
N LYS J 20 -41.27 92.36 39.71
CA LYS J 20 -41.74 92.67 41.06
C LYS J 20 -42.94 91.84 41.48
N LYS J 21 -43.72 91.33 40.53
CA LYS J 21 -44.90 90.56 40.87
C LYS J 21 -44.52 89.14 41.26
N THR J 22 -45.42 88.50 42.00
CA THR J 22 -45.13 87.21 42.64
C THR J 22 -45.08 86.09 41.59
N THR J 23 -44.88 84.88 42.09
CA THR J 23 -44.64 83.70 41.28
C THR J 23 -45.21 82.50 42.04
N LYS J 24 -44.73 81.29 41.72
CA LYS J 24 -45.14 80.06 42.39
C LYS J 24 -46.63 79.83 42.25
N GLY J 25 -47.01 79.56 41.00
CA GLY J 25 -48.40 79.41 40.63
C GLY J 25 -48.62 79.86 39.20
N ASN J 26 -47.57 80.39 38.59
CA ASN J 26 -47.59 80.84 37.20
C ASN J 26 -47.20 79.70 36.28
N ASN J 27 -48.04 79.43 35.28
CA ASN J 27 -47.82 78.33 34.37
C ASN J 27 -46.54 78.55 33.57
N LYS J 28 -46.15 77.50 32.83
CA LYS J 28 -44.92 77.50 32.04
C LYS J 28 -43.76 77.95 32.91
N PRO J 29 -43.26 77.10 33.82
CA PRO J 29 -42.16 77.50 34.70
C PRO J 29 -41.06 78.22 33.93
N GLY J 30 -40.72 79.42 34.39
CA GLY J 30 -39.88 80.31 33.62
C GLY J 30 -40.60 81.61 33.34
N LYS J 31 -41.69 81.82 34.06
CA LYS J 31 -42.49 83.03 33.94
C LYS J 31 -42.50 83.76 35.28
N GLU J 32 -42.46 85.09 35.23
CA GLU J 32 -42.38 85.96 36.40
C GLU J 32 -41.25 85.56 37.35
N GLY J 33 -40.21 84.91 36.84
CA GLY J 33 -39.07 84.55 37.65
C GLY J 33 -39.21 83.12 38.12
N ASN J 34 -38.58 82.19 37.44
CA ASN J 34 -38.79 80.78 37.71
C ASN J 34 -37.81 79.97 36.90
N ARG J 35 -37.40 78.83 37.44
CA ARG J 35 -36.63 77.90 36.64
C ARG J 35 -37.46 77.42 35.47
N PHE J 36 -36.86 77.43 34.28
CA PHE J 36 -37.51 76.92 33.09
C PHE J 36 -37.12 75.46 32.90
N TRP J 37 -38.12 74.60 32.79
CA TRP J 37 -37.89 73.20 32.51
C TRP J 37 -39.00 72.69 31.60
N LYS J 38 -38.69 71.66 30.84
CA LYS J 38 -39.64 71.07 29.90
C LYS J 38 -39.47 69.57 29.92
N SER J 39 -40.54 68.88 29.52
CA SER J 39 -40.51 67.44 29.36
C SER J 39 -40.05 67.11 27.95
N VAL J 40 -39.02 66.26 27.84
CA VAL J 40 -38.50 65.90 26.52
C VAL J 40 -39.44 64.98 25.76
N GLY J 41 -40.49 64.48 26.40
CA GLY J 41 -41.38 63.58 25.72
C GLY J 41 -40.76 62.19 25.61
N LEU J 42 -41.31 61.42 24.65
CA LEU J 42 -40.84 60.06 24.38
C LEU J 42 -40.92 59.18 25.61
N GLY J 43 -41.83 59.50 26.54
CA GLY J 43 -41.97 58.73 27.75
C GLY J 43 -40.79 58.79 28.69
N PHE J 44 -40.22 59.98 28.88
CA PHE J 44 -39.11 60.19 29.82
C PHE J 44 -39.56 61.14 30.92
N LYS J 45 -39.14 60.85 32.14
CA LYS J 45 -39.54 61.62 33.31
C LYS J 45 -38.47 62.64 33.66
N THR J 46 -38.89 63.89 33.81
CA THR J 46 -37.96 64.94 34.20
C THR J 46 -37.50 64.71 35.64
N PRO J 47 -36.21 64.64 35.90
CA PRO J 47 -35.74 64.44 37.28
C PRO J 47 -36.11 65.61 38.17
N LYS J 48 -36.34 65.30 39.45
CA LYS J 48 -36.60 66.35 40.42
C LYS J 48 -35.40 67.26 40.58
N GLU J 49 -34.19 66.75 40.36
CA GLU J 49 -33.00 67.57 40.45
C GLU J 49 -32.88 68.57 39.31
N ALA J 50 -33.70 68.44 38.27
CA ALA J 50 -33.74 69.44 37.20
C ALA J 50 -34.80 70.48 37.43
N ILE J 51 -35.91 70.13 38.09
CA ILE J 51 -36.95 71.10 38.40
C ILE J 51 -36.57 71.95 39.60
N GLU J 52 -36.19 71.29 40.70
CA GLU J 52 -35.72 71.99 41.89
C GLU J 52 -34.18 72.01 41.91
N GLY J 53 -33.62 72.70 40.93
CA GLY J 53 -32.18 72.82 40.82
C GLY J 53 -31.72 74.25 40.70
N THR J 54 -30.44 74.50 40.99
CA THR J 54 -29.85 75.82 40.86
C THR J 54 -28.81 75.92 39.77
N TYR J 55 -28.45 74.83 39.11
CA TYR J 55 -27.46 74.85 38.06
C TYR J 55 -28.00 75.53 36.81
N ILE J 56 -27.09 75.96 35.95
CA ILE J 56 -27.45 76.55 34.66
C ILE J 56 -26.70 75.79 33.58
N ASP J 57 -27.44 75.22 32.63
CA ASP J 57 -26.84 74.44 31.55
C ASP J 57 -27.71 74.62 30.32
N LYS J 58 -27.17 75.32 29.31
CA LYS J 58 -27.93 75.55 28.09
C LYS J 58 -27.98 74.32 27.19
N LYS J 59 -27.12 73.33 27.44
CA LYS J 59 -27.14 72.08 26.70
C LYS J 59 -27.91 70.98 27.41
N CYS J 60 -28.48 71.26 28.57
CA CYS J 60 -29.27 70.26 29.27
C CYS J 60 -30.58 70.04 28.53
N PRO J 61 -31.02 68.80 28.35
CA PRO J 61 -32.27 68.56 27.61
C PRO J 61 -33.51 69.05 28.33
N PHE J 62 -33.49 69.07 29.67
CA PHE J 62 -34.69 69.41 30.43
C PHE J 62 -34.81 70.91 30.69
N THR J 63 -33.72 71.57 31.06
CA THR J 63 -33.72 72.98 31.39
C THR J 63 -32.78 73.76 30.48
N GLY J 64 -32.83 73.46 29.18
CA GLY J 64 -31.96 74.12 28.23
C GLY J 64 -32.64 74.47 26.93
N THR J 65 -31.85 74.75 25.90
CA THR J 65 -32.37 75.15 24.59
C THR J 65 -32.32 74.03 23.57
N VAL J 66 -32.04 72.80 24.01
CA VAL J 66 -31.81 71.68 23.11
C VAL J 66 -33.00 70.72 23.18
N SER J 67 -33.47 70.28 22.02
CA SER J 67 -34.61 69.40 21.91
C SER J 67 -34.16 68.03 21.41
N ILE J 68 -34.74 66.97 21.97
CA ILE J 68 -34.35 65.60 21.68
C ILE J 68 -35.20 65.08 20.53
N ARG J 69 -34.54 64.71 19.43
CA ARG J 69 -35.24 64.13 18.29
C ARG J 69 -34.23 63.31 17.48
N GLY J 70 -34.73 62.24 16.86
CA GLY J 70 -33.86 61.39 16.06
C GLY J 70 -33.80 59.95 16.55
N ARG J 71 -32.63 59.54 17.04
CA ARG J 71 -32.38 58.17 17.46
C ARG J 71 -32.17 58.11 18.97
N ILE J 72 -32.74 57.08 19.59
CA ILE J 72 -32.53 56.79 21.00
C ILE J 72 -31.65 55.57 21.10
N ILE J 73 -30.58 55.66 21.90
CA ILE J 73 -29.56 54.62 21.97
C ILE J 73 -29.27 54.32 23.43
N ALA J 74 -29.23 53.04 23.78
CA ALA J 74 -28.83 52.60 25.11
C ALA J 74 -27.39 52.11 25.07
N GLY J 75 -26.71 52.25 26.20
CA GLY J 75 -25.32 51.83 26.27
C GLY J 75 -24.82 51.89 27.70
N THR J 76 -23.51 51.72 27.84
CA THR J 76 -22.86 51.78 29.14
C THR J 76 -21.81 52.87 29.14
N CYS J 77 -21.65 53.53 30.29
CA CYS J 77 -20.69 54.62 30.41
C CYS J 77 -19.28 54.06 30.34
N HIS J 78 -18.45 54.65 29.48
CA HIS J 78 -17.08 54.21 29.28
C HIS J 78 -16.09 55.05 30.08
N SER J 79 -16.10 56.37 29.87
CA SER J 79 -15.24 57.27 30.64
C SER J 79 -16.02 58.54 30.93
N ALA J 80 -16.00 58.97 32.18
CA ALA J 80 -16.71 60.16 32.63
C ALA J 80 -15.77 61.18 33.25
N LYS J 81 -14.56 61.29 32.71
CA LYS J 81 -13.56 62.23 33.22
C LYS J 81 -13.62 63.49 32.37
N MET J 82 -14.62 64.32 32.63
CA MET J 82 -14.87 65.47 31.78
C MET J 82 -15.76 66.46 32.53
N ASN J 83 -16.16 67.51 31.83
CA ASN J 83 -17.07 68.53 32.34
C ASN J 83 -18.39 68.38 31.61
N ARG J 84 -19.34 67.70 32.25
CA ARG J 84 -20.68 67.50 31.69
C ARG J 84 -20.63 66.80 30.33
N THR J 85 -19.82 65.75 30.25
CA THR J 85 -19.75 64.93 29.05
C THR J 85 -19.19 63.57 29.42
N ILE J 86 -19.76 62.51 28.86
CA ILE J 86 -19.33 61.14 29.10
C ILE J 86 -19.14 60.45 27.76
N ILE J 87 -18.54 59.26 27.82
CA ILE J 87 -18.38 58.39 26.67
C ILE J 87 -19.22 57.14 26.91
N VAL J 88 -20.06 56.79 25.93
CA VAL J 88 -20.96 55.66 26.04
C VAL J 88 -20.49 54.57 25.09
N ARG J 89 -20.32 53.36 25.62
CA ARG J 89 -19.87 52.23 24.83
C ARG J 89 -21.09 51.42 24.40
N ARG J 90 -21.24 51.24 23.10
CA ARG J 90 -22.38 50.54 22.51
C ARG J 90 -21.87 49.23 21.93
N ASN J 91 -22.07 48.14 22.67
CA ASN J 91 -21.65 46.83 22.22
C ASN J 91 -22.71 46.18 21.36
N TYR J 92 -22.28 45.55 20.27
CA TYR J 92 -23.19 44.84 19.39
C TYR J 92 -22.45 43.68 18.75
N LEU J 93 -23.15 42.97 17.87
CA LEU J 93 -22.62 41.79 17.20
C LEU J 93 -22.71 41.97 15.70
N HIS J 94 -21.58 41.87 15.01
CA HIS J 94 -21.54 41.98 13.56
C HIS J 94 -21.55 40.58 12.97
N TYR J 95 -22.40 40.39 11.97
CA TYR J 95 -22.64 39.06 11.41
C TYR J 95 -21.70 38.83 10.23
N VAL J 96 -20.62 38.09 10.46
CA VAL J 96 -19.77 37.61 9.39
C VAL J 96 -20.58 36.59 8.60
N LYS J 97 -20.88 36.92 7.34
CA LYS J 97 -21.85 36.16 6.56
C LYS J 97 -21.28 34.86 6.03
N LYS J 98 -20.03 34.87 5.55
CA LYS J 98 -19.46 33.66 4.97
C LYS J 98 -19.41 32.53 5.98
N TYR J 99 -19.01 32.82 7.20
CA TYR J 99 -18.90 31.82 8.24
C TYR J 99 -20.16 31.72 9.08
N GLN J 100 -21.19 32.50 8.76
CA GLN J 100 -22.46 32.49 9.48
C GLN J 100 -22.25 32.64 10.99
N ARG J 101 -21.38 33.57 11.38
CA ARG J 101 -21.03 33.68 12.79
C ARG J 101 -20.88 35.13 13.18
N TYR J 102 -21.05 35.40 14.47
CA TYR J 102 -21.06 36.76 14.99
C TYR J 102 -19.73 37.10 15.65
N GLU J 103 -19.28 38.33 15.44
CA GLU J 103 -18.09 38.86 16.08
C GLU J 103 -18.47 40.08 16.90
N LYS J 104 -17.93 40.17 18.11
CA LYS J 104 -18.27 41.26 19.01
C LYS J 104 -17.64 42.56 18.51
N ARG J 105 -18.44 43.62 18.44
CA ARG J 105 -17.98 44.93 18.03
C ARG J 105 -18.49 45.96 19.03
N HIS J 106 -17.88 47.15 18.97
CA HIS J 106 -18.24 48.23 19.87
C HIS J 106 -18.12 49.54 19.12
N SER J 107 -18.60 50.61 19.76
CA SER J 107 -18.51 51.95 19.17
C SER J 107 -18.69 52.96 20.28
N ASN J 108 -17.70 53.83 20.47
CA ASN J 108 -17.81 54.89 21.46
C ASN J 108 -18.66 56.03 20.91
N ILE J 109 -19.50 56.60 21.77
CA ILE J 109 -20.36 57.72 21.41
C ILE J 109 -20.24 58.78 22.49
N PRO J 110 -19.75 59.98 22.18
CA PRO J 110 -19.71 61.02 23.20
C PRO J 110 -21.08 61.63 23.42
N ALA J 111 -21.45 61.80 24.69
CA ALA J 111 -22.75 62.33 25.04
C ALA J 111 -22.59 63.42 26.09
N HIS J 112 -23.56 64.32 26.13
CA HIS J 112 -23.57 65.40 27.10
C HIS J 112 -24.53 65.05 28.23
N ILE J 113 -24.03 65.09 29.46
CA ILE J 113 -24.80 64.71 30.64
C ILE J 113 -25.02 65.95 31.48
N SER J 114 -26.29 66.23 31.79
CA SER J 114 -26.64 67.43 32.52
C SER J 114 -26.23 67.30 33.99
N PRO J 115 -26.08 68.42 34.69
CA PRO J 115 -25.67 68.36 36.11
C PRO J 115 -26.71 67.76 37.04
N CYS J 116 -27.90 67.41 36.54
CA CYS J 116 -28.88 66.74 37.38
C CYS J 116 -28.66 65.23 37.44
N PHE J 117 -27.78 64.68 36.62
CA PHE J 117 -27.52 63.25 36.56
C PHE J 117 -26.15 62.97 37.18
N ARG J 118 -26.14 62.14 38.22
CA ARG J 118 -24.90 61.64 38.80
C ARG J 118 -24.55 60.32 38.14
N VAL J 119 -23.31 60.20 37.65
CA VAL J 119 -22.91 59.06 36.85
C VAL J 119 -21.62 58.48 37.41
N ARG J 120 -21.42 57.20 37.14
CA ARG J 120 -20.19 56.50 37.48
C ARG J 120 -19.80 55.62 36.30
N GLU J 121 -18.53 55.23 36.27
CA GLU J 121 -18.07 54.34 35.22
C GLU J 121 -18.79 53.01 35.31
N GLY J 122 -19.29 52.52 34.17
CA GLY J 122 -20.04 51.29 34.14
C GLY J 122 -21.53 51.43 34.34
N ASP J 123 -22.04 52.64 34.52
CA ASP J 123 -23.48 52.83 34.64
C ASP J 123 -24.17 52.57 33.29
N HIS J 124 -25.45 52.27 33.35
CA HIS J 124 -26.24 52.00 32.15
C HIS J 124 -27.01 53.27 31.77
N VAL J 125 -26.64 53.86 30.64
CA VAL J 125 -27.20 55.14 30.24
C VAL J 125 -28.07 54.96 29.01
N ILE J 126 -29.09 55.81 28.92
CA ILE J 126 -29.95 55.92 27.74
C ILE J 126 -29.86 57.36 27.25
N ILE J 127 -29.51 57.52 25.98
CA ILE J 127 -29.21 58.82 25.39
C ILE J 127 -30.06 59.03 24.16
N GLY J 128 -30.27 60.28 23.80
CA GLY J 128 -31.08 60.62 22.64
C GLY J 128 -30.39 61.63 21.76
N GLN J 129 -30.57 61.48 20.45
CA GLN J 129 -29.90 62.34 19.50
C GLN J 129 -30.44 63.76 19.57
N CYS J 130 -29.55 64.73 19.44
CA CYS J 130 -29.90 66.13 19.43
C CYS J 130 -29.07 66.83 18.36
N ARG J 131 -29.18 68.14 18.27
CA ARG J 131 -28.35 68.90 17.35
C ARG J 131 -26.90 68.87 17.85
N PRO J 132 -25.94 69.03 16.94
CA PRO J 132 -24.53 69.00 17.37
C PRO J 132 -24.26 70.02 18.45
N LEU J 133 -23.60 69.59 19.52
CA LEU J 133 -23.22 70.47 20.61
C LEU J 133 -21.73 70.76 20.66
N SER J 134 -20.93 70.00 19.93
CA SER J 134 -19.49 70.17 19.90
C SER J 134 -18.97 69.45 18.66
N LYS J 135 -17.65 69.27 18.60
CA LYS J 135 -17.06 68.58 17.46
C LYS J 135 -17.55 67.13 17.37
N THR J 136 -17.69 66.47 18.52
CA THR J 136 -18.05 65.06 18.55
C THR J 136 -19.34 64.75 19.29
N VAL J 137 -19.87 65.67 20.08
CA VAL J 137 -21.06 65.40 20.89
C VAL J 137 -22.30 65.66 20.06
N ARG J 138 -23.16 64.65 19.92
CA ARG J 138 -24.42 64.77 19.22
C ARG J 138 -25.57 64.15 19.99
N PHE J 139 -25.32 63.67 21.21
CA PHE J 139 -26.33 62.98 22.01
C PHE J 139 -26.39 63.60 23.39
N ASN J 140 -27.55 63.49 24.03
CA ASN J 140 -27.76 63.94 25.38
C ASN J 140 -28.21 62.78 26.25
N VAL J 141 -27.64 62.67 27.45
CA VAL J 141 -28.02 61.60 28.36
C VAL J 141 -29.42 61.86 28.88
N LEU J 142 -30.33 60.90 28.68
CA LEU J 142 -31.70 61.02 29.13
C LEU J 142 -32.02 60.22 30.38
N LYS J 143 -31.33 59.12 30.61
CA LYS J 143 -31.56 58.36 31.84
C LYS J 143 -30.29 57.64 32.25
N VAL J 144 -30.10 57.50 33.56
CA VAL J 144 -28.94 56.82 34.13
C VAL J 144 -29.44 55.81 35.15
N VAL J 145 -29.04 54.56 34.99
CA VAL J 145 -29.33 53.48 35.93
C VAL J 145 -27.99 53.01 36.49
N PRO J 146 -27.78 53.09 37.81
CA PRO J 146 -26.48 52.67 38.37
C PRO J 146 -26.23 51.19 38.15
N ALA J 147 -24.95 50.85 38.00
CA ALA J 147 -24.57 49.46 37.80
C ALA J 147 -24.93 48.62 39.02
N GLY J 148 -25.39 47.40 38.77
CA GLY J 148 -25.82 46.53 39.84
C GLY J 148 -27.07 47.04 40.52
N SER J 149 -28.19 47.03 39.81
CA SER J 149 -29.43 47.59 40.31
C SER J 149 -30.59 46.75 39.76
N LYS J 150 -31.80 47.32 39.81
CA LYS J 150 -33.02 46.61 39.45
C LYS J 150 -33.25 45.40 40.36
N SER J 151 -33.37 45.69 41.66
CA SER J 151 -33.56 44.69 42.69
C SER J 151 -34.94 44.83 43.33
N GLY J 152 -35.37 43.76 43.99
CA GLY J 152 -36.64 43.76 44.68
C GLY J 152 -37.59 42.68 44.18
N ALA J 153 -37.97 41.75 45.06
CA ALA J 153 -38.86 40.66 44.70
C ALA J 153 -39.65 40.18 45.91
N GLY K 2 -10.14 17.17 35.09
CA GLY K 2 -9.24 16.76 36.15
C GLY K 2 -8.88 17.89 37.08
N ARG K 3 -7.77 17.72 37.80
CA ARG K 3 -7.31 18.76 38.71
C ARG K 3 -6.97 20.03 37.93
N MET K 4 -7.22 21.19 38.56
CA MET K 4 -6.96 22.45 37.87
C MET K 4 -5.48 22.65 37.62
N HIS K 5 -4.63 22.28 38.58
CA HIS K 5 -3.21 22.56 38.47
C HIS K 5 -2.39 21.29 38.63
N SER K 6 -2.79 20.23 37.94
CA SER K 6 -2.10 18.95 37.95
C SER K 6 -2.64 18.13 36.79
N ARG K 7 -2.18 16.89 36.69
CA ARG K 7 -2.66 15.95 35.69
C ARG K 7 -3.49 14.82 36.29
N GLY K 8 -3.81 14.91 37.58
CA GLY K 8 -4.57 13.86 38.22
C GLY K 8 -6.01 13.81 37.75
N LYS K 9 -6.62 12.64 37.93
CA LYS K 9 -8.01 12.41 37.54
C LYS K 9 -8.78 11.70 38.65
N GLY K 10 -8.34 11.85 39.89
CA GLY K 10 -9.00 11.18 40.99
C GLY K 10 -10.42 11.68 41.19
N ILE K 11 -11.30 10.76 41.61
CA ILE K 11 -12.72 11.04 41.75
C ILE K 11 -13.22 10.78 43.16
N SER K 12 -12.33 10.60 44.13
CA SER K 12 -12.75 10.31 45.49
C SER K 12 -13.49 11.50 46.08
N SER K 13 -14.67 11.24 46.65
CA SER K 13 -15.50 12.29 47.24
C SER K 13 -16.52 11.62 48.14
N SER K 14 -17.50 12.39 48.59
CA SER K 14 -18.59 11.88 49.40
C SER K 14 -19.83 11.65 48.53
N ALA K 15 -20.77 10.88 49.08
CA ALA K 15 -22.01 10.55 48.38
C ALA K 15 -23.17 10.73 49.36
N LEU K 16 -23.85 11.87 49.28
CA LEU K 16 -24.94 12.15 50.19
C LEU K 16 -26.09 11.17 49.97
N PRO K 17 -26.76 10.75 51.02
CA PRO K 17 -27.87 9.79 50.86
C PRO K 17 -29.05 10.42 50.16
N TYR K 18 -29.85 9.57 49.52
CA TYR K 18 -31.05 10.03 48.84
C TYR K 18 -32.06 10.62 49.83
N LYS K 19 -32.19 10.01 51.00
CA LYS K 19 -33.14 10.45 52.01
C LYS K 19 -32.70 11.79 52.58
N ARG K 20 -33.42 12.85 52.22
CA ARG K 20 -33.08 14.19 52.71
C ARG K 20 -33.48 14.40 54.16
N THR K 21 -34.51 13.70 54.62
CA THR K 21 -34.93 13.81 56.01
C THR K 21 -33.86 13.22 56.92
N PRO K 22 -33.62 13.81 58.08
CA PRO K 22 -32.65 13.22 59.01
C PRO K 22 -33.12 11.87 59.47
N PRO K 23 -32.19 10.98 59.84
CA PRO K 23 -32.58 9.65 60.29
C PRO K 23 -33.37 9.70 61.59
N SER K 24 -34.20 8.67 61.78
CA SER K 24 -35.14 8.67 62.89
C SER K 24 -34.43 8.69 64.24
N TRP K 25 -33.29 8.00 64.35
CA TRP K 25 -32.61 7.91 65.64
C TRP K 25 -32.01 9.23 66.10
N VAL K 26 -31.95 10.23 65.23
CA VAL K 26 -31.43 11.54 65.63
C VAL K 26 -32.47 12.21 66.52
N LYS K 27 -32.19 12.31 67.81
CA LYS K 27 -33.09 12.88 68.80
C LYS K 27 -32.56 14.19 69.36
N THR K 28 -31.94 15.00 68.51
CA THR K 28 -31.40 16.29 68.90
C THR K 28 -32.22 17.41 68.26
N ALA K 29 -32.64 18.36 69.08
CA ALA K 29 -33.45 19.46 68.58
C ALA K 29 -32.58 20.48 67.86
N VAL K 30 -33.23 21.37 67.11
CA VAL K 30 -32.51 22.38 66.34
C VAL K 30 -31.78 23.35 67.27
N ALA K 31 -32.36 23.64 68.44
CA ALA K 31 -31.72 24.58 69.36
C ALA K 31 -30.37 24.08 69.84
N ASP K 32 -30.27 22.79 70.17
CA ASP K 32 -28.99 22.24 70.61
C ASP K 32 -27.94 22.33 69.52
N VAL K 33 -28.30 21.99 68.29
CA VAL K 33 -27.37 22.05 67.18
C VAL K 33 -26.93 23.49 66.95
N ASP K 34 -27.87 24.43 67.01
CA ASP K 34 -27.54 25.83 66.80
C ASP K 34 -26.58 26.33 67.89
N GLU K 35 -26.83 25.98 69.14
CA GLU K 35 -25.94 26.40 70.22
C GLU K 35 -24.56 25.79 70.06
N LEU K 36 -24.50 24.52 69.66
CA LEU K 36 -23.20 23.87 69.45
C LEU K 36 -22.42 24.54 68.34
N ILE K 37 -23.09 24.85 67.22
CA ILE K 37 -22.42 25.51 66.11
C ILE K 37 -21.92 26.88 66.52
N THR K 38 -22.75 27.64 67.23
CA THR K 38 -22.35 28.97 67.66
C THR K 38 -21.16 28.91 68.62
N LYS K 39 -21.19 27.96 69.56
CA LYS K 39 -20.07 27.81 70.49
C LYS K 39 -18.79 27.43 69.75
N ALA K 40 -18.88 26.53 68.77
CA ALA K 40 -17.71 26.17 67.99
C ALA K 40 -17.17 27.37 67.24
N ALA K 41 -18.04 28.14 66.59
CA ALA K 41 -17.60 29.33 65.89
C ALA K 41 -16.97 30.33 66.84
N LYS K 42 -17.43 30.38 68.09
CA LYS K 42 -16.78 31.18 69.11
C LYS K 42 -15.38 30.65 69.43
N LYS K 43 -15.20 29.33 69.38
CA LYS K 43 -13.93 28.71 69.69
C LYS K 43 -12.96 28.73 68.50
N GLY K 44 -13.19 29.60 67.52
CA GLY K 44 -12.25 29.75 66.42
C GLY K 44 -12.25 28.63 65.41
N GLN K 45 -13.33 27.85 65.34
CA GLN K 45 -13.43 26.77 64.37
C GLN K 45 -13.89 27.35 63.04
N MET K 46 -14.22 26.48 62.08
CA MET K 46 -14.62 26.91 60.76
C MET K 46 -15.61 25.89 60.21
N PRO K 47 -16.44 26.27 59.23
CA PRO K 47 -17.56 25.40 58.84
C PRO K 47 -17.16 23.99 58.46
N SER K 48 -16.07 23.84 57.69
CA SER K 48 -15.64 22.50 57.30
C SER K 48 -15.25 21.66 58.50
N GLN K 49 -14.54 22.27 59.45
CA GLN K 49 -14.08 21.55 60.63
C GLN K 49 -15.06 21.69 61.79
N ILE K 50 -16.20 22.34 61.57
CA ILE K 50 -17.32 22.25 62.50
C ILE K 50 -18.26 21.11 62.11
N GLY K 51 -18.48 20.93 60.81
CA GLY K 51 -19.31 19.83 60.35
C GLY K 51 -18.78 18.48 60.76
N VAL K 52 -17.45 18.30 60.71
CA VAL K 52 -16.87 17.01 61.09
C VAL K 52 -17.02 16.77 62.59
N LEU K 53 -16.82 17.82 63.40
CA LEU K 53 -17.00 17.68 64.84
C LEU K 53 -18.44 17.33 65.17
N LEU K 54 -19.40 17.93 64.48
CA LEU K 54 -20.81 17.56 64.67
C LEU K 54 -21.06 16.12 64.23
N ARG K 55 -20.46 15.70 63.11
CA ARG K 55 -20.70 14.36 62.59
C ARG K 55 -20.16 13.29 63.53
N ASP K 56 -18.98 13.52 64.10
CA ASP K 56 -18.31 12.48 64.87
C ASP K 56 -18.77 12.44 66.33
N GLN K 57 -18.58 13.54 67.06
CA GLN K 57 -18.84 13.51 68.50
C GLN K 57 -20.33 13.51 68.81
N HIS K 58 -21.11 14.32 68.11
CA HIS K 58 -22.50 14.57 68.48
C HIS K 58 -23.50 13.82 67.61
N GLY K 59 -23.04 12.96 66.71
CA GLY K 59 -23.94 12.14 65.93
C GLY K 59 -24.92 12.90 65.07
N ILE K 60 -24.44 13.92 64.35
CA ILE K 60 -25.28 14.68 63.43
C ILE K 60 -24.80 14.39 62.02
N PRO K 61 -25.48 13.52 61.27
CA PRO K 61 -24.97 13.13 59.94
C PRO K 61 -24.81 14.28 58.98
N LEU K 62 -25.73 15.25 59.00
CA LEU K 62 -25.69 16.36 58.05
C LEU K 62 -26.46 17.53 58.64
N VAL K 63 -25.80 18.68 58.73
CA VAL K 63 -26.42 19.85 59.36
C VAL K 63 -27.61 20.34 58.55
N LYS K 64 -27.50 20.32 57.21
CA LYS K 64 -28.58 20.80 56.38
C LYS K 64 -29.86 19.98 56.55
N SER K 65 -29.76 18.78 57.10
CA SER K 65 -30.94 17.94 57.33
C SER K 65 -31.62 18.27 58.65
N VAL K 66 -30.86 18.32 59.74
CA VAL K 66 -31.46 18.49 61.06
C VAL K 66 -32.00 19.91 61.22
N THR K 67 -31.22 20.91 60.80
CA THR K 67 -31.59 22.30 60.99
C THR K 67 -32.20 22.94 59.75
N GLY K 68 -32.12 22.28 58.60
CA GLY K 68 -32.72 22.81 57.40
C GLY K 68 -31.93 23.89 56.69
N SER K 69 -30.70 24.16 57.13
CA SER K 69 -29.89 25.20 56.49
C SER K 69 -28.42 24.86 56.67
N LYS K 70 -27.60 25.43 55.78
CA LYS K 70 -26.18 25.16 55.78
C LYS K 70 -25.49 25.83 56.96
N ILE K 71 -24.27 25.37 57.26
CA ILE K 71 -23.53 25.91 58.39
C ILE K 71 -23.19 27.37 58.18
N LEU K 72 -22.72 27.71 56.97
CA LEU K 72 -22.36 29.10 56.69
C LEU K 72 -23.55 30.03 56.80
N ARG K 73 -24.72 29.58 56.31
CA ARG K 73 -25.92 30.38 56.44
C ARG K 73 -26.29 30.59 57.91
N ILE K 74 -26.15 29.54 58.72
CA ILE K 74 -26.46 29.65 60.14
C ILE K 74 -25.53 30.67 60.80
N LEU K 75 -24.23 30.58 60.52
CA LEU K 75 -23.28 31.51 61.12
C LEU K 75 -23.54 32.94 60.65
N LYS K 76 -23.84 33.13 59.37
CA LYS K 76 -24.10 34.47 58.86
C LYS K 76 -25.36 35.06 59.47
N ALA K 77 -26.40 34.24 59.64
CA ALA K 77 -27.61 34.70 60.30
C ALA K 77 -27.32 35.08 61.74
N HIS K 78 -26.51 34.28 62.44
CA HIS K 78 -26.10 34.63 63.79
C HIS K 78 -25.06 35.74 63.83
N GLY K 79 -24.45 36.07 62.70
CA GLY K 79 -23.46 37.12 62.65
C GLY K 79 -22.08 36.74 63.11
N LEU K 80 -21.80 35.45 63.29
CA LEU K 80 -20.50 34.98 63.72
C LEU K 80 -19.60 34.57 62.56
N ALA K 81 -20.03 34.79 61.33
CA ALA K 81 -19.29 34.32 60.17
C ALA K 81 -17.94 35.03 60.08
N PRO K 82 -16.88 34.32 59.64
CA PRO K 82 -15.59 34.97 59.48
C PRO K 82 -15.61 36.01 58.36
N GLU K 83 -14.75 37.02 58.50
CA GLU K 83 -14.68 38.08 57.51
C GLU K 83 -14.14 37.61 56.17
N ILE K 84 -13.42 36.49 56.14
CA ILE K 84 -12.83 35.96 54.92
C ILE K 84 -13.33 34.53 54.72
N PRO K 85 -13.70 34.14 53.51
CA PRO K 85 -14.13 32.76 53.28
C PRO K 85 -13.04 31.76 53.63
N GLU K 86 -13.46 30.58 54.08
CA GLU K 86 -12.53 29.59 54.60
C GLU K 86 -11.50 29.14 53.57
N ASP K 87 -11.95 28.83 52.36
CA ASP K 87 -11.04 28.31 51.35
C ASP K 87 -9.97 29.33 50.98
N LEU K 88 -10.37 30.59 50.80
CA LEU K 88 -9.39 31.64 50.54
C LEU K 88 -8.44 31.82 51.71
N TYR K 89 -8.95 31.70 52.94
CA TYR K 89 -8.10 31.84 54.12
C TYR K 89 -7.03 30.76 54.15
N PHE K 90 -7.41 29.51 53.87
CA PHE K 90 -6.43 28.43 53.89
C PHE K 90 -5.46 28.53 52.70
N LEU K 91 -5.94 28.98 51.54
CA LEU K 91 -5.01 29.19 50.43
C LEU K 91 -3.99 30.26 50.76
N ILE K 92 -4.43 31.36 51.39
CA ILE K 92 -3.52 32.43 51.77
C ILE K 92 -2.53 31.93 52.83
N LYS K 93 -3.01 31.14 53.78
CA LYS K 93 -2.11 30.57 54.79
C LYS K 93 -1.04 29.70 54.15
N LYS K 94 -1.43 28.84 53.21
CA LYS K 94 -0.46 27.99 52.53
C LYS K 94 0.54 28.81 51.73
N ALA K 95 0.07 29.84 51.03
CA ALA K 95 0.99 30.70 50.29
C ALA K 95 1.96 31.43 51.21
N VAL K 96 1.48 31.89 52.37
CA VAL K 96 2.35 32.54 53.33
C VAL K 96 3.42 31.58 53.84
N ALA K 97 3.03 30.34 54.14
CA ALA K 97 4.01 29.34 54.58
C ALA K 97 5.03 29.06 53.48
N ILE K 98 4.57 28.96 52.24
CA ILE K 98 5.49 28.70 51.12
C ILE K 98 6.48 29.85 50.98
N ARG K 99 6.01 31.08 51.09
CA ARG K 99 6.90 32.23 50.97
C ARG K 99 7.90 32.28 52.13
N LYS K 100 7.44 31.99 53.34
CA LYS K 100 8.35 31.97 54.49
C LYS K 100 9.44 30.92 54.31
N HIS K 101 9.08 29.73 53.82
CA HIS K 101 10.10 28.73 53.56
C HIS K 101 11.03 29.15 52.42
N LEU K 102 10.47 29.67 51.33
CA LEU K 102 11.25 30.00 50.15
C LEU K 102 12.16 31.20 50.37
N GLU K 103 11.92 32.00 51.41
CA GLU K 103 12.80 33.13 51.69
C GLU K 103 14.22 32.67 51.95
N ARG K 104 14.40 31.58 52.69
CA ARG K 104 15.72 31.12 53.07
C ARG K 104 16.31 30.09 52.10
N ASN K 105 15.52 29.60 51.14
CA ASN K 105 16.00 28.62 50.16
C ASN K 105 15.79 29.21 48.77
N ARG K 106 16.77 29.99 48.30
CA ARG K 106 16.64 30.63 47.01
C ARG K 106 16.87 29.69 45.84
N LYS K 107 17.53 28.55 46.08
CA LYS K 107 17.77 27.58 45.03
C LYS K 107 16.70 26.50 44.94
N ASP K 108 15.73 26.49 45.85
CA ASP K 108 14.63 25.51 45.81
C ASP K 108 13.65 25.99 44.74
N LYS K 109 14.03 25.74 43.49
CA LYS K 109 13.27 26.21 42.34
C LYS K 109 12.10 25.31 41.99
N ASP K 110 11.69 24.44 42.92
CA ASP K 110 10.44 23.70 42.79
C ASP K 110 9.32 24.29 43.65
N SER K 111 9.65 24.88 44.79
CA SER K 111 8.63 25.55 45.59
C SER K 111 8.26 26.90 45.00
N LYS K 112 9.13 27.47 44.16
CA LYS K 112 8.77 28.68 43.42
C LYS K 112 7.65 28.40 42.43
N PHE K 113 7.71 27.27 41.74
CA PHE K 113 6.66 26.88 40.81
C PHE K 113 5.35 26.63 41.54
N ARG K 114 5.41 25.90 42.66
CA ARG K 114 4.21 25.67 43.46
C ARG K 114 3.66 26.98 44.02
N LEU K 115 4.55 27.92 44.35
CA LEU K 115 4.11 29.24 44.78
C LEU K 115 3.36 29.96 43.68
N ILE K 116 3.87 29.90 42.45
CA ILE K 116 3.16 30.51 41.33
C ILE K 116 1.78 29.89 41.19
N LEU K 117 1.69 28.56 41.30
CA LEU K 117 0.41 27.89 41.18
C LEU K 117 -0.57 28.33 42.27
N VAL K 118 -0.11 28.39 43.52
CA VAL K 118 -1.00 28.74 44.61
C VAL K 118 -1.41 30.20 44.52
N GLU K 119 -0.53 31.09 44.06
CA GLU K 119 -0.92 32.48 43.86
C GLU K 119 -1.97 32.60 42.77
N SER K 120 -1.84 31.82 41.69
CA SER K 120 -2.85 31.83 40.64
C SER K 120 -4.19 31.38 41.18
N ARG K 121 -4.21 30.32 42.00
CA ARG K 121 -5.46 29.87 42.60
C ARG K 121 -6.05 30.94 43.51
N ILE K 122 -5.19 31.60 44.30
CA ILE K 122 -5.64 32.66 45.20
C ILE K 122 -6.30 33.79 44.41
N HIS K 123 -5.67 34.20 43.31
CA HIS K 123 -6.22 35.29 42.51
C HIS K 123 -7.54 34.90 41.86
N ARG K 124 -7.63 33.67 41.35
CA ARG K 124 -8.90 33.23 40.75
C ARG K 124 -10.03 33.22 41.78
N LEU K 125 -9.76 32.69 42.98
CA LEU K 125 -10.79 32.66 44.01
C LEU K 125 -11.17 34.07 44.46
N ALA K 126 -10.19 34.96 44.59
CA ALA K 126 -10.48 36.34 44.98
C ALA K 126 -11.34 37.03 43.93
N ARG K 127 -11.04 36.80 42.65
CA ARG K 127 -11.86 37.38 41.59
C ARG K 127 -13.29 36.88 41.67
N TYR K 128 -13.46 35.56 41.89
CA TYR K 128 -14.81 35.04 42.01
C TYR K 128 -15.54 35.68 43.19
N TYR K 129 -14.88 35.78 44.34
CA TYR K 129 -15.54 36.33 45.52
C TYR K 129 -15.85 37.82 45.34
N LYS K 130 -15.05 38.52 44.54
CA LYS K 130 -15.38 39.90 44.21
C LYS K 130 -16.61 39.98 43.31
N ARG K 131 -16.72 39.07 42.36
CA ARG K 131 -17.85 39.10 41.44
C ARG K 131 -19.18 38.92 42.17
N THR K 132 -19.19 38.19 43.27
CA THR K 132 -20.41 37.93 44.03
C THR K 132 -20.51 38.77 45.29
N LYS K 133 -19.70 39.84 45.40
CA LYS K 133 -19.76 40.79 46.51
C LYS K 133 -19.55 40.12 47.86
N LYS K 134 -18.77 39.04 47.88
CA LYS K 134 -18.40 38.41 49.14
C LYS K 134 -17.12 39.01 49.74
N LEU K 135 -16.43 39.85 48.98
CA LEU K 135 -15.26 40.60 49.43
C LEU K 135 -15.43 42.05 49.04
N PRO K 136 -14.83 42.97 49.79
CA PRO K 136 -14.87 44.38 49.40
C PRO K 136 -14.25 44.58 48.02
N PRO K 137 -14.79 45.48 47.21
CA PRO K 137 -14.22 45.70 45.87
C PRO K 137 -12.80 46.23 45.91
N THR K 138 -12.35 46.78 47.04
CA THR K 138 -11.00 47.29 47.18
C THR K 138 -10.02 46.23 47.69
N TRP K 139 -10.48 45.00 47.86
CA TRP K 139 -9.59 43.93 48.34
C TRP K 139 -8.48 43.66 47.34
N LYS K 140 -7.30 43.33 47.86
CA LYS K 140 -6.16 43.02 47.02
C LYS K 140 -5.20 42.16 47.81
N TYR K 141 -4.62 41.16 47.15
CA TYR K 141 -3.70 40.23 47.80
C TYR K 141 -2.30 40.80 47.73
N GLU K 142 -1.83 41.37 48.84
CA GLU K 142 -0.48 41.91 48.93
C GLU K 142 0.40 40.87 49.63
N SER K 143 1.43 40.40 48.93
CA SER K 143 2.23 39.30 49.44
C SER K 143 2.98 39.69 50.72
N THR K 144 3.52 40.91 50.76
CA THR K 144 4.33 41.31 51.90
C THR K 144 3.50 41.39 53.18
N THR K 145 2.30 41.95 53.10
CA THR K 145 1.43 42.13 54.26
C THR K 145 0.40 41.02 54.41
N ALA K 146 0.46 39.98 53.56
CA ALA K 146 -0.50 38.88 53.67
C ALA K 146 -0.35 38.14 55.00
N SER K 147 0.89 37.94 55.45
CA SER K 147 1.11 37.17 56.66
C SER K 147 0.49 37.82 57.89
N THR K 148 0.33 39.15 57.86
CA THR K 148 -0.32 39.83 58.98
C THR K 148 -1.79 39.48 59.06
N LEU K 149 -2.43 39.19 57.92
CA LEU K 149 -3.83 38.80 57.92
C LEU K 149 -4.03 37.46 58.63
N VAL K 150 -3.13 36.51 58.40
CA VAL K 150 -3.22 35.21 59.04
C VAL K 150 -2.25 35.12 60.21
N ARG L 22 56.45 -29.51 59.74
CA ARG L 22 57.17 -30.72 59.33
C ARG L 22 56.52 -31.35 58.09
N GLU L 23 56.80 -32.62 57.87
CA GLU L 23 56.23 -33.33 56.74
C GLU L 23 54.72 -33.48 56.91
N GLY L 24 54.02 -33.63 55.78
CA GLY L 24 52.58 -33.78 55.80
C GLY L 24 51.86 -32.48 56.09
N GLU L 25 52.07 -31.94 57.29
CA GLU L 25 51.51 -30.64 57.63
C GLU L 25 52.06 -29.60 56.67
N HIS L 26 51.17 -28.79 56.12
CA HIS L 26 51.46 -27.96 54.97
C HIS L 26 51.83 -26.54 55.39
N VAL L 27 52.95 -26.05 54.87
CA VAL L 27 53.33 -24.64 55.01
C VAL L 27 52.74 -23.88 53.84
N PHE L 28 52.01 -22.81 54.14
CA PHE L 28 51.14 -22.16 53.16
C PHE L 28 51.74 -20.85 52.67
N GLY L 29 51.76 -20.67 51.35
CA GLY L 29 51.99 -19.40 50.73
C GLY L 29 50.72 -18.89 50.06
N VAL L 30 50.82 -17.69 49.49
CA VAL L 30 49.70 -17.05 48.81
C VAL L 30 50.13 -16.70 47.40
N ALA L 31 49.41 -17.22 46.41
CA ALA L 31 49.70 -16.95 45.01
C ALA L 31 48.73 -15.89 44.52
N HIS L 32 49.25 -14.69 44.24
CA HIS L 32 48.43 -13.59 43.73
C HIS L 32 48.47 -13.63 42.20
N ILE L 33 47.71 -14.56 41.64
CA ILE L 33 47.61 -14.63 40.19
C ILE L 33 46.86 -13.40 39.69
N PHE L 34 47.48 -12.66 38.78
CA PHE L 34 46.89 -11.46 38.20
C PHE L 34 46.90 -11.65 36.69
N ALA L 35 45.78 -12.11 36.15
CA ALA L 35 45.66 -12.48 34.75
C ALA L 35 44.87 -11.40 34.02
N SER L 36 45.59 -10.51 33.35
CA SER L 36 44.96 -9.52 32.47
C SER L 36 44.89 -10.10 31.06
N PHE L 37 44.53 -9.26 30.10
CA PHE L 37 44.49 -9.68 28.70
C PHE L 37 45.82 -9.52 28.00
N ASN L 38 46.82 -8.95 28.69
CA ASN L 38 48.15 -8.75 28.12
C ASN L 38 49.22 -9.62 28.79
N ASP L 39 49.16 -9.78 30.10
CA ASP L 39 50.14 -10.58 30.83
C ASP L 39 49.48 -11.57 31.77
N THR L 40 50.31 -12.24 32.57
CA THR L 40 49.82 -13.14 33.62
C THR L 40 50.90 -13.19 34.68
N PHE L 41 50.61 -12.62 35.85
CA PHE L 41 51.56 -12.53 36.95
C PHE L 41 51.30 -13.68 37.91
N ILE L 42 52.33 -14.45 38.22
CA ILE L 42 52.27 -15.41 39.32
C ILE L 42 53.23 -14.89 40.38
N HIS L 43 52.67 -14.52 41.53
CA HIS L 43 53.40 -13.84 42.59
C HIS L 43 53.07 -14.56 43.89
N VAL L 44 54.05 -15.24 44.46
CA VAL L 44 53.87 -15.99 45.70
C VAL L 44 54.45 -15.16 46.84
N THR L 45 53.64 -14.90 47.86
CA THR L 45 54.05 -14.09 48.99
C THR L 45 53.74 -14.82 50.28
N ASP L 46 54.14 -14.19 51.38
CA ASP L 46 53.78 -14.64 52.72
C ASP L 46 52.29 -14.38 52.95
N LEU L 47 51.77 -14.96 54.05
CA LEU L 47 50.37 -14.74 54.41
C LEU L 47 50.07 -13.25 54.55
N SER L 48 51.03 -12.47 55.05
CA SER L 48 50.85 -11.03 55.15
C SER L 48 50.75 -10.38 53.79
N GLY L 49 51.46 -10.93 52.79
CA GLY L 49 51.57 -10.30 51.50
C GLY L 49 52.68 -9.29 51.38
N ARG L 50 53.35 -8.95 52.47
CA ARG L 50 54.44 -8.00 52.45
C ARG L 50 55.77 -8.63 52.04
N GLU L 51 55.84 -9.96 52.01
CA GLU L 51 57.02 -10.66 51.53
C GLU L 51 56.83 -11.03 50.05
N THR L 52 57.76 -11.82 49.51
CA THR L 52 57.67 -12.29 48.14
C THR L 52 58.58 -13.49 47.97
N LEU L 53 58.01 -14.60 47.51
CA LEU L 53 58.79 -15.81 47.29
C LEU L 53 59.30 -15.88 45.86
N VAL L 54 58.40 -15.86 44.89
CA VAL L 54 58.77 -15.81 43.47
C VAL L 54 57.70 -15.02 42.74
N ARG L 55 58.12 -14.05 41.93
CA ARG L 55 57.21 -13.26 41.11
C ARG L 55 57.68 -13.32 39.67
N ILE L 56 56.98 -14.09 38.84
CA ILE L 56 57.31 -14.21 37.43
C ILE L 56 56.06 -13.98 36.61
N THR L 57 56.19 -13.21 35.54
CA THR L 57 55.08 -12.93 34.64
C THR L 57 55.14 -13.85 33.43
N GLY L 58 54.05 -13.84 32.66
CA GLY L 58 54.03 -14.58 31.42
C GLY L 58 54.97 -14.04 30.37
N GLY L 59 55.33 -12.76 30.46
CA GLY L 59 56.24 -12.14 29.52
C GLY L 59 57.70 -12.53 29.68
N MET L 60 58.06 -13.13 30.82
CA MET L 60 59.44 -13.58 31.00
C MET L 60 59.72 -14.85 30.19
N LYS L 61 58.70 -15.68 29.99
CA LYS L 61 58.87 -16.99 29.38
C LYS L 61 58.60 -16.99 27.87
N VAL L 62 58.34 -15.83 27.28
CA VAL L 62 58.09 -15.74 25.84
C VAL L 62 58.98 -14.65 25.27
N LYS L 63 59.24 -14.76 23.96
CA LYS L 63 60.09 -13.82 23.26
C LYS L 63 59.30 -12.86 22.37
N ALA L 64 57.98 -12.86 22.49
CA ALA L 64 57.12 -11.91 21.79
C ALA L 64 56.13 -11.33 22.79
N ASP L 65 56.02 -10.00 22.83
CA ASP L 65 55.15 -9.37 23.81
C ASP L 65 53.67 -9.51 23.47
N ARG L 66 53.29 -10.25 22.44
CA ARG L 66 51.89 -10.59 22.22
C ARG L 66 51.49 -11.88 22.92
N ASP L 67 52.41 -12.86 22.97
CA ASP L 67 52.12 -14.17 23.54
C ASP L 67 52.21 -14.20 25.06
N GLU L 68 52.38 -13.05 25.72
CA GLU L 68 52.52 -13.05 27.17
C GLU L 68 51.26 -13.55 27.85
N SER L 69 50.09 -13.26 27.30
CA SER L 69 48.82 -13.67 27.90
C SER L 69 48.38 -15.05 27.45
N SER L 70 49.13 -15.71 26.57
CA SER L 70 48.75 -17.03 26.11
C SER L 70 48.79 -18.03 27.26
N PRO L 71 47.96 -19.07 27.21
CA PRO L 71 47.96 -20.06 28.31
C PRO L 71 49.29 -20.76 28.50
N TYR L 72 50.07 -20.96 27.42
CA TYR L 72 51.32 -21.71 27.53
C TYR L 72 52.39 -20.92 28.26
N ALA L 73 52.40 -19.59 28.10
CA ALA L 73 53.34 -18.78 28.87
C ALA L 73 53.03 -18.84 30.36
N ALA L 74 51.74 -18.78 30.71
CA ALA L 74 51.36 -18.98 32.11
C ALA L 74 51.71 -20.37 32.58
N MET L 75 51.62 -21.36 31.69
CA MET L 75 52.02 -22.72 32.03
C MET L 75 53.50 -22.78 32.41
N LEU L 76 54.35 -22.17 31.60
CA LEU L 76 55.79 -22.15 31.89
C LEU L 76 56.08 -21.41 33.19
N ALA L 77 55.44 -20.24 33.37
CA ALA L 77 55.68 -19.47 34.58
C ALA L 77 55.23 -20.22 35.82
N SER L 78 54.10 -20.91 35.74
CA SER L 78 53.63 -21.74 36.84
C SER L 78 54.57 -22.89 37.13
N GLN L 79 55.14 -23.49 36.08
CA GLN L 79 56.15 -24.53 36.30
C GLN L 79 57.33 -23.97 37.07
N ASP L 80 57.79 -22.76 36.71
CA ASP L 80 58.92 -22.17 37.41
C ASP L 80 58.58 -21.84 38.86
N VAL L 81 57.38 -21.32 39.12
CA VAL L 81 57.03 -21.04 40.51
C VAL L 81 56.93 -22.34 41.30
N ALA L 82 56.46 -23.42 40.66
CA ALA L 82 56.44 -24.71 41.34
C ALA L 82 57.85 -25.17 41.68
N THR L 83 58.79 -25.01 40.75
CA THR L 83 60.17 -25.40 41.03
C THR L 83 60.76 -24.58 42.18
N ARG L 84 60.52 -23.26 42.17
CA ARG L 84 61.09 -22.42 43.21
C ARG L 84 60.47 -22.73 44.57
N CYS L 85 59.15 -22.86 44.64
CA CYS L 85 58.54 -22.94 45.96
C CYS L 85 58.73 -24.29 46.65
N LYS L 86 59.56 -25.23 46.19
CA LYS L 86 59.78 -26.44 46.98
C LYS L 86 60.96 -26.31 47.94
N GLU L 87 61.99 -25.55 47.59
CA GLU L 87 63.19 -25.52 48.42
C GLU L 87 62.97 -24.83 49.76
N LEU L 88 62.00 -23.92 49.84
CA LEU L 88 61.70 -23.22 51.09
C LEU L 88 60.59 -23.90 51.89
N GLY L 89 60.08 -25.03 51.43
CA GLY L 89 59.08 -25.77 52.17
C GLY L 89 57.65 -25.32 51.95
N ILE L 90 57.38 -24.52 50.92
CA ILE L 90 56.01 -24.08 50.68
C ILE L 90 55.24 -25.25 50.09
N THR L 91 54.48 -25.94 50.93
CA THR L 91 53.86 -27.21 50.56
C THR L 91 52.38 -27.06 50.23
N ALA L 92 51.86 -25.84 50.19
CA ALA L 92 50.47 -25.58 49.80
C ALA L 92 50.32 -24.08 49.57
N LEU L 93 49.34 -23.73 48.75
CA LEU L 93 49.16 -22.34 48.34
C LEU L 93 47.71 -21.91 48.56
N HIS L 94 47.53 -20.65 48.94
CA HIS L 94 46.24 -19.98 48.86
C HIS L 94 46.24 -19.14 47.59
N ILE L 95 45.28 -19.40 46.71
CA ILE L 95 45.21 -18.75 45.41
C ILE L 95 44.23 -17.59 45.49
N LYS L 96 44.68 -16.41 45.08
CA LYS L 96 43.85 -15.20 45.05
C LYS L 96 43.87 -14.70 43.61
N LEU L 97 42.97 -15.24 42.79
CA LEU L 97 42.93 -14.90 41.38
C LEU L 97 42.22 -13.56 41.21
N ARG L 98 42.72 -12.74 40.29
CA ARG L 98 42.14 -11.44 40.03
C ARG L 98 42.39 -11.05 38.58
N ALA L 99 41.67 -10.02 38.14
CA ALA L 99 41.79 -9.49 36.80
C ALA L 99 42.13 -8.00 36.89
N THR L 100 42.01 -7.30 35.76
CA THR L 100 42.33 -5.88 35.73
C THR L 100 41.52 -5.11 36.77
N GLY L 101 40.23 -5.39 36.86
CA GLY L 101 39.41 -4.81 37.90
C GLY L 101 39.25 -3.30 37.76
N GLY L 102 38.90 -2.68 38.88
CA GLY L 102 38.68 -1.25 38.89
C GLY L 102 37.59 -0.85 37.90
N ASN L 103 37.85 0.22 37.17
CA ASN L 103 36.92 0.69 36.16
C ASN L 103 37.08 -0.02 34.82
N LYS L 104 38.13 -0.82 34.66
CA LYS L 104 38.39 -1.51 33.40
C LYS L 104 37.73 -2.90 33.43
N THR L 105 38.11 -3.75 32.48
CA THR L 105 37.55 -5.09 32.38
C THR L 105 37.73 -5.86 33.69
N LYS L 106 36.80 -6.77 33.96
CA LYS L 106 36.78 -7.50 35.22
C LYS L 106 36.89 -9.01 35.06
N THR L 107 36.60 -9.55 33.88
CA THR L 107 36.76 -10.99 33.68
C THR L 107 38.25 -11.34 33.67
N PRO L 108 38.62 -12.49 34.22
CA PRO L 108 40.03 -12.89 34.19
C PRO L 108 40.50 -13.18 32.77
N GLY L 109 41.81 -13.03 32.57
CA GLY L 109 42.40 -13.18 31.26
C GLY L 109 42.46 -14.62 30.79
N PRO L 110 42.91 -14.82 29.56
CA PRO L 110 42.99 -16.19 29.01
C PRO L 110 43.90 -17.11 29.81
N GLY L 111 44.99 -16.58 30.36
CA GLY L 111 45.96 -17.40 31.07
C GLY L 111 45.63 -17.69 32.51
N ALA L 112 44.45 -17.29 32.99
CA ALA L 112 44.10 -17.51 34.39
C ALA L 112 43.97 -18.99 34.73
N GLN L 113 43.42 -19.80 33.83
CA GLN L 113 43.15 -21.20 34.13
C GLN L 113 44.40 -22.06 34.06
N SER L 114 45.14 -21.97 32.95
CA SER L 114 46.34 -22.79 32.79
C SER L 114 47.31 -22.56 33.94
N ALA L 115 47.52 -21.29 34.32
CA ALA L 115 48.39 -20.99 35.45
C ALA L 115 47.92 -21.69 36.71
N LEU L 116 46.61 -21.77 36.93
CA LEU L 116 46.09 -22.59 38.02
C LEU L 116 46.33 -24.07 37.75
N ARG L 117 45.97 -24.53 36.54
CA ARG L 117 45.99 -25.96 36.26
C ARG L 117 47.39 -26.54 36.43
N ALA L 118 48.41 -25.86 35.89
CA ALA L 118 49.77 -26.34 36.06
C ALA L 118 50.15 -26.44 37.53
N LEU L 119 49.71 -25.48 38.36
CA LEU L 119 49.94 -25.59 39.80
C LEU L 119 49.44 -26.93 40.32
N ALA L 120 48.24 -27.33 39.90
CA ALA L 120 47.72 -28.63 40.30
C ALA L 120 48.59 -29.75 39.74
N ARG L 121 49.03 -29.62 38.49
CA ARG L 121 49.75 -30.72 37.86
C ARG L 121 51.18 -30.84 38.36
N SER L 122 51.80 -29.72 38.73
CA SER L 122 53.20 -29.73 39.16
C SER L 122 53.33 -29.97 40.67
N GLY L 123 52.64 -31.00 41.15
CA GLY L 123 52.79 -31.48 42.51
C GLY L 123 52.61 -30.43 43.59
N MET L 124 51.77 -29.44 43.36
CA MET L 124 51.57 -28.34 44.29
C MET L 124 50.18 -28.42 44.88
N LYS L 125 50.09 -28.27 46.21
CA LYS L 125 48.81 -28.33 46.90
C LYS L 125 48.14 -26.96 46.87
N ILE L 126 46.82 -26.97 46.76
CA ILE L 126 46.01 -25.75 46.69
C ILE L 126 45.08 -25.71 47.88
N GLY L 127 45.09 -24.59 48.59
CA GLY L 127 44.15 -24.37 49.68
C GLY L 127 42.87 -23.73 49.18
N ARG L 128 42.47 -22.63 49.79
CA ARG L 128 41.27 -21.92 49.38
C ARG L 128 41.51 -21.14 48.10
N ILE L 129 40.51 -21.14 47.22
CA ILE L 129 40.55 -20.38 45.97
C ILE L 129 39.53 -19.26 46.08
N GLU L 130 39.99 -18.03 45.91
CA GLU L 130 39.11 -16.87 45.98
C GLU L 130 39.39 -15.96 44.79
N ASP L 131 38.44 -15.07 44.52
CA ASP L 131 38.57 -14.07 43.48
C ASP L 131 38.62 -12.70 44.15
N VAL L 132 39.68 -11.95 43.86
CA VAL L 132 39.90 -10.66 44.52
C VAL L 132 39.99 -9.55 43.50
N THR L 133 39.27 -9.68 42.40
CA THR L 133 39.27 -8.63 41.39
C THR L 133 38.70 -7.35 42.00
N PRO L 134 39.39 -6.22 41.91
CA PRO L 134 38.91 -4.99 42.55
C PRO L 134 37.68 -4.42 41.87
N VAL L 135 36.52 -4.57 42.51
CA VAL L 135 35.28 -4.05 41.96
C VAL L 135 34.96 -2.72 42.64
N PRO L 136 34.61 -1.69 41.87
CA PRO L 136 34.17 -0.43 42.49
C PRO L 136 32.68 -0.42 42.74
N THR L 137 32.25 0.20 43.83
CA THR L 137 30.81 0.43 44.00
C THR L 137 30.30 1.41 42.96
N ASP L 138 31.14 2.34 42.52
CA ASP L 138 30.82 3.20 41.38
C ASP L 138 32.09 3.94 40.98
N SER L 139 32.57 3.67 39.78
CA SER L 139 33.94 4.01 39.40
C SER L 139 33.99 5.39 38.74
N THR L 140 35.21 5.79 38.40
CA THR L 140 35.46 6.97 37.58
C THR L 140 35.10 6.66 36.14
N ARG L 141 35.25 7.66 35.28
CA ARG L 141 34.88 7.50 33.87
C ARG L 141 35.84 6.55 33.17
N ARG L 142 35.29 5.59 32.45
CA ARG L 142 36.09 4.68 31.66
C ARG L 142 36.59 5.38 30.40
N LYS L 143 37.79 5.00 29.96
CA LYS L 143 38.37 5.64 28.79
C LYS L 143 37.71 5.12 27.51
N GLY L 144 37.96 5.84 26.42
CA GLY L 144 37.44 5.48 25.11
C GLY L 144 36.44 6.45 24.54
N GLY L 145 35.84 7.29 25.38
CA GLY L 145 34.85 8.25 24.93
C GLY L 145 33.44 7.71 25.01
N ARG L 146 32.49 8.59 24.69
CA ARG L 146 31.08 8.24 24.82
C ARG L 146 30.66 7.24 23.74
N ARG L 147 31.23 7.36 22.54
CA ARG L 147 30.92 6.44 21.46
C ARG L 147 31.66 5.12 21.57
N GLY L 148 32.60 5.00 22.50
CA GLY L 148 33.33 3.77 22.69
C GLY L 148 34.45 3.59 21.68
N ARG L 149 35.25 2.56 21.92
CA ARG L 149 36.38 2.23 21.05
C ARG L 149 35.84 1.64 19.75
N ARG L 150 35.82 2.45 18.70
CA ARG L 150 35.28 2.05 17.40
C ARG L 150 36.27 1.10 16.74
N LEU L 151 36.04 -0.20 16.91
CA LEU L 151 36.91 -1.24 16.37
C LEU L 151 38.34 -1.08 16.86
N GLY M 2 19.79 -40.89 -4.13
CA GLY M 2 20.44 -42.07 -3.58
C GLY M 2 19.53 -43.28 -3.55
N ARG M 3 19.37 -43.87 -2.36
CA ARG M 3 18.52 -45.05 -2.19
C ARG M 3 17.08 -44.70 -1.87
N VAL M 4 16.73 -43.42 -1.83
CA VAL M 4 15.33 -43.05 -1.59
C VAL M 4 14.49 -43.42 -2.82
N ARG M 5 13.20 -43.63 -2.58
CA ARG M 5 12.32 -44.23 -3.57
C ARG M 5 11.45 -43.17 -4.24
N THR M 6 11.36 -43.27 -5.56
CA THR M 6 10.53 -42.35 -6.34
C THR M 6 9.06 -42.51 -5.96
N LYS M 7 8.30 -41.42 -6.05
CA LYS M 7 6.89 -41.47 -5.67
C LYS M 7 6.13 -42.52 -6.46
N THR M 8 6.59 -42.85 -7.67
CA THR M 8 5.90 -43.86 -8.45
C THR M 8 6.02 -45.23 -7.82
N VAL M 9 7.24 -45.62 -7.42
CA VAL M 9 7.43 -46.93 -6.81
C VAL M 9 6.79 -46.98 -5.42
N LYS M 10 6.88 -45.89 -4.65
CA LYS M 10 6.19 -45.83 -3.37
C LYS M 10 4.70 -46.04 -3.56
N LYS M 11 4.10 -45.30 -4.49
CA LYS M 11 2.67 -45.39 -4.73
C LYS M 11 2.28 -46.79 -5.17
N THR M 12 2.99 -47.37 -6.14
CA THR M 12 2.59 -48.65 -6.67
C THR M 12 2.74 -49.75 -5.63
N SER M 13 3.80 -49.68 -4.80
CA SER M 13 3.93 -50.63 -3.70
C SER M 13 2.75 -50.51 -2.74
N ARG M 14 2.37 -49.27 -2.39
CA ARG M 14 1.23 -49.08 -1.50
C ARG M 14 -0.04 -49.67 -2.10
N GLN M 15 -0.27 -49.46 -3.40
CA GLN M 15 -1.48 -49.97 -4.02
C GLN M 15 -1.48 -51.51 -4.09
N VAL M 16 -0.35 -52.11 -4.46
CA VAL M 16 -0.36 -53.57 -4.60
C VAL M 16 -0.57 -54.22 -3.23
N ILE M 17 0.02 -53.65 -2.19
CA ILE M 17 -0.26 -54.16 -0.84
C ILE M 17 -1.72 -53.90 -0.46
N GLU M 18 -2.27 -52.76 -0.87
CA GLU M 18 -3.65 -52.43 -0.49
C GLU M 18 -4.64 -53.40 -1.10
N LYS M 19 -4.45 -53.78 -2.37
CA LYS M 19 -5.38 -54.69 -3.04
C LYS M 19 -4.92 -56.15 -3.09
N TYR M 20 -3.66 -56.45 -2.80
CA TYR M 20 -3.18 -57.83 -2.91
C TYR M 20 -2.35 -58.20 -1.69
N TYR M 21 -2.91 -57.98 -0.50
CA TYR M 21 -2.26 -58.44 0.73
C TYR M 21 -2.58 -59.89 1.07
N SER M 22 -3.49 -60.52 0.33
CA SER M 22 -3.96 -61.86 0.69
C SER M 22 -2.86 -62.91 0.55
N ARG M 23 -2.20 -62.95 -0.60
CA ARG M 23 -1.27 -64.03 -0.94
C ARG M 23 0.19 -63.62 -0.89
N MET M 24 0.50 -62.36 -1.18
CA MET M 24 1.89 -61.91 -1.30
C MET M 24 2.65 -62.17 -0.01
N THR M 25 3.90 -62.61 -0.15
CA THR M 25 4.69 -63.16 0.96
C THR M 25 5.91 -62.29 1.23
N LEU M 26 6.78 -62.80 2.10
CA LEU M 26 7.88 -62.00 2.63
C LEU M 26 9.11 -61.98 1.73
N ASP M 27 9.37 -63.06 0.99
CA ASP M 27 10.58 -63.13 0.19
C ASP M 27 10.49 -62.17 -0.99
N PHE M 28 11.62 -61.52 -1.29
CA PHE M 28 11.68 -60.54 -2.37
C PHE M 28 11.37 -61.18 -3.72
N HIS M 29 11.91 -62.37 -3.96
CA HIS M 29 11.70 -63.01 -5.26
C HIS M 29 10.25 -63.42 -5.46
N THR M 30 9.57 -63.89 -4.41
CA THR M 30 8.15 -64.16 -4.54
C THR M 30 7.39 -62.86 -4.82
N ASN M 31 7.78 -61.77 -4.17
CA ASN M 31 7.11 -60.50 -4.42
C ASN M 31 7.24 -60.08 -5.87
N LYS M 32 8.44 -60.22 -6.45
CA LYS M 32 8.61 -59.80 -7.85
C LYS M 32 7.91 -60.75 -8.82
N LYS M 33 7.95 -62.07 -8.55
CA LYS M 33 7.25 -62.98 -9.45
C LYS M 33 5.74 -62.82 -9.36
N VAL M 34 5.21 -62.28 -8.27
CA VAL M 34 3.80 -61.93 -8.23
C VAL M 34 3.54 -60.59 -8.93
N LEU M 35 4.44 -59.62 -8.74
CA LEU M 35 4.27 -58.31 -9.36
C LEU M 35 4.25 -58.43 -10.89
N GLU M 36 5.10 -59.28 -11.45
CA GLU M 36 5.23 -59.31 -12.91
C GLU M 36 3.92 -59.69 -13.60
N GLU M 37 3.02 -60.40 -12.93
CA GLU M 37 1.75 -60.77 -13.54
C GLU M 37 0.54 -60.05 -12.95
N VAL M 38 0.62 -59.55 -11.71
CA VAL M 38 -0.50 -58.76 -11.18
C VAL M 38 -0.45 -57.32 -11.62
N SER M 39 0.65 -56.87 -12.21
CA SER M 39 0.76 -55.51 -12.71
C SER M 39 1.78 -55.50 -13.85
N ILE M 40 1.68 -54.48 -14.70
CA ILE M 40 2.53 -54.35 -15.87
C ILE M 40 3.58 -53.29 -15.58
N LEU M 41 4.81 -53.73 -15.35
CA LEU M 41 5.95 -52.83 -15.12
C LEU M 41 6.97 -53.05 -16.22
N GLN M 42 7.37 -51.97 -16.88
CA GLN M 42 8.22 -52.08 -18.06
C GLN M 42 9.67 -52.36 -17.67
N SER M 43 10.25 -51.48 -16.86
CA SER M 43 11.63 -51.65 -16.45
C SER M 43 11.75 -52.78 -15.44
N LYS M 44 12.66 -53.72 -15.71
CA LYS M 44 12.85 -54.84 -14.79
C LYS M 44 13.41 -54.37 -13.47
N ARG M 45 14.33 -53.40 -13.50
CA ARG M 45 14.91 -52.92 -12.25
C ARG M 45 13.93 -52.06 -11.47
N LEU M 46 13.01 -51.36 -12.15
CA LEU M 46 11.90 -50.73 -11.44
C LEU M 46 11.05 -51.77 -10.74
N ARG M 47 10.80 -52.90 -11.40
CA ARG M 47 10.06 -53.99 -10.76
C ARG M 47 10.81 -54.53 -9.56
N ASN M 48 12.13 -54.66 -9.67
CA ASN M 48 12.93 -55.12 -8.53
C ASN M 48 12.84 -54.13 -7.38
N LYS M 49 12.91 -52.83 -7.67
CA LYS M 49 12.77 -51.81 -6.64
C LYS M 49 11.41 -51.91 -5.97
N VAL M 50 10.35 -52.10 -6.75
CA VAL M 50 9.01 -52.21 -6.19
C VAL M 50 8.90 -53.43 -5.30
N ALA M 51 9.47 -54.57 -5.75
CA ALA M 51 9.39 -55.79 -4.95
C ALA M 51 10.14 -55.65 -3.64
N GLY M 52 11.35 -55.09 -3.69
CA GLY M 52 12.09 -54.87 -2.46
C GLY M 52 11.38 -53.92 -1.51
N PHE M 53 10.77 -52.87 -2.07
CA PHE M 53 10.05 -51.91 -1.22
C PHE M 53 8.85 -52.59 -0.58
N THR M 54 8.12 -53.42 -1.34
CA THR M 54 6.99 -54.15 -0.77
C THR M 54 7.46 -55.08 0.33
N THR M 55 8.58 -55.75 0.14
CA THR M 55 9.13 -56.60 1.19
C THR M 55 9.44 -55.78 2.44
N HIS M 56 10.02 -54.60 2.27
CA HIS M 56 10.34 -53.75 3.42
C HIS M 56 9.07 -53.32 4.16
N LEU M 57 8.02 -52.98 3.42
CA LEU M 57 6.76 -52.65 4.10
C LEU M 57 6.08 -53.86 4.73
N MET M 58 6.24 -55.07 4.20
CA MET M 58 5.75 -56.23 4.95
C MET M 58 6.50 -56.40 6.25
N ARG M 59 7.81 -56.16 6.24
CA ARG M 59 8.55 -56.12 7.50
C ARG M 59 8.00 -55.07 8.43
N ARG M 60 7.64 -53.89 7.89
CA ARG M 60 7.05 -52.83 8.70
C ARG M 60 5.71 -53.26 9.30
N ILE M 61 4.85 -53.89 8.50
CA ILE M 61 3.47 -54.16 8.90
C ILE M 61 3.35 -55.40 9.78
N GLN M 62 4.27 -56.37 9.66
CA GLN M 62 4.16 -57.57 10.47
C GLN M 62 4.26 -57.28 11.95
N ARG M 63 4.76 -56.11 12.34
CA ARG M 63 4.78 -55.69 13.74
C ARG M 63 3.55 -54.90 14.13
N GLY M 64 2.98 -54.13 13.21
CA GLY M 64 1.81 -53.33 13.49
C GLY M 64 1.31 -52.56 12.29
N PRO M 65 0.14 -51.93 12.42
CA PRO M 65 -0.43 -51.20 11.29
C PRO M 65 0.38 -49.94 10.96
N VAL M 66 0.26 -49.53 9.70
CA VAL M 66 0.93 -48.32 9.22
C VAL M 66 -0.12 -47.32 8.74
N ARG M 67 0.32 -46.15 8.31
CA ARG M 67 -0.56 -45.07 7.89
C ARG M 67 -0.86 -45.09 6.40
N GLY M 68 -0.41 -46.10 5.67
CA GLY M 68 -0.50 -46.09 4.23
C GLY M 68 -1.68 -46.84 3.62
N ILE M 69 -1.92 -48.07 4.07
CA ILE M 69 -2.89 -48.94 3.43
C ILE M 69 -4.20 -48.91 4.20
N SER M 70 -5.23 -49.50 3.60
CA SER M 70 -6.57 -49.54 4.17
C SER M 70 -7.22 -50.86 3.76
N LEU M 71 -8.55 -50.94 3.88
CA LEU M 71 -9.35 -52.11 3.56
C LEU M 71 -9.15 -53.20 4.60
N LYS M 72 -10.25 -53.81 5.05
CA LYS M 72 -10.24 -54.70 6.22
C LYS M 72 -9.58 -53.98 7.40
N LEU M 73 -10.26 -52.92 7.82
CA LEU M 73 -9.61 -51.79 8.46
C LEU M 73 -9.27 -51.97 9.93
N GLN M 74 -8.60 -53.09 10.29
CA GLN M 74 -7.66 -53.07 11.40
C GLN M 74 -6.27 -53.40 10.89
N GLU M 75 -6.06 -54.62 10.37
CA GLU M 75 -5.10 -54.86 9.30
C GLU M 75 -5.75 -55.76 8.26
N GLU M 76 -6.48 -56.76 8.74
CA GLU M 76 -7.17 -57.73 7.89
C GLU M 76 -8.58 -58.07 8.36
N GLU M 77 -8.98 -57.71 9.58
CA GLU M 77 -10.26 -58.10 10.13
C GLU M 77 -10.86 -56.94 10.91
N ARG M 78 -12.16 -56.74 10.75
CA ARG M 78 -12.88 -55.66 11.42
C ARG M 78 -13.23 -56.02 12.85
N GLU M 79 -14.14 -55.24 13.46
CA GLU M 79 -14.69 -55.52 14.79
C GLU M 79 -13.60 -55.53 15.85
N ARG M 80 -13.00 -54.37 16.07
CA ARG M 80 -11.96 -54.20 17.07
C ARG M 80 -12.45 -53.57 18.37
N ARG M 81 -13.36 -52.59 18.30
CA ARG M 81 -13.72 -51.82 19.47
C ARG M 81 -15.18 -51.99 19.91
N MET M 82 -16.07 -52.46 19.04
CA MET M 82 -17.42 -52.73 19.50
C MET M 82 -17.46 -53.86 20.52
N ASP M 83 -16.46 -54.74 20.51
CA ASP M 83 -16.36 -55.81 21.49
C ASP M 83 -15.94 -55.29 22.86
N PHE M 84 -15.48 -54.05 22.97
CA PHE M 84 -15.11 -53.46 24.25
C PHE M 84 -16.33 -52.87 24.95
N VAL M 85 -17.37 -53.69 25.08
CA VAL M 85 -18.60 -53.31 25.75
C VAL M 85 -18.76 -54.19 26.98
N PRO M 86 -18.46 -53.67 28.17
CA PRO M 86 -18.60 -54.48 29.38
C PRO M 86 -20.07 -54.76 29.69
N GLU M 87 -20.28 -55.84 30.44
CA GLU M 87 -21.62 -56.21 30.86
C GLU M 87 -22.21 -55.22 31.85
N LYS M 88 -21.41 -54.32 32.39
CA LYS M 88 -21.88 -53.20 33.20
C LYS M 88 -21.23 -51.92 32.70
N SER M 89 -22.01 -50.84 32.67
CA SER M 89 -21.49 -49.57 32.17
C SER M 89 -20.40 -49.03 33.08
N ALA M 90 -19.42 -48.36 32.48
CA ALA M 90 -18.34 -47.76 33.25
C ALA M 90 -18.84 -46.62 34.13
N LEU M 91 -19.92 -45.96 33.73
CA LEU M 91 -20.44 -44.83 34.48
C LEU M 91 -21.26 -45.34 35.67
N GLU M 92 -20.75 -45.10 36.88
CA GLU M 92 -21.49 -45.42 38.09
C GLU M 92 -22.53 -44.35 38.37
N VAL M 93 -23.47 -44.68 39.25
CA VAL M 93 -24.55 -43.76 39.61
C VAL M 93 -24.57 -43.41 41.09
N ASP M 94 -23.86 -44.17 41.94
CA ASP M 94 -23.87 -43.93 43.37
C ASP M 94 -22.62 -43.19 43.80
N GLU M 95 -22.76 -42.41 44.87
CA GLU M 95 -21.69 -41.61 45.50
C GLU M 95 -20.79 -40.97 44.44
N ILE M 96 -21.41 -40.18 43.57
CA ILE M 96 -20.78 -39.75 42.32
C ILE M 96 -20.22 -38.34 42.54
N ARG M 97 -18.99 -38.29 43.05
CA ARG M 97 -18.05 -37.18 42.86
C ARG M 97 -18.71 -35.79 42.95
N VAL M 98 -19.20 -35.47 44.14
CA VAL M 98 -19.82 -34.18 44.41
C VAL M 98 -19.04 -33.49 45.53
N ASP M 99 -18.75 -32.20 45.35
CA ASP M 99 -18.00 -31.41 46.31
C ASP M 99 -18.90 -30.30 46.88
N LYS M 100 -18.30 -29.44 47.71
CA LYS M 100 -19.06 -28.44 48.47
C LYS M 100 -19.87 -27.54 47.53
N GLU M 101 -19.21 -26.97 46.53
CA GLU M 101 -19.89 -26.05 45.63
C GLU M 101 -20.95 -26.77 44.80
N THR M 102 -20.70 -28.03 44.42
CA THR M 102 -21.74 -28.79 43.75
C THR M 102 -22.89 -29.13 44.71
N MET M 103 -22.60 -29.29 46.00
CA MET M 103 -23.69 -29.43 46.97
C MET M 103 -24.54 -28.16 47.02
N ASP M 104 -23.89 -27.00 46.99
CA ASP M 104 -24.63 -25.75 46.91
C ASP M 104 -25.45 -25.68 45.64
N MET M 105 -24.92 -26.19 44.52
CA MET M 105 -25.70 -26.29 43.30
C MET M 105 -26.94 -27.14 43.48
N LEU M 106 -26.79 -28.32 44.08
CA LEU M 106 -27.95 -29.17 44.27
C LEU M 106 -28.93 -28.59 45.28
N ALA M 107 -28.46 -27.67 46.13
CA ALA M 107 -29.39 -26.86 46.91
C ALA M 107 -30.10 -25.83 46.04
N PHE M 108 -29.52 -25.47 44.90
CA PHE M 108 -30.13 -24.58 43.92
C PHE M 108 -31.10 -25.44 43.11
N LEU M 109 -31.53 -24.99 41.93
CA LEU M 109 -32.66 -25.55 41.20
C LEU M 109 -32.71 -27.08 41.19
N GLY M 110 -31.57 -27.75 41.31
CA GLY M 110 -31.55 -29.19 41.32
C GLY M 110 -32.12 -29.78 42.60
N MET M 111 -32.25 -31.10 42.61
CA MET M 111 -32.78 -31.81 43.76
C MET M 111 -31.64 -32.25 44.67
N ALA M 112 -31.69 -31.84 45.93
CA ALA M 112 -30.65 -32.14 46.89
C ALA M 112 -30.69 -33.59 47.38
N ASP M 113 -31.71 -34.35 46.99
CA ASP M 113 -31.87 -35.75 47.41
C ASP M 113 -31.68 -36.71 46.24
N LEU M 114 -30.71 -36.43 45.38
CA LEU M 114 -30.38 -37.32 44.30
C LEU M 114 -29.78 -38.62 44.83
N PRO M 115 -29.92 -39.72 44.10
CA PRO M 115 -29.38 -41.00 44.61
C PRO M 115 -27.87 -41.00 44.76
N GLY M 116 -27.14 -40.22 43.98
CA GLY M 116 -25.69 -40.26 44.01
C GLY M 116 -25.03 -39.18 44.84
N VAL M 117 -25.80 -38.49 45.68
CA VAL M 117 -25.23 -37.42 46.50
C VAL M 117 -24.28 -38.01 47.53
N GLU M 118 -23.14 -37.35 47.73
CA GLU M 118 -22.14 -37.75 48.70
C GLU M 118 -21.65 -36.54 49.48
N ARG M 119 -21.18 -36.79 50.69
CA ARG M 119 -20.63 -35.74 51.54
C ARG M 119 -19.10 -35.70 51.41
N ALA M 120 -18.64 -35.43 50.20
CA ALA M 120 -17.21 -35.33 49.92
C ALA M 120 -16.89 -34.00 49.23
N MET N 1 -40.01 1.19 -3.03
CA MET N 1 -40.87 0.36 -2.18
C MET N 1 -42.28 0.29 -2.74
N GLN N 2 -43.03 1.38 -2.57
CA GLN N 2 -44.43 1.45 -2.97
C GLN N 2 -44.61 2.55 -4.01
N ASN N 3 -45.21 2.20 -5.14
CA ASN N 3 -45.48 3.16 -6.19
C ASN N 3 -46.80 3.88 -5.92
N GLU N 4 -47.07 4.90 -6.74
CA GLU N 4 -48.33 5.64 -6.59
C GLU N 4 -49.53 4.77 -6.92
N VAL N 5 -49.36 3.78 -7.81
CA VAL N 5 -50.41 2.78 -8.00
C VAL N 5 -50.60 1.96 -6.73
N GLY N 6 -49.50 1.57 -6.09
CA GLY N 6 -49.56 0.76 -4.90
C GLY N 6 -48.97 -0.62 -5.10
N ASP N 7 -47.98 -0.73 -5.99
CA ASP N 7 -47.35 -1.99 -6.33
C ASP N 7 -45.88 -1.98 -5.93
N MET N 8 -45.30 -3.18 -5.91
CA MET N 8 -43.88 -3.31 -5.62
C MET N 8 -43.06 -2.69 -6.74
N VAL N 9 -41.91 -2.13 -6.39
CA VAL N 9 -40.98 -1.63 -7.39
C VAL N 9 -39.57 -2.16 -7.21
N ASP N 10 -39.19 -2.62 -6.02
CA ASP N 10 -37.89 -3.23 -5.83
C ASP N 10 -37.95 -4.71 -6.16
N LEU N 11 -36.78 -5.28 -6.46
CA LEU N 11 -36.73 -6.67 -6.90
C LEU N 11 -37.22 -7.62 -5.81
N TYR N 12 -36.81 -7.40 -4.56
CA TYR N 12 -37.19 -8.29 -3.48
C TYR N 12 -37.12 -7.55 -2.17
N VAL N 13 -37.73 -8.14 -1.15
CA VAL N 13 -37.71 -7.60 0.21
C VAL N 13 -36.75 -8.45 1.04
N PRO N 14 -35.69 -7.86 1.61
CA PRO N 14 -34.68 -8.66 2.28
C PRO N 14 -35.13 -9.15 3.65
N ARG N 15 -34.38 -10.09 4.19
CA ARG N 15 -34.53 -10.50 5.57
C ARG N 15 -33.76 -9.54 6.48
N LYS N 16 -34.24 -9.41 7.71
CA LYS N 16 -33.54 -8.65 8.73
C LYS N 16 -33.27 -9.55 9.93
N CYS N 17 -32.10 -9.36 10.54
CA CYS N 17 -31.69 -10.21 11.65
C CYS N 17 -32.71 -10.17 12.78
N SER N 18 -32.97 -11.33 13.36
CA SER N 18 -33.95 -11.44 14.43
C SER N 18 -33.41 -11.00 15.77
N ALA N 19 -32.16 -10.56 15.85
CA ALA N 19 -31.56 -10.08 17.08
C ALA N 19 -31.27 -8.59 17.04
N THR N 20 -30.68 -8.09 15.97
CA THR N 20 -30.30 -6.69 15.86
C THR N 20 -31.09 -5.92 14.81
N ASN N 21 -31.98 -6.59 14.07
CA ASN N 21 -32.98 -5.96 13.21
C ASN N 21 -32.31 -5.38 11.97
N ARG N 22 -30.98 -5.35 11.93
CA ARG N 22 -30.31 -4.89 10.73
C ARG N 22 -30.50 -5.90 9.60
N ILE N 23 -30.68 -5.39 8.38
CA ILE N 23 -31.09 -6.26 7.28
C ILE N 23 -29.92 -7.14 6.83
N ILE N 24 -30.25 -8.18 6.09
CA ILE N 24 -29.29 -9.18 5.62
C ILE N 24 -29.05 -8.95 4.14
N THR N 25 -27.82 -8.59 3.80
CA THR N 25 -27.47 -8.27 2.43
C THR N 25 -27.37 -9.53 1.59
N ALA N 26 -27.62 -9.38 0.28
CA ALA N 26 -27.56 -10.53 -0.62
C ALA N 26 -26.19 -11.16 -0.71
N LYS N 27 -25.14 -10.44 -0.27
CA LYS N 27 -23.79 -10.98 -0.27
C LYS N 27 -23.28 -11.24 1.15
N ASP N 28 -24.17 -11.30 2.13
CA ASP N 28 -23.81 -11.62 3.50
C ASP N 28 -23.75 -13.14 3.63
N HIS N 29 -22.55 -13.69 3.55
CA HIS N 29 -22.37 -15.14 3.58
C HIS N 29 -22.12 -15.68 4.98
N ALA N 30 -22.04 -14.82 6.00
CA ALA N 30 -22.02 -15.26 7.37
C ALA N 30 -23.40 -15.27 8.00
N SER N 31 -24.41 -14.77 7.30
CA SER N 31 -25.77 -14.76 7.80
C SER N 31 -26.40 -16.13 7.64
N VAL N 32 -27.01 -16.64 8.70
CA VAL N 32 -27.55 -17.99 8.72
C VAL N 32 -29.01 -17.93 9.16
N GLN N 33 -29.68 -19.08 9.02
CA GLN N 33 -31.10 -19.18 9.32
C GLN N 33 -31.36 -20.54 9.95
N ILE N 34 -31.94 -20.55 11.15
CA ILE N 34 -32.15 -21.77 11.93
C ILE N 34 -33.65 -22.00 12.08
N ASN N 35 -34.08 -23.22 11.77
CA ASN N 35 -35.43 -23.67 12.06
C ASN N 35 -35.38 -24.55 13.31
N ILE N 36 -36.05 -24.13 14.37
CA ILE N 36 -36.15 -24.89 15.60
C ILE N 36 -37.50 -25.61 15.59
N GLY N 37 -37.45 -26.93 15.52
CA GLY N 37 -38.68 -27.69 15.52
C GLY N 37 -39.35 -27.72 16.88
N HIS N 38 -40.67 -27.92 16.87
CA HIS N 38 -41.44 -28.03 18.08
C HIS N 38 -41.90 -29.47 18.28
N VAL N 39 -42.23 -29.80 19.52
CA VAL N 39 -42.61 -31.15 19.91
C VAL N 39 -44.03 -31.12 20.45
N ASP N 40 -44.55 -32.30 20.75
CA ASP N 40 -45.86 -32.46 21.36
C ASP N 40 -45.69 -32.74 22.86
N GLU N 41 -46.79 -33.00 23.54
CA GLU N 41 -46.72 -33.26 24.98
C GLU N 41 -45.92 -34.51 25.30
N ASN N 42 -45.93 -35.50 24.41
CA ASN N 42 -45.11 -36.69 24.61
C ASN N 42 -43.65 -36.44 24.27
N GLY N 43 -43.38 -35.51 23.36
CA GLY N 43 -42.02 -35.22 22.93
C GLY N 43 -41.75 -35.63 21.50
N LEU N 44 -42.77 -35.55 20.64
CA LEU N 44 -42.69 -35.97 19.25
C LEU N 44 -42.65 -34.74 18.35
N TYR N 45 -41.67 -34.71 17.45
CA TYR N 45 -41.56 -33.62 16.49
C TYR N 45 -42.77 -33.65 15.55
N ASP N 46 -43.47 -32.53 15.46
CA ASP N 46 -44.75 -32.47 14.76
C ASP N 46 -44.65 -31.92 13.35
N GLY N 47 -43.45 -31.62 12.87
CA GLY N 47 -43.27 -31.15 11.52
C GLY N 47 -43.33 -29.65 11.32
N ARG N 48 -43.68 -28.89 12.35
CA ARG N 48 -43.69 -27.44 12.28
C ARG N 48 -42.52 -26.89 13.09
N PHE N 49 -42.05 -25.71 12.70
CA PHE N 49 -40.86 -25.14 13.30
C PHE N 49 -40.96 -23.62 13.33
N THR N 50 -40.16 -23.02 14.21
CA THR N 50 -40.02 -21.58 14.32
C THR N 50 -38.70 -21.16 13.70
N THR N 51 -38.74 -20.15 12.84
CA THR N 51 -37.58 -19.76 12.04
C THR N 51 -36.97 -18.48 12.57
N PHE N 52 -35.64 -18.47 12.71
CA PHE N 52 -34.89 -17.29 13.09
C PHE N 52 -33.76 -17.07 12.09
N ALA N 53 -33.40 -15.81 11.89
CA ALA N 53 -32.30 -15.45 11.00
C ALA N 53 -31.32 -14.57 11.75
N LEU N 54 -30.03 -14.84 11.59
CA LEU N 54 -28.97 -14.08 12.23
C LEU N 54 -28.04 -13.52 11.18
N SER N 55 -27.75 -12.22 11.26
CA SER N 55 -26.86 -11.59 10.32
C SER N 55 -25.40 -11.92 10.66
N GLY N 56 -24.52 -11.68 9.69
CA GLY N 56 -23.12 -11.98 9.90
C GLY N 56 -22.49 -11.17 11.00
N PHE N 57 -22.94 -9.93 11.19
CA PHE N 57 -22.37 -9.06 12.22
C PHE N 57 -22.56 -9.66 13.62
N VAL N 58 -23.78 -10.06 13.94
CA VAL N 58 -24.06 -10.59 15.28
C VAL N 58 -23.34 -11.91 15.49
N ARG N 59 -23.18 -12.72 14.42
CA ARG N 59 -22.42 -13.95 14.54
C ARG N 59 -20.96 -13.66 14.84
N ALA N 60 -20.33 -12.80 14.03
CA ALA N 60 -18.91 -12.50 14.20
C ALA N 60 -18.64 -11.83 15.54
N GLN N 61 -19.62 -11.10 16.08
CA GLN N 61 -19.48 -10.55 17.41
C GLN N 61 -19.24 -11.64 18.44
N GLY N 62 -19.91 -12.77 18.31
CA GLY N 62 -19.92 -13.80 19.33
C GLY N 62 -21.13 -13.79 20.22
N ASP N 63 -22.10 -12.90 19.98
CA ASP N 63 -23.33 -12.84 20.72
C ASP N 63 -24.46 -13.60 20.04
N ALA N 64 -24.14 -14.39 19.01
CA ALA N 64 -25.18 -15.14 18.31
C ALA N 64 -25.84 -16.16 19.24
N ASP N 65 -25.03 -16.85 20.06
CA ASP N 65 -25.59 -17.86 20.93
C ASP N 65 -26.51 -17.25 21.99
N GLY N 66 -26.08 -16.15 22.63
CA GLY N 66 -26.91 -15.52 23.63
C GLY N 66 -28.18 -14.94 23.05
N SER N 67 -28.06 -14.27 21.89
CA SER N 67 -29.24 -13.70 21.25
C SER N 67 -30.23 -14.78 20.85
N LEU N 68 -29.74 -15.88 20.27
CA LEU N 68 -30.64 -16.95 19.87
C LEU N 68 -31.29 -17.62 21.07
N ASP N 69 -30.53 -17.82 22.16
CA ASP N 69 -31.10 -18.40 23.36
C ASP N 69 -32.20 -17.50 23.92
N ARG N 70 -31.94 -16.19 23.99
CA ARG N 70 -32.95 -15.27 24.48
C ARG N 70 -34.17 -15.25 23.59
N LEU N 71 -33.97 -15.26 22.27
CA LEU N 71 -35.09 -15.30 21.34
C LEU N 71 -35.93 -16.55 21.55
N TRP N 72 -35.29 -17.70 21.75
CA TRP N 72 -36.05 -18.93 21.94
C TRP N 72 -36.82 -18.91 23.26
N GLN N 73 -36.19 -18.45 24.34
CA GLN N 73 -36.91 -18.36 25.61
C GLN N 73 -38.11 -17.43 25.50
N LYS N 74 -37.94 -16.30 24.80
CA LYS N 74 -39.06 -15.37 24.66
C LYS N 74 -40.16 -15.96 23.78
N ARG N 75 -39.79 -16.62 22.67
CA ARG N 75 -40.78 -17.07 21.71
C ARG N 75 -41.53 -18.31 22.16
N LYS N 76 -40.89 -19.22 22.89
CA LYS N 76 -41.57 -20.44 23.31
C LYS N 76 -42.73 -20.16 24.26
N ALA N 77 -42.76 -18.99 24.89
CA ALA N 77 -43.84 -18.70 25.84
C ALA N 77 -45.19 -18.62 25.16
N GLU N 78 -45.27 -17.96 24.00
CA GLU N 78 -46.54 -17.84 23.30
C GLU N 78 -47.04 -19.20 22.82
N ILE N 79 -46.15 -20.02 22.27
CA ILE N 79 -46.55 -21.27 21.64
C ILE N 79 -46.33 -22.48 22.54
N LYS N 80 -46.11 -22.25 23.84
CA LYS N 80 -45.90 -23.31 24.83
C LYS N 80 -44.66 -24.14 24.51
N GLN N 81 -44.35 -25.10 25.38
CA GLN N 81 -43.22 -25.99 25.16
C GLN N 81 -43.35 -27.26 26.00
N VAL O 2 -14.47 19.76 29.30
CA VAL O 2 -15.58 19.61 30.22
C VAL O 2 -16.86 19.30 29.45
N ARG O 3 -17.90 18.90 30.16
CA ARG O 3 -19.19 18.60 29.55
C ARG O 3 -19.82 19.91 29.10
N VAL O 4 -19.69 20.22 27.82
CA VAL O 4 -20.21 21.48 27.29
C VAL O 4 -21.57 21.32 26.61
N SER O 5 -21.94 20.10 26.23
CA SER O 5 -23.23 19.87 25.58
C SER O 5 -23.69 18.46 25.94
N VAL O 6 -24.57 18.36 26.94
CA VAL O 6 -25.06 17.05 27.36
C VAL O 6 -25.88 16.38 26.27
N LEU O 7 -26.50 17.15 25.39
CA LEU O 7 -27.26 16.55 24.30
C LEU O 7 -26.36 15.75 23.38
N ASN O 8 -25.17 16.28 23.08
CA ASN O 8 -24.23 15.53 22.24
C ASN O 8 -23.80 14.24 22.91
N ASP O 9 -23.51 14.29 24.21
CA ASP O 9 -23.12 13.07 24.90
C ASP O 9 -24.24 12.04 24.87
N ALA O 10 -25.48 12.48 25.12
CA ALA O 10 -26.61 11.56 25.08
C ALA O 10 -26.77 10.93 23.71
N LEU O 11 -26.80 11.76 22.66
CA LEU O 11 -27.01 11.24 21.31
C LEU O 11 -25.87 10.33 20.88
N LYS O 12 -24.63 10.70 21.21
CA LYS O 12 -23.49 9.89 20.81
C LYS O 12 -23.49 8.55 21.51
N SER O 13 -23.76 8.54 22.82
CA SER O 13 -23.83 7.26 23.53
C SER O 13 -24.95 6.40 22.98
N MET O 14 -26.11 7.00 22.69
CA MET O 14 -27.21 6.22 22.14
C MET O 14 -26.86 5.64 20.78
N TYR O 15 -26.24 6.45 19.91
CA TYR O 15 -25.86 5.96 18.59
C TYR O 15 -24.81 4.86 18.67
N ASN O 16 -23.82 5.03 19.56
CA ASN O 16 -22.79 4.00 19.73
C ASN O 16 -23.39 2.70 20.22
N ALA O 17 -24.30 2.77 21.19
CA ALA O 17 -24.98 1.56 21.65
C ALA O 17 -25.83 0.94 20.55
N GLU O 18 -26.48 1.78 19.73
CA GLU O 18 -27.29 1.26 18.64
C GLU O 18 -26.47 0.50 17.63
N LYS O 19 -25.28 1.02 17.27
CA LYS O 19 -24.44 0.34 16.30
C LYS O 19 -23.99 -1.03 16.80
N ARG O 20 -23.80 -1.17 18.12
CA ARG O 20 -23.34 -2.43 18.70
C ARG O 20 -24.47 -3.42 18.95
N GLY O 21 -25.70 -3.08 18.58
CA GLY O 21 -26.80 -4.00 18.74
C GLY O 21 -27.37 -4.10 20.14
N LYS O 22 -27.04 -3.16 21.02
CA LYS O 22 -27.59 -3.17 22.36
C LYS O 22 -29.08 -2.93 22.35
N ARG O 23 -29.78 -3.46 23.36
CA ARG O 23 -31.21 -3.27 23.49
C ARG O 23 -31.58 -2.18 24.49
N GLN O 24 -30.64 -1.76 25.34
CA GLN O 24 -30.86 -0.67 26.26
C GLN O 24 -29.61 0.19 26.31
N VAL O 25 -29.80 1.47 26.60
CA VAL O 25 -28.69 2.40 26.73
C VAL O 25 -28.96 3.32 27.91
N MET O 26 -27.90 3.76 28.58
CA MET O 26 -28.00 4.66 29.72
C MET O 26 -27.42 6.02 29.34
N ILE O 27 -28.13 7.08 29.70
CA ILE O 27 -27.76 8.45 29.38
C ILE O 27 -27.66 9.22 30.69
N ARG O 28 -26.52 9.86 30.92
CA ARG O 28 -26.28 10.62 32.12
C ARG O 28 -25.41 11.82 31.74
N PRO O 29 -25.76 13.04 32.19
CA PRO O 29 -26.94 13.42 32.95
C PRO O 29 -28.15 13.66 32.06
N SER O 30 -29.35 13.69 32.62
CA SER O 30 -30.54 13.99 31.85
C SER O 30 -30.85 15.49 31.89
N SER O 31 -31.77 15.91 31.03
CA SER O 31 -32.21 17.30 30.99
C SER O 31 -33.50 17.37 30.20
N LYS O 32 -34.18 18.52 30.31
CA LYS O 32 -35.47 18.66 29.65
C LYS O 32 -35.34 18.62 28.14
N VAL O 33 -34.30 19.23 27.57
CA VAL O 33 -34.15 19.23 26.13
C VAL O 33 -33.86 17.82 25.62
N ILE O 34 -33.09 17.04 26.38
CA ILE O 34 -32.86 15.65 26.03
C ILE O 34 -34.18 14.89 26.02
N ILE O 35 -35.03 15.13 27.03
CA ILE O 35 -36.31 14.46 27.11
C ILE O 35 -37.18 14.82 25.91
N LYS O 36 -37.18 16.09 25.52
CA LYS O 36 -38.01 16.51 24.38
C LYS O 36 -37.51 15.90 23.07
N PHE O 37 -36.19 15.86 22.89
CA PHE O 37 -35.64 15.23 21.69
C PHE O 37 -36.01 13.76 21.64
N LEU O 38 -35.88 13.05 22.77
CA LEU O 38 -36.25 11.64 22.82
C LEU O 38 -37.73 11.46 22.57
N ILE O 39 -38.56 12.38 23.07
CA ILE O 39 -40.00 12.29 22.85
C ILE O 39 -40.32 12.42 21.38
N VAL O 40 -39.68 13.35 20.68
CA VAL O 40 -39.90 13.49 19.25
C VAL O 40 -39.49 12.22 18.52
N MET O 41 -38.30 11.69 18.86
CA MET O 41 -37.81 10.49 18.18
C MET O 41 -38.75 9.31 18.42
N GLN O 42 -39.23 9.15 19.65
CA GLN O 42 -40.16 8.07 19.97
C GLN O 42 -41.50 8.25 19.27
N LYS O 43 -42.00 9.49 19.22
CA LYS O 43 -43.28 9.72 18.55
C LYS O 43 -43.20 9.36 17.09
N HIS O 44 -42.09 9.70 16.42
CA HIS O 44 -41.96 9.32 15.03
C HIS O 44 -41.65 7.83 14.85
N GLY O 45 -41.39 7.11 15.93
CA GLY O 45 -41.23 5.67 15.86
C GLY O 45 -39.83 5.21 15.55
N TYR O 46 -38.83 5.87 16.13
CA TYR O 46 -37.44 5.49 15.94
C TYR O 46 -36.80 4.88 17.18
N ILE O 47 -37.39 5.06 18.34
CA ILE O 47 -37.00 4.36 19.55
C ILE O 47 -38.26 3.83 20.23
N GLY O 48 -38.09 3.22 21.40
CA GLY O 48 -39.22 2.69 22.12
C GLY O 48 -39.39 3.30 23.49
N GLU O 49 -39.52 2.44 24.51
CA GLU O 49 -39.69 2.89 25.88
C GLU O 49 -38.44 3.62 26.35
N PHE O 50 -38.62 4.58 27.25
CA PHE O 50 -37.49 5.11 28.00
C PHE O 50 -38.00 5.66 29.32
N GLU O 51 -37.21 5.46 30.37
CA GLU O 51 -37.61 5.87 31.71
C GLU O 51 -36.55 6.76 32.32
N TYR O 52 -37.00 7.83 32.99
CA TYR O 52 -36.12 8.72 33.72
C TYR O 52 -36.00 8.26 35.16
N VAL O 53 -34.76 8.19 35.64
CA VAL O 53 -34.45 7.78 37.01
C VAL O 53 -33.97 9.00 37.77
N ASP O 54 -34.63 9.28 38.90
CA ASP O 54 -34.30 10.42 39.74
C ASP O 54 -33.19 10.02 40.71
N ASP O 55 -32.00 10.57 40.51
CA ASP O 55 -30.89 10.39 41.44
C ASP O 55 -30.68 11.59 42.34
N HIS O 56 -31.64 12.51 42.35
CA HIS O 56 -31.68 13.72 43.18
C HIS O 56 -30.64 14.76 42.77
N ARG O 57 -29.79 14.48 41.78
CA ARG O 57 -28.78 15.44 41.36
C ARG O 57 -29.02 15.92 39.93
N SER O 58 -29.00 15.02 38.96
CA SER O 58 -29.26 15.39 37.57
C SER O 58 -30.14 14.41 36.81
N GLY O 59 -30.41 13.22 37.35
CA GLY O 59 -31.26 12.25 36.67
C GLY O 59 -30.56 11.51 35.56
N LYS O 60 -30.93 10.24 35.38
CA LYS O 60 -30.44 9.44 34.26
C LYS O 60 -31.63 9.00 33.41
N ILE O 61 -31.33 8.52 32.21
CA ILE O 61 -32.37 7.99 31.32
C ILE O 61 -31.93 6.61 30.86
N VAL O 62 -32.85 5.66 30.92
CA VAL O 62 -32.63 4.34 30.34
C VAL O 62 -33.56 4.21 29.15
N VAL O 63 -32.98 4.01 27.97
CA VAL O 63 -33.72 4.02 26.71
C VAL O 63 -33.69 2.64 26.11
N GLU O 64 -34.83 2.19 25.58
CA GLU O 64 -34.97 0.90 24.92
C GLU O 64 -34.90 1.11 23.42
N LEU O 65 -33.97 0.41 22.77
CA LEU O 65 -33.77 0.52 21.34
C LEU O 65 -34.53 -0.60 20.62
N ASN O 66 -35.01 -0.28 19.42
CA ASN O 66 -35.74 -1.24 18.60
C ASN O 66 -35.06 -1.53 17.28
N GLY O 67 -33.83 -1.04 17.08
CA GLY O 67 -33.08 -1.33 15.89
C GLY O 67 -33.41 -0.51 14.67
N ARG O 68 -34.35 0.44 14.79
CA ARG O 68 -34.80 1.21 13.64
C ARG O 68 -33.99 2.48 13.40
N LEU O 69 -33.09 2.84 14.31
CA LEU O 69 -32.38 4.11 14.22
C LEU O 69 -31.04 3.89 13.53
N ASN O 70 -30.86 4.54 12.37
CA ASN O 70 -29.59 4.43 11.65
C ASN O 70 -28.56 5.38 12.23
N LYS O 71 -28.84 6.68 12.20
CA LYS O 71 -27.95 7.68 12.75
C LYS O 71 -28.76 8.73 13.48
N CYS O 72 -28.16 9.31 14.51
CA CYS O 72 -28.72 10.43 15.24
C CYS O 72 -27.57 11.25 15.80
N GLY O 73 -27.63 12.57 15.61
CA GLY O 73 -26.54 13.40 16.07
C GLY O 73 -26.93 14.86 16.16
N VAL O 74 -26.22 15.58 17.02
CA VAL O 74 -26.49 17.00 17.24
C VAL O 74 -25.82 17.83 16.16
N ILE O 75 -26.20 19.11 16.09
CA ILE O 75 -25.52 20.09 15.25
C ILE O 75 -25.03 21.19 16.16
N SER O 76 -23.74 21.52 16.08
CA SER O 76 -23.14 22.53 16.92
C SER O 76 -22.32 23.48 16.06
N PRO O 77 -22.45 24.80 16.24
CA PRO O 77 -23.32 25.49 17.19
C PRO O 77 -24.76 25.51 16.70
N ARG O 78 -25.72 25.88 17.54
CA ARG O 78 -27.13 25.84 17.15
C ARG O 78 -27.46 26.97 16.19
N PHE O 79 -27.24 26.74 14.90
CA PHE O 79 -27.48 27.77 13.90
C PHE O 79 -28.97 28.13 13.84
N ASP O 80 -29.23 29.38 13.49
CA ASP O 80 -30.60 29.88 13.39
C ASP O 80 -31.10 29.69 11.97
N VAL O 81 -32.26 29.05 11.82
CA VAL O 81 -32.85 28.80 10.52
C VAL O 81 -34.27 29.33 10.50
N GLY O 82 -34.63 30.02 9.42
CA GLY O 82 -36.00 30.40 9.19
C GLY O 82 -36.77 29.33 8.45
N VAL O 83 -38.02 29.62 8.14
CA VAL O 83 -38.86 28.66 7.43
C VAL O 83 -38.35 28.43 6.01
N LYS O 84 -37.73 29.45 5.41
CA LYS O 84 -37.26 29.34 4.04
C LYS O 84 -35.94 28.61 3.91
N GLU O 85 -35.20 28.45 5.00
CA GLU O 85 -33.90 27.77 4.96
C GLU O 85 -33.99 26.28 5.27
N ILE O 86 -35.14 25.82 5.77
CA ILE O 86 -35.26 24.42 6.16
C ILE O 86 -34.91 23.50 5.01
N GLU O 87 -35.46 23.78 3.82
CA GLU O 87 -35.16 22.98 2.65
C GLU O 87 -33.66 22.82 2.46
N GLY O 88 -32.91 23.92 2.55
CA GLY O 88 -31.48 23.82 2.38
C GLY O 88 -30.84 22.85 3.36
N TRP O 89 -31.20 22.98 4.64
CA TRP O 89 -30.65 22.06 5.64
C TRP O 89 -31.12 20.64 5.38
N THR O 90 -32.33 20.48 4.86
CA THR O 90 -32.80 19.15 4.50
C THR O 90 -31.90 18.54 3.44
N ALA O 91 -31.44 19.36 2.49
CA ALA O 91 -30.54 18.85 1.47
C ALA O 91 -29.15 18.52 2.00
N ARG O 92 -28.84 18.92 3.24
CA ARG O 92 -27.50 18.70 3.79
C ARG O 92 -27.45 17.57 4.80
N LEU O 93 -28.37 17.54 5.76
CA LEU O 93 -28.30 16.60 6.86
C LEU O 93 -29.09 15.33 6.63
N LEU O 94 -29.84 15.21 5.53
CA LEU O 94 -30.75 14.09 5.40
C LEU O 94 -30.41 13.22 4.19
N PRO O 95 -30.68 11.92 4.26
CA PRO O 95 -30.38 11.03 3.13
C PRO O 95 -31.22 11.33 1.91
N SER O 96 -32.52 11.50 2.08
CA SER O 96 -33.41 11.77 0.96
C SER O 96 -34.64 12.50 1.47
N ARG O 97 -35.38 13.09 0.52
CA ARG O 97 -36.58 13.84 0.84
C ARG O 97 -37.74 12.96 1.28
N GLN O 98 -37.63 11.64 1.13
CA GLN O 98 -38.75 10.77 1.48
C GLN O 98 -38.89 10.61 2.98
N PHE O 99 -37.79 10.59 3.71
CA PHE O 99 -37.85 10.39 5.16
C PHE O 99 -36.70 11.16 5.80
N GLY O 100 -36.40 10.86 7.05
CA GLY O 100 -35.45 11.62 7.82
C GLY O 100 -36.10 12.80 8.52
N TYR O 101 -35.42 13.31 9.54
CA TYR O 101 -36.00 14.39 10.35
C TYR O 101 -34.92 15.30 10.88
N ILE O 102 -35.24 16.59 10.93
CA ILE O 102 -34.40 17.60 11.55
C ILE O 102 -35.17 18.17 12.74
N VAL O 103 -34.51 18.29 13.88
CA VAL O 103 -35.15 18.77 15.10
C VAL O 103 -34.81 20.24 15.27
N LEU O 104 -35.84 21.06 15.44
CA LEU O 104 -35.70 22.49 15.67
C LEU O 104 -36.25 22.85 17.03
N THR O 105 -35.55 23.75 17.72
CA THR O 105 -36.03 24.33 18.97
C THR O 105 -36.64 25.69 18.65
N THR O 106 -37.89 25.67 18.20
CA THR O 106 -38.58 26.91 17.92
C THR O 106 -39.20 27.47 19.20
N SER O 107 -39.66 28.71 19.13
CA SER O 107 -40.28 29.32 20.30
C SER O 107 -41.60 28.66 20.67
N ALA O 108 -42.15 27.83 19.80
CA ALA O 108 -43.34 27.04 20.11
C ALA O 108 -42.99 25.71 20.78
N GLY O 109 -41.70 25.42 20.96
CA GLY O 109 -41.24 24.20 21.59
C GLY O 109 -40.23 23.49 20.72
N ILE O 110 -39.91 22.26 21.09
CA ILE O 110 -38.97 21.42 20.34
C ILE O 110 -39.80 20.51 19.45
N MET O 111 -39.51 20.54 18.15
CA MET O 111 -40.32 19.80 17.19
C MET O 111 -39.42 19.35 16.03
N ASP O 112 -40.04 18.67 15.07
CA ASP O 112 -39.34 18.33 13.84
C ASP O 112 -39.54 19.42 12.80
N HIS O 113 -38.88 19.26 11.66
CA HIS O 113 -38.95 20.29 10.63
C HIS O 113 -40.27 20.28 9.87
N GLU O 114 -40.87 19.11 9.67
CA GLU O 114 -42.18 19.06 9.01
C GLU O 114 -43.24 19.77 9.84
N GLU O 115 -43.23 19.56 11.16
CA GLU O 115 -44.15 20.27 12.03
C GLU O 115 -43.89 21.77 12.02
N ALA O 116 -42.62 22.17 11.96
CA ALA O 116 -42.30 23.59 11.89
C ALA O 116 -42.85 24.21 10.61
N ARG O 117 -42.73 23.50 9.48
CA ARG O 117 -43.32 24.00 8.24
C ARG O 117 -44.84 24.06 8.36
N ARG O 118 -45.45 23.07 9.02
CA ARG O 118 -46.89 23.10 9.24
C ARG O 118 -47.30 24.35 10.02
N LYS O 119 -46.60 24.65 11.10
CA LYS O 119 -46.91 25.80 11.92
C LYS O 119 -46.32 27.09 11.38
N ASN O 120 -45.49 27.01 10.34
CA ASN O 120 -44.82 28.17 9.75
C ASN O 120 -44.07 28.96 10.83
N VAL O 121 -43.12 28.29 11.46
CA VAL O 121 -42.27 28.90 12.47
C VAL O 121 -40.84 28.44 12.26
N GLY O 122 -39.89 29.24 12.71
CA GLY O 122 -38.48 28.94 12.61
C GLY O 122 -37.82 28.89 13.98
N GLY O 123 -36.51 28.67 13.95
CA GLY O 123 -35.76 28.61 15.20
C GLY O 123 -34.36 28.09 14.96
N LYS O 124 -33.78 27.57 16.04
CA LYS O 124 -32.45 26.98 15.98
C LYS O 124 -32.53 25.48 15.71
N VAL O 125 -31.41 24.92 15.27
CA VAL O 125 -31.32 23.50 14.92
C VAL O 125 -30.66 22.78 16.09
N LEU O 126 -31.34 21.77 16.63
CA LEU O 126 -30.78 20.97 17.70
C LEU O 126 -29.97 19.80 17.15
N GLY O 127 -30.61 18.95 16.36
CA GLY O 127 -29.92 17.82 15.78
C GLY O 127 -30.72 17.21 14.66
N PHE O 128 -30.45 15.93 14.41
CA PHE O 128 -31.14 15.20 13.36
C PHE O 128 -31.07 13.71 13.67
N PHE O 129 -31.97 12.96 13.05
CA PHE O 129 -32.03 11.52 13.23
C PHE O 129 -32.75 10.91 12.04
N TYR O 130 -32.26 9.76 11.60
CA TYR O 130 -32.92 9.01 10.53
C TYR O 130 -32.48 7.55 10.54
N GLY P 2 -9.02 21.03 17.03
CA GLY P 2 -8.99 21.31 15.60
C GLY P 2 -9.45 22.70 15.24
N LYS P 3 -10.70 22.81 14.81
CA LYS P 3 -11.29 24.06 14.39
C LYS P 3 -12.07 24.71 15.53
N THR P 4 -12.23 26.03 15.43
CA THR P 4 -13.03 26.79 16.38
C THR P 4 -14.46 26.85 15.84
N ARG P 5 -15.39 26.22 16.55
CA ARG P 5 -16.77 26.09 16.08
C ARG P 5 -17.74 26.95 16.84
N GLY P 6 -17.26 27.85 17.69
CA GLY P 6 -18.16 28.72 18.42
C GLY P 6 -18.94 29.64 17.48
N MET P 7 -20.18 29.92 17.87
CA MET P 7 -20.99 30.86 17.09
C MET P 7 -20.48 32.28 17.22
N GLY P 8 -19.80 32.59 18.32
CA GLY P 8 -19.22 33.90 18.53
C GLY P 8 -17.82 34.05 18.00
N ALA P 9 -17.32 33.07 17.23
CA ALA P 9 -15.94 33.05 16.77
C ALA P 9 -15.80 33.36 15.29
N GLY P 10 -16.62 34.28 14.76
CA GLY P 10 -16.49 34.64 13.36
C GLY P 10 -15.19 35.36 13.07
N ARG P 11 -14.77 36.27 13.96
CA ARG P 11 -13.54 37.03 13.73
C ARG P 11 -12.33 36.10 13.69
N LYS P 12 -12.30 35.11 14.59
CA LYS P 12 -11.17 34.19 14.61
C LYS P 12 -11.03 33.43 13.29
N LEU P 13 -12.15 32.90 12.79
CA LEU P 13 -12.10 32.16 11.53
C LEU P 13 -11.72 33.07 10.38
N LYS P 14 -12.31 34.26 10.32
CA LYS P 14 -11.99 35.17 9.22
C LYS P 14 -10.52 35.57 9.24
N THR P 15 -10.00 35.94 10.41
CA THR P 15 -8.60 36.33 10.53
C THR P 15 -7.66 35.17 10.21
N HIS P 16 -8.00 33.97 10.69
CA HIS P 16 -7.16 32.82 10.41
C HIS P 16 -7.09 32.53 8.92
N ARG P 17 -8.24 32.57 8.23
CA ARG P 17 -8.21 32.34 6.79
C ARG P 17 -7.46 33.46 6.08
N ARG P 18 -7.60 34.70 6.53
CA ARG P 18 -6.87 35.80 5.92
C ARG P 18 -5.37 35.60 6.05
N ASN P 19 -4.91 35.15 7.22
CA ASN P 19 -3.50 34.86 7.41
C ASN P 19 -3.04 33.69 6.54
N GLN P 20 -3.86 32.64 6.46
CA GLN P 20 -3.44 31.41 5.81
C GLN P 20 -3.57 31.43 4.30
N ARG P 21 -4.26 32.41 3.72
CA ARG P 21 -4.28 32.50 2.26
C ARG P 21 -2.90 32.72 1.67
N TRP P 22 -1.95 33.20 2.47
CA TRP P 22 -0.65 33.58 1.92
C TRP P 22 0.21 32.38 1.56
N ALA P 23 -0.02 31.22 2.18
CA ALA P 23 0.71 30.03 1.80
C ALA P 23 0.37 29.55 0.40
N ASP P 24 -0.76 29.98 -0.15
CA ASP P 24 -1.12 29.65 -1.52
C ASP P 24 -0.09 30.24 -2.49
N LYS P 25 0.33 29.42 -3.46
CA LYS P 25 1.27 29.91 -4.45
C LYS P 25 0.63 30.94 -5.37
N ALA P 26 -0.56 30.63 -5.88
CA ALA P 26 -1.21 31.54 -6.82
C ALA P 26 -1.65 32.83 -6.15
N TYR P 27 -2.25 32.73 -4.97
CA TYR P 27 -2.69 33.93 -4.26
C TYR P 27 -1.51 34.82 -3.91
N LYS P 28 -0.43 34.24 -3.40
CA LYS P 28 0.75 35.03 -3.08
C LYS P 28 1.38 35.62 -4.33
N LYS P 29 1.32 34.90 -5.45
CA LYS P 29 1.82 35.44 -6.70
C LYS P 29 1.03 36.66 -7.14
N SER P 30 -0.30 36.59 -7.04
CA SER P 30 -1.16 37.66 -7.51
C SER P 30 -1.19 38.86 -6.58
N HIS P 31 -1.18 38.65 -5.26
CA HIS P 31 -1.40 39.73 -4.31
C HIS P 31 -0.12 40.28 -3.72
N LEU P 32 1.05 39.84 -4.17
CA LEU P 32 2.31 40.45 -3.74
C LEU P 32 2.71 41.62 -4.61
N GLY P 33 2.12 41.77 -5.78
CA GLY P 33 2.40 42.90 -6.65
C GLY P 33 3.67 42.79 -7.46
N ASN P 34 4.40 41.68 -7.36
CA ASN P 34 5.64 41.54 -8.10
C ASN P 34 5.42 41.33 -9.59
N GLU P 35 4.19 41.00 -10.00
CA GLU P 35 3.90 40.77 -11.42
C GLU P 35 4.11 42.03 -12.25
N TRP P 36 4.14 43.20 -11.63
CA TRP P 36 4.41 44.44 -12.33
C TRP P 36 5.90 44.67 -12.59
N LYS P 37 6.77 43.93 -11.92
CA LYS P 37 8.21 44.05 -12.12
C LYS P 37 8.74 43.11 -13.19
N LYS P 38 7.87 42.30 -13.79
CA LYS P 38 8.27 41.45 -14.92
C LYS P 38 8.43 42.30 -16.17
N PRO P 39 9.15 41.79 -17.18
CA PRO P 39 9.37 42.60 -18.40
C PRO P 39 8.09 43.05 -19.07
N PHE P 40 7.04 42.22 -19.11
CA PHE P 40 5.81 42.62 -19.77
C PHE P 40 4.97 43.58 -18.92
N ALA P 41 5.23 43.62 -17.62
CA ALA P 41 4.51 44.51 -16.70
C ALA P 41 3.00 44.32 -16.79
N GLY P 42 2.57 43.06 -16.72
CA GLY P 42 1.16 42.77 -16.79
C GLY P 42 0.50 43.06 -18.12
N SER P 43 1.17 42.69 -19.21
CA SER P 43 0.62 42.86 -20.55
C SER P 43 0.64 41.52 -21.28
N SER P 44 -0.34 41.32 -22.15
CA SER P 44 -0.43 40.06 -22.88
C SER P 44 0.70 39.94 -23.91
N HIS P 45 0.93 41.01 -24.67
CA HIS P 45 1.98 41.05 -25.67
C HIS P 45 2.93 42.21 -25.37
N ALA P 46 3.95 42.35 -26.21
CA ALA P 46 4.86 43.47 -26.11
C ALA P 46 5.52 43.65 -27.47
N LYS P 47 6.25 44.76 -27.61
CA LYS P 47 6.94 45.08 -28.85
C LYS P 47 8.40 45.34 -28.55
N GLY P 48 9.25 45.06 -29.54
CA GLY P 48 10.68 45.14 -29.29
C GLY P 48 11.52 45.25 -30.55
N ILE P 49 12.80 45.46 -30.32
CA ILE P 49 13.82 45.60 -31.35
C ILE P 49 14.75 44.40 -31.28
N VAL P 50 14.98 43.75 -32.41
CA VAL P 50 15.83 42.56 -32.44
C VAL P 50 17.27 43.00 -32.23
N LEU P 51 17.80 42.74 -31.03
CA LEU P 51 19.19 43.10 -30.76
C LEU P 51 20.16 42.17 -31.48
N GLU P 52 19.89 40.87 -31.45
CA GLU P 52 20.77 39.90 -32.11
C GLU P 52 20.02 38.58 -32.26
N LYS P 53 20.58 37.70 -33.09
CA LYS P 53 20.05 36.36 -33.31
C LYS P 53 20.98 35.36 -32.65
N ILE P 54 20.42 34.51 -31.78
CA ILE P 54 21.23 33.55 -31.03
C ILE P 54 20.65 32.16 -31.14
N GLY P 55 21.44 31.16 -30.76
CA GLY P 55 20.94 29.81 -30.64
C GLY P 55 21.26 29.23 -29.27
N ILE P 56 20.36 28.45 -28.71
CA ILE P 56 20.56 27.83 -27.41
C ILE P 56 20.43 26.31 -27.57
N GLU P 57 21.38 25.58 -26.99
CA GLU P 57 21.32 24.13 -27.04
C GLU P 57 20.19 23.62 -26.17
N ALA P 58 19.38 22.73 -26.73
CA ALA P 58 18.26 22.16 -25.99
C ALA P 58 18.78 21.32 -24.82
N LYS P 59 18.01 21.33 -23.74
CA LYS P 59 18.40 20.64 -22.53
C LYS P 59 18.37 19.12 -22.73
N GLN P 60 19.17 18.42 -21.94
CA GLN P 60 19.23 16.97 -22.02
C GLN P 60 17.89 16.37 -21.59
N PRO P 61 17.54 15.19 -22.12
CA PRO P 61 18.29 14.35 -23.05
C PRO P 61 18.10 14.75 -24.50
N ASN P 62 17.43 15.86 -24.77
CA ASN P 62 17.29 16.32 -26.15
C ASN P 62 18.61 16.86 -26.67
N SER P 63 18.71 16.96 -27.99
CA SER P 63 19.92 17.46 -28.64
C SER P 63 19.51 18.21 -29.90
N ALA P 64 19.49 19.54 -29.81
CA ALA P 64 19.16 20.40 -30.94
C ALA P 64 19.57 21.82 -30.59
N ILE P 65 19.52 22.69 -31.58
CA ILE P 65 19.83 24.11 -31.41
C ILE P 65 18.56 24.89 -31.68
N ARG P 66 18.05 25.56 -30.65
CA ARG P 66 16.84 26.37 -30.76
C ARG P 66 17.24 27.77 -31.19
N LYS P 67 16.67 28.23 -32.31
CA LYS P 67 16.98 29.54 -32.87
C LYS P 67 16.16 30.59 -32.14
N CYS P 68 16.74 31.18 -31.11
CA CYS P 68 16.05 32.24 -30.38
C CYS P 68 16.48 33.59 -30.95
N ALA P 69 16.10 34.67 -30.27
CA ALA P 69 16.49 36.01 -30.69
C ALA P 69 16.51 36.90 -29.45
N ARG P 70 17.63 37.58 -29.23
CA ARG P 70 17.76 38.52 -28.14
C ARG P 70 17.19 39.86 -28.60
N VAL P 71 16.13 40.33 -27.93
CA VAL P 71 15.43 41.54 -28.31
C VAL P 71 15.31 42.43 -27.08
N GLN P 72 14.99 43.71 -27.33
CA GLN P 72 14.86 44.71 -26.28
C GLN P 72 13.50 45.36 -26.38
N LEU P 73 12.73 45.30 -25.30
CA LEU P 73 11.39 45.88 -25.28
C LEU P 73 11.48 47.40 -25.33
N VAL P 74 10.54 48.01 -26.06
CA VAL P 74 10.53 49.47 -26.19
C VAL P 74 9.77 50.16 -25.08
N LYS P 75 8.97 49.43 -24.31
CA LYS P 75 8.17 50.07 -23.27
C LYS P 75 8.95 50.29 -21.97
N ASN P 76 9.94 49.43 -21.69
CA ASN P 76 10.77 49.63 -20.49
C ASN P 76 12.25 49.43 -20.72
N GLY P 77 12.69 48.95 -21.87
CA GLY P 77 14.10 48.79 -22.15
C GLY P 77 14.73 47.48 -21.71
N LYS P 78 13.94 46.54 -21.20
CA LYS P 78 14.48 45.27 -20.76
C LYS P 78 14.86 44.39 -21.94
N LYS P 79 15.89 43.57 -21.74
CA LYS P 79 16.41 42.68 -22.77
C LYS P 79 15.97 41.25 -22.45
N ILE P 80 15.27 40.63 -23.40
CA ILE P 80 14.73 39.29 -23.22
C ILE P 80 15.02 38.46 -24.47
N ALA P 81 15.06 37.14 -24.27
CA ALA P 81 15.23 36.19 -25.35
C ALA P 81 13.88 35.61 -25.74
N ALA P 82 13.56 35.66 -27.03
CA ALA P 82 12.29 35.20 -27.55
C ALA P 82 12.52 34.07 -28.55
N PHE P 83 11.75 32.99 -28.42
CA PHE P 83 11.89 31.86 -29.32
C PHE P 83 11.34 32.20 -30.70
N VAL P 84 11.90 31.55 -31.71
CA VAL P 84 11.45 31.70 -33.09
C VAL P 84 11.08 30.31 -33.63
N PRO P 85 9.80 30.00 -33.71
CA PRO P 85 9.38 28.66 -34.15
C PRO P 85 9.33 28.54 -35.67
N ASN P 86 8.77 27.44 -36.17
CA ASN P 86 8.41 27.32 -37.59
C ASN P 86 9.65 27.42 -38.48
N ASP P 87 10.41 26.32 -38.50
CA ASP P 87 11.75 26.24 -39.09
C ASP P 87 11.91 27.09 -40.35
N GLY P 88 13.04 27.76 -40.43
CA GLY P 88 13.30 28.72 -41.47
C GLY P 88 12.82 30.12 -41.15
N CYS P 89 12.18 30.33 -40.00
CA CYS P 89 11.69 31.64 -39.64
C CYS P 89 12.75 32.50 -38.95
N LEU P 90 13.94 31.95 -38.71
CA LEU P 90 15.04 32.80 -38.27
C LEU P 90 15.55 33.67 -39.40
N ASN P 91 15.35 33.23 -40.64
CA ASN P 91 15.79 34.01 -41.80
C ASN P 91 15.00 35.29 -41.95
N PHE P 92 13.70 35.25 -41.63
CA PHE P 92 12.87 36.44 -41.74
C PHE P 92 13.33 37.53 -40.79
N ILE P 93 13.74 37.15 -39.58
CA ILE P 93 14.24 38.13 -38.62
C ILE P 93 15.60 38.64 -39.06
N GLU P 94 15.75 39.96 -39.05
CA GLU P 94 17.02 40.62 -39.35
C GLU P 94 17.46 41.41 -38.12
N GLU P 95 18.53 42.18 -38.27
CA GLU P 95 19.02 43.00 -37.19
C GLU P 95 18.07 44.18 -36.94
N ASN P 96 18.12 44.69 -35.71
CA ASN P 96 17.39 45.89 -35.24
C ASN P 96 16.03 46.01 -35.91
N ASP P 97 15.28 44.91 -35.89
CA ASP P 97 14.02 44.80 -36.59
C ASP P 97 12.88 44.95 -35.60
N GLU P 98 11.67 45.14 -36.14
CA GLU P 98 10.51 45.46 -35.33
C GLU P 98 9.71 44.19 -35.10
N VAL P 99 9.57 43.75 -33.85
CA VAL P 99 8.92 42.48 -33.56
C VAL P 99 7.87 42.64 -32.48
N LEU P 100 6.86 41.79 -32.53
CA LEU P 100 5.83 41.66 -31.51
C LEU P 100 6.01 40.31 -30.83
N ILE P 101 6.24 40.35 -29.52
CA ILE P 101 6.56 39.21 -28.68
C ILE P 101 5.35 38.87 -27.83
N ALA P 102 5.18 37.58 -27.54
CA ALA P 102 4.12 37.11 -26.69
C ALA P 102 4.67 36.08 -25.72
N GLY P 103 3.88 35.76 -24.69
CA GLY P 103 4.27 34.73 -23.76
C GLY P 103 4.33 33.36 -24.42
N PHE P 104 4.98 32.42 -23.73
CA PHE P 104 5.21 31.11 -24.32
C PHE P 104 4.13 30.11 -23.97
N GLY P 105 3.37 30.32 -22.90
CA GLY P 105 2.22 29.47 -22.64
C GLY P 105 2.05 29.02 -21.20
N ARG P 106 3.13 29.03 -20.42
CA ARG P 106 3.10 28.52 -19.06
C ARG P 106 3.11 29.63 -18.01
N LYS P 107 2.75 30.85 -18.41
CA LYS P 107 2.53 31.97 -17.48
C LYS P 107 3.77 32.24 -16.65
N GLY P 108 4.84 32.65 -17.35
CA GLY P 108 6.08 32.96 -16.68
C GLY P 108 6.92 31.75 -16.32
N HIS P 109 6.91 30.72 -17.16
CA HIS P 109 7.67 29.50 -16.91
C HIS P 109 8.28 29.04 -18.23
N ALA P 110 9.45 28.43 -18.15
CA ALA P 110 10.11 27.91 -19.34
C ALA P 110 9.30 26.78 -19.95
N VAL P 111 9.17 26.80 -21.27
CA VAL P 111 8.33 25.85 -21.99
C VAL P 111 9.23 24.93 -22.80
N GLY P 112 9.08 23.63 -22.60
CA GLY P 112 9.83 22.66 -23.36
C GLY P 112 11.25 22.50 -22.86
N ASP P 113 12.11 22.04 -23.77
CA ASP P 113 13.51 21.79 -23.46
C ASP P 113 14.39 23.03 -23.58
N ILE P 114 13.83 24.15 -23.99
CA ILE P 114 14.59 25.39 -24.13
C ILE P 114 14.93 25.91 -22.74
N PRO P 115 16.21 26.09 -22.40
CA PRO P 115 16.58 26.54 -21.06
C PRO P 115 16.32 28.04 -20.90
N GLY P 116 15.41 28.38 -19.99
CA GLY P 116 15.17 29.76 -19.62
C GLY P 116 14.64 30.67 -20.72
N VAL P 117 13.69 30.19 -21.52
CA VAL P 117 13.01 31.01 -22.51
C VAL P 117 11.53 30.98 -22.20
N ARG P 118 10.92 32.16 -22.04
CA ARG P 118 9.51 32.27 -21.68
C ARG P 118 8.74 33.15 -22.64
N PHE P 119 9.32 33.48 -23.80
CA PHE P 119 8.66 34.31 -24.78
C PHE P 119 8.87 33.73 -26.16
N LYS P 120 7.92 34.00 -27.06
CA LYS P 120 8.02 33.57 -28.44
C LYS P 120 7.67 34.74 -29.34
N VAL P 121 8.33 34.81 -30.49
CA VAL P 121 8.08 35.87 -31.45
C VAL P 121 6.79 35.58 -32.18
N VAL P 122 5.89 36.55 -32.21
CA VAL P 122 4.60 36.41 -32.89
C VAL P 122 4.60 37.15 -34.21
N LYS P 123 5.07 38.39 -34.22
CA LYS P 123 5.09 39.20 -35.43
C LYS P 123 6.48 39.76 -35.66
N VAL P 124 6.82 39.98 -36.93
CA VAL P 124 8.05 40.67 -37.30
C VAL P 124 7.73 41.70 -38.36
N SER P 125 8.15 42.95 -38.13
CA SER P 125 7.95 44.05 -39.08
C SER P 125 6.48 44.20 -39.44
N GLY P 126 5.60 44.01 -38.46
CA GLY P 126 4.18 44.15 -38.68
C GLY P 126 3.53 43.03 -39.45
N VAL P 127 4.25 41.93 -39.69
CA VAL P 127 3.72 40.78 -40.40
C VAL P 127 3.86 39.57 -39.50
N SER P 128 2.83 38.71 -39.49
CA SER P 128 2.86 37.52 -38.67
C SER P 128 3.83 36.50 -39.22
N LEU P 129 4.51 35.79 -38.31
CA LEU P 129 5.40 34.71 -38.73
C LEU P 129 4.64 33.61 -39.45
N LEU P 130 3.38 33.38 -39.07
CA LEU P 130 2.59 32.34 -39.72
C LEU P 130 2.35 32.66 -41.19
N ALA P 131 2.06 33.92 -41.50
CA ALA P 131 1.79 34.30 -42.89
C ALA P 131 3.05 34.16 -43.75
N LEU P 132 4.20 34.58 -43.22
CA LEU P 132 5.45 34.43 -43.96
C LEU P 132 5.83 32.95 -44.11
N PHE P 133 5.60 32.16 -43.07
CA PHE P 133 5.95 30.75 -43.10
C PHE P 133 5.14 30.01 -44.17
N LYS P 134 3.87 30.36 -44.31
CA LYS P 134 3.00 29.73 -45.29
C LYS P 134 2.98 30.49 -46.61
N GLU P 135 3.84 31.49 -46.77
CA GLU P 135 3.97 32.29 -47.98
C GLU P 135 2.70 33.06 -48.31
N LYS P 136 1.87 33.34 -47.31
CA LYS P 136 0.70 34.18 -47.52
C LYS P 136 1.07 35.65 -47.62
N LYS P 137 2.17 36.07 -47.00
CA LYS P 137 2.60 37.45 -46.98
C LYS P 137 4.11 37.53 -47.14
N GLU P 138 4.58 38.68 -47.59
CA GLU P 138 6.00 38.93 -47.78
C GLU P 138 6.45 40.04 -46.83
N LYS P 139 7.68 39.92 -46.35
CA LYS P 139 8.25 40.95 -45.50
C LYS P 139 8.39 42.25 -46.28
N PRO P 140 7.97 43.39 -45.73
CA PRO P 140 8.12 44.69 -46.40
C PRO P 140 9.52 45.28 -46.24
N ALA Q 9 -57.11 42.88 -56.74
CA ALA Q 9 -57.61 44.16 -56.27
C ALA Q 9 -56.82 44.63 -55.06
N VAL Q 10 -57.19 45.80 -54.55
CA VAL Q 10 -56.54 46.39 -53.37
C VAL Q 10 -57.63 46.82 -52.40
N THR Q 11 -57.48 46.43 -51.14
CA THR Q 11 -58.44 46.77 -50.10
C THR Q 11 -57.77 47.60 -49.02
N LEU Q 12 -58.52 48.53 -48.43
CA LEU Q 12 -58.03 49.38 -47.36
C LEU Q 12 -58.88 49.18 -46.13
N ARG Q 13 -58.22 49.05 -44.97
CA ARG Q 13 -58.90 48.84 -43.69
C ARG Q 13 -58.32 49.78 -42.66
N THR Q 14 -59.17 50.55 -41.99
CA THR Q 14 -58.74 51.54 -41.02
C THR Q 14 -59.07 51.04 -39.62
N ARG Q 15 -58.06 50.99 -38.76
CA ARG Q 15 -58.22 50.53 -37.39
C ARG Q 15 -57.75 51.63 -36.44
N LYS Q 16 -58.10 51.47 -35.16
CA LYS Q 16 -57.77 52.44 -34.13
C LYS Q 16 -58.17 53.85 -34.55
N PHE Q 17 -59.32 53.95 -35.21
CA PHE Q 17 -59.81 55.22 -35.71
C PHE Q 17 -60.15 56.15 -34.55
N MET Q 18 -59.88 57.44 -34.73
CA MET Q 18 -60.16 58.42 -33.70
C MET Q 18 -60.34 59.79 -34.33
N THR Q 19 -61.45 60.45 -34.01
CA THR Q 19 -61.72 61.80 -34.48
C THR Q 19 -61.16 62.77 -33.45
N ASN Q 20 -59.96 63.29 -33.73
CA ASN Q 20 -59.28 64.23 -32.85
C ASN Q 20 -59.87 65.61 -33.08
N ARG Q 21 -60.80 66.02 -32.21
CA ARG Q 21 -61.40 67.33 -32.33
C ARG Q 21 -60.45 68.44 -31.87
N LEU Q 22 -59.51 68.11 -30.98
CA LEU Q 22 -58.57 69.12 -30.49
C LEU Q 22 -57.69 69.64 -31.62
N LEU Q 23 -57.18 68.74 -32.46
CA LEU Q 23 -56.41 69.13 -33.62
C LEU Q 23 -57.23 69.14 -34.90
N SER Q 24 -58.54 68.89 -34.81
CA SER Q 24 -59.46 68.98 -35.93
C SER Q 24 -59.03 68.08 -37.09
N ARG Q 25 -59.05 66.77 -36.84
CA ARG Q 25 -58.66 65.80 -37.84
C ARG Q 25 -59.20 64.43 -37.42
N LYS Q 26 -58.95 63.45 -38.28
CA LYS Q 26 -59.20 62.04 -37.97
C LYS Q 26 -57.92 61.27 -38.19
N GLN Q 27 -57.51 60.49 -37.19
CA GLN Q 27 -56.28 59.72 -37.25
C GLN Q 27 -56.60 58.24 -37.16
N PHE Q 28 -55.88 57.43 -37.94
CA PHE Q 28 -56.14 56.00 -37.96
C PHE Q 28 -54.89 55.26 -38.40
N VAL Q 29 -54.89 53.95 -38.16
CA VAL Q 29 -53.88 53.04 -38.68
C VAL Q 29 -54.45 52.38 -39.92
N LEU Q 30 -53.80 52.57 -41.06
CA LEU Q 30 -54.31 52.12 -42.34
C LEU Q 30 -53.57 50.87 -42.79
N GLU Q 31 -54.32 49.85 -43.19
CA GLU Q 31 -53.78 48.59 -43.67
C GLU Q 31 -54.23 48.39 -45.11
N VAL Q 32 -53.27 48.18 -46.01
CA VAL Q 32 -53.53 47.95 -47.41
C VAL Q 32 -53.24 46.49 -47.70
N ILE Q 33 -54.26 45.76 -48.17
CA ILE Q 33 -54.11 44.41 -48.67
C ILE Q 33 -54.03 44.51 -50.18
N HIS Q 34 -52.85 44.22 -50.73
CA HIS Q 34 -52.52 44.46 -52.13
C HIS Q 34 -51.87 43.22 -52.72
N PRO Q 35 -52.64 42.15 -52.93
CA PRO Q 35 -52.08 40.96 -53.56
C PRO Q 35 -51.76 41.20 -55.02
N GLY Q 36 -50.65 40.63 -55.48
CA GLY Q 36 -50.24 40.74 -56.85
C GLY Q 36 -49.43 41.97 -57.20
N ARG Q 37 -49.16 42.85 -56.24
CA ARG Q 37 -48.34 44.03 -56.48
C ARG Q 37 -47.33 44.18 -55.34
N ALA Q 38 -46.21 44.84 -55.68
CA ALA Q 38 -45.17 45.06 -54.68
C ALA Q 38 -45.66 45.92 -53.53
N ASN Q 39 -46.24 47.07 -53.86
CA ASN Q 39 -46.70 48.03 -52.86
C ASN Q 39 -47.73 48.93 -53.53
N VAL Q 40 -48.32 49.82 -52.73
CA VAL Q 40 -49.22 50.84 -53.23
C VAL Q 40 -48.61 52.19 -52.90
N SER Q 41 -48.37 53.01 -53.93
CA SER Q 41 -47.81 54.33 -53.73
C SER Q 41 -48.79 55.21 -52.97
N LYS Q 42 -48.23 56.11 -52.16
CA LYS Q 42 -49.08 57.01 -51.38
C LYS Q 42 -49.89 57.91 -52.30
N ALA Q 43 -49.35 58.27 -53.46
CA ALA Q 43 -50.13 59.04 -54.43
C ALA Q 43 -51.34 58.26 -54.92
N ASP Q 44 -51.16 56.98 -55.22
CA ASP Q 44 -52.28 56.16 -55.67
C ASP Q 44 -53.23 55.80 -54.54
N LEU Q 45 -52.80 56.01 -53.29
CA LEU Q 45 -53.61 55.65 -52.13
C LEU Q 45 -54.41 56.82 -51.59
N LYS Q 46 -53.91 58.05 -51.78
CA LYS Q 46 -54.62 59.23 -51.31
C LYS Q 46 -55.96 59.37 -52.02
N GLU Q 47 -55.99 59.11 -53.32
CA GLU Q 47 -57.26 59.19 -54.05
C GLU Q 47 -58.25 58.14 -53.56
N ARG Q 48 -57.78 56.92 -53.27
CA ARG Q 48 -58.66 55.90 -52.72
C ARG Q 48 -59.22 56.32 -51.37
N LEU Q 49 -58.36 56.85 -50.49
CA LEU Q 49 -58.83 57.30 -49.19
C LEU Q 49 -59.85 58.43 -49.33
N ALA Q 50 -59.61 59.35 -50.26
CA ALA Q 50 -60.57 60.43 -50.51
C ALA Q 50 -61.90 59.88 -51.00
N LYS Q 51 -61.86 58.91 -51.92
CA LYS Q 51 -63.10 58.38 -52.47
C LYS Q 51 -63.88 57.54 -51.46
N ILE Q 52 -63.20 56.94 -50.48
CA ILE Q 52 -63.91 56.18 -49.45
C ILE Q 52 -64.21 56.99 -48.19
N TYR Q 53 -63.69 58.22 -48.09
CA TYR Q 53 -63.98 59.07 -46.95
C TYR Q 53 -64.60 60.41 -47.33
N GLU Q 54 -64.90 60.62 -48.61
CA GLU Q 54 -65.57 61.83 -49.09
C GLU Q 54 -64.85 63.10 -48.64
N VAL Q 55 -63.61 63.23 -49.11
CA VAL Q 55 -62.83 64.45 -48.91
C VAL Q 55 -62.82 65.19 -50.24
N LYS Q 56 -63.25 66.45 -50.21
CA LYS Q 56 -63.45 67.19 -51.46
C LYS Q 56 -62.14 67.39 -52.21
N ASP Q 57 -61.10 67.83 -51.51
CA ASP Q 57 -59.79 68.00 -52.11
C ASP Q 57 -58.97 66.72 -51.92
N SER Q 58 -57.68 66.80 -52.23
CA SER Q 58 -56.77 65.67 -52.01
C SER Q 58 -55.57 66.05 -51.17
N ASN Q 59 -55.59 67.20 -50.51
CA ASN Q 59 -54.44 67.68 -49.77
C ASN Q 59 -54.54 67.45 -48.27
N CYS Q 60 -55.76 67.35 -47.72
CA CYS Q 60 -55.93 67.12 -46.29
C CYS Q 60 -55.53 65.71 -45.86
N ILE Q 61 -55.28 64.82 -46.80
CA ILE Q 61 -54.94 63.43 -46.50
C ILE Q 61 -53.43 63.30 -46.41
N PHE Q 62 -52.94 62.78 -45.29
CA PHE Q 62 -51.51 62.52 -45.09
C PHE Q 62 -51.33 61.08 -44.66
N VAL Q 63 -50.55 60.32 -45.43
CA VAL Q 63 -50.29 58.92 -45.13
C VAL Q 63 -48.78 58.73 -45.03
N PHE Q 64 -48.34 58.04 -43.99
CA PHE Q 64 -46.91 57.96 -43.73
C PHE Q 64 -46.58 56.74 -42.89
N LYS Q 65 -45.28 56.55 -42.66
CA LYS Q 65 -44.74 55.49 -41.82
C LYS Q 65 -45.24 54.11 -42.26
N PHE Q 66 -45.14 53.86 -43.55
CA PHE Q 66 -45.59 52.60 -44.12
C PHE Q 66 -44.53 51.51 -43.97
N ARG Q 67 -44.97 50.27 -44.08
CA ARG Q 67 -44.08 49.12 -43.93
C ARG Q 67 -44.77 47.90 -44.54
N THR Q 68 -44.03 47.15 -45.36
CA THR Q 68 -44.55 45.93 -45.94
C THR Q 68 -44.26 44.76 -45.01
N HIS Q 69 -45.26 43.91 -44.81
CA HIS Q 69 -45.09 42.75 -43.95
C HIS Q 69 -44.23 41.70 -44.64
N PHE Q 70 -43.47 40.96 -43.83
CA PHE Q 70 -42.59 39.92 -44.37
C PHE Q 70 -43.40 38.91 -45.16
N GLY Q 71 -42.91 38.56 -46.34
CA GLY Q 71 -43.63 37.68 -47.23
C GLY Q 71 -44.34 38.44 -48.32
N GLY Q 72 -44.87 39.60 -47.99
CA GLY Q 72 -45.51 40.47 -48.96
C GLY Q 72 -47.02 40.37 -48.92
N GLY Q 73 -47.65 41.18 -49.78
CA GLY Q 73 -49.09 41.19 -49.90
C GLY Q 73 -49.82 42.00 -48.85
N LYS Q 74 -49.10 42.77 -48.03
CA LYS Q 74 -49.74 43.56 -46.98
C LYS Q 74 -48.84 44.71 -46.59
N SER Q 75 -49.45 45.86 -46.30
CA SER Q 75 -48.71 47.03 -45.85
C SER Q 75 -49.52 47.74 -44.79
N THR Q 76 -48.85 48.39 -43.84
CA THR Q 76 -49.52 49.17 -42.80
C THR Q 76 -48.81 50.49 -42.57
N GLY Q 77 -49.57 51.48 -42.14
CA GLY Q 77 -49.02 52.78 -41.85
C GLY Q 77 -50.01 53.60 -41.06
N PHE Q 78 -49.73 54.91 -40.96
CA PHE Q 78 -50.63 55.82 -40.26
C PHE Q 78 -51.19 56.84 -41.24
N GLY Q 79 -52.40 57.27 -40.95
CA GLY Q 79 -53.09 58.21 -41.83
C GLY Q 79 -53.86 59.26 -41.03
N LEU Q 80 -53.90 60.46 -41.61
CA LEU Q 80 -54.60 61.60 -41.03
C LEU Q 80 -55.42 62.29 -42.10
N ILE Q 81 -56.62 62.72 -41.72
CA ILE Q 81 -57.52 63.45 -42.61
C ILE Q 81 -57.91 64.74 -41.92
N TYR Q 82 -57.85 65.86 -42.64
CA TYR Q 82 -58.12 67.17 -42.06
C TYR Q 82 -59.41 67.75 -42.61
N ASP Q 83 -60.15 68.45 -41.74
CA ASP Q 83 -61.38 69.10 -42.18
C ASP Q 83 -61.08 70.23 -43.16
N ASN Q 84 -60.02 70.99 -42.91
CA ASN Q 84 -59.65 72.11 -43.77
C ASN Q 84 -58.17 72.06 -44.07
N LEU Q 85 -57.81 72.48 -45.28
CA LEU Q 85 -56.39 72.58 -45.64
C LEU Q 85 -55.69 73.62 -44.78
N GLU Q 86 -56.38 74.72 -44.47
CA GLU Q 86 -55.80 75.74 -43.60
C GLU Q 86 -55.47 75.17 -42.23
N ALA Q 87 -56.35 74.30 -41.70
CA ALA Q 87 -56.02 73.60 -40.47
C ALA Q 87 -54.85 72.64 -40.68
N ALA Q 88 -54.72 72.08 -41.89
CA ALA Q 88 -53.64 71.15 -42.16
C ALA Q 88 -52.28 71.84 -42.12
N LYS Q 89 -52.18 73.05 -42.68
CA LYS Q 89 -50.91 73.76 -42.66
C LYS Q 89 -50.65 74.48 -41.34
N LYS Q 90 -51.38 74.12 -40.29
CA LYS Q 90 -51.21 74.73 -38.98
C LYS Q 90 -50.62 73.80 -37.93
N PHE Q 91 -50.67 72.49 -38.15
CA PHE Q 91 -50.25 71.53 -37.14
C PHE Q 91 -49.15 70.57 -37.59
N GLU Q 92 -49.01 70.32 -38.89
CA GLU Q 92 -48.00 69.38 -39.35
C GLU Q 92 -46.61 70.00 -39.38
N PRO Q 93 -45.58 69.17 -39.22
CA PRO Q 93 -44.23 69.62 -39.52
C PRO Q 93 -44.11 69.94 -41.00
N LYS Q 94 -43.21 70.88 -41.31
CA LYS Q 94 -43.13 71.39 -42.68
C LYS Q 94 -42.78 70.30 -43.68
N TYR Q 95 -42.02 69.29 -43.28
CA TYR Q 95 -41.58 68.26 -44.22
C TYR Q 95 -42.76 67.49 -44.80
N ARG Q 96 -43.77 67.20 -43.96
CA ARG Q 96 -44.96 66.54 -44.47
C ARG Q 96 -45.71 67.42 -45.46
N LEU Q 97 -45.68 68.74 -45.27
CA LEU Q 97 -46.22 69.64 -46.29
C LEU Q 97 -45.39 69.58 -47.57
N ILE Q 98 -44.07 69.43 -47.45
CA ILE Q 98 -43.22 69.32 -48.63
C ILE Q 98 -43.59 68.06 -49.41
N ARG Q 99 -43.82 66.95 -48.70
CA ARG Q 99 -44.11 65.69 -49.38
C ARG Q 99 -45.32 65.78 -50.29
N ASN Q 100 -46.28 66.64 -49.95
CA ASN Q 100 -47.50 66.79 -50.73
C ASN Q 100 -47.51 68.06 -51.57
N GLY Q 101 -46.37 68.72 -51.72
CA GLY Q 101 -46.31 69.92 -52.53
C GLY Q 101 -47.03 71.12 -51.96
N LEU Q 102 -47.23 71.16 -50.64
CA LEU Q 102 -47.91 72.27 -50.00
C LEU Q 102 -46.95 73.30 -49.42
N ALA Q 103 -45.65 73.17 -49.67
CA ALA Q 103 -44.67 74.12 -49.17
C ALA Q 103 -43.45 74.06 -50.09
N THR Q 104 -42.40 74.79 -49.72
CA THR Q 104 -41.17 74.84 -50.50
C THR Q 104 -40.00 74.48 -49.60
N LYS Q 105 -39.09 73.67 -50.14
CA LYS Q 105 -37.90 73.25 -49.42
C LYS Q 105 -36.83 74.33 -49.50
N VAL Q 106 -36.25 74.68 -48.36
CA VAL Q 106 -35.19 75.68 -48.28
C VAL Q 106 -33.86 74.94 -48.21
N GLU Q 107 -33.00 75.19 -49.19
CA GLU Q 107 -31.67 74.56 -49.23
C GLU Q 107 -30.72 75.35 -48.36
N LYS Q 108 -30.31 74.75 -47.24
CA LYS Q 108 -29.39 75.41 -46.33
C LYS Q 108 -28.55 74.34 -45.62
N SER Q 109 -27.40 74.77 -45.11
CA SER Q 109 -26.51 73.91 -44.35
C SER Q 109 -26.39 74.45 -42.94
N ARG Q 110 -26.60 73.57 -41.95
CA ARG Q 110 -26.54 74.00 -40.56
C ARG Q 110 -25.14 74.48 -40.19
N LYS Q 111 -24.11 73.77 -40.66
CA LYS Q 111 -22.75 74.17 -40.30
C LYS Q 111 -22.37 75.51 -40.93
N GLN Q 112 -22.86 75.79 -42.14
CA GLN Q 112 -22.62 77.10 -42.74
C GLN Q 112 -23.29 78.21 -41.93
N ILE Q 113 -24.52 77.97 -41.47
CA ILE Q 113 -25.21 78.96 -40.65
C ILE Q 113 -24.46 79.19 -39.34
N LYS Q 114 -23.96 78.11 -38.73
CA LYS Q 114 -23.15 78.28 -37.52
C LYS Q 114 -21.86 79.03 -37.80
N GLU Q 115 -21.24 78.77 -38.95
CA GLU Q 115 -20.06 79.52 -39.37
C GLU Q 115 -20.36 81.01 -39.39
N ARG Q 116 -21.45 81.38 -40.07
CA ARG Q 116 -21.82 82.79 -40.18
C ARG Q 116 -22.16 83.39 -38.82
N LYS Q 117 -22.86 82.62 -37.98
CA LYS Q 117 -23.23 83.12 -36.66
C LYS Q 117 -22.00 83.41 -35.82
N ASN Q 118 -21.02 82.51 -35.84
CA ASN Q 118 -19.77 82.76 -35.10
C ASN Q 118 -19.01 83.93 -35.70
N ARG Q 119 -19.02 84.06 -37.03
CA ARG Q 119 -18.27 85.14 -37.67
C ARG Q 119 -18.85 86.50 -37.34
N THR Q 120 -20.18 86.63 -37.35
CA THR Q 120 -20.82 87.93 -37.20
C THR Q 120 -21.19 88.26 -35.75
N LYS Q 121 -20.83 87.42 -34.79
CA LYS Q 121 -21.12 87.75 -33.40
C LYS Q 121 -20.06 88.66 -32.79
N LYS Q 122 -18.99 88.97 -33.52
CA LYS Q 122 -17.96 89.87 -33.04
C LYS Q 122 -18.20 91.31 -33.43
N ILE Q 123 -18.93 91.54 -34.52
CA ILE Q 123 -19.23 92.89 -34.97
C ILE Q 123 -20.44 93.41 -34.20
N ARG Q 124 -20.41 94.71 -33.89
CA ARG Q 124 -21.49 95.36 -33.15
C ARG Q 124 -22.09 96.47 -34.00
N GLY Q 125 -23.40 96.46 -34.14
CA GLY Q 125 -24.10 97.46 -34.91
C GLY Q 125 -24.67 96.90 -36.20
N VAL Q 126 -25.21 97.81 -37.02
CA VAL Q 126 -25.81 97.43 -38.29
C VAL Q 126 -24.78 96.95 -39.30
N LYS Q 127 -23.49 97.14 -39.02
CA LYS Q 127 -22.45 96.65 -39.91
C LYS Q 127 -22.32 95.13 -39.89
N LYS Q 128 -22.99 94.45 -38.96
CA LYS Q 128 -22.99 93.00 -38.95
C LYS Q 128 -23.41 92.43 -40.29
N THR Q 129 -24.54 92.91 -40.81
CA THR Q 129 -24.99 92.48 -42.13
C THR Q 129 -24.09 93.00 -43.24
N LYS Q 130 -23.32 94.05 -42.99
CA LYS Q 130 -22.41 94.57 -44.01
C LYS Q 130 -21.31 93.57 -44.33
N ALA Q 131 -20.90 92.76 -43.35
CA ALA Q 131 -19.87 91.74 -43.57
C ALA Q 131 -20.49 90.55 -44.31
N GLY Q 132 -20.76 90.76 -45.59
CA GLY Q 132 -21.33 89.73 -46.44
C GLY Q 132 -20.34 89.17 -47.44
N THR R 2 9.23 4.42 9.33
CA THR R 2 8.90 3.03 9.62
C THR R 2 9.43 2.65 11.00
N PHE R 3 8.50 2.29 11.90
CA PHE R 3 8.83 2.02 13.29
C PHE R 3 9.02 0.51 13.45
N LYS R 4 10.28 0.10 13.60
CA LYS R 4 10.61 -1.32 13.68
C LYS R 4 10.03 -1.96 14.93
N ARG R 5 10.01 -1.23 16.05
CA ARG R 5 9.62 -1.79 17.33
C ARG R 5 8.62 -0.89 18.03
N ARG R 6 7.72 -1.51 18.78
CA ARG R 6 6.72 -0.76 19.53
C ARG R 6 7.36 0.01 20.67
N ASN R 7 8.31 -0.61 21.36
CA ASN R 7 8.98 0.03 22.49
C ASN R 7 10.24 0.79 22.07
N GLY R 8 10.53 0.86 20.78
CA GLY R 8 11.65 1.63 20.30
C GLY R 8 13.00 0.99 20.46
N GLY R 9 13.05 -0.28 20.86
CA GLY R 9 14.30 -0.95 21.15
C GLY R 9 14.75 -0.84 22.58
N ARG R 10 14.03 -0.10 23.42
CA ARG R 10 14.38 0.04 24.82
C ARG R 10 13.19 -0.34 25.70
N ASN R 11 13.29 -0.07 27.00
CA ASN R 11 12.29 -0.47 27.98
C ASN R 11 11.89 0.69 28.87
N LYS R 12 11.57 1.82 28.24
CA LYS R 12 11.27 3.05 28.96
C LYS R 12 9.78 3.37 28.84
N HIS R 13 9.09 3.45 29.98
CA HIS R 13 7.71 3.91 30.04
C HIS R 13 7.52 4.64 31.35
N GLY R 14 6.86 5.80 31.30
CA GLY R 14 6.56 6.52 32.51
C GLY R 14 7.72 7.27 33.13
N ARG R 15 8.77 7.52 32.36
CA ARG R 15 9.90 8.29 32.85
C ARG R 15 10.59 8.94 31.66
N GLY R 16 11.40 9.94 31.94
CA GLY R 16 12.03 10.71 30.89
C GLY R 16 13.51 10.46 30.74
N HIS R 17 14.20 10.20 31.85
CA HIS R 17 15.65 10.00 31.82
C HIS R 17 16.03 8.77 32.61
N VAL R 18 17.08 8.11 32.14
CA VAL R 18 17.64 6.93 32.79
C VAL R 18 19.15 6.93 32.56
N LYS R 19 19.91 6.76 33.64
CA LYS R 19 21.36 6.84 33.54
C LYS R 19 21.91 5.72 32.67
N TYR R 20 23.02 6.00 32.02
CA TYR R 20 23.60 5.04 31.09
C TYR R 20 24.57 4.10 31.81
N ILE R 21 25.06 3.13 31.06
CA ILE R 21 26.16 2.27 31.46
C ILE R 21 27.15 2.24 30.29
N ARG R 22 28.24 1.51 30.48
CA ARG R 22 29.28 1.41 29.46
C ARG R 22 29.43 -0.04 29.04
N CYS R 23 29.40 -0.27 27.73
CA CYS R 23 29.53 -1.62 27.19
C CYS R 23 30.84 -2.25 27.65
N SER R 24 30.77 -3.51 28.05
CA SER R 24 31.94 -4.18 28.61
C SER R 24 33.01 -4.49 27.57
N ASN R 25 32.71 -4.34 26.29
CA ASN R 25 33.68 -4.64 25.23
C ASN R 25 34.28 -3.39 24.61
N CYS R 26 33.46 -2.38 24.31
CA CYS R 26 33.95 -1.17 23.66
C CYS R 26 33.86 0.07 24.54
N ALA R 27 33.26 -0.01 25.72
CA ALA R 27 33.07 1.14 26.61
C ALA R 27 32.30 2.26 25.92
N LYS R 28 31.14 1.91 25.36
CA LYS R 28 30.26 2.86 24.70
C LYS R 28 29.05 3.10 25.59
N CYS R 29 28.70 4.37 25.76
CA CYS R 29 27.61 4.73 26.66
C CYS R 29 26.27 4.30 26.04
N CYS R 30 25.55 3.44 26.75
CA CYS R 30 24.25 2.95 26.33
C CYS R 30 23.25 3.07 27.47
N PRO R 31 22.03 3.50 27.20
CA PRO R 31 21.02 3.59 28.27
C PRO R 31 20.85 2.25 28.95
N LYS R 32 20.63 2.29 30.26
CA LYS R 32 20.64 1.07 31.06
C LYS R 32 19.59 0.08 30.60
N ASP R 33 18.39 0.57 30.26
CA ASP R 33 17.33 -0.33 29.84
C ASP R 33 17.55 -0.85 28.43
N LYS R 34 18.21 -0.06 27.58
CA LYS R 34 18.44 -0.49 26.20
C LYS R 34 19.53 -1.54 26.10
N ALA R 35 20.53 -1.48 26.98
CA ALA R 35 21.68 -2.36 26.88
C ALA R 35 21.28 -3.82 27.09
N ILE R 36 21.94 -4.71 26.37
CA ILE R 36 21.70 -6.14 26.49
C ILE R 36 22.45 -6.62 27.73
N LYS R 37 21.71 -7.00 28.77
CA LYS R 37 22.29 -7.38 30.05
C LYS R 37 22.18 -8.88 30.22
N ARG R 38 23.28 -9.50 30.66
CA ARG R 38 23.30 -10.93 30.94
C ARG R 38 23.96 -11.17 32.29
N PHE R 39 23.60 -12.29 32.91
CA PHE R 39 24.16 -12.69 34.21
C PHE R 39 24.79 -14.07 34.03
N LEU R 40 26.11 -14.12 34.02
CA LEU R 40 26.84 -15.36 33.79
C LEU R 40 27.46 -15.84 35.10
N VAL R 41 27.24 -17.11 35.40
CA VAL R 41 27.70 -17.74 36.63
C VAL R 41 28.49 -18.98 36.24
N ARG R 42 29.78 -19.03 36.59
CA ARG R 42 30.62 -20.13 36.16
C ARG R 42 31.60 -20.53 37.25
N ASN R 43 32.03 -21.79 37.17
CA ASN R 43 33.12 -22.27 38.00
C ASN R 43 34.41 -21.51 37.68
N ILE R 44 35.22 -21.29 38.71
CA ILE R 44 36.53 -20.68 38.49
C ILE R 44 37.39 -21.57 37.61
N VAL R 45 37.34 -22.88 37.83
CA VAL R 45 38.05 -23.85 37.02
C VAL R 45 37.04 -24.78 36.36
N GLU R 46 37.28 -25.12 35.10
CA GLU R 46 36.32 -25.88 34.31
C GLU R 46 36.52 -27.38 34.47
N GLN R 47 35.75 -28.16 33.70
CA GLN R 47 35.70 -29.61 33.89
C GLN R 47 37.06 -30.26 33.68
N ALA R 48 37.82 -29.79 32.70
CA ALA R 48 39.17 -30.34 32.51
C ALA R 48 40.07 -30.00 33.68
N ALA R 49 39.77 -28.92 34.40
CA ALA R 49 40.60 -28.48 35.51
C ALA R 49 40.13 -28.99 36.86
N VAL R 50 38.82 -29.20 37.03
CA VAL R 50 38.30 -29.56 38.34
C VAL R 50 38.88 -30.89 38.80
N ARG R 51 39.08 -31.83 37.86
CA ARG R 51 39.64 -33.13 38.23
C ARG R 51 41.04 -32.97 38.81
N ASP R 52 41.88 -32.16 38.17
CA ASP R 52 43.25 -31.98 38.64
C ASP R 52 43.32 -31.12 39.90
N VAL R 53 42.33 -30.26 40.13
CA VAL R 53 42.33 -29.45 41.35
C VAL R 53 41.69 -30.19 42.53
N GLN R 54 40.90 -31.22 42.29
CA GLN R 54 40.26 -31.95 43.38
C GLN R 54 41.32 -32.57 44.31
N GLU R 55 42.15 -33.46 43.77
CA GLU R 55 43.17 -34.10 44.61
C GLU R 55 44.20 -33.09 45.10
N ALA R 56 44.48 -32.04 44.32
CA ALA R 56 45.43 -31.03 44.76
C ALA R 56 44.93 -30.23 45.95
N CYS R 57 43.62 -30.23 46.20
CA CYS R 57 43.08 -29.52 47.34
C CYS R 57 43.53 -30.18 48.64
N VAL R 58 43.79 -29.36 49.66
CA VAL R 58 44.34 -29.88 50.91
C VAL R 58 43.32 -30.76 51.63
N HIS R 59 42.07 -30.32 51.72
CA HIS R 59 41.03 -31.10 52.34
C HIS R 59 39.86 -31.30 51.38
N ASP R 60 39.17 -32.43 51.54
CA ASP R 60 38.09 -32.80 50.63
C ASP R 60 36.83 -31.98 50.86
N GLY R 61 36.72 -31.30 52.00
CA GLY R 61 35.53 -30.53 52.30
C GLY R 61 35.44 -29.19 51.63
N TYR R 62 36.46 -28.81 50.85
CA TYR R 62 36.47 -27.52 50.18
C TYR R 62 35.59 -27.58 48.95
N VAL R 63 34.45 -26.88 48.98
CA VAL R 63 33.60 -26.77 47.81
C VAL R 63 34.23 -25.77 46.85
N LEU R 64 34.14 -26.07 45.56
CA LEU R 64 34.77 -25.23 44.56
C LEU R 64 34.01 -23.93 44.43
N PRO R 65 34.69 -22.79 44.40
CA PRO R 65 33.99 -21.50 44.46
C PRO R 65 33.44 -21.09 43.10
N LYS R 66 32.32 -20.40 43.16
CA LYS R 66 31.65 -19.94 41.96
C LYS R 66 32.12 -18.52 41.63
N LEU R 67 31.76 -18.03 40.45
CA LEU R 67 31.93 -16.61 40.17
C LEU R 67 30.72 -16.12 39.38
N TYR R 68 30.26 -14.93 39.72
CA TYR R 68 29.04 -14.35 39.19
C TYR R 68 29.38 -12.99 38.59
N ALA R 69 28.88 -12.72 37.39
CA ALA R 69 29.16 -11.46 36.73
C ALA R 69 27.97 -11.02 35.90
N LYS R 70 27.49 -9.81 36.16
CA LYS R 70 26.49 -9.18 35.31
C LYS R 70 27.19 -8.30 34.30
N VAL R 71 27.06 -8.63 33.02
CA VAL R 71 27.73 -7.91 31.95
C VAL R 71 26.68 -7.19 31.13
N HIS R 72 27.06 -6.04 30.58
CA HIS R 72 26.20 -5.25 29.72
C HIS R 72 26.88 -5.06 28.38
N HIS R 73 26.12 -5.16 27.31
CA HIS R 73 26.63 -5.02 25.95
C HIS R 73 25.78 -4.01 25.19
N CYS R 74 26.44 -3.16 24.41
CA CYS R 74 25.73 -2.34 23.45
C CYS R 74 25.19 -3.22 22.33
N VAL R 75 24.30 -2.64 21.52
CA VAL R 75 23.65 -3.42 20.47
C VAL R 75 24.68 -3.95 19.48
N SER R 76 25.65 -3.11 19.10
CA SER R 76 26.64 -3.53 18.13
C SER R 76 27.49 -4.69 18.64
N CYS R 77 28.01 -4.56 19.87
CA CYS R 77 28.82 -5.62 20.44
C CYS R 77 28.00 -6.88 20.69
N ALA R 78 26.76 -6.74 21.13
CA ALA R 78 25.93 -7.91 21.37
C ALA R 78 25.64 -8.66 20.08
N ILE R 79 25.35 -7.94 18.99
CA ILE R 79 25.09 -8.59 17.72
C ILE R 79 26.35 -9.24 17.18
N HIS R 80 27.48 -8.54 17.26
CA HIS R 80 28.72 -9.07 16.69
C HIS R 80 29.22 -10.27 17.47
N ALA R 81 28.90 -10.37 18.76
CA ALA R 81 29.34 -11.47 19.60
C ALA R 81 28.33 -12.60 19.67
N HIS R 82 27.28 -12.55 18.85
CA HIS R 82 26.24 -13.58 18.79
C HIS R 82 25.50 -13.76 20.11
N ILE R 83 25.54 -12.75 20.98
CA ILE R 83 24.71 -12.79 22.17
C ILE R 83 23.24 -12.76 21.79
N VAL R 84 22.87 -11.89 20.86
CA VAL R 84 21.54 -11.84 20.30
C VAL R 84 21.66 -11.76 18.78
N ARG R 85 20.93 -12.62 18.07
CA ARG R 85 20.95 -12.63 16.63
C ARG R 85 19.84 -11.74 16.05
N VAL R 86 19.88 -11.56 14.75
CA VAL R 86 18.79 -10.90 14.03
C VAL R 86 17.69 -11.93 13.78
N ARG R 87 16.47 -11.61 14.21
CA ARG R 87 15.35 -12.53 14.11
C ARG R 87 14.40 -12.07 13.00
N SER R 88 13.50 -12.97 12.63
CA SER R 88 12.53 -12.65 11.60
C SER R 88 11.51 -11.65 12.11
N ARG R 89 10.73 -11.09 11.18
CA ARG R 89 9.79 -10.04 11.54
C ARG R 89 8.73 -10.54 12.52
N GLU R 90 8.20 -11.73 12.28
CA GLU R 90 7.19 -12.28 13.19
C GLU R 90 7.81 -12.79 14.48
N ASN R 91 9.04 -13.28 14.45
CA ASN R 91 9.70 -13.78 15.65
C ASN R 91 10.31 -12.66 16.48
N ARG R 92 10.35 -11.43 15.97
CA ARG R 92 10.90 -10.33 16.74
C ARG R 92 10.08 -10.07 17.99
N ARG R 93 8.75 -10.15 17.87
CA ARG R 93 7.87 -9.90 19.00
C ARG R 93 7.97 -10.96 20.08
N ASN R 94 8.55 -12.11 19.78
CA ASN R 94 8.66 -13.21 20.73
C ASN R 94 9.66 -12.81 21.81
N ARG R 95 9.15 -12.44 22.99
CA ARG R 95 9.97 -12.06 24.12
C ARG R 95 10.29 -13.22 25.05
N GLU R 96 9.82 -14.42 24.73
CA GLU R 96 10.08 -15.58 25.58
C GLU R 96 11.57 -15.92 25.57
N PRO R 97 12.20 -16.10 26.72
CA PRO R 97 13.61 -16.46 26.73
C PRO R 97 13.81 -17.86 26.20
N PRO R 98 14.98 -18.18 25.68
CA PRO R 98 15.20 -19.52 25.12
C PRO R 98 15.34 -20.56 26.22
N GLN R 99 14.44 -21.54 26.22
CA GLN R 99 14.36 -22.59 27.24
C GLN R 99 14.12 -22.00 28.63
N MET S 1 -22.26 -13.93 30.12
CA MET S 1 -22.23 -12.48 30.32
C MET S 1 -22.02 -11.84 28.96
N VAL S 2 -22.90 -12.16 28.01
CA VAL S 2 -22.77 -11.67 26.64
C VAL S 2 -22.58 -10.16 26.64
N LEU S 3 -23.57 -9.45 27.15
CA LEU S 3 -23.49 -8.03 27.45
C LEU S 3 -24.79 -7.66 28.16
N GLN S 4 -25.01 -6.37 28.40
CA GLN S 4 -26.23 -5.94 29.07
C GLN S 4 -27.50 -6.35 28.33
N ASN S 5 -27.39 -6.98 27.16
CA ASN S 5 -28.58 -7.40 26.43
C ASN S 5 -29.42 -8.40 27.22
N ASP S 6 -28.80 -9.13 28.15
CA ASP S 6 -29.56 -10.08 28.96
C ASP S 6 -30.06 -9.48 30.26
N ILE S 7 -29.24 -8.64 30.91
CA ILE S 7 -29.64 -7.98 32.15
C ILE S 7 -30.52 -6.78 31.82
N ASP S 8 -31.16 -6.22 32.83
CA ASP S 8 -32.01 -5.05 32.67
C ASP S 8 -31.35 -3.91 33.47
N LEU S 9 -31.05 -2.81 32.79
CA LEU S 9 -30.47 -1.66 33.48
C LEU S 9 -31.43 -1.06 34.49
N LEU S 10 -32.72 -1.03 34.17
CA LEU S 10 -33.72 -0.51 35.09
C LEU S 10 -33.73 -1.28 36.40
N ASN S 11 -33.70 -2.62 36.31
CA ASN S 11 -33.78 -3.50 37.47
C ASN S 11 -32.55 -4.41 37.47
N PRO S 12 -31.39 -3.88 37.83
CA PRO S 12 -30.18 -4.69 37.85
C PRO S 12 -30.14 -5.58 39.07
N PRO S 13 -29.28 -6.59 39.09
CA PRO S 13 -29.20 -7.48 40.26
C PRO S 13 -28.84 -6.71 41.53
N ALA S 14 -29.46 -7.11 42.64
CA ALA S 14 -29.35 -6.37 43.89
C ALA S 14 -28.01 -6.54 44.58
N GLU S 15 -27.20 -7.52 44.18
CA GLU S 15 -25.90 -7.75 44.80
C GLU S 15 -24.74 -7.19 43.99
N LEU S 16 -24.88 -7.05 42.67
CA LEU S 16 -23.80 -6.49 41.88
C LEU S 16 -23.56 -5.02 42.20
N GLU S 17 -24.61 -4.29 42.59
CA GLU S 17 -24.43 -2.91 43.05
C GLU S 17 -23.95 -2.80 44.49
N LYS S 18 -23.89 -3.91 45.22
CA LYS S 18 -23.21 -3.89 46.51
C LYS S 18 -21.70 -3.78 46.35
N LEU S 19 -21.17 -3.95 45.13
CA LEU S 19 -19.74 -3.95 44.89
C LEU S 19 -19.24 -2.80 44.02
N LYS S 20 -20.11 -2.15 43.25
CA LYS S 20 -19.67 -1.05 42.41
C LYS S 20 -19.30 0.16 43.27
N HIS S 21 -18.63 1.12 42.63
CA HIS S 21 -18.29 2.36 43.31
C HIS S 21 -19.57 3.13 43.63
N LYS S 22 -19.56 3.82 44.76
CA LYS S 22 -20.78 4.46 45.25
C LYS S 22 -21.32 5.48 44.25
N LYS S 23 -20.43 6.26 43.63
CA LYS S 23 -20.88 7.20 42.61
C LYS S 23 -21.45 6.48 41.40
N LYS S 24 -20.90 5.32 41.04
CA LYS S 24 -21.25 4.63 39.81
C LYS S 24 -22.46 3.73 39.95
N ARG S 25 -23.06 3.65 41.14
CA ARG S 25 -24.30 2.89 41.29
C ARG S 25 -25.43 3.57 40.52
N LEU S 26 -26.56 2.86 40.42
CA LEU S 26 -27.72 3.44 39.74
C LEU S 26 -28.18 4.71 40.43
N VAL S 27 -28.23 4.70 41.76
CA VAL S 27 -28.46 5.88 42.58
C VAL S 27 -27.36 5.95 43.62
N GLN S 28 -26.68 7.09 43.69
CA GLN S 28 -25.54 7.22 44.58
C GLN S 28 -25.96 7.05 46.04
N SER S 29 -25.21 6.24 46.77
CA SER S 29 -25.50 5.95 48.16
C SER S 29 -24.19 5.94 48.94
N PRO S 30 -24.21 6.34 50.21
CA PRO S 30 -23.00 6.27 51.02
C PRO S 30 -22.64 4.82 51.36
N ASN S 31 -21.37 4.61 51.60
CA ASN S 31 -20.87 3.29 52.02
C ASN S 31 -20.61 3.23 53.52
N SER S 32 -20.98 4.26 54.27
CA SER S 32 -20.70 4.34 55.70
C SER S 32 -21.98 4.13 56.50
N PHE S 33 -21.85 4.27 57.82
CA PHE S 33 -22.96 4.09 58.74
C PHE S 33 -22.57 4.68 60.09
N PHE S 34 -23.53 4.70 61.00
CA PHE S 34 -23.31 5.18 62.36
C PHE S 34 -23.53 4.03 63.34
N MET S 35 -22.69 3.98 64.37
CA MET S 35 -22.72 2.86 65.29
C MET S 35 -22.66 3.37 66.73
N ASP S 36 -23.43 2.75 67.61
CA ASP S 36 -23.42 3.11 69.02
C ASP S 36 -22.48 2.15 69.76
N VAL S 37 -21.26 2.59 70.00
CA VAL S 37 -20.22 1.75 70.58
C VAL S 37 -20.47 1.60 72.06
N LYS S 38 -20.43 0.36 72.54
CA LYS S 38 -20.65 0.04 73.94
C LYS S 38 -19.33 -0.40 74.57
N CYS S 39 -18.92 0.31 75.62
CA CYS S 39 -17.69 -0.01 76.32
C CYS S 39 -17.88 -1.25 77.18
N GLN S 40 -16.78 -1.69 77.81
CA GLN S 40 -16.85 -2.83 78.71
C GLN S 40 -17.75 -2.53 79.90
N GLY S 41 -17.66 -1.33 80.44
CA GLY S 41 -18.49 -0.90 81.55
C GLY S 41 -19.74 -0.18 81.09
N CYS S 42 -20.17 0.79 81.90
CA CYS S 42 -21.35 1.58 81.61
C CYS S 42 -21.02 2.63 80.55
N PHE S 43 -21.96 3.55 80.31
CA PHE S 43 -21.83 4.59 79.30
C PHE S 43 -21.60 3.97 77.92
N ASN S 44 -22.60 3.22 77.46
CA ASN S 44 -22.50 2.40 76.26
C ASN S 44 -23.30 2.99 75.09
N ILE S 45 -23.72 4.25 75.20
CA ILE S 45 -24.65 4.81 74.23
C ILE S 45 -23.96 5.74 73.22
N THR S 46 -22.66 6.00 73.39
CA THR S 46 -21.96 6.94 72.51
C THR S 46 -22.08 6.52 71.05
N THR S 47 -22.38 7.48 70.19
CA THR S 47 -22.58 7.25 68.77
C THR S 47 -21.38 7.78 67.99
N VAL S 48 -20.81 6.94 67.13
CA VAL S 48 -19.63 7.30 66.35
C VAL S 48 -19.85 6.96 64.89
N PHE S 49 -19.13 7.68 64.04
CA PHE S 49 -19.15 7.46 62.60
C PHE S 49 -18.24 6.29 62.25
N SER S 50 -18.66 5.53 61.24
CA SER S 50 -17.85 4.39 60.80
C SER S 50 -16.50 4.84 60.28
N HIS S 51 -16.49 5.79 59.35
CA HIS S 51 -15.25 6.35 58.82
C HIS S 51 -14.88 7.61 59.59
N SER S 52 -14.79 7.45 60.91
CA SER S 52 -14.53 8.58 61.79
C SER S 52 -13.14 9.14 61.56
N GLN S 53 -12.95 10.40 61.98
CA GLN S 53 -11.68 11.09 61.84
C GLN S 53 -11.15 11.66 63.15
N THR S 54 -11.96 11.78 64.18
CA THR S 54 -11.54 12.30 65.47
C THR S 54 -11.54 11.19 66.50
N VAL S 55 -10.53 11.20 67.36
CA VAL S 55 -10.36 10.16 68.37
C VAL S 55 -11.36 10.44 69.50
N VAL S 56 -12.51 9.77 69.45
CA VAL S 56 -13.56 10.03 70.42
C VAL S 56 -13.19 9.44 71.77
N VAL S 57 -13.81 9.96 72.83
CA VAL S 57 -13.56 9.56 74.19
C VAL S 57 -14.89 9.19 74.85
N CYS S 58 -14.82 8.78 76.12
CA CYS S 58 -15.98 8.41 76.90
C CYS S 58 -15.99 9.20 78.20
N PRO S 59 -17.17 9.52 78.73
CA PRO S 59 -17.23 10.28 80.00
C PRO S 59 -16.55 9.59 81.16
N GLY S 60 -16.53 8.26 81.21
CA GLY S 60 -16.01 7.57 82.37
C GLY S 60 -14.51 7.66 82.57
N CYS S 61 -13.74 7.02 81.67
CA CYS S 61 -12.29 7.03 81.76
C CYS S 61 -11.65 7.54 80.48
N GLN S 62 -12.45 8.08 79.57
CA GLN S 62 -12.05 8.57 78.25
C GLN S 62 -11.72 7.43 77.30
N THR S 63 -11.57 6.22 77.86
CA THR S 63 -11.91 4.95 77.22
C THR S 63 -11.75 5.00 75.70
N VAL S 64 -10.55 5.30 75.21
CA VAL S 64 -10.32 5.62 73.81
C VAL S 64 -10.94 4.55 72.92
N LEU S 65 -11.90 4.95 72.07
CA LEU S 65 -12.70 4.01 71.30
C LEU S 65 -12.08 3.69 69.94
N CYS S 66 -11.88 4.71 69.11
CA CYS S 66 -11.49 4.50 67.73
C CYS S 66 -10.32 5.38 67.35
N GLN S 67 -9.43 4.85 66.50
CA GLN S 67 -8.37 5.60 65.87
C GLN S 67 -8.72 5.86 64.42
N PRO S 68 -8.61 7.10 63.96
CA PRO S 68 -8.85 7.38 62.53
C PRO S 68 -7.74 6.79 61.67
N THR S 69 -8.14 6.09 60.61
CA THR S 69 -7.18 5.56 59.64
C THR S 69 -7.60 5.98 58.24
N GLY S 70 -6.97 5.42 57.21
CA GLY S 70 -7.34 5.73 55.86
C GLY S 70 -8.76 5.32 55.49
N GLY S 71 -9.37 4.44 56.28
CA GLY S 71 -10.73 4.01 56.03
C GLY S 71 -11.55 3.96 57.31
N LYS S 72 -12.15 2.81 57.59
CA LYS S 72 -12.96 2.66 58.79
C LYS S 72 -12.10 2.93 60.03
N ALA S 73 -12.68 3.61 61.00
CA ALA S 73 -11.96 3.91 62.23
C ALA S 73 -11.62 2.64 62.99
N ARG S 74 -10.39 2.55 63.46
CA ARG S 74 -9.89 1.34 64.13
C ARG S 74 -10.47 1.29 65.53
N LEU S 75 -11.56 0.55 65.69
CA LEU S 75 -12.10 0.33 67.03
C LEU S 75 -11.18 -0.58 67.83
N THR S 76 -11.14 -0.35 69.14
CA THR S 76 -10.30 -1.16 70.00
C THR S 76 -10.88 -2.56 70.15
N GLU S 77 -10.04 -3.48 70.64
CA GLU S 77 -10.51 -4.84 70.89
C GLU S 77 -11.47 -4.89 72.07
N GLY S 78 -11.31 -3.98 73.03
CA GLY S 78 -12.17 -3.98 74.21
C GLY S 78 -13.54 -3.35 74.02
N CYS S 79 -13.73 -2.57 72.97
CA CYS S 79 -14.99 -1.86 72.75
C CYS S 79 -15.88 -2.68 71.82
N SER S 80 -17.12 -2.88 72.23
CA SER S 80 -18.08 -3.64 71.43
C SER S 80 -18.82 -2.71 70.47
N PHE S 81 -19.10 -3.23 69.28
CA PHE S 81 -19.68 -2.46 68.20
C PHE S 81 -21.02 -3.03 67.81
N ARG S 82 -22.05 -2.18 67.81
CA ARG S 82 -23.30 -2.47 67.12
C ARG S 82 -23.75 -1.20 66.43
N ARG S 83 -24.52 -1.37 65.35
CA ARG S 83 -24.80 -0.30 64.40
C ARG S 83 -26.25 0.16 64.55
N LYS S 84 -26.48 1.46 64.35
CA LYS S 84 -27.81 2.02 64.28
C LYS S 84 -28.09 2.46 62.85
N GLY S 85 -29.36 2.39 62.46
CA GLY S 85 -29.73 2.68 61.09
C GLY S 85 -31.06 3.39 61.00
N ASP S 86 -31.38 3.86 59.80
CA ASP S 86 -32.63 4.55 59.53
C ASP S 86 -33.80 3.59 59.58
N SER T 7 25.66 27.77 -33.70
CA SER T 7 25.68 27.92 -35.15
C SER T 7 24.28 28.00 -35.71
N LEU T 8 23.98 29.10 -36.39
CA LEU T 8 22.65 29.34 -36.96
C LEU T 8 22.63 29.17 -38.47
N ALA T 9 23.70 28.61 -39.06
CA ALA T 9 23.77 28.51 -40.51
C ALA T 9 22.86 27.43 -41.08
N ARG T 10 22.43 26.47 -40.26
CA ARG T 10 21.60 25.37 -40.72
C ARG T 10 20.12 25.63 -40.56
N ALA T 11 19.73 26.85 -40.18
CA ALA T 11 18.32 27.17 -40.02
C ALA T 11 17.57 26.99 -41.33
N GLY T 12 16.39 26.40 -41.24
CA GLY T 12 15.59 26.12 -42.43
C GLY T 12 16.21 25.13 -43.39
N LYS T 13 16.79 24.05 -42.85
CA LYS T 13 17.51 23.10 -43.70
C LYS T 13 16.55 22.13 -44.39
N VAL T 14 15.77 21.39 -43.61
CA VAL T 14 14.99 20.30 -44.18
C VAL T 14 13.84 20.83 -45.02
N ARG T 15 13.16 21.89 -44.56
CA ARG T 15 12.08 22.45 -45.36
C ARG T 15 12.61 22.98 -46.69
N GLY T 16 13.77 23.64 -46.67
CA GLY T 16 14.36 24.11 -47.91
C GLY T 16 14.77 22.97 -48.83
N GLN T 17 15.25 21.87 -48.26
CA GLN T 17 15.78 20.77 -49.05
C GLN T 17 14.78 19.64 -49.26
N THR T 18 13.53 19.81 -48.85
CA THR T 18 12.54 18.79 -49.11
C THR T 18 12.04 18.88 -50.55
N PRO T 19 11.68 17.76 -51.17
CA PRO T 19 11.09 17.82 -52.50
C PRO T 19 9.71 18.46 -52.46
N LYS T 20 9.36 19.10 -53.56
CA LYS T 20 8.10 19.84 -53.68
C LYS T 20 7.16 19.09 -54.61
N VAL T 21 5.98 18.76 -54.11
CA VAL T 21 4.93 18.13 -54.90
C VAL T 21 3.69 19.03 -54.86
N ALA T 22 3.14 19.31 -56.03
CA ALA T 22 2.02 20.23 -56.12
C ALA T 22 0.75 19.61 -55.55
N LYS T 23 -0.19 20.48 -55.18
CA LYS T 23 -1.47 20.03 -54.67
C LYS T 23 -2.26 19.32 -55.76
N GLN T 24 -3.10 18.38 -55.34
CA GLN T 24 -3.96 17.68 -56.28
C GLN T 24 -5.17 18.54 -56.64
N ASP T 25 -5.98 18.02 -57.54
CA ASP T 25 -7.23 18.67 -57.96
C ASP T 25 -8.36 17.68 -57.71
N LYS T 26 -9.44 18.16 -57.08
CA LYS T 26 -10.53 17.29 -56.72
C LYS T 26 -11.81 18.09 -56.59
N LYS T 27 -12.93 17.38 -56.62
CA LYS T 27 -14.24 18.00 -56.47
C LYS T 27 -14.41 18.48 -55.03
N LYS T 28 -15.08 19.62 -54.87
CA LYS T 28 -15.30 20.19 -53.55
C LYS T 28 -16.33 19.36 -52.79
N GLN T 29 -16.10 19.20 -51.49
CA GLN T 29 -17.02 18.47 -50.65
C GLN T 29 -18.30 19.27 -50.41
N PRO T 30 -19.40 18.61 -50.11
CA PRO T 30 -20.62 19.34 -49.72
C PRO T 30 -20.39 20.09 -48.41
N ARG T 31 -21.08 21.23 -48.29
CA ARG T 31 -20.89 22.11 -47.15
C ARG T 31 -22.19 22.24 -46.37
N GLY T 32 -22.06 22.35 -45.06
CA GLY T 32 -23.19 22.61 -44.19
C GLY T 32 -24.05 21.39 -43.91
N ARG T 33 -25.33 21.46 -44.27
CA ARG T 33 -26.25 20.36 -43.99
C ARG T 33 -25.87 19.10 -44.75
N ALA T 34 -25.48 19.24 -46.01
CA ALA T 34 -25.14 18.07 -46.82
C ALA T 34 -23.92 17.36 -46.30
N HIS T 35 -22.96 18.08 -45.72
CA HIS T 35 -21.78 17.44 -45.15
C HIS T 35 -22.17 16.55 -43.98
N LYS T 36 -23.04 17.05 -43.09
CA LYS T 36 -23.54 16.20 -42.02
C LYS T 36 -24.39 15.05 -42.56
N ARG T 37 -25.11 15.28 -43.65
CA ARG T 37 -25.86 14.19 -44.28
C ARG T 37 -24.95 13.06 -44.70
N ILE T 38 -23.86 13.38 -45.41
CA ILE T 38 -22.96 12.34 -45.88
C ILE T 38 -22.22 11.70 -44.71
N GLN T 39 -21.89 12.47 -43.68
CA GLN T 39 -21.27 11.88 -42.49
C GLN T 39 -22.20 10.87 -41.83
N TYR T 40 -23.47 11.23 -41.67
CA TYR T 40 -24.44 10.32 -41.06
C TYR T 40 -24.63 9.09 -41.91
N ASN T 41 -24.68 9.25 -43.23
CA ASN T 41 -24.81 8.09 -44.11
C ASN T 41 -23.58 7.18 -44.00
N ARG T 42 -22.39 7.77 -43.94
CA ARG T 42 -21.17 6.97 -43.85
C ARG T 42 -21.04 6.25 -42.52
N ARG T 43 -21.57 6.81 -41.43
CA ARG T 43 -21.36 6.23 -40.12
C ARG T 43 -22.53 5.45 -39.56
N PHE T 44 -23.74 5.58 -40.12
CA PHE T 44 -24.89 4.90 -39.54
C PHE T 44 -25.66 4.07 -40.56
N VAL T 45 -25.70 4.53 -41.80
CA VAL T 45 -26.56 3.93 -42.82
C VAL T 45 -25.83 2.83 -43.58
N THR T 46 -24.61 3.10 -44.05
CA THR T 46 -23.83 2.12 -44.77
C THR T 46 -22.73 1.50 -43.92
N ALA T 47 -22.84 1.61 -42.60
CA ALA T 47 -21.87 1.05 -41.67
C ALA T 47 -22.34 -0.29 -41.10
N VAL T 48 -23.06 -1.07 -41.88
CA VAL T 48 -23.57 -2.36 -41.42
C VAL T 48 -22.53 -3.46 -41.70
N ARG T 55 -11.15 -1.77 -38.16
CA ARG T 55 -12.35 -0.94 -38.16
C ARG T 55 -12.00 0.51 -37.87
N GLY T 56 -11.26 1.14 -38.78
CA GLY T 56 -10.88 2.52 -38.63
C GLY T 56 -11.28 3.35 -39.84
N PRO T 57 -11.68 4.60 -39.61
CA PRO T 57 -12.09 5.46 -40.73
C PRO T 57 -10.98 5.74 -41.72
N ASN T 58 -9.71 5.59 -41.32
CA ASN T 58 -8.57 5.85 -42.18
C ASN T 58 -7.64 4.65 -42.20
N SER T 59 -8.20 3.47 -42.35
CA SER T 59 -7.43 2.23 -42.36
C SER T 59 -6.51 2.16 -43.57
N MET U 1 24.77 15.44 1.53
CA MET U 1 25.59 16.05 2.57
C MET U 1 24.81 16.19 3.87
N ARG U 2 25.42 15.77 4.97
CA ARG U 2 24.77 15.83 6.27
C ARG U 2 24.29 17.25 6.55
N ALA U 3 23.04 17.37 7.00
CA ALA U 3 22.46 18.69 7.25
C ALA U 3 23.10 19.38 8.46
N LYS U 4 23.67 18.61 9.39
CA LYS U 4 24.37 19.21 10.51
C LYS U 4 25.56 20.05 10.03
N TRP U 5 26.34 19.49 9.10
CA TRP U 5 27.49 20.21 8.58
C TRP U 5 27.08 21.34 7.65
N LYS U 6 25.94 21.20 6.97
CA LYS U 6 25.40 22.33 6.21
C LYS U 6 25.03 23.48 7.12
N LYS U 7 24.43 23.17 8.27
CA LYS U 7 24.11 24.20 9.26
C LYS U 7 25.39 24.84 9.79
N LYS U 8 26.42 24.04 10.02
CA LYS U 8 27.70 24.60 10.47
C LYS U 8 28.30 25.54 9.42
N ARG U 9 28.23 25.16 8.15
CA ARG U 9 28.72 26.02 7.08
C ARG U 9 27.92 27.32 7.01
N MET U 10 26.60 27.23 7.18
CA MET U 10 25.77 28.44 7.19
C MET U 10 26.15 29.35 8.35
N ARG U 11 26.43 28.77 9.52
CA ARG U 11 26.84 29.59 10.67
C ARG U 11 28.18 30.28 10.41
N ARG U 12 29.12 29.56 9.79
CA ARG U 12 30.39 30.19 9.44
C ARG U 12 30.18 31.33 8.45
N LEU U 13 29.32 31.12 7.45
CA LEU U 13 29.03 32.19 6.50
C LEU U 13 28.39 33.38 7.18
N LYS U 14 27.47 33.13 8.12
CA LYS U 14 26.82 34.22 8.83
C LYS U 14 27.80 35.04 9.64
N ARG U 15 28.70 34.38 10.38
CA ARG U 15 29.66 35.12 11.18
C ARG U 15 30.64 35.88 10.29
N LYS U 16 31.04 35.30 9.16
CA LYS U 16 31.93 36.02 8.25
C LYS U 16 31.25 37.24 7.65
N ARG U 17 29.97 37.11 7.29
CA ARG U 17 29.22 38.26 6.79
C ARG U 17 29.09 39.34 7.85
N ARG U 18 28.84 38.94 9.10
CA ARG U 18 28.76 39.92 10.18
C ARG U 18 30.08 40.65 10.36
N LYS U 19 31.21 39.94 10.30
CA LYS U 19 32.50 40.59 10.40
C LYS U 19 32.73 41.56 9.26
N MET U 20 32.39 41.14 8.04
CA MET U 20 32.57 42.02 6.88
C MET U 20 31.72 43.28 7.00
N ARG U 21 30.49 43.14 7.52
CA ARG U 21 29.63 44.31 7.67
C ARG U 21 30.11 45.23 8.78
N GLN U 22 30.62 44.65 9.87
CA GLN U 22 31.21 45.46 10.93
C GLN U 22 32.47 46.18 10.48
N ARG U 23 33.19 45.62 9.49
CA ARG U 23 34.37 46.28 8.97
C ARG U 23 34.04 47.67 8.42
N SER U 24 32.97 47.78 7.65
CA SER U 24 32.61 49.03 6.99
C SER U 24 31.48 49.79 7.67
N LYS U 25 30.81 49.17 8.65
CA LYS U 25 29.70 49.78 9.36
C LYS U 25 28.59 50.24 8.41
N GLN V 4 32.03 -54.81 -57.57
CA GLN V 4 30.73 -54.35 -57.08
C GLN V 4 30.89 -53.41 -55.89
N ILE V 5 29.76 -52.97 -55.33
CA ILE V 5 29.74 -51.95 -54.30
C ILE V 5 29.64 -52.59 -52.92
N SER V 6 30.48 -52.15 -51.99
CA SER V 6 30.48 -52.69 -50.64
C SER V 6 29.22 -52.29 -49.89
N LYS V 7 28.95 -53.02 -48.81
CA LYS V 7 27.73 -52.81 -48.05
C LYS V 7 27.69 -51.42 -47.41
N LYS V 8 28.82 -50.94 -46.89
CA LYS V 8 28.84 -49.65 -46.20
C LYS V 8 28.49 -48.52 -47.16
N LYS V 9 29.14 -48.49 -48.32
CA LYS V 9 28.86 -47.44 -49.30
C LYS V 9 27.42 -47.50 -49.77
N LYS V 10 26.90 -48.71 -49.99
CA LYS V 10 25.50 -48.85 -50.40
C LYS V 10 24.55 -48.33 -49.32
N PHE V 11 24.80 -48.67 -48.06
CA PHE V 11 23.92 -48.21 -46.99
C PHE V 11 23.93 -46.70 -46.89
N VAL V 12 25.12 -46.10 -46.97
CA VAL V 12 25.22 -44.63 -46.97
C VAL V 12 24.49 -44.05 -48.17
N SER V 13 24.62 -44.69 -49.34
CA SER V 13 23.98 -44.19 -50.54
C SER V 13 22.46 -44.19 -50.42
N ASP V 14 21.89 -45.29 -49.91
CA ASP V 14 20.44 -45.31 -49.68
C ASP V 14 20.01 -44.31 -48.62
N GLY V 15 20.80 -44.11 -47.56
CA GLY V 15 20.44 -43.10 -46.58
C GLY V 15 20.39 -41.70 -47.16
N VAL V 16 21.44 -41.31 -47.87
CA VAL V 16 21.46 -39.97 -48.48
C VAL V 16 20.43 -39.88 -49.60
N PHE V 17 20.14 -40.99 -50.27
CA PHE V 17 19.11 -40.99 -51.30
C PHE V 17 17.74 -40.76 -50.71
N TYR V 18 17.44 -41.39 -49.57
CA TYR V 18 16.15 -41.15 -48.91
C TYR V 18 16.06 -39.70 -48.45
N ALA V 19 17.16 -39.16 -47.93
CA ALA V 19 17.15 -37.75 -47.53
C ALA V 19 16.90 -36.84 -48.74
N GLU V 20 17.54 -37.14 -49.86
CA GLU V 20 17.33 -36.37 -51.09
C GLU V 20 15.88 -36.47 -51.55
N LEU V 21 15.31 -37.68 -51.49
CA LEU V 21 13.92 -37.86 -51.88
C LEU V 21 12.99 -37.05 -50.98
N ASN V 22 13.25 -37.06 -49.67
CA ASN V 22 12.43 -36.29 -48.74
C ASN V 22 12.52 -34.81 -49.05
N GLU V 23 13.74 -34.30 -49.28
CA GLU V 23 13.91 -32.88 -49.56
C GLU V 23 13.24 -32.49 -50.87
N MET V 24 13.36 -33.35 -51.90
CA MET V 24 12.75 -33.05 -53.19
C MET V 24 11.23 -33.05 -53.09
N LEU V 25 10.65 -34.02 -52.38
CA LEU V 25 9.21 -34.12 -52.31
C LEU V 25 8.59 -33.07 -51.38
N THR V 26 9.31 -32.67 -50.34
CA THR V 26 8.77 -31.66 -49.42
C THR V 26 8.76 -30.27 -50.02
N ARG V 27 9.53 -30.03 -51.07
CA ARG V 27 9.59 -28.73 -51.73
C ARG V 27 8.78 -28.68 -53.01
N GLU V 28 7.98 -29.72 -53.29
CA GLU V 28 7.10 -29.74 -54.44
C GLU V 28 5.63 -29.87 -54.06
N LEU V 29 5.31 -30.54 -52.95
CA LEU V 29 3.93 -30.77 -52.53
C LEU V 29 3.48 -29.77 -51.48
N ALA V 30 3.96 -28.53 -51.57
CA ALA V 30 3.53 -27.49 -50.64
C ALA V 30 2.03 -27.22 -50.76
N GLU V 31 1.46 -27.42 -51.94
CA GLU V 31 0.04 -27.25 -52.17
C GLU V 31 -0.77 -28.44 -51.66
N ASP V 32 -0.12 -29.51 -51.22
CA ASP V 32 -0.81 -30.73 -50.84
C ASP V 32 -0.38 -31.32 -49.51
N GLY V 33 0.71 -30.83 -48.91
CA GLY V 33 1.10 -31.31 -47.60
C GLY V 33 1.80 -32.65 -47.59
N TYR V 34 2.99 -32.71 -48.19
CA TYR V 34 3.79 -33.93 -48.16
C TYR V 34 4.09 -34.33 -46.72
N SER V 35 3.85 -35.60 -46.40
CA SER V 35 3.92 -36.09 -45.02
C SER V 35 4.71 -37.39 -44.95
N GLY V 36 5.88 -37.42 -45.59
CA GLY V 36 6.78 -38.55 -45.48
C GLY V 36 6.64 -39.54 -46.62
N VAL V 37 7.48 -40.56 -46.56
CA VAL V 37 7.58 -41.55 -47.62
C VAL V 37 8.00 -42.88 -47.01
N GLU V 38 7.50 -43.97 -47.59
CA GLU V 38 7.91 -45.32 -47.20
C GLU V 38 8.53 -46.01 -48.40
N VAL V 39 9.73 -46.56 -48.21
CA VAL V 39 10.51 -47.18 -49.28
C VAL V 39 10.79 -48.63 -48.89
N ARG V 40 10.48 -49.54 -49.81
CA ARG V 40 10.73 -50.97 -49.62
C ARG V 40 11.34 -51.56 -50.88
N VAL V 41 12.06 -52.66 -50.71
CA VAL V 41 12.77 -53.31 -51.81
C VAL V 41 12.29 -54.76 -51.86
N THR V 42 11.27 -55.02 -52.68
CA THR V 42 10.82 -56.36 -52.96
C THR V 42 11.58 -56.94 -54.13
N PRO V 43 11.61 -58.27 -54.30
CA PRO V 43 12.30 -58.86 -55.45
C PRO V 43 11.80 -58.26 -56.76
N MET V 44 12.72 -57.59 -57.46
CA MET V 44 12.53 -56.94 -58.75
C MET V 44 11.71 -55.65 -58.68
N ARG V 45 11.28 -55.22 -57.50
CA ARG V 45 10.51 -53.99 -57.36
C ARG V 45 11.08 -53.12 -56.26
N THR V 46 11.10 -51.82 -56.50
CA THR V 46 11.47 -50.83 -55.49
C THR V 46 10.27 -49.90 -55.31
N GLU V 47 9.56 -50.08 -54.20
CA GLU V 47 8.32 -49.34 -53.95
C GLU V 47 8.63 -48.11 -53.10
N ILE V 48 8.14 -46.95 -53.55
CA ILE V 48 8.37 -45.68 -52.87
C ILE V 48 7.02 -44.98 -52.81
N ILE V 49 6.32 -45.10 -51.69
CA ILE V 49 4.97 -44.57 -51.54
C ILE V 49 5.06 -43.24 -50.80
N ILE V 50 4.51 -42.19 -51.42
CA ILE V 50 4.49 -40.85 -50.87
C ILE V 50 3.24 -40.68 -50.02
N ARG V 51 3.34 -39.87 -48.97
CA ARG V 51 2.20 -39.59 -48.09
C ARG V 51 1.80 -38.14 -48.24
N ALA V 52 0.48 -37.87 -48.14
CA ALA V 52 0.01 -36.50 -48.22
C ALA V 52 -1.30 -36.38 -47.45
N THR V 53 -1.47 -35.25 -46.75
CA THR V 53 -2.73 -34.97 -46.08
C THR V 53 -3.87 -34.86 -47.09
N ARG V 54 -3.62 -34.15 -48.19
CA ARG V 54 -4.56 -34.09 -49.30
C ARG V 54 -4.03 -34.99 -50.42
N THR V 55 -4.76 -36.05 -50.73
CA THR V 55 -4.33 -37.02 -51.72
C THR V 55 -5.07 -36.90 -53.05
N GLN V 56 -6.31 -36.40 -53.05
CA GLN V 56 -7.06 -36.25 -54.28
C GLN V 56 -6.40 -35.27 -55.25
N ASN V 57 -5.49 -34.42 -54.76
CA ASN V 57 -4.80 -33.47 -55.62
C ASN V 57 -3.43 -33.97 -56.05
N VAL V 58 -2.80 -34.86 -55.28
CA VAL V 58 -1.57 -35.49 -55.73
C VAL V 58 -1.82 -36.29 -57.00
N LEU V 59 -2.93 -37.04 -57.03
CA LEU V 59 -3.25 -37.84 -58.20
C LEU V 59 -3.50 -36.97 -59.43
N GLY V 60 -4.22 -35.87 -59.26
CA GLY V 60 -4.49 -34.97 -60.36
C GLY V 60 -5.39 -35.56 -61.43
N GLY V 63 -3.95 -39.66 -62.49
CA GLY V 63 -2.78 -40.29 -61.90
C GLY V 63 -1.54 -40.19 -62.77
N ARG V 64 -1.65 -39.40 -63.83
CA ARG V 64 -0.52 -39.22 -64.75
C ARG V 64 0.67 -38.55 -64.06
N ARG V 65 0.40 -37.56 -63.20
CA ARG V 65 1.48 -36.85 -62.54
C ARG V 65 2.24 -37.79 -61.60
N ILE V 66 1.54 -38.75 -60.99
CA ILE V 66 2.22 -39.75 -60.17
C ILE V 66 3.11 -40.62 -61.04
N ARG V 67 2.69 -40.92 -62.27
CA ARG V 67 3.56 -41.71 -63.16
C ARG V 67 4.78 -40.91 -63.60
N GLU V 68 4.62 -39.60 -63.79
CA GLU V 68 5.79 -38.77 -64.08
C GLU V 68 6.75 -38.76 -62.89
N LEU V 69 6.22 -38.61 -61.68
CA LEU V 69 7.09 -38.65 -60.50
C LEU V 69 7.66 -40.05 -60.25
N THR V 70 7.02 -41.10 -60.77
CA THR V 70 7.61 -42.43 -60.71
C THR V 70 8.79 -42.54 -61.66
N SER V 71 8.64 -42.04 -62.89
CA SER V 71 9.77 -41.95 -63.80
C SER V 71 10.86 -41.03 -63.29
N VAL V 72 10.52 -40.10 -62.40
CA VAL V 72 11.50 -39.15 -61.86
C VAL V 72 12.65 -39.90 -61.19
N VAL V 73 12.32 -40.83 -60.29
CA VAL V 73 13.38 -41.55 -59.58
C VAL V 73 14.01 -42.60 -60.49
N GLN V 74 13.25 -43.12 -61.45
CA GLN V 74 13.81 -44.10 -62.39
C GLN V 74 14.93 -43.50 -63.22
N LYS V 75 14.74 -42.27 -63.72
CA LYS V 75 15.70 -41.70 -64.66
C LYS V 75 16.68 -40.73 -64.02
N ARG V 76 16.30 -40.05 -62.93
CA ARG V 76 17.24 -39.13 -62.29
C ARG V 76 18.31 -39.88 -61.52
N PHE V 77 17.94 -40.93 -60.81
CA PHE V 77 18.86 -41.71 -60.00
C PHE V 77 19.40 -42.93 -60.75
N ASN V 78 19.15 -43.02 -62.05
CA ASN V 78 19.63 -44.11 -62.89
C ASN V 78 19.10 -45.47 -62.40
N PHE V 79 17.87 -45.46 -61.92
CA PHE V 79 17.21 -46.69 -61.49
C PHE V 79 16.71 -47.46 -62.71
N PRO V 80 16.63 -48.78 -62.62
CA PRO V 80 16.17 -49.56 -63.77
C PRO V 80 14.68 -49.40 -64.00
N GLU V 81 14.28 -49.45 -65.27
CA GLU V 81 12.87 -49.34 -65.63
C GLU V 81 12.12 -50.61 -65.21
N ASN V 82 10.83 -50.42 -64.92
CA ASN V 82 9.95 -51.51 -64.51
C ASN V 82 10.45 -52.20 -63.24
N GLY V 83 11.12 -51.44 -62.38
CA GLY V 83 11.60 -51.95 -61.11
C GLY V 83 11.34 -50.97 -59.99
N VAL V 84 10.80 -49.81 -60.34
CA VAL V 84 10.49 -48.76 -59.36
C VAL V 84 9.02 -48.37 -59.52
N GLU V 85 8.32 -48.32 -58.39
CA GLU V 85 6.93 -47.91 -58.33
C GLU V 85 6.80 -46.77 -57.34
N LEU V 86 5.88 -45.85 -57.62
CA LEU V 86 5.66 -44.69 -56.75
C LEU V 86 4.20 -44.31 -56.81
N TYR V 87 3.51 -44.40 -55.67
CA TYR V 87 2.12 -43.98 -55.58
C TYR V 87 1.94 -42.95 -54.47
N ALA V 88 0.70 -42.54 -54.22
CA ALA V 88 0.37 -41.58 -53.18
C ALA V 88 -0.58 -42.22 -52.18
N GLU V 89 -0.54 -41.72 -50.95
CA GLU V 89 -1.33 -42.27 -49.86
C GLU V 89 -1.87 -41.16 -48.98
N LYS V 90 -2.95 -41.48 -48.28
CA LYS V 90 -3.65 -40.55 -47.40
C LYS V 90 -3.19 -40.73 -45.97
N VAL V 91 -3.10 -39.63 -45.24
CA VAL V 91 -2.68 -39.68 -43.84
C VAL V 91 -3.75 -40.36 -43.01
N VAL V 92 -3.31 -41.22 -42.08
CA VAL V 92 -4.25 -41.84 -41.14
C VAL V 92 -4.89 -40.78 -40.26
N ASN V 93 -4.08 -39.84 -39.76
CA ASN V 93 -4.57 -38.74 -38.93
C ASN V 93 -3.78 -37.49 -39.31
N ARG V 94 -4.48 -36.51 -39.89
CA ARG V 94 -3.80 -35.28 -40.29
C ARG V 94 -3.30 -34.50 -39.08
N GLY V 95 -4.13 -34.39 -38.04
CA GLY V 95 -3.73 -33.62 -36.86
C GLY V 95 -2.55 -34.24 -36.14
N LEU V 96 -2.55 -35.57 -35.98
CA LEU V 96 -1.50 -36.23 -35.24
C LEU V 96 -0.14 -36.16 -35.93
N CYS V 97 -0.11 -35.78 -37.20
CA CYS V 97 1.14 -35.66 -37.92
C CYS V 97 1.73 -34.26 -37.71
N ALA V 98 2.99 -34.22 -37.27
CA ALA V 98 3.60 -32.95 -36.90
C ALA V 98 3.81 -32.05 -38.11
N ILE V 99 4.40 -32.59 -39.18
CA ILE V 99 4.66 -31.78 -40.36
C ILE V 99 3.36 -31.33 -41.02
N ALA V 100 2.31 -32.16 -40.94
CA ALA V 100 1.03 -31.78 -41.53
C ALA V 100 0.55 -30.46 -40.94
N GLN V 101 0.48 -30.37 -39.61
CA GLN V 101 0.11 -29.12 -38.96
C GLN V 101 1.17 -28.04 -39.11
N ALA V 102 2.44 -28.41 -39.30
CA ALA V 102 3.48 -27.41 -39.53
C ALA V 102 3.20 -26.62 -40.81
N GLU V 103 3.11 -27.32 -41.95
CA GLU V 103 2.81 -26.60 -43.17
C GLU V 103 1.35 -26.13 -43.22
N SER V 104 0.45 -26.72 -42.44
CA SER V 104 -0.89 -26.17 -42.33
C SER V 104 -0.86 -24.78 -41.71
N LEU V 105 -0.10 -24.62 -40.63
CA LEU V 105 0.07 -23.30 -40.01
C LEU V 105 0.80 -22.36 -40.96
N ARG V 106 1.79 -22.86 -41.70
CA ARG V 106 2.47 -22.03 -42.68
C ARG V 106 1.49 -21.49 -43.72
N TYR V 107 0.66 -22.37 -44.29
CA TYR V 107 -0.33 -21.94 -45.26
C TYR V 107 -1.33 -20.97 -44.64
N LYS V 108 -1.77 -21.24 -43.42
CA LYS V 108 -2.75 -20.39 -42.77
C LYS V 108 -2.20 -18.98 -42.55
N LEU V 109 -0.95 -18.87 -42.11
CA LEU V 109 -0.38 -17.54 -41.90
C LEU V 109 -0.06 -16.85 -43.22
N LEU V 110 0.32 -17.62 -44.25
CA LEU V 110 0.60 -17.01 -45.55
C LEU V 110 -0.67 -16.49 -46.22
N GLY V 111 -1.79 -17.17 -46.01
CA GLY V 111 -3.03 -16.75 -46.67
C GLY V 111 -3.49 -15.37 -46.26
N GLY V 112 -3.32 -15.02 -44.99
CA GLY V 112 -3.71 -13.71 -44.51
C GLY V 112 -4.33 -13.73 -43.13
N LEU V 113 -4.50 -14.92 -42.57
CA LEU V 113 -5.02 -15.02 -41.21
C LEU V 113 -3.98 -14.55 -40.21
N ALA V 114 -4.47 -13.99 -39.10
CA ALA V 114 -3.57 -13.62 -38.02
C ALA V 114 -2.88 -14.86 -37.47
N VAL V 115 -1.60 -14.72 -37.11
CA VAL V 115 -0.85 -15.89 -36.67
C VAL V 115 -1.45 -16.46 -35.39
N ARG V 116 -1.84 -15.60 -34.45
CA ARG V 116 -2.40 -16.07 -33.20
C ARG V 116 -3.62 -16.96 -33.45
N ARG V 117 -4.55 -16.48 -34.28
CA ARG V 117 -5.75 -17.25 -34.57
C ARG V 117 -5.42 -18.54 -35.32
N ALA V 118 -4.42 -18.49 -36.20
CA ALA V 118 -4.02 -19.69 -36.91
C ALA V 118 -3.49 -20.75 -35.96
N CYS V 119 -2.65 -20.37 -34.99
CA CYS V 119 -2.18 -21.36 -34.03
C CYS V 119 -3.29 -21.82 -33.09
N TYR V 120 -4.24 -20.95 -32.73
CA TYR V 120 -5.37 -21.45 -31.95
C TYR V 120 -6.16 -22.50 -32.73
N GLY V 121 -6.36 -22.25 -34.03
CA GLY V 121 -7.07 -23.24 -34.84
C GLY V 121 -6.32 -24.56 -34.96
N VAL V 122 -5.00 -24.48 -35.19
CA VAL V 122 -4.19 -25.70 -35.27
C VAL V 122 -4.21 -26.42 -33.92
N LEU V 123 -4.16 -25.66 -32.83
CA LEU V 123 -4.16 -26.25 -31.49
C LEU V 123 -5.49 -26.95 -31.20
N ARG V 124 -6.59 -26.37 -31.65
CA ARG V 124 -7.87 -27.06 -31.50
C ARG V 124 -7.92 -28.30 -32.38
N PHE V 125 -7.35 -28.23 -33.58
CA PHE V 125 -7.40 -29.38 -34.49
C PHE V 125 -6.60 -30.56 -33.95
N VAL V 126 -5.45 -30.30 -33.32
CA VAL V 126 -4.65 -31.44 -32.84
C VAL V 126 -5.35 -32.15 -31.69
N MET V 127 -6.02 -31.40 -30.80
CA MET V 127 -6.87 -32.05 -29.81
C MET V 127 -8.12 -32.68 -30.43
N GLU V 128 -8.58 -32.18 -31.57
CA GLU V 128 -9.63 -32.90 -32.30
C GLU V 128 -9.13 -34.27 -32.72
N SER V 129 -7.87 -34.36 -33.16
CA SER V 129 -7.29 -35.64 -33.54
C SER V 129 -7.21 -36.57 -32.33
N GLY V 130 -6.88 -36.04 -31.15
CA GLY V 130 -6.78 -36.85 -29.95
C GLY V 130 -5.40 -36.89 -29.35
N ALA V 131 -4.64 -35.80 -29.51
CA ALA V 131 -3.29 -35.74 -28.97
C ALA V 131 -3.31 -35.63 -27.45
N LYS V 132 -2.33 -36.27 -26.81
CA LYS V 132 -2.18 -36.11 -25.36
C LYS V 132 -1.85 -34.67 -25.00
N GLY V 133 -0.98 -34.03 -25.78
CA GLY V 133 -0.65 -32.64 -25.57
C GLY V 133 -0.03 -32.06 -26.82
N CYS V 134 -0.04 -30.73 -26.91
CA CYS V 134 0.52 -30.04 -28.06
C CYS V 134 1.28 -28.80 -27.61
N GLU V 135 2.18 -28.36 -28.48
CA GLU V 135 2.98 -27.17 -28.25
C GLU V 135 3.32 -26.54 -29.59
N VAL V 136 3.07 -25.24 -29.72
CA VAL V 136 3.37 -24.49 -30.92
C VAL V 136 4.21 -23.29 -30.54
N ILE V 137 5.39 -23.16 -31.13
CA ILE V 137 6.32 -22.08 -30.82
C ILE V 137 6.59 -21.32 -32.11
N VAL V 138 6.38 -20.01 -32.07
CA VAL V 138 6.64 -19.14 -33.21
C VAL V 138 7.66 -18.11 -32.79
N SER V 139 8.77 -18.03 -33.52
CA SER V 139 9.87 -17.14 -33.18
C SER V 139 10.20 -16.25 -34.38
N GLY V 140 10.42 -14.97 -34.10
CA GLY V 140 10.76 -14.01 -35.10
C GLY V 140 9.98 -12.73 -34.89
N LYS V 141 10.01 -11.87 -35.91
CA LYS V 141 9.32 -10.59 -35.88
C LYS V 141 7.90 -10.77 -36.39
N LEU V 142 6.92 -10.50 -35.53
CA LEU V 142 5.52 -10.61 -35.92
C LEU V 142 4.97 -9.29 -36.44
N ARG V 143 5.12 -8.22 -35.66
CA ARG V 143 4.68 -6.90 -36.12
C ARG V 143 5.77 -5.85 -35.94
N ALA V 144 6.61 -6.02 -34.92
CA ALA V 144 7.61 -5.02 -34.56
C ALA V 144 8.98 -5.41 -35.12
N GLN V 145 9.89 -4.43 -35.10
CA GLN V 145 11.25 -4.69 -35.56
C GLN V 145 11.95 -5.71 -34.68
N ARG V 146 11.76 -5.61 -33.37
CA ARG V 146 12.34 -6.59 -32.46
C ARG V 146 11.66 -7.95 -32.63
N ALA V 147 12.46 -9.00 -32.61
CA ALA V 147 11.96 -10.36 -32.72
C ALA V 147 11.61 -10.91 -31.35
N LYS V 148 10.56 -11.72 -31.31
CA LYS V 148 10.09 -12.31 -30.07
C LYS V 148 9.76 -13.78 -30.28
N SER V 149 9.77 -14.55 -29.19
CA SER V 149 9.41 -15.95 -29.20
C SER V 149 8.13 -16.11 -28.38
N MET V 150 7.11 -16.71 -28.99
CA MET V 150 5.80 -16.83 -28.37
C MET V 150 5.30 -18.27 -28.50
N LYS V 151 4.78 -18.81 -27.40
CA LYS V 151 4.46 -20.23 -27.31
C LYS V 151 3.02 -20.41 -26.84
N PHE V 152 2.39 -21.46 -27.37
CA PHE V 152 1.11 -21.95 -26.86
C PHE V 152 1.24 -23.46 -26.65
N LYS V 153 1.20 -23.89 -25.39
CA LYS V 153 1.35 -25.29 -25.06
C LYS V 153 0.25 -25.71 -24.09
N ASP V 154 -0.16 -26.97 -24.19
CA ASP V 154 -1.08 -27.55 -23.23
C ASP V 154 -1.00 -29.06 -23.34
N GLY V 155 -1.64 -29.74 -22.39
CA GLY V 155 -1.59 -31.18 -22.34
C GLY V 155 -0.25 -31.68 -21.84
N TYR V 156 -0.10 -33.01 -21.90
CA TYR V 156 1.14 -33.64 -21.46
C TYR V 156 2.28 -33.26 -22.40
N MET V 157 3.39 -32.79 -21.82
CA MET V 157 4.51 -32.28 -22.61
C MET V 157 5.81 -32.71 -21.92
N ILE V 158 6.31 -33.89 -22.27
CA ILE V 158 7.59 -34.35 -21.76
C ILE V 158 8.71 -33.64 -22.49
N SER V 159 9.89 -33.60 -21.86
CA SER V 159 10.98 -32.81 -22.40
C SER V 159 12.34 -33.49 -22.40
N SER V 160 12.47 -34.70 -21.84
CA SER V 160 13.79 -35.30 -21.71
C SER V 160 13.69 -36.81 -21.74
N GLY V 161 14.82 -37.45 -22.02
CA GLY V 161 14.94 -38.89 -21.97
C GLY V 161 14.74 -39.57 -23.31
N GLN V 162 14.99 -40.87 -23.31
CA GLN V 162 14.70 -41.68 -24.50
C GLN V 162 13.26 -41.52 -24.97
N PRO V 163 12.23 -41.56 -24.12
CA PRO V 163 10.85 -41.43 -24.62
C PRO V 163 10.60 -40.16 -25.44
N VAL V 164 11.51 -39.18 -25.41
CA VAL V 164 11.26 -37.97 -26.19
C VAL V 164 11.37 -38.24 -27.69
N ASN V 165 12.07 -39.29 -28.10
CA ASN V 165 12.28 -39.47 -29.53
C ASN V 165 11.33 -40.47 -30.17
N GLU V 166 10.37 -41.03 -29.42
CA GLU V 166 9.31 -41.83 -30.02
C GLU V 166 7.93 -41.52 -29.49
N TYR V 167 7.80 -40.89 -28.33
CA TYR V 167 6.50 -40.51 -27.80
C TYR V 167 6.08 -39.10 -28.21
N ILE V 168 6.89 -38.41 -29.01
CA ILE V 168 6.52 -37.09 -29.52
C ILE V 168 6.78 -37.08 -31.03
N ASP V 169 6.08 -36.19 -31.70
CA ASP V 169 6.31 -35.91 -33.12
C ASP V 169 6.52 -34.41 -33.26
N ALA V 170 7.64 -34.02 -33.83
CA ALA V 170 8.04 -32.62 -33.91
C ALA V 170 8.30 -32.23 -35.36
N ALA V 171 8.06 -30.96 -35.66
CA ALA V 171 8.30 -30.44 -36.99
C ALA V 171 8.70 -28.97 -36.87
N VAL V 172 9.66 -28.57 -37.70
CA VAL V 172 10.19 -27.21 -37.71
C VAL V 172 10.20 -26.69 -39.14
N ARG V 173 9.77 -25.44 -39.33
CA ARG V 173 9.70 -24.84 -40.65
C ARG V 173 10.12 -23.39 -40.59
N HIS V 174 10.62 -22.89 -41.71
CA HIS V 174 11.09 -21.51 -41.85
C HIS V 174 10.25 -20.85 -42.93
N VAL V 175 9.12 -20.25 -42.54
CA VAL V 175 8.22 -19.67 -43.52
C VAL V 175 8.72 -18.29 -43.91
N LEU V 176 8.89 -18.08 -45.21
CA LEU V 176 9.34 -16.79 -45.73
C LEU V 176 8.14 -15.85 -45.77
N LEU V 177 8.09 -14.90 -44.86
CA LEU V 177 7.02 -13.92 -44.81
C LEU V 177 7.42 -12.69 -45.63
N ARG V 178 6.52 -11.70 -45.65
CA ARG V 178 6.80 -10.48 -46.41
C ARG V 178 7.99 -9.74 -45.85
N GLN V 179 8.09 -9.66 -44.52
CA GLN V 179 9.13 -8.87 -43.86
C GLN V 179 10.32 -9.70 -43.39
N GLY V 180 10.31 -11.00 -43.64
CA GLY V 180 11.43 -11.83 -43.22
C GLY V 180 11.04 -13.29 -43.18
N VAL V 181 11.73 -14.04 -42.31
CA VAL V 181 11.51 -15.47 -42.14
C VAL V 181 11.07 -15.73 -40.70
N LEU V 182 9.96 -16.44 -40.55
CA LEU V 182 9.39 -16.77 -39.26
C LEU V 182 9.63 -18.26 -39.00
N GLY V 183 10.14 -18.59 -37.81
CA GLY V 183 10.41 -19.96 -37.45
C GLY V 183 9.28 -20.54 -36.65
N ILE V 184 8.74 -21.67 -37.14
CA ILE V 184 7.61 -22.33 -36.49
C ILE V 184 8.04 -23.73 -36.07
N LYS V 185 7.62 -24.13 -34.87
CA LYS V 185 7.85 -25.48 -34.36
C LYS V 185 6.55 -26.02 -33.77
N VAL V 186 6.25 -27.26 -34.09
CA VAL V 186 5.05 -27.93 -33.58
C VAL V 186 5.47 -29.27 -32.99
N LYS V 187 5.05 -29.52 -31.75
CA LYS V 187 5.33 -30.77 -31.06
C LYS V 187 4.01 -31.36 -30.56
N ILE V 188 3.80 -32.65 -30.83
CA ILE V 188 2.59 -33.36 -30.46
C ILE V 188 2.97 -34.61 -29.68
N MET V 189 2.38 -34.78 -28.51
CA MET V 189 2.50 -36.02 -27.76
C MET V 189 1.48 -37.04 -28.22
N LEU V 190 1.91 -38.29 -28.33
CA LEU V 190 1.06 -39.39 -28.73
C LEU V 190 0.79 -40.28 -27.53
N ASP V 191 -0.43 -40.79 -27.42
CA ASP V 191 -0.76 -41.68 -26.33
C ASP V 191 -0.28 -43.09 -26.63
N TRP V 192 -0.44 -43.97 -25.64
CA TRP V 192 -0.07 -45.37 -25.81
C TRP V 192 -1.17 -46.09 -26.57
N ASP V 193 -0.88 -46.45 -27.82
CA ASP V 193 -1.75 -47.34 -28.58
C ASP V 193 -1.06 -48.70 -28.71
N PRO V 194 -1.55 -49.74 -28.03
CA PRO V 194 -0.89 -51.05 -28.13
C PRO V 194 -0.85 -51.57 -29.56
N LYS V 195 -1.87 -51.30 -30.36
CA LYS V 195 -1.82 -51.65 -31.78
C LYS V 195 -0.72 -50.89 -32.50
N GLY V 196 -0.57 -49.59 -32.18
CA GLY V 196 0.46 -48.77 -32.78
C GLY V 196 -0.02 -47.85 -33.88
N LYS V 197 -1.31 -47.80 -34.17
CA LYS V 197 -1.81 -46.94 -35.23
C LYS V 197 -1.83 -45.46 -34.81
N LEU V 198 -2.01 -45.19 -33.52
CA LEU V 198 -2.07 -43.80 -33.05
C LEU V 198 -0.66 -43.23 -32.88
N GLY V 199 0.13 -43.82 -31.99
CA GLY V 199 1.48 -43.39 -31.76
C GLY V 199 2.42 -44.56 -31.56
N PRO V 200 3.17 -44.53 -30.47
CA PRO V 200 4.06 -45.65 -30.17
C PRO V 200 3.28 -46.89 -29.75
N THR V 201 3.93 -48.04 -29.88
CA THR V 201 3.36 -49.32 -29.49
C THR V 201 3.76 -49.73 -28.08
N THR V 202 4.50 -48.89 -27.36
CA THR V 202 4.95 -49.21 -26.02
C THR V 202 4.49 -48.15 -25.04
N PRO V 203 4.18 -48.52 -23.80
CA PRO V 203 3.77 -47.53 -22.80
C PRO V 203 4.95 -46.74 -22.26
N LEU V 204 4.64 -45.62 -21.63
CA LEU V 204 5.67 -44.78 -21.05
C LEU V 204 6.20 -45.43 -19.76
N PRO V 205 7.46 -45.15 -19.41
CA PRO V 205 7.99 -45.68 -18.15
C PRO V 205 7.22 -45.21 -16.93
N ASP V 206 6.67 -44.00 -16.97
CA ASP V 206 5.88 -43.48 -15.86
C ASP V 206 4.43 -43.93 -15.91
N LEU V 207 3.99 -44.56 -17.00
CA LEU V 207 2.63 -45.05 -17.12
C LEU V 207 2.60 -46.54 -16.77
N VAL V 208 1.88 -46.88 -15.72
CA VAL V 208 1.76 -48.25 -15.25
C VAL V 208 0.28 -48.58 -15.08
N THR V 209 -0.15 -49.71 -15.63
CA THR V 209 -1.52 -50.17 -15.53
C THR V 209 -1.62 -51.32 -14.54
N ILE V 210 -2.77 -51.42 -13.88
CA ILE V 210 -3.01 -52.40 -12.82
C ILE V 210 -4.24 -53.21 -13.16
N HIS V 211 -4.13 -54.53 -13.01
CA HIS V 211 -5.29 -55.42 -13.10
C HIS V 211 -6.00 -55.48 -11.75
N PRO V 212 -7.30 -55.16 -11.70
CA PRO V 212 -8.00 -55.24 -10.43
C PRO V 212 -8.00 -56.66 -9.90
N PRO V 213 -7.94 -56.84 -8.58
CA PRO V 213 -7.87 -58.16 -7.93
C PRO V 213 -9.09 -59.02 -8.21
N GLY W 10 58.06 -69.66 7.90
CA GLY W 10 56.92 -70.37 7.34
C GLY W 10 57.08 -70.69 5.87
N ASP W 11 55.98 -71.07 5.23
CA ASP W 11 56.01 -71.39 3.81
C ASP W 11 55.94 -70.16 2.91
N VAL W 12 55.77 -68.97 3.49
CA VAL W 12 55.71 -67.72 2.74
C VAL W 12 56.92 -66.89 3.12
N LYS W 13 57.77 -66.59 2.14
CA LYS W 13 58.96 -65.77 2.35
C LYS W 13 59.10 -64.77 1.23
N LEU W 14 59.63 -63.59 1.57
CA LEU W 14 59.81 -62.53 0.60
C LEU W 14 60.88 -62.91 -0.43
N PHE W 15 60.46 -63.08 -1.68
CA PHE W 15 61.33 -63.58 -2.75
C PHE W 15 61.95 -64.93 -2.39
N ASN W 16 61.24 -65.72 -1.58
CA ASN W 16 61.74 -67.00 -1.07
C ASN W 16 63.06 -66.83 -0.32
N ARG W 17 63.31 -65.65 0.20
CA ARG W 17 64.60 -65.38 0.82
C ARG W 17 64.49 -64.79 2.21
N TRP W 18 63.51 -63.93 2.47
CA TRP W 18 63.41 -63.21 3.72
C TRP W 18 62.33 -63.83 4.60
N THR W 19 62.68 -64.07 5.86
CA THR W 19 61.76 -64.66 6.83
C THR W 19 61.12 -63.55 7.66
N PHE W 20 59.79 -63.46 7.61
CA PHE W 20 59.09 -62.40 8.32
C PHE W 20 58.97 -62.66 9.82
N GLU W 21 59.15 -63.90 10.27
CA GLU W 21 58.91 -64.22 11.67
C GLU W 21 60.11 -63.87 12.54
N ASP W 22 60.65 -62.66 12.37
CA ASP W 22 61.67 -62.14 13.25
C ASP W 22 61.51 -60.67 13.56
N VAL W 23 60.63 -59.95 12.88
CA VAL W 23 60.57 -58.49 12.93
C VAL W 23 59.40 -58.06 13.79
N GLN W 24 59.68 -57.23 14.79
CA GLN W 24 58.69 -56.65 15.68
C GLN W 24 58.73 -55.13 15.56
N VAL W 25 57.81 -54.47 16.27
CA VAL W 25 57.74 -53.01 16.31
C VAL W 25 57.89 -52.57 17.76
N SER W 26 58.85 -51.67 18.00
CA SER W 26 59.12 -51.17 19.35
C SER W 26 58.21 -50.00 19.70
N ASP W 27 56.91 -50.17 19.50
CA ASP W 27 55.91 -49.16 19.81
C ASP W 27 54.53 -49.79 19.68
N ILE W 28 53.62 -49.34 20.55
CA ILE W 28 52.25 -49.84 20.55
C ILE W 28 51.28 -48.86 19.90
N SER W 29 51.79 -47.88 19.14
CA SER W 29 50.94 -46.94 18.44
C SER W 29 50.98 -47.08 16.93
N LEU W 30 51.94 -47.82 16.38
CA LEU W 30 52.08 -47.98 14.94
C LEU W 30 52.07 -49.45 14.53
N ASN W 31 51.37 -50.29 15.29
CA ASN W 31 51.37 -51.72 14.99
C ASN W 31 50.47 -52.04 13.79
N ASP W 32 49.18 -51.71 13.90
CA ASP W 32 48.21 -52.15 12.90
C ASP W 32 48.40 -51.47 11.54
N TYR W 33 49.06 -50.32 11.49
CA TYR W 33 49.26 -49.60 10.24
C TYR W 33 50.38 -50.16 9.39
N LEU W 34 51.22 -51.02 9.96
CA LEU W 34 52.30 -51.67 9.23
C LEU W 34 52.00 -53.17 9.14
N ALA W 35 51.98 -53.70 7.93
CA ALA W 35 51.71 -55.11 7.69
C ALA W 35 53.05 -55.84 7.74
N VAL W 36 53.48 -56.18 8.95
CA VAL W 36 54.75 -56.84 9.17
C VAL W 36 54.54 -58.09 10.01
N THR W 37 53.32 -58.25 10.54
CA THR W 37 53.02 -59.42 11.34
C THR W 37 53.12 -60.69 10.50
N SER W 38 53.75 -61.71 11.07
CA SER W 38 53.99 -62.97 10.35
C SER W 38 52.85 -63.96 10.57
N MET W 39 51.63 -63.51 10.34
CA MET W 39 50.45 -64.36 10.41
C MET W 39 49.61 -64.15 9.16
N LYS W 40 49.73 -62.97 8.56
CA LYS W 40 49.04 -62.61 7.34
C LYS W 40 49.66 -61.30 6.85
N HIS W 41 49.16 -60.81 5.72
CA HIS W 41 49.53 -59.52 5.14
C HIS W 41 50.99 -59.44 4.74
N TYR W 42 51.73 -60.54 4.81
CA TYR W 42 53.12 -60.60 4.35
C TYR W 42 53.17 -61.43 3.08
N THR W 43 53.74 -60.87 2.02
CA THR W 43 53.58 -61.39 0.67
C THR W 43 54.93 -61.78 0.08
N PHE W 44 54.85 -62.36 -1.14
CA PHE W 44 56.03 -62.82 -1.84
C PHE W 44 56.84 -61.67 -2.43
N LEU W 45 56.16 -60.62 -2.87
CA LEU W 45 56.79 -59.46 -3.50
C LEU W 45 55.84 -58.29 -3.40
N PRO W 46 56.33 -57.05 -3.46
CA PRO W 46 55.45 -55.90 -3.22
C PRO W 46 54.60 -55.47 -4.40
N HIS W 47 54.46 -56.33 -5.41
CA HIS W 47 53.67 -56.03 -6.59
C HIS W 47 52.37 -56.81 -6.53
N SER W 48 51.25 -56.11 -6.41
CA SER W 48 49.94 -56.73 -6.41
C SER W 48 48.93 -55.79 -7.04
N ALA W 49 48.01 -56.34 -7.82
CA ALA W 49 46.96 -55.55 -8.48
C ALA W 49 45.70 -55.48 -7.62
N GLY W 50 45.87 -55.07 -6.36
CA GLY W 50 44.77 -54.93 -5.44
C GLY W 50 44.33 -53.48 -5.33
N ARG W 51 43.08 -53.28 -4.92
CA ARG W 51 42.52 -51.94 -4.75
C ARG W 51 42.57 -51.56 -3.28
N TYR W 52 43.24 -50.44 -2.99
CA TYR W 52 43.42 -49.98 -1.62
C TYR W 52 42.95 -48.56 -1.38
N SER W 53 42.57 -47.82 -2.43
CA SER W 53 42.05 -46.47 -2.28
C SER W 53 40.53 -46.43 -2.20
N ALA W 54 39.87 -47.58 -2.20
CA ALA W 54 38.41 -47.62 -2.21
C ALA W 54 37.84 -47.00 -0.94
N LYS W 55 38.14 -47.58 0.21
CA LYS W 55 37.59 -47.14 1.48
C LYS W 55 38.69 -46.59 2.38
N ARG W 56 38.27 -45.87 3.41
CA ARG W 56 39.20 -45.25 4.34
C ARG W 56 39.94 -46.30 5.16
N PHE W 57 41.21 -46.01 5.45
CA PHE W 57 42.09 -46.87 6.24
C PHE W 57 42.33 -48.23 5.58
N ARG W 58 42.02 -48.36 4.29
CA ARG W 58 42.22 -49.65 3.63
C ARG W 58 43.69 -49.93 3.41
N LYS W 59 44.50 -48.90 3.13
CA LYS W 59 45.91 -49.10 2.86
C LYS W 59 46.69 -49.59 4.08
N ALA W 60 46.11 -49.54 5.28
CA ALA W 60 46.77 -50.11 6.45
C ALA W 60 46.99 -51.61 6.27
N GLN W 61 46.04 -52.30 5.64
CA GLN W 61 46.19 -53.73 5.40
C GLN W 61 47.24 -54.03 4.34
N CYS W 62 47.59 -53.04 3.52
CA CYS W 62 48.58 -53.27 2.47
C CYS W 62 49.96 -53.51 3.09
N PRO W 63 50.77 -54.38 2.50
CA PRO W 63 52.12 -54.60 3.04
C PRO W 63 52.96 -53.33 2.98
N ILE W 64 53.87 -53.21 3.95
CA ILE W 64 54.75 -52.04 4.02
C ILE W 64 55.64 -51.97 2.79
N ILE W 65 56.15 -53.11 2.33
CA ILE W 65 57.03 -53.13 1.17
C ILE W 65 56.29 -52.64 -0.07
N GLU W 66 54.99 -52.91 -0.17
CA GLU W 66 54.20 -52.37 -1.26
C GLU W 66 54.17 -50.85 -1.20
N ARG W 67 53.98 -50.29 -0.01
CA ARG W 67 54.00 -48.83 0.15
C ARG W 67 55.34 -48.26 -0.24
N LEU W 68 56.43 -48.90 0.18
CA LEU W 68 57.76 -48.38 -0.13
C LEU W 68 58.05 -48.43 -1.62
N THR W 69 57.67 -49.53 -2.30
CA THR W 69 57.95 -49.65 -3.72
C THR W 69 57.00 -48.79 -4.57
N ASN W 70 55.82 -48.47 -4.06
CA ASN W 70 54.90 -47.63 -4.82
C ASN W 70 55.22 -46.14 -4.70
N SER W 71 55.92 -45.74 -3.64
CA SER W 71 56.25 -44.34 -3.43
C SER W 71 57.49 -43.90 -4.18
N LEU W 72 58.14 -44.81 -4.91
CA LEU W 72 59.35 -44.49 -5.66
C LEU W 72 59.07 -44.11 -7.10
N MET W 73 57.87 -44.41 -7.63
CA MET W 73 57.58 -44.13 -9.03
C MET W 73 57.38 -42.63 -9.24
N MET W 74 58.45 -41.86 -9.03
CA MET W 74 58.46 -40.42 -9.23
C MET W 74 59.84 -40.03 -9.74
N HIS W 75 59.91 -38.93 -10.49
CA HIS W 75 58.86 -38.03 -10.93
C HIS W 75 58.12 -38.57 -12.16
N GLY W 76 57.37 -37.69 -12.82
CA GLY W 76 56.52 -38.07 -13.93
C GLY W 76 57.14 -38.92 -15.03
N ARG W 77 58.45 -39.01 -15.05
CA ARG W 77 59.16 -39.90 -15.98
C ARG W 77 59.33 -41.30 -15.43
N ASN W 78 58.81 -41.58 -14.23
CA ASN W 78 59.00 -42.87 -13.58
C ASN W 78 57.72 -43.61 -13.25
N ASN W 79 56.57 -42.94 -13.24
CA ASN W 79 55.32 -43.62 -12.89
C ASN W 79 54.94 -44.64 -13.96
N GLY W 80 54.16 -45.64 -13.55
CA GLY W 80 53.83 -46.74 -14.42
C GLY W 80 54.95 -47.73 -14.62
N LYS W 81 56.02 -47.64 -13.82
CA LYS W 81 57.19 -48.50 -13.94
C LYS W 81 57.48 -49.18 -12.61
N LYS W 82 56.43 -49.78 -12.02
CA LYS W 82 56.57 -50.51 -10.77
C LYS W 82 57.56 -51.66 -10.88
N ILE W 83 57.83 -52.15 -12.08
CA ILE W 83 58.76 -53.26 -12.24
C ILE W 83 60.17 -52.82 -11.85
N MET W 84 60.61 -51.68 -12.37
CA MET W 84 61.87 -51.10 -11.92
C MET W 84 61.85 -50.82 -10.42
N ALA W 85 60.69 -50.42 -9.90
CA ALA W 85 60.60 -50.09 -8.48
C ALA W 85 60.88 -51.30 -7.61
N VAL W 86 60.22 -52.43 -7.90
CA VAL W 86 60.43 -53.62 -7.10
C VAL W 86 61.81 -54.23 -7.38
N ARG W 87 62.33 -54.11 -8.61
CA ARG W 87 63.70 -54.57 -8.85
C ARG W 87 64.70 -53.77 -8.03
N ILE W 88 64.53 -52.46 -7.96
CA ILE W 88 65.42 -51.61 -7.18
C ILE W 88 65.28 -51.91 -5.70
N ILE W 89 64.05 -52.17 -5.25
CA ILE W 89 63.87 -52.50 -3.84
C ILE W 89 64.52 -53.84 -3.52
N LYS W 90 64.51 -54.79 -4.46
CA LYS W 90 65.22 -56.04 -4.27
C LYS W 90 66.73 -55.81 -4.18
N HIS W 91 67.26 -54.97 -5.07
CA HIS W 91 68.69 -54.68 -5.04
C HIS W 91 69.10 -54.04 -3.72
N THR W 92 68.36 -53.01 -3.29
CA THR W 92 68.68 -52.33 -2.04
C THR W 92 68.47 -53.26 -0.84
N MET W 93 67.52 -54.18 -0.95
CA MET W 93 67.28 -55.16 0.10
C MET W 93 68.47 -56.09 0.24
N GLU W 94 69.00 -56.57 -0.89
CA GLU W 94 70.20 -57.40 -0.86
C GLU W 94 71.38 -56.64 -0.29
N ILE W 95 71.54 -55.37 -0.70
CA ILE W 95 72.62 -54.55 -0.15
C ILE W 95 72.51 -54.45 1.37
N ILE W 96 71.32 -54.14 1.86
CA ILE W 96 71.12 -53.94 3.30
C ILE W 96 71.40 -55.23 4.05
N HIS W 97 70.84 -56.34 3.58
CA HIS W 97 71.04 -57.60 4.30
C HIS W 97 72.49 -58.04 4.28
N LEU W 98 73.16 -57.90 3.14
CA LEU W 98 74.54 -58.36 3.03
C LEU W 98 75.47 -57.50 3.86
N LEU W 99 75.20 -56.20 3.95
CA LEU W 99 76.05 -55.33 4.77
C LEU W 99 75.77 -55.52 6.25
N THR W 100 74.53 -55.28 6.68
CA THR W 100 74.19 -55.25 8.09
C THR W 100 74.12 -56.64 8.72
N ASP W 101 74.05 -57.70 7.92
CA ASP W 101 73.92 -59.07 8.43
C ASP W 101 72.71 -59.20 9.36
N ALA W 102 71.56 -58.76 8.85
CA ALA W 102 70.30 -58.84 9.60
C ALA W 102 69.16 -58.96 8.59
N ASN W 103 67.95 -59.10 9.10
CA ASN W 103 66.78 -59.17 8.24
C ASN W 103 66.50 -57.78 7.66
N PRO W 104 66.53 -57.62 6.33
CA PRO W 104 66.26 -56.29 5.76
C PRO W 104 64.89 -55.75 6.12
N ILE W 105 63.90 -56.62 6.38
CA ILE W 105 62.61 -56.15 6.86
C ILE W 105 62.79 -55.36 8.15
N GLN W 106 63.66 -55.85 9.04
CA GLN W 106 63.92 -55.14 10.29
C GLN W 106 64.50 -53.76 10.03
N ILE W 107 65.42 -53.65 9.07
CA ILE W 107 66.00 -52.34 8.77
C ILE W 107 64.95 -51.41 8.18
N ILE W 108 64.08 -51.93 7.31
CA ILE W 108 63.02 -51.11 6.74
C ILE W 108 62.11 -50.59 7.83
N VAL W 109 61.69 -51.47 8.74
CA VAL W 109 60.81 -51.08 9.84
C VAL W 109 61.49 -50.09 10.76
N ASP W 110 62.77 -50.29 11.05
CA ASP W 110 63.50 -49.36 11.92
C ASP W 110 63.61 -47.98 11.26
N ALA W 111 63.88 -47.95 9.96
CA ALA W 111 63.97 -46.67 9.26
C ALA W 111 62.62 -45.95 9.26
N ILE W 112 61.54 -46.67 8.97
CA ILE W 112 60.23 -46.05 8.97
C ILE W 112 59.86 -45.54 10.36
N ILE W 113 60.10 -46.35 11.40
CA ILE W 113 59.72 -45.97 12.75
C ILE W 113 60.61 -44.86 13.31
N ASN W 114 61.80 -44.64 12.73
CA ASN W 114 62.65 -43.52 13.11
C ASN W 114 62.57 -42.33 12.16
N SER W 115 61.67 -42.36 11.18
CA SER W 115 61.57 -41.27 10.20
C SER W 115 60.17 -40.66 10.16
N GLY W 116 59.37 -40.87 11.20
CA GLY W 116 58.04 -40.31 11.24
C GLY W 116 57.92 -39.13 12.17
N PRO W 117 57.51 -37.98 11.64
CA PRO W 117 57.32 -36.82 12.51
C PRO W 117 56.11 -37.00 13.41
N ARG W 118 56.17 -36.35 14.57
CA ARG W 118 55.14 -36.51 15.59
C ARG W 118 54.15 -35.36 15.65
N GLU W 119 54.61 -34.12 15.47
CA GLU W 119 53.75 -32.95 15.62
C GLU W 119 54.01 -31.97 14.49
N ASP W 120 52.95 -31.27 14.07
CA ASP W 120 53.04 -30.16 13.14
C ASP W 120 52.39 -28.93 13.76
N ALA W 121 52.23 -27.89 12.94
CA ALA W 121 51.57 -26.66 13.39
C ALA W 121 50.83 -26.05 12.22
N THR W 122 49.52 -25.88 12.39
CA THR W 122 48.66 -25.36 11.32
C THR W 122 47.73 -24.31 11.89
N ARG W 123 46.77 -23.89 11.07
CA ARG W 123 45.80 -22.83 11.40
C ARG W 123 46.49 -21.53 11.76
N ARG W 132 48.79 -19.87 13.96
CA ARG W 132 49.68 -21.03 14.02
C ARG W 132 49.66 -21.68 15.40
N GLN W 133 49.11 -22.89 15.45
CA GLN W 133 49.07 -23.68 16.68
C GLN W 133 49.59 -25.08 16.36
N ALA W 134 50.32 -25.65 17.31
CA ALA W 134 50.96 -26.96 17.13
C ALA W 134 50.09 -28.06 17.68
N VAL W 135 50.01 -29.16 16.94
CA VAL W 135 49.23 -30.33 17.36
C VAL W 135 49.73 -31.57 16.62
N ASP W 136 49.31 -32.74 17.10
CA ASP W 136 49.95 -34.02 16.78
C ASP W 136 49.67 -34.45 15.33
N ILE W 137 50.13 -35.66 15.00
CA ILE W 137 50.07 -36.22 13.66
C ILE W 137 49.44 -37.60 13.72
N SER W 138 48.60 -37.93 12.73
CA SER W 138 48.00 -39.25 12.66
C SER W 138 49.05 -40.31 12.37
N PRO W 139 48.94 -41.48 13.01
CA PRO W 139 49.94 -42.54 12.75
C PRO W 139 50.00 -43.00 11.31
N LEU W 140 48.84 -43.11 10.65
CA LEU W 140 48.84 -43.42 9.22
C LEU W 140 49.52 -42.31 8.43
N ARG W 141 49.20 -41.06 8.75
CA ARG W 141 49.94 -39.95 8.16
C ARG W 141 51.40 -39.98 8.55
N ARG W 142 51.72 -40.48 9.74
CA ARG W 142 53.11 -40.57 10.17
C ARG W 142 53.91 -41.51 9.26
N VAL W 143 53.40 -42.74 9.06
CA VAL W 143 54.11 -43.68 8.21
C VAL W 143 54.12 -43.20 6.77
N ASN W 144 53.03 -42.60 6.31
CA ASN W 144 52.98 -42.10 4.94
C ASN W 144 54.01 -41.00 4.71
N GLN W 145 54.10 -40.05 5.64
CA GLN W 145 55.10 -39.00 5.56
C GLN W 145 56.50 -39.55 5.61
N ALA W 146 56.74 -40.55 6.47
CA ALA W 146 58.06 -41.16 6.53
C ALA W 146 58.46 -41.78 5.20
N ILE W 147 57.54 -42.53 4.59
CA ILE W 147 57.86 -43.18 3.31
C ILE W 147 58.08 -42.14 2.22
N TYR W 148 57.24 -41.11 2.18
CA TYR W 148 57.41 -40.06 1.18
C TYR W 148 58.74 -39.34 1.35
N LEU W 149 59.11 -39.05 2.60
CA LEU W 149 60.38 -38.39 2.87
C LEU W 149 61.56 -39.25 2.45
N LEU W 150 61.50 -40.55 2.76
CA LEU W 150 62.59 -41.43 2.37
C LEU W 150 62.74 -41.51 0.85
N THR W 151 61.62 -41.65 0.14
CA THR W 151 61.68 -41.73 -1.32
C THR W 151 62.21 -40.44 -1.93
N THR W 152 61.74 -39.29 -1.44
CA THR W 152 62.23 -38.01 -1.96
C THR W 152 63.69 -37.78 -1.63
N GLY W 153 64.14 -38.21 -0.44
CA GLY W 153 65.56 -38.10 -0.13
C GLY W 153 66.42 -38.95 -1.02
N ALA W 154 65.99 -40.19 -1.28
CA ALA W 154 66.73 -41.03 -2.22
C ALA W 154 66.77 -40.42 -3.61
N ARG W 155 65.65 -39.85 -4.06
CA ARG W 155 65.63 -39.18 -5.36
C ARG W 155 66.58 -38.00 -5.39
N GLU W 156 66.61 -37.21 -4.31
CA GLU W 156 67.52 -36.08 -4.23
C GLU W 156 68.98 -36.53 -4.29
N SER W 157 69.31 -37.59 -3.56
CA SER W 157 70.68 -38.11 -3.56
C SER W 157 71.05 -38.84 -4.85
N ALA W 158 70.06 -39.21 -5.67
CA ALA W 158 70.33 -39.94 -6.89
C ALA W 158 70.43 -39.06 -8.13
N PHE W 159 69.89 -37.85 -8.09
CA PHE W 159 69.85 -36.99 -9.26
C PHE W 159 71.22 -36.36 -9.49
N ARG W 160 71.73 -36.50 -10.71
CA ARG W 160 73.03 -35.94 -11.12
C ARG W 160 74.14 -36.40 -10.18
N ASN W 161 74.31 -37.72 -10.10
CA ASN W 161 75.32 -38.30 -9.24
C ASN W 161 75.77 -39.64 -9.80
N VAL W 162 76.94 -40.08 -9.35
CA VAL W 162 77.47 -41.38 -9.76
C VAL W 162 76.58 -42.50 -9.23
N LYS W 163 75.96 -42.29 -8.08
CA LYS W 163 75.19 -43.35 -7.42
C LYS W 163 73.97 -43.76 -8.23
N THR W 164 73.65 -45.04 -8.18
CA THR W 164 72.39 -45.53 -8.72
C THR W 164 71.30 -45.45 -7.64
N ILE W 165 70.08 -45.84 -8.01
CA ILE W 165 68.95 -45.72 -7.09
C ILE W 165 69.12 -46.63 -5.88
N ALA W 166 69.56 -47.88 -6.12
CA ALA W 166 69.65 -48.84 -5.03
C ALA W 166 70.63 -48.39 -3.97
N GLU W 167 71.75 -47.80 -4.38
CA GLU W 167 72.79 -47.42 -3.43
C GLU W 167 72.31 -46.31 -2.49
N CYS W 168 71.73 -45.26 -3.05
CA CYS W 168 71.25 -44.17 -2.20
C CYS W 168 70.07 -44.62 -1.36
N LEU W 169 69.19 -45.46 -1.92
CA LEU W 169 68.10 -46.01 -1.12
C LEU W 169 68.63 -46.79 0.07
N ALA W 170 69.64 -47.64 -0.16
CA ALA W 170 70.23 -48.41 0.92
C ALA W 170 70.86 -47.52 1.98
N ASP W 171 71.62 -46.49 1.54
CA ASP W 171 72.28 -45.61 2.49
C ASP W 171 71.25 -44.85 3.32
N GLU W 172 70.20 -44.33 2.69
CA GLU W 172 69.17 -43.61 3.43
C GLU W 172 68.39 -44.54 4.35
N LEU W 173 68.24 -45.81 3.96
CA LEU W 173 67.51 -46.76 4.81
C LEU W 173 68.31 -47.09 6.07
N ILE W 174 69.61 -47.37 5.93
CA ILE W 174 70.40 -47.68 7.11
C ILE W 174 70.62 -46.44 7.97
N ASN W 175 70.87 -45.29 7.33
CA ASN W 175 71.14 -44.07 8.11
C ASN W 175 69.92 -43.62 8.90
N ALA W 176 68.72 -44.01 8.47
CA ALA W 176 67.49 -43.65 9.15
C ALA W 176 67.04 -44.71 10.16
N ALA W 177 67.83 -45.76 10.37
CA ALA W 177 67.48 -46.79 11.32
C ALA W 177 68.00 -46.44 12.72
N ASN W 182 72.52 -36.78 10.23
CA ASN W 182 73.14 -38.00 9.73
C ASN W 182 72.44 -38.52 8.48
N SER W 183 71.22 -38.03 8.24
CA SER W 183 70.46 -38.45 7.08
C SER W 183 69.53 -37.33 6.66
N TYR W 184 69.06 -37.40 5.41
CA TYR W 184 68.17 -36.38 4.88
C TYR W 184 66.80 -36.43 5.57
N ALA W 185 66.22 -37.63 5.70
CA ALA W 185 64.89 -37.74 6.27
C ALA W 185 64.87 -37.32 7.74
N ILE W 186 65.89 -37.71 8.51
CA ILE W 186 65.91 -37.35 9.92
C ILE W 186 66.07 -35.84 10.08
N LYS W 187 66.84 -35.19 9.20
CA LYS W 187 66.97 -33.74 9.28
C LYS W 187 65.71 -33.02 8.85
N LYS W 188 64.98 -33.57 7.86
CA LYS W 188 63.69 -32.99 7.50
C LYS W 188 62.70 -33.11 8.65
N LYS W 189 62.67 -34.27 9.31
CA LYS W 189 61.82 -34.41 10.50
C LYS W 189 62.27 -33.47 11.61
N ASP W 190 63.58 -33.28 11.75
CA ASP W 190 64.09 -32.36 12.76
C ASP W 190 63.60 -30.94 12.53
N GLU W 191 63.69 -30.46 11.28
CA GLU W 191 63.25 -29.08 11.04
C GLU W 191 61.72 -28.95 11.12
N ILE W 192 60.98 -29.97 10.69
CA ILE W 192 59.53 -29.93 10.83
C ILE W 192 59.14 -29.87 12.31
N GLU W 193 59.78 -30.70 13.13
CA GLU W 193 59.47 -30.71 14.56
C GLU W 193 59.92 -29.43 15.24
N ARG W 194 61.01 -28.82 14.75
CA ARG W 194 61.45 -27.54 15.29
C ARG W 194 60.44 -26.44 14.98
N VAL W 195 59.92 -26.42 13.75
CA VAL W 195 58.89 -25.45 13.41
C VAL W 195 57.63 -25.69 14.24
N ALA W 196 57.28 -26.96 14.45
CA ALA W 196 56.09 -27.28 15.24
C ALA W 196 56.24 -26.85 16.69
N LYS W 197 57.37 -27.20 17.32
CA LYS W 197 57.55 -26.99 18.75
C LYS W 197 57.75 -25.52 19.13
N ALA W 198 57.93 -24.65 18.15
CA ALA W 198 58.06 -23.22 18.42
C ALA W 198 56.71 -22.50 18.45
N ASN W 199 55.61 -23.22 18.27
CA ASN W 199 54.29 -22.61 18.25
C ASN W 199 53.28 -23.49 18.97
N MET X 1 21.35 -16.46 -74.67
CA MET X 1 22.56 -17.19 -75.06
C MET X 1 22.35 -17.90 -76.39
N ILE X 2 23.34 -17.80 -77.28
CA ILE X 2 23.23 -18.39 -78.60
C ILE X 2 23.12 -19.91 -78.50
N ILE X 3 22.21 -20.47 -79.28
CA ILE X 3 21.94 -21.91 -79.26
C ILE X 3 21.80 -22.40 -80.69
N SER X 4 22.50 -23.48 -81.02
CA SER X 4 22.42 -24.04 -82.37
C SER X 4 21.07 -24.72 -82.58
N LYS X 5 20.67 -24.78 -83.85
CA LYS X 5 19.38 -25.38 -84.19
C LYS X 5 19.34 -26.86 -83.84
N LYS X 6 20.41 -27.60 -84.13
CA LYS X 6 20.43 -29.03 -83.86
C LYS X 6 20.39 -29.31 -82.35
N ASN X 7 21.13 -28.52 -81.56
CA ASN X 7 21.13 -28.73 -80.12
C ASN X 7 19.74 -28.48 -79.53
N ARG X 8 19.09 -27.39 -79.95
CA ARG X 8 17.74 -27.10 -79.49
C ARG X 8 16.76 -28.18 -79.94
N ASN X 9 16.95 -28.70 -81.16
CA ASN X 9 16.15 -29.84 -81.61
C ASN X 9 16.32 -31.04 -80.68
N GLU X 10 17.56 -31.36 -80.32
CA GLU X 10 17.82 -32.51 -79.46
C GLU X 10 17.20 -32.31 -78.07
N ILE X 11 17.34 -31.11 -77.51
CA ILE X 11 16.74 -30.81 -76.22
C ILE X 11 15.23 -30.95 -76.29
N CYS X 12 14.63 -30.46 -77.37
CA CYS X 12 13.18 -30.57 -77.52
C CYS X 12 12.74 -32.02 -77.65
N LYS X 13 13.48 -32.83 -78.40
CA LYS X 13 13.14 -34.25 -78.52
C LYS X 13 13.23 -34.95 -77.17
N TYR X 14 14.28 -34.66 -76.40
CA TYR X 14 14.41 -35.25 -75.07
C TYR X 14 13.27 -34.82 -74.17
N LEU X 15 12.88 -33.54 -74.24
CA LEU X 15 11.78 -33.04 -73.43
C LEU X 15 10.45 -33.64 -73.84
N PHE X 16 10.27 -33.93 -75.12
CA PHE X 16 8.99 -34.45 -75.61
C PHE X 16 8.85 -35.95 -75.35
N GLN X 17 9.76 -36.75 -75.90
CA GLN X 17 9.63 -38.20 -75.79
C GLN X 17 9.70 -38.67 -74.35
N GLU X 18 10.59 -38.08 -73.56
CA GLU X 18 10.74 -38.39 -72.14
C GLU X 18 10.47 -37.11 -71.36
N GLY X 19 9.20 -36.88 -71.03
CA GLY X 19 8.79 -35.63 -70.42
C GLY X 19 9.16 -35.46 -68.96
N VAL X 20 10.41 -35.76 -68.62
CA VAL X 20 10.95 -35.50 -67.28
C VAL X 20 12.36 -34.95 -67.46
N LEU X 21 12.66 -33.83 -66.80
CA LEU X 21 13.95 -33.16 -66.94
C LEU X 21 14.65 -33.03 -65.59
N TYR X 22 15.93 -33.41 -65.56
CA TYR X 22 16.78 -33.15 -64.41
C TYR X 22 18.14 -32.68 -64.91
N ALA X 23 18.83 -31.91 -64.08
CA ALA X 23 20.12 -31.36 -64.47
C ALA X 23 20.98 -31.13 -63.24
N LYS X 24 22.29 -31.10 -63.47
CA LYS X 24 23.28 -30.87 -62.44
C LYS X 24 24.01 -29.57 -62.72
N LYS X 25 24.16 -28.74 -61.68
CA LYS X 25 24.77 -27.42 -61.83
C LYS X 25 26.28 -27.54 -61.96
N ASP X 26 26.71 -28.07 -63.11
CA ASP X 26 28.13 -28.23 -63.40
C ASP X 26 28.32 -28.08 -64.91
N TYR X 27 28.63 -26.85 -65.34
CA TYR X 27 28.89 -26.61 -66.75
C TYR X 27 30.25 -27.15 -67.20
N ASN X 28 31.15 -27.42 -66.26
CA ASN X 28 32.42 -28.04 -66.62
C ASN X 28 32.21 -29.45 -67.17
N LEU X 29 31.16 -30.13 -66.71
CA LEU X 29 30.77 -31.43 -67.27
C LEU X 29 30.16 -31.16 -68.64
N ALA X 30 30.95 -31.38 -69.70
CA ALA X 30 30.58 -30.97 -71.05
C ALA X 30 29.52 -31.86 -71.68
N LYS X 31 29.01 -32.86 -70.97
CA LYS X 31 27.95 -33.71 -71.48
C LYS X 31 26.82 -33.74 -70.45
N HIS X 32 25.60 -33.49 -70.93
CA HIS X 32 24.45 -33.61 -70.05
C HIS X 32 24.30 -35.08 -69.65
N PRO X 33 23.81 -35.34 -68.43
CA PRO X 33 23.93 -36.71 -67.87
C PRO X 33 23.43 -37.83 -68.77
N GLN X 34 22.55 -37.54 -69.73
CA GLN X 34 22.10 -38.56 -70.68
C GLN X 34 22.45 -38.22 -72.12
N ILE X 35 22.10 -37.02 -72.58
CA ILE X 35 22.36 -36.59 -73.95
C ILE X 35 23.71 -35.88 -73.98
N ASP X 36 24.43 -35.98 -75.11
CA ASP X 36 25.78 -35.45 -75.25
C ASP X 36 25.85 -33.93 -75.18
N VAL X 37 24.73 -33.25 -75.03
CA VAL X 37 24.72 -31.78 -75.02
C VAL X 37 25.45 -31.26 -73.79
N PRO X 38 26.24 -30.19 -73.89
CA PRO X 38 26.80 -29.56 -72.69
C PRO X 38 25.69 -29.04 -71.78
N ASN X 39 25.96 -29.09 -70.47
CA ASN X 39 24.94 -28.78 -69.48
C ASN X 39 24.52 -27.31 -69.54
N LEU X 40 25.46 -26.41 -69.84
CA LEU X 40 25.17 -24.98 -69.82
C LEU X 40 24.09 -24.63 -70.83
N GLN X 41 24.16 -25.20 -72.03
CA GLN X 41 23.19 -24.87 -73.08
C GLN X 41 21.78 -25.24 -72.66
N VAL X 42 21.57 -26.47 -72.19
CA VAL X 42 20.24 -26.91 -71.82
C VAL X 42 19.75 -26.15 -70.60
N ILE X 43 20.63 -25.88 -69.63
CA ILE X 43 20.22 -25.13 -68.44
C ILE X 43 19.75 -23.74 -68.83
N LYS X 44 20.49 -23.05 -69.70
CA LYS X 44 20.11 -21.69 -70.07
C LYS X 44 18.83 -21.70 -70.90
N LEU X 45 18.69 -22.67 -71.80
CA LEU X 45 17.44 -22.77 -72.56
C LEU X 45 16.25 -22.98 -71.64
N MET X 46 16.40 -23.86 -70.66
CA MET X 46 15.30 -24.10 -69.73
C MET X 46 14.99 -22.85 -68.91
N GLN X 47 16.02 -22.15 -68.45
CA GLN X 47 15.80 -20.90 -67.74
C GLN X 47 15.12 -19.87 -68.64
N SER X 48 15.33 -19.97 -69.95
CA SER X 48 14.58 -19.13 -70.88
C SER X 48 13.10 -19.51 -70.90
N PHE X 49 12.80 -20.82 -70.95
CA PHE X 49 11.39 -21.21 -70.88
C PHE X 49 10.79 -21.01 -69.49
N LYS X 50 11.62 -20.71 -68.48
CA LYS X 50 11.13 -20.59 -67.11
C LYS X 50 10.08 -19.49 -66.99
N SER X 51 10.39 -18.31 -67.52
CA SER X 51 9.46 -17.19 -67.47
C SER X 51 8.28 -17.35 -68.43
N LYS X 52 8.33 -18.35 -69.30
CA LYS X 52 7.27 -18.57 -70.29
C LYS X 52 6.16 -19.48 -69.80
N GLU X 53 6.21 -19.90 -68.53
CA GLU X 53 5.18 -20.70 -67.86
C GLU X 53 5.07 -22.12 -68.41
N TYR X 54 5.97 -22.54 -69.30
CA TYR X 54 5.86 -23.85 -69.92
C TYR X 54 6.39 -24.98 -69.05
N VAL X 55 7.17 -24.66 -68.01
CA VAL X 55 7.77 -25.68 -67.15
C VAL X 55 7.82 -25.10 -65.74
N ARG X 56 7.72 -25.96 -64.74
CA ARG X 56 7.88 -25.55 -63.35
C ARG X 56 9.11 -26.21 -62.73
N GLU X 57 9.75 -25.50 -61.81
CA GLU X 57 11.08 -25.86 -61.31
C GLU X 57 11.02 -26.38 -59.89
N THR X 58 12.06 -27.15 -59.53
CA THR X 58 12.25 -27.65 -58.18
C THR X 58 13.76 -27.86 -57.98
N PHE X 59 14.35 -27.13 -57.04
CA PHE X 59 15.79 -27.16 -56.81
C PHE X 59 16.07 -27.80 -55.46
N SER X 60 16.73 -28.97 -55.49
CA SER X 60 16.99 -29.72 -54.27
C SER X 60 18.41 -30.28 -54.32
N TRP X 61 19.25 -29.85 -53.38
CA TRP X 61 20.62 -30.34 -53.24
C TRP X 61 21.43 -30.09 -54.53
N GLN X 62 21.49 -28.81 -54.91
CA GLN X 62 22.27 -28.38 -56.07
C GLN X 62 21.82 -29.06 -57.37
N HIS X 63 20.58 -29.53 -57.41
CA HIS X 63 20.08 -30.27 -58.56
C HIS X 63 18.84 -29.58 -59.10
N TYR X 64 18.85 -29.28 -60.39
CA TYR X 64 17.66 -28.76 -61.03
C TYR X 64 16.72 -29.90 -61.40
N TYR X 65 15.43 -29.69 -61.16
CA TYR X 65 14.42 -30.60 -61.68
C TYR X 65 13.32 -29.77 -62.31
N TRP X 66 12.80 -30.24 -63.44
CA TRP X 66 11.81 -29.50 -64.20
C TRP X 66 10.65 -30.40 -64.57
N TYR X 67 9.44 -29.87 -64.41
CA TYR X 67 8.21 -30.64 -64.49
C TYR X 67 7.31 -30.00 -65.53
N LEU X 68 6.65 -30.83 -66.33
CA LEU X 68 5.97 -30.40 -67.53
C LEU X 68 4.51 -30.07 -67.28
N THR X 69 3.91 -29.34 -68.23
CA THR X 69 2.50 -28.97 -68.17
C THR X 69 1.92 -29.07 -69.58
N ASN X 70 0.63 -28.76 -69.69
CA ASN X 70 -0.03 -28.76 -71.00
C ASN X 70 0.59 -27.71 -71.92
N ASP X 71 0.94 -26.55 -71.37
CA ASP X 71 1.58 -25.53 -72.18
C ASP X 71 2.91 -26.00 -72.73
N GLY X 72 3.67 -26.77 -71.94
CA GLY X 72 4.95 -27.27 -72.44
C GLY X 72 4.80 -28.22 -73.62
N ILE X 73 3.88 -29.18 -73.51
CA ILE X 73 3.68 -30.14 -74.60
C ILE X 73 3.11 -29.44 -75.83
N GLU X 74 2.20 -28.50 -75.64
CA GLU X 74 1.65 -27.78 -76.79
C GLU X 74 2.69 -26.87 -77.43
N PHE X 75 3.59 -26.29 -76.63
CA PHE X 75 4.71 -25.52 -77.18
C PHE X 75 5.63 -26.41 -77.99
N LEU X 76 5.90 -27.62 -77.49
CA LEU X 76 6.74 -28.55 -78.22
C LEU X 76 6.10 -28.92 -79.56
N ARG X 77 4.79 -29.18 -79.56
CA ARG X 77 4.10 -29.47 -80.81
C ARG X 77 4.14 -28.28 -81.76
N ASN X 78 3.97 -27.07 -81.23
CA ASN X 78 4.00 -25.87 -82.07
C ASN X 78 5.37 -25.67 -82.70
N PHE X 79 6.44 -25.83 -81.90
CA PHE X 79 7.79 -25.66 -82.43
C PHE X 79 8.13 -26.74 -83.45
N LEU X 80 7.71 -27.99 -83.18
CA LEU X 80 7.97 -29.08 -84.10
C LEU X 80 6.96 -29.15 -85.25
N ASN X 81 5.83 -28.45 -85.14
CA ASN X 81 4.78 -28.47 -86.16
C ASN X 81 4.34 -29.90 -86.47
N LEU X 82 4.12 -30.69 -85.42
CA LEU X 82 3.72 -32.08 -85.56
C LEU X 82 2.28 -32.20 -86.07
N THR Y 38 70.34 -34.07 -73.95
CA THR Y 38 70.29 -33.46 -72.62
C THR Y 38 70.16 -34.53 -71.53
N GLU Y 39 71.05 -35.53 -71.59
CA GLU Y 39 71.02 -36.64 -70.63
C GLU Y 39 72.14 -36.55 -69.60
N ASP Y 40 73.37 -36.22 -70.02
CA ASP Y 40 74.46 -36.10 -69.07
C ASP Y 40 74.23 -34.96 -68.09
N LEU Y 41 73.69 -33.85 -68.57
CA LEU Y 41 73.47 -32.70 -67.69
C LEU Y 41 72.47 -33.04 -66.60
N VAL Y 42 71.31 -33.59 -66.95
CA VAL Y 42 70.36 -34.00 -65.92
C VAL Y 42 70.92 -35.13 -65.07
N GLN Y 43 71.82 -35.93 -65.64
CA GLN Y 43 72.44 -37.02 -64.88
C GLN Y 43 73.29 -36.47 -63.73
N LEU Y 44 74.07 -35.41 -63.99
CA LEU Y 44 74.83 -34.81 -62.90
C LEU Y 44 74.10 -33.63 -62.25
N PHE Y 45 72.90 -33.30 -62.71
CA PHE Y 45 72.06 -32.33 -62.01
C PHE Y 45 71.59 -32.93 -60.68
N PRO Y 46 71.19 -32.08 -59.72
CA PRO Y 46 70.66 -32.60 -58.46
C PRO Y 46 69.42 -33.45 -58.63
N ALA Y 47 68.95 -34.03 -57.51
CA ALA Y 47 67.85 -34.99 -57.58
C ALA Y 47 66.56 -34.35 -58.09
N ARG Y 48 66.26 -33.14 -57.63
CA ARG Y 48 65.02 -32.49 -58.04
C ARG Y 48 64.96 -32.21 -59.54
N PRO Y 49 65.99 -31.62 -60.18
CA PRO Y 49 65.94 -31.50 -61.64
C PRO Y 49 65.84 -32.84 -62.34
N ARG Y 50 66.53 -33.86 -61.84
CA ARG Y 50 66.45 -35.19 -62.45
C ARG Y 50 65.02 -35.70 -62.46
N ARG Y 51 64.36 -35.69 -61.30
CA ARG Y 51 62.99 -36.17 -61.23
C ARG Y 51 62.06 -35.32 -62.07
N ARG Y 52 62.17 -33.99 -61.96
CA ARG Y 52 61.22 -33.12 -62.65
C ARG Y 52 61.34 -33.26 -64.16
N PHE Y 53 62.56 -33.29 -64.68
CA PHE Y 53 62.74 -33.42 -66.13
C PHE Y 53 62.36 -34.83 -66.59
N SER Y 54 62.59 -35.84 -65.75
CA SER Y 54 62.13 -37.18 -66.09
C SER Y 54 60.60 -37.27 -66.07
N ARG Y 55 59.94 -36.41 -65.28
CA ARG Y 55 58.49 -36.46 -65.16
C ARG Y 55 57.78 -35.82 -66.35
N GLY Y 56 58.48 -35.12 -67.23
CA GLY Y 56 57.91 -34.52 -68.40
C GLY Y 56 57.83 -33.01 -68.30
N LEU Y 57 57.37 -32.40 -69.39
CA LEU Y 57 57.26 -30.95 -69.50
C LEU Y 57 55.92 -30.59 -70.15
N LYS Y 58 55.50 -29.34 -69.93
CA LYS Y 58 54.26 -28.82 -70.49
C LYS Y 58 54.55 -28.02 -71.76
N ARG Y 59 53.48 -27.46 -72.34
CA ARG Y 59 53.61 -26.73 -73.61
C ARG Y 59 54.32 -25.39 -73.40
N LYS Y 60 53.95 -24.68 -72.35
CA LYS Y 60 54.56 -23.38 -72.08
C LYS Y 60 56.09 -23.44 -71.93
N PRO Y 61 56.69 -24.51 -71.40
CA PRO Y 61 58.17 -24.62 -71.46
C PRO Y 61 58.77 -24.52 -72.86
N MET Y 62 58.33 -25.33 -73.83
CA MET Y 62 58.92 -25.15 -75.15
C MET Y 62 58.50 -23.84 -75.81
N ALA Y 63 57.30 -23.33 -75.51
CA ALA Y 63 56.99 -21.98 -75.98
C ALA Y 63 58.01 -20.97 -75.46
N LEU Y 64 58.37 -21.08 -74.19
CA LEU Y 64 59.35 -20.19 -73.58
C LEU Y 64 60.71 -20.33 -74.22
N VAL Y 65 61.18 -21.56 -74.43
CA VAL Y 65 62.53 -21.73 -74.97
C VAL Y 65 62.59 -21.26 -76.41
N LYS Y 66 61.52 -21.50 -77.19
CA LYS Y 66 61.48 -20.99 -78.55
C LYS Y 66 61.51 -19.47 -78.56
N LYS Y 67 60.73 -18.83 -77.69
CA LYS Y 67 60.76 -17.37 -77.61
C LYS Y 67 62.14 -16.87 -77.24
N LEU Y 68 62.79 -17.53 -76.26
CA LEU Y 68 64.11 -17.10 -75.81
C LEU Y 68 65.15 -17.23 -76.93
N ARG Y 69 65.14 -18.35 -77.65
CA ARG Y 69 66.14 -18.53 -78.70
C ARG Y 69 65.86 -17.64 -79.90
N LYS Y 70 64.58 -17.36 -80.19
CA LYS Y 70 64.27 -16.42 -81.28
C LYS Y 70 64.71 -15.01 -80.91
N ALA Y 71 64.50 -14.60 -79.66
CA ALA Y 71 64.88 -13.27 -79.22
C ALA Y 71 66.40 -13.07 -79.14
N LYS Y 72 67.18 -14.15 -79.23
CA LYS Y 72 68.63 -14.05 -79.19
C LYS Y 72 69.17 -13.58 -80.53
N VAL Y 84 61.70 -11.02 -71.68
CA VAL Y 84 61.45 -11.82 -70.48
C VAL Y 84 60.41 -11.14 -69.59
N ARG Y 85 59.15 -11.56 -69.74
CA ARG Y 85 58.05 -10.89 -69.07
C ARG Y 85 57.02 -11.88 -68.55
N THR Y 86 57.27 -13.18 -68.71
CA THR Y 86 56.30 -14.17 -68.30
C THR Y 86 56.29 -14.34 -66.79
N HIS Y 87 55.17 -14.84 -66.26
CA HIS Y 87 55.08 -15.02 -64.81
C HIS Y 87 55.54 -16.40 -64.37
N LEU Y 88 55.66 -17.35 -65.30
CA LEU Y 88 56.02 -18.71 -64.92
C LEU Y 88 57.43 -18.75 -64.33
N ARG Y 89 57.58 -19.52 -63.26
CA ARG Y 89 58.83 -19.60 -62.54
C ARG Y 89 59.21 -21.05 -62.19
N ASN Y 90 58.53 -22.03 -62.75
CA ASN Y 90 58.74 -23.44 -62.40
C ASN Y 90 59.57 -24.17 -63.45
N MET Y 91 60.53 -23.49 -64.06
CA MET Y 91 61.46 -24.11 -65.00
C MET Y 91 62.83 -24.19 -64.33
N ILE Y 92 63.30 -25.42 -64.11
CA ILE Y 92 64.62 -25.62 -63.52
C ILE Y 92 65.68 -25.22 -64.53
N ILE Y 93 66.63 -24.39 -64.10
CA ILE Y 93 67.58 -23.76 -65.01
C ILE Y 93 68.52 -24.83 -65.56
N MET Y 94 68.57 -24.94 -66.89
CA MET Y 94 69.58 -25.71 -67.58
C MET Y 94 70.57 -24.78 -68.26
N PRO Y 95 71.78 -25.25 -68.60
CA PRO Y 95 72.81 -24.36 -69.14
C PRO Y 95 72.47 -23.74 -70.49
N GLU Y 96 71.25 -23.96 -70.99
CA GLU Y 96 70.85 -23.43 -72.29
C GLU Y 96 70.88 -21.90 -72.34
N MET Y 97 70.36 -21.24 -71.30
CA MET Y 97 70.18 -19.79 -71.32
C MET Y 97 71.16 -19.05 -70.41
N ILE Y 98 72.30 -19.65 -70.07
CA ILE Y 98 73.31 -18.96 -69.28
C ILE Y 98 74.02 -17.95 -70.16
N GLY Y 99 73.64 -16.68 -70.06
CA GLY Y 99 74.23 -15.64 -70.85
C GLY Y 99 73.30 -14.46 -71.08
N VAL Y 102 66.49 -10.76 -66.62
CA VAL Y 102 65.51 -11.48 -65.81
C VAL Y 102 64.22 -10.69 -65.66
N GLY Y 103 63.34 -11.16 -64.78
CA GLY Y 103 62.11 -10.47 -64.48
C GLY Y 103 60.90 -11.37 -64.47
N ILE Y 104 60.21 -11.44 -63.34
CA ILE Y 104 59.03 -12.29 -63.15
C ILE Y 104 58.03 -11.51 -62.31
N TYR Y 105 56.74 -11.72 -62.57
CA TYR Y 105 55.68 -11.12 -61.77
C TYR Y 105 55.71 -11.75 -60.38
N ASN Y 106 55.97 -10.93 -59.37
CA ASN Y 106 56.01 -11.39 -57.99
C ASN Y 106 54.64 -11.62 -57.40
N GLY Y 107 53.57 -11.37 -58.15
CA GLY Y 107 52.24 -11.34 -57.60
C GLY Y 107 51.81 -9.98 -57.09
N LYS Y 108 52.69 -8.99 -57.11
CA LYS Y 108 52.36 -7.64 -56.68
C LYS Y 108 52.78 -6.56 -57.66
N CYS Y 109 53.60 -6.86 -58.67
CA CYS Y 109 54.03 -5.85 -59.64
C CYS Y 109 54.34 -6.50 -60.98
N GLY Y 121 70.78 -24.84 -61.52
CA GLY Y 121 70.27 -25.97 -60.76
C GLY Y 121 69.13 -25.60 -59.84
N HIS Y 122 68.51 -24.44 -60.10
CA HIS Y 122 67.41 -23.95 -59.27
C HIS Y 122 66.31 -23.43 -60.18
N TYR Y 123 65.10 -23.37 -59.62
CA TYR Y 123 63.95 -22.85 -60.34
C TYR Y 123 64.11 -21.36 -60.60
N LEU Y 124 63.16 -20.81 -61.35
CA LEU Y 124 62.98 -19.37 -61.38
C LEU Y 124 62.15 -18.89 -60.19
N ALA Y 125 61.75 -19.80 -59.30
CA ALA Y 125 61.03 -19.45 -58.08
C ALA Y 125 62.00 -19.00 -57.01
N GLU Y 126 62.89 -18.09 -57.34
CA GLU Y 126 63.84 -17.51 -56.41
C GLU Y 126 63.82 -15.99 -56.42
N PHE Y 127 63.65 -15.38 -57.59
CA PHE Y 127 63.60 -13.93 -57.72
C PHE Y 127 62.19 -13.38 -57.64
N SER Y 128 61.17 -14.24 -57.51
CA SER Y 128 59.78 -13.80 -57.45
C SER Y 128 59.43 -13.43 -56.00
N LEU Y 129 59.98 -12.30 -55.57
CA LEU Y 129 59.77 -11.78 -54.23
C LEU Y 129 58.67 -10.73 -54.27
N SER Y 130 57.58 -10.98 -53.56
CA SER Y 130 56.40 -10.12 -53.62
C SER Y 130 56.43 -8.98 -52.62
N TYR Y 131 57.13 -9.12 -51.51
CA TYR Y 131 57.13 -8.09 -50.47
C TYR Y 131 58.54 -7.83 -49.96
N GLY Z 11 40.82 -86.94 -16.44
CA GLY Z 11 40.43 -85.59 -16.07
C GLY Z 11 40.93 -84.55 -17.05
N THR Z 12 40.00 -83.93 -17.78
CA THR Z 12 40.30 -82.85 -18.72
C THR Z 12 39.25 -81.78 -18.56
N VAL Z 13 39.66 -80.60 -18.10
CA VAL Z 13 38.73 -79.49 -17.87
C VAL Z 13 39.31 -78.21 -18.48
N GLN Z 14 38.42 -77.25 -18.71
CA GLN Z 14 38.77 -75.96 -19.26
C GLN Z 14 38.61 -74.90 -18.19
N CYS Z 15 39.63 -74.07 -17.99
CA CYS Z 15 39.50 -72.96 -17.06
C CYS Z 15 40.08 -71.69 -17.68
N PHE Z 16 39.30 -70.62 -17.64
CA PHE Z 16 39.66 -69.35 -18.25
C PHE Z 16 40.00 -68.34 -17.16
N GLY Z 17 41.21 -67.79 -17.22
CA GLY Z 17 41.61 -66.76 -16.30
C GLY Z 17 41.71 -65.40 -16.98
N ARG Z 18 40.86 -64.46 -16.58
CA ARG Z 18 40.71 -63.19 -17.27
C ARG Z 18 41.19 -62.04 -16.38
N LYS Z 19 41.98 -61.14 -16.96
CA LYS Z 19 42.40 -59.93 -16.27
C LYS Z 19 42.56 -58.83 -17.30
N LYS Z 20 41.86 -57.72 -17.09
CA LYS Z 20 41.82 -56.60 -18.04
C LYS Z 20 41.35 -57.10 -19.40
N THR Z 21 42.29 -57.38 -20.30
CA THR Z 21 41.96 -57.90 -21.62
C THR Z 21 42.88 -59.06 -21.99
N ALA Z 22 43.27 -59.86 -20.99
CA ALA Z 22 44.15 -61.00 -21.17
C ALA Z 22 43.46 -62.23 -20.61
N VAL Z 23 43.36 -63.29 -21.43
CA VAL Z 23 42.69 -64.52 -21.06
C VAL Z 23 43.68 -65.67 -21.19
N ALA Z 24 43.83 -66.45 -20.12
CA ALA Z 24 44.68 -67.63 -20.09
C ALA Z 24 43.78 -68.85 -19.99
N VAL Z 25 43.73 -69.64 -21.06
CA VAL Z 25 42.91 -70.84 -21.10
C VAL Z 25 43.79 -72.03 -20.73
N ALA Z 26 43.39 -72.75 -19.68
CA ALA Z 26 44.14 -73.88 -19.14
C ALA Z 26 43.35 -75.15 -19.44
N TYR Z 27 44.01 -76.11 -20.09
CA TYR Z 27 43.42 -77.40 -20.41
C TYR Z 27 44.11 -78.48 -19.58
N CYS Z 28 43.34 -79.17 -18.75
CA CYS Z 28 43.89 -80.17 -17.85
C CYS Z 28 43.98 -81.53 -18.53
N LYS Z 29 44.89 -82.37 -18.01
CA LYS Z 29 45.07 -83.74 -18.47
C LYS Z 29 45.87 -84.51 -17.44
N PRO Z 30 45.48 -85.73 -17.08
CA PRO Z 30 46.25 -86.48 -16.08
C PRO Z 30 47.62 -86.88 -16.61
N GLY Z 31 48.56 -87.02 -15.69
CA GLY Z 31 49.93 -87.35 -16.06
C GLY Z 31 50.92 -87.23 -14.93
N ARG Z 32 52.02 -86.50 -15.17
CA ARG Z 32 53.12 -86.37 -14.23
C ARG Z 32 53.36 -84.93 -13.79
N GLY Z 33 52.31 -84.11 -13.84
CA GLY Z 33 52.42 -82.75 -13.35
C GLY Z 33 53.24 -81.80 -14.21
N LEU Z 34 53.28 -82.01 -15.51
CA LEU Z 34 53.99 -81.10 -16.39
C LEU Z 34 53.24 -79.78 -16.49
N ILE Z 35 53.95 -78.66 -16.34
CA ILE Z 35 53.36 -77.33 -16.38
C ILE Z 35 53.97 -76.60 -17.57
N LYS Z 36 53.11 -76.16 -18.49
CA LYS Z 36 53.54 -75.46 -19.70
C LYS Z 36 52.61 -74.29 -19.95
N VAL Z 37 53.18 -73.17 -20.37
CA VAL Z 37 52.42 -71.99 -20.77
C VAL Z 37 52.72 -71.70 -22.24
N ASN Z 38 51.67 -71.59 -23.05
CA ASN Z 38 51.80 -71.35 -24.49
C ASN Z 38 52.74 -72.35 -25.15
N GLY Z 39 52.80 -73.56 -24.60
CA GLY Z 39 53.76 -74.56 -25.06
C GLY Z 39 55.15 -74.39 -24.50
N ALA Z 40 55.38 -73.40 -23.65
CA ALA Z 40 56.68 -73.15 -23.04
C ALA Z 40 56.62 -73.40 -21.54
N PRO Z 41 57.73 -73.85 -20.94
CA PRO Z 41 57.70 -74.20 -19.51
C PRO Z 41 57.35 -73.02 -18.62
N ILE Z 42 56.68 -73.34 -17.52
CA ILE Z 42 56.33 -72.33 -16.52
C ILE Z 42 57.59 -71.72 -15.90
N GLU Z 43 58.68 -72.49 -15.84
CA GLU Z 43 59.92 -71.99 -15.28
C GLU Z 43 60.58 -70.93 -16.15
N LEU Z 44 60.10 -70.72 -17.37
CA LEU Z 44 60.66 -69.73 -18.30
C LEU Z 44 59.72 -68.55 -18.50
N ILE Z 45 59.06 -68.17 -17.41
CA ILE Z 45 58.15 -67.03 -17.45
C ILE Z 45 58.97 -65.75 -17.53
N ARG Z 46 58.66 -64.92 -18.51
CA ARG Z 46 59.40 -63.68 -18.67
C ARG Z 46 58.49 -62.48 -18.49
N PRO Z 47 58.91 -61.50 -17.72
CA PRO Z 47 60.09 -61.35 -16.96
C PRO Z 47 60.25 -62.27 -15.74
N GLU Z 48 61.46 -62.76 -15.51
CA GLU Z 48 61.70 -63.74 -14.45
C GLU Z 48 61.43 -63.16 -13.07
N MET Z 49 61.56 -61.85 -12.93
CA MET Z 49 61.40 -61.19 -11.63
C MET Z 49 59.93 -61.08 -11.21
N LEU Z 50 59.00 -61.01 -12.15
CA LEU Z 50 57.59 -61.24 -11.84
C LEU Z 50 57.22 -62.71 -11.88
N ARG Z 51 58.20 -63.59 -12.07
CA ARG Z 51 57.93 -65.02 -12.19
C ARG Z 51 57.27 -65.56 -10.94
N LEU Z 52 57.71 -65.11 -9.77
CA LEU Z 52 57.11 -65.58 -8.51
C LEU Z 52 55.64 -65.23 -8.42
N LYS Z 53 55.17 -64.24 -9.19
CA LYS Z 53 53.74 -63.94 -9.20
C LYS Z 53 52.94 -65.09 -9.78
N ALA Z 54 53.53 -65.85 -10.71
CA ALA Z 54 52.82 -66.96 -11.34
C ALA Z 54 53.14 -68.30 -10.70
N PHE Z 55 54.07 -68.37 -9.75
CA PHE Z 55 54.25 -69.57 -8.94
C PHE Z 55 53.52 -69.49 -7.61
N GLU Z 56 52.64 -68.51 -7.41
CA GLU Z 56 51.91 -68.45 -6.15
C GLU Z 56 51.11 -69.72 -5.88
N PRO Z 57 50.27 -70.22 -6.79
CA PRO Z 57 49.53 -71.45 -6.46
C PRO Z 57 50.41 -72.66 -6.22
N ILE Z 58 51.52 -72.79 -6.96
CA ILE Z 58 52.43 -73.91 -6.73
C ILE Z 58 53.18 -73.75 -5.42
N LEU Z 59 53.60 -72.53 -5.10
CA LEU Z 59 54.40 -72.31 -3.90
C LEU Z 59 53.55 -72.24 -2.64
N LEU Z 60 52.23 -72.08 -2.77
CA LEU Z 60 51.34 -72.05 -1.62
C LEU Z 60 50.64 -73.38 -1.41
N ALA Z 61 49.91 -73.87 -2.43
CA ALA Z 61 49.23 -75.15 -2.31
C ALA Z 61 50.24 -76.29 -2.20
N GLY Z 62 51.32 -76.23 -2.97
CA GLY Z 62 52.32 -77.27 -2.95
C GLY Z 62 52.23 -78.17 -4.16
N ARG Z 63 53.39 -78.70 -4.58
CA ARG Z 63 53.44 -79.58 -5.74
C ARG Z 63 52.79 -80.92 -5.49
N SER Z 64 52.64 -81.33 -4.23
CA SER Z 64 51.96 -82.59 -3.93
C SER Z 64 50.51 -82.57 -4.39
N ARG Z 65 49.90 -81.39 -4.42
CA ARG Z 65 48.52 -81.28 -4.88
C ARG Z 65 48.40 -81.55 -6.37
N PHE Z 66 49.41 -81.16 -7.16
CA PHE Z 66 49.37 -81.25 -8.62
C PHE Z 66 50.45 -82.17 -9.16
N LYS Z 67 50.89 -83.14 -8.36
CA LYS Z 67 51.98 -84.01 -8.75
C LYS Z 67 51.57 -85.08 -9.75
N ASP Z 68 50.27 -85.23 -10.01
CA ASP Z 68 49.79 -86.31 -10.86
C ASP Z 68 48.95 -85.84 -12.04
N ILE Z 69 48.74 -84.54 -12.20
CA ILE Z 69 47.97 -84.00 -13.31
C ILE Z 69 48.74 -82.82 -13.90
N ASP Z 70 48.89 -82.82 -15.22
CA ASP Z 70 49.65 -81.76 -15.87
C ASP Z 70 48.79 -80.52 -16.10
N MET Z 71 49.44 -79.46 -16.58
CA MET Z 71 48.76 -78.20 -16.88
C MET Z 71 49.35 -77.62 -18.16
N ARG Z 72 48.48 -77.21 -19.08
CA ARG Z 72 48.90 -76.59 -20.33
C ARG Z 72 48.02 -75.37 -20.58
N ILE Z 73 48.63 -74.20 -20.65
CA ILE Z 73 47.91 -72.93 -20.68
C ILE Z 73 48.33 -72.15 -21.92
N ARG Z 74 47.36 -71.50 -22.55
CA ARG Z 74 47.61 -70.58 -23.66
C ARG Z 74 46.98 -69.22 -23.33
N VAL Z 75 47.77 -68.16 -23.44
CA VAL Z 75 47.37 -66.83 -23.01
C VAL Z 75 47.28 -65.92 -24.22
N ARG Z 76 46.21 -65.14 -24.30
CA ARG Z 76 45.96 -64.24 -25.42
C ARG Z 76 45.49 -62.88 -24.91
N GLY Z 77 45.98 -61.82 -25.54
CA GLY Z 77 45.46 -60.48 -25.30
C GLY Z 77 46.11 -59.79 -24.11
N GLY Z 78 45.71 -58.53 -23.93
CA GLY Z 78 46.18 -57.74 -22.81
C GLY Z 78 47.65 -57.37 -22.93
N GLY Z 79 48.20 -56.94 -21.79
CA GLY Z 79 49.62 -56.65 -21.67
C GLY Z 79 50.36 -57.78 -20.97
N LYS Z 80 51.64 -57.51 -20.70
CA LYS Z 80 52.48 -58.52 -20.06
C LYS Z 80 52.02 -58.78 -18.63
N THR Z 81 51.83 -57.73 -17.84
CA THR Z 81 51.35 -57.89 -16.47
C THR Z 81 49.94 -58.46 -16.45
N SER Z 82 49.09 -58.01 -17.38
CA SER Z 82 47.74 -58.54 -17.45
C SER Z 82 47.75 -60.03 -17.76
N GLN Z 83 48.63 -60.46 -18.67
CA GLN Z 83 48.76 -61.88 -18.97
C GLN Z 83 49.27 -62.65 -17.76
N ILE Z 84 50.22 -62.07 -17.01
CA ILE Z 84 50.73 -62.74 -15.82
C ILE Z 84 49.62 -62.94 -14.80
N TYR Z 85 48.79 -61.91 -14.58
CA TYR Z 85 47.67 -62.06 -13.66
C TYR Z 85 46.64 -63.04 -14.20
N SER Z 86 46.43 -63.06 -15.53
CA SER Z 86 45.50 -63.99 -16.13
C SER Z 86 45.90 -65.43 -15.87
N ILE Z 87 47.17 -65.76 -16.10
CA ILE Z 87 47.63 -67.12 -15.79
C ILE Z 87 47.59 -67.36 -14.28
N ARG Z 88 47.92 -66.33 -13.49
CA ARG Z 88 47.91 -66.47 -12.04
C ARG Z 88 46.54 -66.93 -11.53
N GLN Z 89 45.47 -66.36 -12.07
CA GLN Z 89 44.13 -66.80 -11.67
C GLN Z 89 43.65 -68.04 -12.44
N ALA Z 90 44.14 -68.26 -13.65
CA ALA Z 90 43.72 -69.42 -14.44
C ALA Z 90 44.21 -70.71 -13.81
N ILE Z 91 45.47 -70.74 -13.35
CA ILE Z 91 45.98 -71.95 -12.71
C ILE Z 91 45.19 -72.25 -11.45
N ALA Z 92 44.83 -71.21 -10.68
CA ALA Z 92 44.03 -71.40 -9.49
C ALA Z 92 42.67 -72.00 -9.83
N LYS Z 93 41.99 -71.44 -10.83
CA LYS Z 93 40.69 -71.97 -11.22
C LYS Z 93 40.80 -73.43 -11.67
N SER Z 94 41.84 -73.74 -12.44
CA SER Z 94 42.01 -75.11 -12.92
C SER Z 94 42.29 -76.06 -11.77
N LEU Z 95 43.04 -75.64 -10.76
CA LEU Z 95 43.30 -76.56 -9.64
C LEU Z 95 42.07 -76.72 -8.75
N VAL Z 96 41.20 -75.71 -8.65
CA VAL Z 96 39.92 -75.95 -7.99
C VAL Z 96 39.09 -76.95 -8.77
N ALA Z 97 39.03 -76.79 -10.10
CA ALA Z 97 38.31 -77.74 -10.94
C ALA Z 97 38.94 -79.12 -10.93
N TYR Z 98 40.22 -79.22 -10.56
CA TYR Z 98 40.89 -80.51 -10.43
C TYR Z 98 40.09 -81.45 -9.53
N TYR Z 99 39.75 -80.98 -8.34
CA TYR Z 99 39.03 -81.79 -7.36
C TYR Z 99 37.53 -81.61 -7.42
N GLN Z 100 37.04 -80.42 -7.81
CA GLN Z 100 35.60 -80.19 -7.84
C GLN Z 100 34.88 -81.17 -8.74
N LYS Z 101 35.50 -81.59 -9.84
CA LYS Z 101 34.85 -82.47 -10.80
C LYS Z 101 35.41 -83.87 -10.84
N TYR Z 102 36.60 -84.12 -10.29
CA TYR Z 102 37.27 -85.39 -10.49
C TYR Z 102 37.74 -86.10 -9.22
N VAL Z 103 37.78 -85.44 -8.06
CA VAL Z 103 38.34 -86.11 -6.89
C VAL Z 103 37.34 -86.19 -5.75
N ASP Z 104 36.96 -85.05 -5.18
CA ASP Z 104 36.11 -85.02 -4.00
C ASP Z 104 35.69 -83.58 -3.73
N GLU Z 105 35.01 -83.36 -2.61
CA GLU Z 105 34.53 -82.04 -2.20
C GLU Z 105 35.43 -81.40 -1.15
N ALA Z 106 35.86 -82.17 -0.15
CA ALA Z 106 36.60 -81.59 0.97
C ALA Z 106 37.92 -80.99 0.53
N ALA Z 107 38.67 -81.69 -0.32
CA ALA Z 107 39.97 -81.18 -0.77
C ALA Z 107 39.80 -79.91 -1.57
N LYS Z 108 38.85 -79.90 -2.51
CA LYS Z 108 38.58 -78.70 -3.30
C LYS Z 108 38.15 -77.54 -2.40
N LYS Z 109 37.28 -77.82 -1.43
CA LYS Z 109 36.82 -76.78 -0.52
C LYS Z 109 37.98 -76.19 0.26
N GLU Z 110 38.85 -77.04 0.80
CA GLU Z 110 39.94 -76.53 1.63
C GLU Z 110 40.96 -75.77 0.80
N VAL Z 111 41.27 -76.21 -0.43
CA VAL Z 111 42.23 -75.46 -1.22
C VAL Z 111 41.63 -74.12 -1.63
N LYS Z 112 40.33 -74.10 -1.94
CA LYS Z 112 39.69 -72.83 -2.26
C LYS Z 112 39.73 -71.87 -1.07
N GLU Z 113 39.46 -72.38 0.13
CA GLU Z 113 39.50 -71.52 1.31
C GLU Z 113 40.91 -71.01 1.58
N ILE Z 114 41.92 -71.86 1.41
CA ILE Z 114 43.29 -71.43 1.64
C ILE Z 114 43.69 -70.36 0.63
N PHE Z 115 43.35 -70.57 -0.65
CA PHE Z 115 43.65 -69.57 -1.66
C PHE Z 115 42.94 -68.25 -1.37
N ALA Z 116 41.67 -68.33 -0.96
CA ALA Z 116 40.93 -67.11 -0.64
C ALA Z 116 41.54 -66.38 0.54
N ARG Z 117 41.95 -67.10 1.59
CA ARG Z 117 42.57 -66.48 2.73
C ARG Z 117 43.95 -65.92 2.40
N TYR Z 118 44.60 -66.43 1.36
CA TYR Z 118 45.84 -65.78 0.93
C TYR Z 118 45.57 -64.48 0.20
N ASP Z 119 44.71 -64.52 -0.81
CA ASP Z 119 44.36 -63.34 -1.59
C ASP Z 119 43.02 -63.58 -2.27
N ARG Z 120 42.18 -62.54 -2.30
CA ARG Z 120 40.85 -62.66 -2.90
C ARG Z 120 40.91 -62.80 -4.42
N THR Z 121 41.91 -62.17 -5.06
CA THR Z 121 41.97 -62.15 -6.51
C THR Z 121 42.19 -63.54 -7.10
N LEU Z 122 42.83 -64.43 -6.34
CA LEU Z 122 43.13 -65.77 -6.85
C LEU Z 122 41.87 -66.51 -7.29
N LEU Z 123 40.73 -66.25 -6.67
CA LEU Z 123 39.46 -66.87 -7.04
C LEU Z 123 38.41 -65.91 -7.57
N VAL Z 124 38.60 -64.60 -7.44
CA VAL Z 124 37.65 -63.61 -7.90
C VAL Z 124 38.33 -62.73 -8.93
N ALA Z 125 37.71 -62.59 -10.10
CA ALA Z 125 38.28 -61.79 -11.17
C ALA Z 125 38.03 -60.31 -10.91
N ASP Z 126 39.10 -59.54 -10.83
CA ASP Z 126 38.98 -58.10 -10.61
C ASP Z 126 38.29 -57.45 -11.80
N PRO Z 127 37.26 -56.63 -11.59
CA PRO Z 127 36.47 -56.10 -12.70
C PRO Z 127 36.92 -54.76 -13.24
N ARG Z 128 38.04 -54.20 -12.77
CA ARG Z 128 38.48 -52.89 -13.20
C ARG Z 128 38.80 -52.89 -14.69
N ARG Z 129 38.07 -52.09 -15.45
CA ARG Z 129 38.31 -51.94 -16.88
C ARG Z 129 38.55 -50.47 -17.20
N CYS Z 130 39.15 -50.23 -18.36
CA CYS Z 130 39.43 -48.86 -18.79
C CYS Z 130 38.15 -48.21 -19.29
N GLU Z 131 37.77 -47.07 -18.68
CA GLU Z 131 36.53 -46.44 -19.09
C GLU Z 131 36.78 -45.57 -20.33
N PRO Z 132 35.74 -45.31 -21.11
CA PRO Z 132 35.94 -44.50 -22.34
C PRO Z 132 36.41 -43.10 -22.02
N LYS Z 133 37.18 -42.53 -22.95
CA LYS Z 133 37.66 -41.17 -22.80
C LYS Z 133 36.60 -40.18 -23.22
N LYS Z 134 36.43 -39.12 -22.42
CA LYS Z 134 35.46 -38.08 -22.71
C LYS Z 134 36.06 -37.04 -23.65
N PHE Z 135 35.20 -36.49 -24.51
CA PHE Z 135 35.62 -35.41 -25.38
C PHE Z 135 35.95 -34.17 -24.56
N GLY Z 136 36.54 -33.18 -25.23
CA GLY Z 136 36.87 -31.94 -24.57
C GLY Z 136 38.04 -32.01 -23.60
N GLY Z 137 38.83 -33.08 -23.64
CA GLY Z 137 39.96 -33.21 -22.76
C GLY Z 137 40.99 -34.15 -23.37
N ARG Z 138 42.18 -34.13 -22.74
CA ARG Z 138 43.27 -34.98 -23.22
C ARG Z 138 43.09 -36.42 -22.74
N GLY Z 139 43.08 -36.63 -21.43
CA GLY Z 139 42.90 -37.94 -20.87
C GLY Z 139 41.44 -38.34 -20.81
N ALA Z 140 41.21 -39.52 -20.24
CA ALA Z 140 39.85 -40.00 -20.06
C ALA Z 140 39.08 -39.11 -19.09
N ARG Z 141 39.74 -38.68 -18.01
CA ARG Z 141 39.10 -37.82 -17.01
C ARG Z 141 39.69 -36.43 -16.91
N ALA Z 142 40.86 -36.18 -17.48
CA ALA Z 142 41.51 -34.88 -17.40
C ALA Z 142 41.11 -34.02 -18.59
N ARG Z 143 41.15 -32.71 -18.40
CA ARG Z 143 40.78 -31.74 -19.41
C ARG Z 143 41.97 -30.85 -19.73
N PHE Z 144 41.77 -29.89 -20.61
CA PHE Z 144 42.84 -29.05 -21.11
C PHE Z 144 43.20 -27.97 -20.09
N GLN Z 145 44.17 -27.13 -20.47
CA GLN Z 145 44.61 -26.02 -19.63
C GLN Z 145 43.74 -24.81 -19.92
N LYS Z 146 43.11 -24.28 -18.88
CA LYS Z 146 42.14 -23.18 -19.03
C LYS Z 146 42.88 -21.86 -18.87
N SER Z 147 42.96 -21.10 -19.96
CA SER Z 147 43.55 -19.76 -19.96
C SER Z 147 42.44 -18.75 -20.20
N TYR Z 148 42.10 -17.99 -19.15
CA TYR Z 148 41.00 -17.04 -19.26
C TYR Z 148 41.31 -15.91 -20.24
N ARG Z 149 42.52 -15.36 -20.17
CA ARG Z 149 42.90 -14.26 -21.05
C ARG Z 149 44.28 -14.49 -21.66
N GLY AA 22 91.91 -36.77 -26.13
CA GLY AA 22 92.86 -37.09 -25.10
C GLY AA 22 92.47 -38.29 -24.25
N LYS AA 23 91.32 -38.16 -23.57
CA LYS AA 23 90.82 -39.22 -22.71
C LYS AA 23 89.58 -39.91 -23.26
N GLN AA 24 88.85 -39.27 -24.17
CA GLN AA 24 87.65 -39.87 -24.74
C GLN AA 24 88.01 -41.03 -25.66
N LYS AA 25 87.11 -42.00 -25.74
CA LYS AA 25 87.30 -43.13 -26.64
C LYS AA 25 87.32 -42.65 -28.09
N ILE AA 26 88.14 -43.32 -28.91
CA ILE AA 26 88.26 -42.97 -30.32
C ILE AA 26 86.91 -43.09 -31.04
N MET AA 27 85.98 -43.86 -30.47
CA MET AA 27 84.62 -43.90 -31.00
C MET AA 27 84.03 -42.50 -31.09
N PHE AA 28 84.36 -41.64 -30.13
CA PHE AA 28 83.85 -40.27 -30.14
C PHE AA 28 84.94 -39.24 -29.85
N ALA AA 29 86.21 -39.65 -29.81
CA ALA AA 29 87.29 -38.68 -29.69
C ALA AA 29 87.44 -37.84 -30.95
N LEU AA 30 87.22 -38.45 -32.12
CA LEU AA 30 87.31 -37.73 -33.38
C LEU AA 30 86.02 -37.00 -33.74
N THR AA 31 85.02 -37.01 -32.85
CA THR AA 31 83.85 -36.17 -33.04
C THR AA 31 84.23 -34.70 -32.95
N SER AA 32 85.25 -34.37 -32.16
CA SER AA 32 85.62 -32.98 -31.93
C SER AA 32 86.09 -32.30 -33.21
N ILE AA 33 86.91 -32.99 -34.01
CA ILE AA 33 87.41 -32.38 -35.24
C ILE AA 33 86.27 -32.20 -36.23
N LYS AA 34 86.21 -31.03 -36.85
CA LYS AA 34 85.10 -30.69 -37.74
C LYS AA 34 85.09 -31.60 -38.97
N GLY AA 35 83.90 -31.84 -39.50
CA GLY AA 35 83.72 -32.70 -40.64
C GLY AA 35 83.56 -34.17 -40.30
N VAL AA 36 83.70 -34.55 -39.04
CA VAL AA 36 83.59 -35.95 -38.61
C VAL AA 36 82.71 -36.01 -37.37
N GLY AA 37 81.69 -36.86 -37.42
CA GLY AA 37 80.83 -37.07 -36.27
C GLY AA 37 80.86 -38.51 -35.79
N ARG AA 38 79.75 -38.98 -35.23
CA ARG AA 38 79.70 -40.36 -34.75
C ARG AA 38 79.82 -41.35 -35.91
N ARG AA 39 79.16 -41.07 -37.03
CA ARG AA 39 79.10 -42.04 -38.12
C ARG AA 39 80.47 -42.21 -38.79
N PHE AA 40 81.13 -41.10 -39.14
CA PHE AA 40 82.45 -41.23 -39.74
C PHE AA 40 83.48 -41.74 -38.74
N SER AA 41 83.35 -41.38 -37.47
CA SER AA 41 84.25 -41.97 -36.48
C SER AA 41 84.10 -43.48 -36.46
N ASN AA 42 82.86 -43.98 -36.51
CA ASN AA 42 82.64 -45.42 -36.60
C ASN AA 42 83.21 -46.01 -37.87
N ILE AA 43 83.04 -45.31 -38.99
CA ILE AA 43 83.53 -45.83 -40.26
C ILE AA 43 85.05 -45.87 -40.32
N VAL AA 44 85.74 -45.09 -39.49
CA VAL AA 44 87.20 -45.12 -39.51
C VAL AA 44 87.80 -46.01 -38.42
N CYS AA 45 87.16 -46.10 -37.25
CA CYS AA 45 87.78 -46.89 -36.19
C CYS AA 45 87.69 -48.39 -36.45
N LYS AA 46 86.83 -48.82 -37.36
CA LYS AA 46 86.63 -50.23 -37.64
C LYS AA 46 87.14 -50.67 -39.00
N LYS AA 47 87.46 -49.73 -39.89
CA LYS AA 47 87.97 -50.10 -41.21
C LYS AA 47 89.48 -50.25 -41.23
N ALA AA 48 90.18 -49.80 -40.19
CA ALA AA 48 91.62 -49.98 -40.08
C ALA AA 48 91.97 -51.16 -39.17
N ASP AA 49 90.98 -51.96 -38.77
CA ASP AA 49 91.18 -53.09 -37.87
C ASP AA 49 91.83 -52.62 -36.56
N ILE AA 50 91.28 -51.56 -35.99
CA ILE AA 50 91.80 -50.93 -34.78
C ILE AA 50 90.95 -51.38 -33.60
N ASP AA 51 91.61 -51.58 -32.46
CA ASP AA 51 90.90 -51.95 -31.24
C ASP AA 51 89.90 -50.86 -30.86
N MET AA 52 88.76 -51.30 -30.32
CA MET AA 52 87.65 -50.39 -30.04
C MET AA 52 87.38 -50.17 -28.56
N ASN AA 53 87.81 -51.08 -27.68
CA ASN AA 53 87.51 -50.99 -26.26
C ASN AA 53 88.65 -50.36 -25.46
N LYS AA 54 89.34 -49.40 -26.05
CA LYS AA 54 90.42 -48.68 -25.37
C LYS AA 54 90.31 -47.19 -25.66
N ARG AA 55 90.87 -46.39 -24.76
CA ARG AA 55 90.76 -44.94 -24.86
C ARG AA 55 91.81 -44.38 -25.82
N ALA AA 56 91.67 -43.09 -26.13
CA ALA AA 56 92.58 -42.46 -27.07
C ALA AA 56 93.95 -42.20 -26.46
N GLY AA 57 94.02 -42.01 -25.14
CA GLY AA 57 95.30 -41.80 -24.49
C GLY AA 57 96.24 -42.97 -24.65
N GLU AA 58 95.69 -44.18 -24.76
CA GLU AA 58 96.52 -45.35 -25.01
C GLU AA 58 97.05 -45.36 -26.44
N LEU AA 59 96.27 -44.84 -27.39
CA LEU AA 59 96.66 -44.88 -28.79
C LEU AA 59 97.99 -44.19 -29.01
N SER AA 60 98.87 -44.84 -29.77
CA SER AA 60 100.21 -44.35 -30.05
C SER AA 60 100.39 -44.10 -31.54
N ALA AA 61 101.63 -43.78 -31.92
CA ALA AA 61 101.91 -43.30 -33.27
C ALA AA 61 101.76 -44.37 -34.34
N GLU AA 62 101.98 -45.65 -34.01
CA GLU AA 62 101.95 -46.67 -35.04
C GLU AA 62 100.55 -46.88 -35.62
N GLU AA 63 99.51 -46.40 -34.95
CA GLU AA 63 98.16 -46.47 -35.47
C GLU AA 63 97.57 -45.10 -35.79
N MET AA 64 98.19 -44.02 -35.33
CA MET AA 64 97.73 -42.68 -35.70
C MET AA 64 97.87 -42.46 -37.21
N ASP AA 65 98.99 -42.90 -37.78
CA ASP AA 65 99.18 -42.78 -39.23
C ASP AA 65 98.13 -43.57 -39.98
N ARG AA 66 97.81 -44.78 -39.50
CA ARG AA 66 96.76 -45.58 -40.11
C ARG AA 66 95.41 -44.87 -40.02
N LEU AA 67 95.11 -44.27 -38.87
CA LEU AA 67 93.85 -43.56 -38.71
C LEU AA 67 93.75 -42.39 -39.67
N MET AA 68 94.82 -41.59 -39.80
CA MET AA 68 94.79 -40.47 -40.72
C MET AA 68 94.72 -40.93 -42.17
N ALA AA 69 95.37 -42.05 -42.49
CA ALA AA 69 95.27 -42.61 -43.83
C ALA AA 69 93.84 -43.02 -44.16
N VAL AA 70 93.17 -43.65 -43.20
CA VAL AA 70 91.77 -44.05 -43.41
C VAL AA 70 90.89 -42.82 -43.55
N VAL AA 71 91.09 -41.81 -42.70
CA VAL AA 71 90.23 -40.63 -42.71
C VAL AA 71 90.41 -39.84 -44.01
N HIS AA 72 91.66 -39.60 -44.40
CA HIS AA 72 91.94 -38.73 -45.53
C HIS AA 72 91.66 -39.38 -46.89
N ASN AA 73 91.52 -40.70 -46.95
CA ASN AA 73 91.30 -41.41 -48.21
C ASN AA 73 90.04 -42.27 -48.09
N PRO AA 74 88.86 -41.66 -48.08
CA PRO AA 74 87.63 -42.43 -47.90
C PRO AA 74 87.31 -43.32 -49.08
N ARG AA 75 87.26 -42.74 -50.29
CA ARG AA 75 86.83 -43.51 -51.46
C ARG AA 75 87.79 -44.65 -51.77
N GLN AA 76 89.09 -44.40 -51.67
CA GLN AA 76 90.08 -45.45 -51.85
C GLN AA 76 90.02 -46.51 -50.76
N PHE AA 77 89.37 -46.22 -49.64
CA PHE AA 77 89.19 -47.19 -48.55
C PHE AA 77 87.82 -47.86 -48.59
N LYS AA 78 87.15 -47.82 -49.73
CA LYS AA 78 85.86 -48.49 -49.93
C LYS AA 78 84.75 -47.86 -49.08
N VAL AA 79 84.84 -46.56 -48.83
CA VAL AA 79 83.72 -45.87 -48.18
C VAL AA 79 82.51 -45.93 -49.10
N PRO AA 80 81.34 -46.32 -48.61
CA PRO AA 80 80.14 -46.26 -49.45
C PRO AA 80 79.90 -44.84 -49.94
N ASP AA 81 79.57 -44.72 -51.22
CA ASP AA 81 79.72 -43.43 -51.90
C ASP AA 81 78.76 -42.39 -51.33
N TRP AA 82 77.59 -42.83 -50.89
CA TRP AA 82 76.62 -41.93 -50.26
C TRP AA 82 77.07 -41.45 -48.88
N PHE AA 83 77.98 -42.17 -48.23
CA PHE AA 83 78.38 -41.79 -46.87
C PHE AA 83 79.10 -40.45 -46.84
N LEU AA 84 79.86 -40.12 -47.88
CA LEU AA 84 80.55 -38.85 -47.95
C LEU AA 84 79.56 -37.71 -47.79
N ASN AA 85 79.94 -36.67 -47.05
CA ASN AA 85 78.98 -35.60 -46.74
C ASN AA 85 78.91 -34.58 -47.87
N ARG AA 86 80.05 -34.16 -48.39
CA ARG AA 86 80.13 -33.15 -49.45
C ARG AA 86 80.02 -33.89 -50.78
N LYS AA 87 78.78 -34.09 -51.24
CA LYS AA 87 78.49 -34.98 -52.36
C LYS AA 87 78.30 -34.16 -53.63
N LYS AA 88 79.08 -34.52 -54.66
CA LYS AA 88 78.89 -34.03 -56.03
C LYS AA 88 78.78 -32.50 -56.07
N ASP AA 89 79.88 -31.85 -55.71
CA ASP AA 89 79.94 -30.40 -55.67
C ASP AA 89 79.56 -29.79 -57.02
N TYR AA 90 79.21 -28.52 -56.99
CA TYR AA 90 78.81 -27.79 -58.19
C TYR AA 90 80.00 -27.52 -59.09
N GLY AA 93 82.65 -31.19 -58.82
CA GLY AA 93 81.83 -32.23 -59.41
C GLY AA 93 82.24 -33.64 -59.00
N ARG AA 94 82.91 -33.75 -57.86
CA ARG AA 94 83.40 -35.04 -57.39
C ARG AA 94 82.89 -35.31 -55.98
N PHE AA 95 82.46 -36.55 -55.77
CA PHE AA 95 82.07 -37.03 -54.45
C PHE AA 95 83.24 -36.87 -53.49
N SER AA 96 82.99 -36.25 -52.34
CA SER AA 96 84.09 -35.92 -51.43
C SER AA 96 83.59 -35.85 -49.99
N GLN AA 97 84.54 -35.86 -49.06
CA GLN AA 97 84.25 -35.73 -47.64
C GLN AA 97 84.42 -34.29 -47.17
N ARG AA 113 79.42 -17.82 -51.55
CA ARG AA 113 79.10 -18.10 -52.94
C ARG AA 113 77.59 -17.95 -53.18
N LEU AA 114 76.80 -18.33 -52.17
CA LEU AA 114 75.35 -18.15 -52.25
C LEU AA 114 74.98 -16.68 -52.15
N LYS AA 115 75.71 -15.93 -51.32
CA LYS AA 115 75.44 -14.50 -51.16
C LYS AA 115 75.72 -13.73 -52.44
N LYS AA 116 76.79 -14.08 -53.15
CA LYS AA 116 77.19 -13.31 -54.32
C LYS AA 116 76.25 -13.52 -55.49
N ILE AA 117 75.76 -14.76 -55.67
CA ILE AA 117 74.89 -15.08 -56.81
C ILE AA 117 73.47 -14.58 -56.61
N ARG AA 118 73.18 -13.91 -55.50
CA ARG AA 118 71.86 -13.37 -55.20
C ARG AA 118 70.83 -14.51 -55.15
N ASN AA 119 71.02 -15.39 -54.18
CA ASN AA 119 70.14 -16.53 -53.95
C ASN AA 119 69.28 -16.28 -52.72
N HIS AA 120 68.02 -16.72 -52.79
CA HIS AA 120 67.15 -16.62 -51.63
C HIS AA 120 67.67 -17.46 -50.46
N ARG AA 121 68.41 -18.52 -50.77
CA ARG AA 121 68.98 -19.36 -49.71
C ARG AA 121 70.13 -18.65 -49.01
N GLY AA 122 71.03 -18.05 -49.77
CA GLY AA 122 72.13 -17.30 -49.16
C GLY AA 122 71.65 -16.05 -48.46
N LEU AA 123 70.74 -15.29 -49.07
CA LEU AA 123 70.26 -14.06 -48.46
C LEU AA 123 69.49 -14.35 -47.18
N ARG AA 124 68.64 -15.37 -47.19
CA ARG AA 124 67.84 -15.72 -46.02
C ARG AA 124 68.50 -16.85 -45.23
N ARG AA 130 64.00 -17.03 -42.67
CA ARG AA 130 64.42 -18.43 -42.74
C ARG AA 130 64.16 -18.99 -44.14
N VAL AA 131 65.17 -19.66 -44.70
CA VAL AA 131 65.06 -20.22 -46.04
C VAL AA 131 64.04 -21.37 -46.06
N ARG AA 132 63.88 -22.07 -44.93
CA ARG AA 132 63.01 -23.23 -44.92
C ARG AA 132 61.54 -22.87 -45.07
N GLY AA 133 61.19 -21.60 -44.99
CA GLY AA 133 59.81 -21.17 -45.16
C GLY AA 133 58.98 -21.46 -43.92
N GLN AA 134 59.34 -20.81 -42.82
CA GLN AA 134 58.75 -21.09 -41.52
C GLN AA 134 57.82 -19.96 -41.09
N HIS AA 135 56.83 -20.32 -40.28
CA HIS AA 135 55.85 -19.39 -39.74
C HIS AA 135 56.55 -18.57 -38.65
N THR AA 136 57.31 -17.56 -39.10
CA THR AA 136 58.14 -16.75 -38.22
C THR AA 136 57.37 -15.60 -37.59
N LYS AA 137 56.04 -15.69 -37.50
CA LYS AA 137 55.27 -14.65 -36.83
C LYS AA 137 55.61 -14.59 -35.34
N THR AA 138 55.81 -15.76 -34.71
CA THR AA 138 56.06 -15.82 -33.28
C THR AA 138 57.55 -15.92 -32.95
N THR AA 139 58.29 -16.73 -33.69
CA THR AA 139 59.70 -16.97 -33.38
C THR AA 139 60.55 -15.78 -33.84
N GLY AA 140 61.86 -15.90 -33.66
CA GLY AA 140 62.78 -14.84 -33.99
C GLY AA 140 63.03 -13.83 -32.90
N ARG AA 141 62.74 -14.18 -31.65
CA ARG AA 141 62.83 -13.25 -30.53
C ARG AA 141 64.19 -13.30 -29.82
N ARG AA 142 65.25 -13.65 -30.55
CA ARG AA 142 66.58 -13.70 -29.99
C ARG AA 142 67.30 -12.37 -30.05
N GLY AA 143 66.66 -11.33 -30.59
CA GLY AA 143 67.27 -10.02 -30.68
C GLY AA 143 66.27 -8.93 -31.04
N THR BA 15 65.17 -86.01 -20.78
CA THR BA 15 65.63 -86.89 -21.86
C THR BA 15 65.97 -86.07 -23.10
N ALA BA 16 65.41 -84.87 -23.19
CA ALA BA 16 65.64 -84.00 -24.34
C ALA BA 16 65.19 -82.58 -23.99
N ARG BA 17 66.01 -81.59 -24.33
CA ARG BA 17 65.66 -80.19 -24.20
C ARG BA 17 65.44 -79.61 -25.58
N THR BA 18 64.31 -78.94 -25.77
CA THR BA 18 63.84 -78.45 -27.05
C THR BA 18 63.77 -76.92 -26.99
N VAL BA 19 63.68 -76.29 -28.17
CA VAL BA 19 63.67 -74.83 -28.27
C VAL BA 19 62.76 -74.20 -27.22
N LYS BA 20 61.61 -74.82 -26.95
CA LYS BA 20 60.75 -74.33 -25.89
C LYS BA 20 61.41 -74.41 -24.53
N ASP BA 21 62.18 -75.48 -24.28
CA ASP BA 21 62.70 -75.77 -22.94
C ASP BA 21 63.89 -74.91 -22.55
N VAL BA 22 64.49 -74.19 -23.48
CA VAL BA 22 65.67 -73.37 -23.22
C VAL BA 22 65.38 -71.92 -23.62
N ASN BA 23 65.79 -70.99 -22.77
CA ASN BA 23 65.36 -69.60 -22.91
C ASN BA 23 65.92 -68.98 -24.18
N PRO BA 24 65.20 -68.03 -24.79
CA PRO BA 24 65.66 -67.44 -26.06
C PRO BA 24 67.01 -66.76 -26.00
N HIS BA 25 67.37 -66.11 -24.88
CA HIS BA 25 68.61 -65.35 -24.85
C HIS BA 25 69.83 -66.25 -24.99
N GLU BA 26 69.99 -67.19 -24.07
CA GLU BA 26 71.09 -68.13 -24.16
C GLU BA 26 71.02 -69.01 -25.40
N PHE BA 27 69.81 -69.34 -25.87
CA PHE BA 27 69.70 -70.06 -27.14
C PHE BA 27 70.28 -69.27 -28.30
N VAL BA 28 69.89 -68.00 -28.45
CA VAL BA 28 70.35 -67.26 -29.61
C VAL BA 28 71.84 -67.00 -29.52
N LYS BA 29 72.37 -66.78 -28.30
CA LYS BA 29 73.82 -66.61 -28.20
C LYS BA 29 74.57 -67.90 -28.53
N ALA BA 30 74.08 -69.05 -28.04
CA ALA BA 30 74.73 -70.32 -28.34
C ALA BA 30 74.63 -70.65 -29.83
N TYR BA 31 73.49 -70.35 -30.45
CA TYR BA 31 73.31 -70.65 -31.86
C TYR BA 31 74.11 -69.68 -32.74
N SER BA 32 74.30 -68.45 -32.27
CA SER BA 32 75.21 -67.54 -32.95
C SER BA 32 76.64 -68.07 -32.90
N ALA BA 33 77.04 -68.63 -31.76
CA ALA BA 33 78.34 -69.29 -31.69
C ALA BA 33 78.38 -70.50 -32.63
N HIS BA 34 77.27 -71.24 -32.73
CA HIS BA 34 77.17 -72.36 -33.66
C HIS BA 34 77.41 -71.91 -35.08
N LEU BA 35 76.77 -70.82 -35.51
CA LEU BA 35 77.04 -70.27 -36.82
C LEU BA 35 78.45 -69.74 -36.94
N LYS BA 36 79.02 -69.23 -35.85
CA LYS BA 36 80.39 -68.75 -35.87
C LYS BA 36 81.37 -69.85 -36.23
N ARG BA 37 81.30 -70.99 -35.55
CA ARG BA 37 82.26 -72.03 -35.88
C ARG BA 37 81.76 -72.96 -36.98
N SER BA 38 80.53 -72.75 -37.48
CA SER BA 38 80.08 -73.50 -38.65
C SER BA 38 80.94 -73.18 -39.87
N GLY BA 39 81.15 -71.89 -40.15
CA GLY BA 39 82.04 -71.48 -41.21
C GLY BA 39 81.58 -71.81 -42.61
N LYS BA 40 80.27 -71.94 -42.84
CA LYS BA 40 79.76 -72.27 -44.17
C LYS BA 40 79.09 -71.11 -44.88
N MET BA 41 78.30 -70.30 -44.17
CA MET BA 41 77.55 -69.23 -44.81
C MET BA 41 78.42 -68.01 -45.04
N GLU BA 42 78.12 -67.27 -46.11
CA GLU BA 42 78.93 -66.15 -46.59
C GLU BA 42 78.57 -64.85 -45.85
N LEU BA 43 79.40 -63.83 -46.07
CA LEU BA 43 79.17 -62.53 -45.49
C LEU BA 43 79.18 -61.45 -46.58
N PRO BA 44 78.43 -60.37 -46.41
CA PRO BA 44 78.45 -59.29 -47.39
C PRO BA 44 79.65 -58.38 -47.15
N GLU BA 45 79.80 -57.41 -48.04
CA GLU BA 45 80.89 -56.44 -47.98
C GLU BA 45 80.56 -55.22 -47.13
N TRP BA 46 79.38 -55.19 -46.51
CA TRP BA 46 78.87 -54.01 -45.83
C TRP BA 46 78.49 -54.29 -44.38
N VAL BA 47 79.20 -55.22 -43.74
CA VAL BA 47 78.77 -55.73 -42.44
C VAL BA 47 78.73 -54.61 -41.40
N ASP BA 48 79.80 -53.81 -41.33
CA ASP BA 48 79.89 -52.80 -40.29
C ASP BA 48 79.15 -51.53 -40.68
N ILE BA 49 79.21 -51.14 -41.94
CA ILE BA 49 78.81 -49.79 -42.33
C ILE BA 49 77.30 -49.61 -42.22
N VAL BA 50 76.51 -50.56 -42.72
CA VAL BA 50 75.08 -50.36 -42.87
C VAL BA 50 74.40 -50.43 -41.52
N LYS BA 51 73.44 -49.54 -41.29
CA LYS BA 51 72.60 -49.58 -40.11
C LYS BA 51 71.43 -50.52 -40.36
N THR BA 52 71.09 -51.32 -39.34
CA THR BA 52 70.02 -52.29 -39.49
C THR BA 52 68.66 -51.63 -39.66
N ALA BA 53 68.55 -50.34 -39.32
CA ALA BA 53 67.30 -49.61 -39.51
C ALA BA 53 67.62 -48.13 -39.68
N ARG BA 54 66.81 -47.45 -40.49
CA ARG BA 54 67.05 -46.03 -40.74
C ARG BA 54 66.81 -45.20 -39.49
N PHE BA 55 65.86 -45.59 -38.64
CA PHE BA 55 65.65 -44.84 -37.40
C PHE BA 55 66.86 -44.98 -36.48
N LYS BA 56 67.63 -46.04 -36.61
CA LYS BA 56 68.84 -46.22 -35.82
C LYS BA 56 69.89 -45.20 -36.26
N GLU BA 57 70.68 -44.72 -35.30
CA GLU BA 57 71.74 -43.76 -35.57
C GLU BA 57 73.09 -44.45 -35.68
N LEU BA 58 73.48 -45.19 -34.66
CA LEU BA 58 74.76 -45.88 -34.65
C LEU BA 58 74.59 -47.31 -35.13
N PRO BA 59 75.32 -47.73 -36.16
CA PRO BA 59 75.26 -49.14 -36.60
C PRO BA 59 75.65 -50.07 -35.47
N PRO BA 60 75.26 -51.34 -35.53
CA PRO BA 60 75.46 -52.25 -34.38
C PRO BA 60 76.93 -52.34 -33.99
N SER BA 61 77.22 -51.93 -32.75
CA SER BA 61 78.60 -51.86 -32.30
C SER BA 61 79.27 -53.22 -32.21
N ASP BA 62 78.49 -54.29 -32.18
CA ASP BA 62 79.07 -55.63 -32.15
C ASP BA 62 79.59 -56.00 -33.53
N ALA BA 63 80.87 -56.36 -33.61
CA ALA BA 63 81.49 -56.65 -34.90
C ALA BA 63 80.87 -57.86 -35.58
N ASP BA 64 80.37 -58.83 -34.80
CA ASP BA 64 79.72 -60.02 -35.33
C ASP BA 64 78.21 -59.94 -35.19
N TRP BA 65 77.64 -58.75 -35.41
CA TRP BA 65 76.19 -58.57 -35.27
C TRP BA 65 75.44 -59.42 -36.28
N TYR BA 66 76.07 -59.71 -37.42
CA TYR BA 66 75.38 -60.42 -38.49
C TYR BA 66 75.02 -61.84 -38.07
N TYR BA 67 75.91 -62.50 -37.32
CA TYR BA 67 75.65 -63.88 -36.93
C TYR BA 67 74.59 -63.94 -35.84
N ILE BA 68 74.60 -62.96 -34.92
CA ILE BA 68 73.54 -62.88 -33.93
C ILE BA 68 72.20 -62.68 -34.62
N ARG BA 69 72.16 -61.80 -35.62
CA ARG BA 69 70.94 -61.58 -36.38
C ARG BA 69 70.50 -62.85 -37.09
N ALA BA 70 71.42 -63.56 -37.72
CA ALA BA 70 71.07 -64.80 -38.40
C ALA BA 70 70.53 -65.85 -37.45
N ALA BA 71 71.09 -65.94 -36.24
CA ALA BA 71 70.53 -66.84 -35.23
C ALA BA 71 69.13 -66.40 -34.82
N SER BA 72 68.88 -65.10 -34.76
CA SER BA 72 67.54 -64.61 -34.48
C SER BA 72 66.55 -65.08 -35.55
N MET BA 73 66.93 -64.96 -36.83
CA MET BA 73 66.12 -65.56 -37.89
C MET BA 73 65.95 -67.06 -37.71
N ALA BA 74 67.03 -67.78 -37.39
CA ALA BA 74 66.94 -69.22 -37.26
C ALA BA 74 65.92 -69.63 -36.21
N ARG BA 75 65.86 -68.90 -35.09
CA ARG BA 75 64.84 -69.17 -34.10
C ARG BA 75 63.45 -68.70 -34.55
N LYS BA 76 63.37 -67.55 -35.21
CA LYS BA 76 62.07 -67.00 -35.59
C LYS BA 76 61.35 -67.90 -36.57
N ILE BA 77 62.05 -68.42 -37.57
CA ILE BA 77 61.39 -69.30 -38.54
C ILE BA 77 60.97 -70.60 -37.87
N TYR BA 78 61.70 -71.05 -36.86
CA TYR BA 78 61.26 -72.21 -36.08
C TYR BA 78 59.95 -71.90 -35.34
N LEU BA 79 59.88 -70.73 -34.69
CA LEU BA 79 58.69 -70.40 -33.92
C LEU BA 79 57.47 -70.23 -34.82
N ARG BA 80 57.58 -69.40 -35.86
CA ARG BA 80 56.48 -69.15 -36.77
C ARG BA 80 56.98 -69.23 -38.20
N GLN BA 81 56.09 -69.67 -39.10
CA GLN BA 81 56.40 -69.81 -40.51
C GLN BA 81 55.44 -68.98 -41.34
N GLY BA 82 55.79 -68.79 -42.60
CA GLY BA 82 54.95 -68.05 -43.53
C GLY BA 82 55.17 -66.55 -43.53
N ILE BA 83 56.24 -66.06 -42.92
CA ILE BA 83 56.49 -64.62 -42.86
C ILE BA 83 57.43 -64.22 -43.98
N GLY BA 84 57.09 -63.13 -44.67
CA GLY BA 84 57.88 -62.64 -45.78
C GLY BA 84 58.91 -61.61 -45.35
N ILE BA 85 59.50 -60.96 -46.37
CA ILE BA 85 60.51 -59.94 -46.11
C ILE BA 85 59.91 -58.78 -45.33
N GLY BA 86 58.69 -58.38 -45.70
CA GLY BA 86 58.03 -57.30 -44.98
C GLY BA 86 57.77 -57.62 -43.53
N GLY BA 87 57.43 -58.87 -43.23
CA GLY BA 87 57.20 -59.25 -41.84
C GLY BA 87 58.45 -59.11 -40.98
N PHE BA 88 59.58 -59.61 -41.49
CA PHE BA 88 60.82 -59.46 -40.75
C PHE BA 88 61.25 -58.00 -40.68
N GLN BA 89 60.99 -57.23 -41.74
CA GLN BA 89 61.25 -55.79 -41.68
C GLN BA 89 60.41 -55.13 -40.59
N LYS BA 90 59.20 -55.64 -40.36
CA LYS BA 90 58.34 -55.07 -39.34
C LYS BA 90 58.80 -55.45 -37.94
N ILE BA 91 59.16 -56.73 -37.72
CA ILE BA 91 59.43 -57.18 -36.36
C ILE BA 91 60.71 -56.55 -35.82
N TYR BA 92 61.61 -56.16 -36.73
CA TYR BA 92 62.87 -55.52 -36.33
C TYR BA 92 62.78 -54.00 -36.36
N GLY BA 93 61.58 -53.45 -36.31
CA GLY BA 93 61.39 -52.01 -36.22
C GLY BA 93 61.55 -51.51 -34.80
N GLY BA 94 61.13 -50.26 -34.59
CA GLY BA 94 61.22 -49.67 -33.28
C GLY BA 94 60.90 -48.20 -33.21
N ARG BA 95 61.45 -47.53 -32.20
CA ARG BA 95 61.16 -46.13 -31.92
C ARG BA 95 61.98 -45.24 -32.84
N GLN BA 96 61.30 -44.32 -33.53
CA GLN BA 96 61.94 -43.28 -34.31
C GLN BA 96 61.60 -41.94 -33.66
N ARG BA 97 62.59 -41.32 -33.03
CA ARG BA 97 62.43 -39.98 -32.47
C ARG BA 97 62.83 -38.97 -33.53
N ASN BA 98 61.88 -38.13 -33.95
CA ASN BA 98 62.11 -37.15 -35.01
C ASN BA 98 62.60 -35.82 -34.46
N GLY BA 99 63.27 -35.82 -33.31
CA GLY BA 99 63.75 -34.59 -32.72
C GLY BA 99 62.71 -33.99 -31.80
N SER BA 100 62.42 -32.70 -31.98
CA SER BA 100 61.37 -32.05 -31.22
C SER BA 100 59.98 -32.57 -31.58
N ARG BA 101 59.85 -33.33 -32.67
CA ARG BA 101 58.59 -33.94 -33.04
C ARG BA 101 58.35 -35.20 -32.22
N PRO BA 102 57.10 -35.61 -32.03
CA PRO BA 102 56.82 -36.78 -31.22
C PRO BA 102 57.39 -38.03 -31.85
N PRO BA 103 57.80 -39.01 -31.05
CA PRO BA 103 58.33 -40.26 -31.60
C PRO BA 103 57.22 -41.07 -32.25
N HIS BA 104 57.64 -42.02 -33.09
CA HIS BA 104 56.70 -42.86 -33.81
C HIS BA 104 57.35 -44.23 -34.05
N PHE BA 105 56.70 -45.03 -34.88
CA PHE BA 105 57.16 -46.37 -35.23
C PHE BA 105 57.92 -46.33 -36.55
N CYS BA 106 58.93 -47.17 -36.67
CA CYS BA 106 59.68 -47.31 -37.92
C CYS BA 106 60.07 -48.76 -38.14
N LYS BA 107 60.35 -49.09 -39.39
CA LYS BA 107 60.72 -50.43 -39.79
C LYS BA 107 62.23 -50.61 -39.70
N SER BA 108 62.74 -51.70 -40.26
CA SER BA 108 64.17 -51.99 -40.30
C SER BA 108 64.63 -52.08 -41.76
N SER BA 109 65.89 -52.49 -41.95
CA SER BA 109 66.43 -52.63 -43.29
C SER BA 109 65.82 -53.85 -43.99
N GLY BA 110 65.64 -53.74 -45.30
CA GLY BA 110 65.02 -54.79 -46.07
C GLY BA 110 65.99 -55.60 -46.89
N ALA BA 111 66.96 -54.93 -47.53
CA ALA BA 111 67.91 -55.63 -48.38
C ALA BA 111 68.78 -56.58 -47.56
N VAL BA 112 69.19 -56.16 -46.36
CA VAL BA 112 70.00 -57.05 -45.52
C VAL BA 112 69.18 -58.25 -45.08
N SER BA 113 67.90 -58.06 -44.75
CA SER BA 113 67.06 -59.18 -44.36
C SER BA 113 66.82 -60.11 -45.54
N ARG BA 114 66.56 -59.55 -46.73
CA ARG BA 114 66.41 -60.36 -47.93
C ARG BA 114 67.67 -61.17 -48.19
N ASN BA 115 68.83 -60.54 -48.03
CA ASN BA 115 70.10 -61.21 -48.28
C ASN BA 115 70.31 -62.36 -47.29
N ILE BA 116 70.11 -62.12 -45.99
CA ILE BA 116 70.36 -63.17 -45.01
C ILE BA 116 69.36 -64.31 -45.19
N LEU BA 117 68.11 -63.99 -45.53
CA LEU BA 117 67.17 -65.06 -45.84
C LEU BA 117 67.62 -65.88 -47.04
N GLN BA 118 68.16 -65.21 -48.07
CA GLN BA 118 68.68 -65.93 -49.23
C GLN BA 118 69.81 -66.87 -48.84
N GLU BA 119 70.73 -66.40 -47.98
CA GLU BA 119 71.79 -67.29 -47.51
C GLU BA 119 71.21 -68.47 -46.74
N LEU BA 120 70.23 -68.23 -45.87
CA LEU BA 120 69.62 -69.33 -45.13
C LEU BA 120 68.95 -70.33 -46.07
N GLN BA 121 68.40 -69.86 -47.19
CA GLN BA 121 67.97 -70.81 -48.23
C GLN BA 121 69.15 -71.58 -48.80
N LYS BA 122 70.28 -70.89 -49.02
CA LYS BA 122 71.46 -71.57 -49.54
C LYS BA 122 72.01 -72.59 -48.56
N MET BA 123 71.77 -72.43 -47.26
CA MET BA 123 72.13 -73.44 -46.29
C MET BA 123 71.09 -74.56 -46.20
N GLY BA 124 69.96 -74.42 -46.87
CA GLY BA 124 68.89 -75.40 -46.78
C GLY BA 124 68.11 -75.36 -45.49
N ILE BA 125 68.30 -74.34 -44.66
CA ILE BA 125 67.59 -74.27 -43.39
C ILE BA 125 66.12 -73.92 -43.61
N ILE BA 126 65.81 -73.24 -44.72
CA ILE BA 126 64.44 -72.82 -45.03
C ILE BA 126 64.17 -73.03 -46.51
N ASP BA 127 62.92 -72.75 -46.89
CA ASP BA 127 62.49 -72.89 -48.27
C ASP BA 127 61.32 -71.95 -48.53
N VAL BA 128 61.06 -71.69 -49.81
CA VAL BA 128 59.91 -70.90 -50.21
C VAL BA 128 58.64 -71.73 -50.08
N ASP BA 129 57.50 -71.05 -49.95
CA ASP BA 129 56.24 -71.73 -49.75
C ASP BA 129 55.18 -71.21 -50.71
N PRO BA 130 54.20 -72.06 -51.06
CA PRO BA 130 53.02 -71.55 -51.77
C PRO BA 130 52.14 -70.64 -50.93
N LYS BA 131 52.29 -70.66 -49.61
CA LYS BA 131 51.49 -69.84 -48.71
C LYS BA 131 52.04 -68.43 -48.55
N GLY BA 132 53.21 -68.14 -49.11
CA GLY BA 132 53.81 -66.83 -48.97
C GLY BA 132 54.75 -66.76 -47.77
N GLY BA 133 56.01 -66.40 -48.02
CA GLY BA 133 56.99 -66.32 -46.96
C GLY BA 133 58.01 -67.43 -47.03
N ARG BA 134 58.41 -67.97 -45.88
CA ARG BA 134 59.36 -69.07 -45.82
C ARG BA 134 58.89 -70.10 -44.81
N LEU BA 135 59.37 -71.33 -44.98
CA LEU BA 135 59.16 -72.40 -44.02
C LEU BA 135 60.50 -73.02 -43.64
N ILE BA 136 60.58 -73.51 -42.42
CA ILE BA 136 61.78 -74.18 -41.94
C ILE BA 136 61.85 -75.58 -42.53
N THR BA 137 63.03 -75.97 -42.98
CA THR BA 137 63.24 -77.33 -43.48
C THR BA 137 63.56 -78.28 -42.33
N SER BA 138 63.36 -79.57 -42.58
CA SER BA 138 63.49 -80.57 -41.52
C SER BA 138 64.91 -80.61 -40.97
N GLN BA 139 65.92 -80.50 -41.85
CA GLN BA 139 67.30 -80.56 -41.40
C GLN BA 139 67.66 -79.40 -40.48
N GLY BA 140 67.19 -78.18 -40.81
CA GLY BA 140 67.52 -77.03 -40.00
C GLY BA 140 66.91 -77.11 -38.60
N ARG BA 141 65.63 -77.48 -38.54
CA ARG BA 141 65.00 -77.64 -37.23
C ARG BA 141 65.55 -78.84 -36.48
N ARG BA 142 66.05 -79.85 -37.20
CA ARG BA 142 66.79 -80.94 -36.55
C ARG BA 142 68.06 -80.42 -35.89
N ASP BA 143 68.79 -79.56 -36.59
CA ASP BA 143 69.98 -78.96 -36.02
C ASP BA 143 69.64 -78.12 -34.79
N LEU BA 144 68.57 -77.33 -34.88
CA LEU BA 144 68.13 -76.55 -33.72
C LEU BA 144 67.74 -77.47 -32.56
N ASP BA 145 67.06 -78.58 -32.86
CA ASP BA 145 66.67 -79.51 -31.82
C ASP BA 145 67.88 -80.11 -31.11
N GLN BA 146 68.90 -80.53 -31.86
CA GLN BA 146 70.01 -81.19 -31.18
C GLN BA 146 70.87 -80.17 -30.43
N VAL BA 147 70.98 -78.95 -30.97
CA VAL BA 147 71.73 -77.92 -30.26
C VAL BA 147 70.99 -77.50 -28.99
N ALA BA 148 69.65 -77.52 -29.01
CA ALA BA 148 68.89 -77.32 -27.78
C ALA BA 148 69.16 -78.46 -26.80
N GLY BA 149 69.23 -79.69 -27.31
CA GLY BA 149 69.59 -80.83 -26.47
C GLY BA 149 70.98 -80.76 -25.88
N THR BA 150 71.90 -80.03 -26.52
CA THR BA 150 73.25 -79.87 -26.01
C THR BA 150 73.38 -78.77 -24.98
N VAL BA 151 72.31 -78.03 -24.68
CA VAL BA 151 72.36 -76.96 -23.69
C VAL BA 151 72.51 -77.56 -22.29
N GLN CA 15 21.77 -81.10 -52.60
CA GLN CA 15 22.71 -80.80 -53.67
C GLN CA 15 22.78 -79.29 -53.91
N HIS CA 16 23.98 -78.81 -54.26
CA HIS CA 16 24.20 -77.40 -54.58
C HIS CA 16 23.82 -76.50 -53.40
N ARG CA 17 24.61 -76.64 -52.33
CA ARG CA 17 24.42 -75.84 -51.12
C ARG CA 17 24.25 -74.37 -51.45
N ILE CA 18 23.39 -73.69 -50.70
CA ILE CA 18 23.02 -72.31 -50.96
C ILE CA 18 23.22 -71.51 -49.67
N ARG CA 19 23.87 -70.36 -49.79
CA ARG CA 19 24.08 -69.47 -48.66
C ARG CA 19 23.22 -68.22 -48.82
N ILE CA 20 22.47 -67.89 -47.76
CA ILE CA 20 21.67 -66.68 -47.72
C ILE CA 20 22.22 -65.76 -46.64
N THR CA 21 22.34 -64.48 -46.97
CA THR CA 21 22.86 -63.47 -46.06
C THR CA 21 21.76 -62.46 -45.77
N LEU CA 22 21.60 -62.13 -44.49
CA LEU CA 22 20.55 -61.27 -43.99
C LEU CA 22 21.22 -60.05 -43.36
N SER CA 23 21.10 -58.90 -44.02
CA SER CA 23 21.76 -57.67 -43.57
C SER CA 23 20.71 -56.67 -43.12
N SER CA 24 20.93 -56.04 -41.97
CA SER CA 24 19.96 -55.06 -41.49
C SER CA 24 20.62 -54.14 -40.48
N LYS CA 25 19.82 -53.22 -39.94
CA LYS CA 25 20.22 -52.36 -38.84
C LYS CA 25 19.41 -52.57 -37.57
N SER CA 26 18.28 -53.26 -37.66
CA SER CA 26 17.40 -53.51 -36.53
C SER CA 26 17.51 -54.97 -36.09
N VAL CA 27 17.70 -55.18 -34.79
CA VAL CA 27 17.89 -56.53 -34.27
C VAL CA 27 16.59 -57.33 -34.34
N LYS CA 28 15.46 -56.70 -33.98
CA LYS CA 28 14.21 -57.43 -33.88
C LYS CA 28 13.76 -57.97 -35.24
N ASN CA 29 13.79 -57.13 -36.28
CA ASN CA 29 13.39 -57.58 -37.60
C ASN CA 29 14.27 -58.72 -38.10
N LEU CA 30 15.59 -58.57 -37.95
CA LEU CA 30 16.50 -59.61 -38.41
C LEU CA 30 16.27 -60.91 -37.65
N GLU CA 31 16.09 -60.83 -36.33
CA GLU CA 31 15.90 -62.04 -35.55
C GLU CA 31 14.60 -62.74 -35.92
N LYS CA 32 13.50 -61.99 -36.05
CA LYS CA 32 12.23 -62.61 -36.37
C LYS CA 32 12.27 -63.23 -37.77
N VAL CA 33 12.83 -62.52 -38.74
CA VAL CA 33 12.87 -63.07 -40.09
C VAL CA 33 13.83 -64.26 -40.18
N CYS CA 34 14.91 -64.25 -39.39
CA CYS CA 34 15.83 -65.37 -39.39
C CYS CA 34 15.17 -66.61 -38.80
N SER CA 35 14.47 -66.45 -37.68
CA SER CA 35 13.73 -67.57 -37.11
C SER CA 35 12.68 -68.08 -38.07
N ASP CA 36 11.96 -67.17 -38.73
CA ASP CA 36 10.94 -67.54 -39.70
C ASP CA 36 11.55 -68.35 -40.84
N LEU CA 37 12.65 -67.86 -41.43
CA LEU CA 37 13.26 -68.55 -42.56
C LEU CA 37 13.82 -69.91 -42.14
N VAL CA 38 14.44 -69.99 -40.97
CA VAL CA 38 15.00 -71.26 -40.52
C VAL CA 38 13.89 -72.27 -40.28
N ARG CA 39 12.78 -71.84 -39.65
CA ARG CA 39 11.67 -72.76 -39.44
C ARG CA 39 11.03 -73.18 -40.76
N GLY CA 40 10.94 -72.26 -41.71
CA GLY CA 40 10.44 -72.63 -43.03
C GLY CA 40 11.31 -73.65 -43.72
N ALA CA 41 12.63 -73.52 -43.58
CA ALA CA 41 13.54 -74.52 -44.10
C ALA CA 41 13.35 -75.85 -43.39
N LYS CA 42 13.14 -75.81 -42.07
CA LYS CA 42 12.87 -77.03 -41.31
C LYS CA 42 11.55 -77.68 -41.72
N ASP CA 43 10.62 -76.91 -42.28
CA ASP CA 43 9.37 -77.49 -42.75
C ASP CA 43 9.61 -78.55 -43.81
N LYS CA 44 10.52 -78.27 -44.74
CA LYS CA 44 10.85 -79.21 -45.82
C LYS CA 44 11.80 -80.31 -45.37
N LEU CA 45 12.00 -80.48 -44.06
CA LEU CA 45 12.90 -81.49 -43.51
C LEU CA 45 14.30 -81.36 -44.10
N LEU CA 46 14.92 -80.21 -43.83
CA LEU CA 46 16.20 -79.86 -44.44
C LEU CA 46 17.19 -79.46 -43.35
N ARG CA 47 18.39 -80.03 -43.43
CA ARG CA 47 19.44 -79.65 -42.48
C ARG CA 47 19.87 -78.21 -42.71
N VAL CA 48 19.96 -77.45 -41.62
CA VAL CA 48 20.38 -76.06 -41.66
C VAL CA 48 21.48 -75.87 -40.63
N LYS CA 49 22.65 -75.41 -41.07
CA LYS CA 49 23.76 -75.12 -40.18
C LYS CA 49 23.69 -73.64 -39.82
N GLY CA 50 23.20 -73.36 -38.62
CA GLY CA 50 23.05 -72.00 -38.16
C GLY CA 50 21.91 -71.85 -37.17
N PRO CA 51 21.40 -70.62 -37.01
CA PRO CA 51 21.81 -69.39 -37.70
C PRO CA 51 23.15 -68.87 -37.22
N VAL CA 52 23.95 -68.23 -38.07
CA VAL CA 52 25.25 -67.72 -37.66
C VAL CA 52 25.14 -66.20 -37.53
N ARG CA 53 25.41 -65.70 -36.33
CA ARG CA 53 25.27 -64.28 -36.01
C ARG CA 53 26.58 -63.58 -36.34
N MET CA 54 26.62 -62.96 -37.51
CA MET CA 54 27.85 -62.32 -37.96
C MET CA 54 28.20 -61.16 -37.04
N PRO CA 55 29.49 -60.96 -36.71
CA PRO CA 55 29.84 -59.85 -35.81
C PRO CA 55 29.31 -58.52 -36.32
N THR CA 56 28.61 -57.80 -35.43
CA THR CA 56 28.02 -56.52 -35.79
C THR CA 56 29.10 -55.49 -36.06
N LYS CA 57 28.90 -54.68 -37.09
CA LYS CA 57 29.87 -53.67 -37.49
C LYS CA 57 29.33 -52.28 -37.19
N VAL CA 58 30.15 -51.45 -36.54
CA VAL CA 58 29.73 -50.17 -36.02
C VAL CA 58 30.38 -49.05 -36.82
N LEU CA 59 29.58 -48.09 -37.28
CA LEU CA 59 30.07 -46.90 -37.95
C LEU CA 59 29.96 -45.74 -36.97
N ASN CA 60 31.09 -45.14 -36.61
CA ASN CA 60 31.14 -44.05 -35.66
C ASN CA 60 31.60 -42.78 -36.36
N ILE CA 61 30.90 -41.68 -36.12
CA ILE CA 61 31.22 -40.38 -36.71
C ILE CA 61 31.09 -39.33 -35.62
N THR CA 62 32.02 -38.38 -35.58
CA THR CA 62 31.97 -37.28 -34.63
C THR CA 62 31.96 -35.96 -35.39
N THR CA 63 31.13 -35.03 -34.95
CA THR CA 63 31.03 -33.75 -35.65
C THR CA 63 30.71 -32.64 -34.67
N ARG CA 64 31.13 -31.44 -35.02
CA ARG CA 64 30.94 -30.25 -34.19
C ARG CA 64 29.54 -29.70 -34.41
N LYS CA 65 28.80 -29.48 -33.33
CA LYS CA 65 27.44 -28.96 -33.45
C LYS CA 65 27.43 -27.53 -33.98
N SER CA 66 28.35 -26.70 -33.51
CA SER CA 66 28.31 -25.28 -33.82
C SER CA 66 28.55 -25.04 -35.30
N PRO CA 67 27.64 -24.40 -36.03
CA PRO CA 67 27.92 -24.08 -37.43
C PRO CA 67 29.12 -23.17 -37.61
N CYS CA 68 29.34 -22.25 -36.67
CA CYS CA 68 30.54 -21.44 -36.61
C CYS CA 68 31.28 -21.79 -35.33
N GLY CA 69 32.61 -21.83 -35.41
CA GLY CA 69 33.43 -22.34 -34.33
C GLY CA 69 33.34 -21.61 -33.00
N GLU CA 70 32.51 -20.57 -32.94
CA GLU CA 70 32.35 -19.82 -31.70
C GLU CA 70 31.69 -20.69 -30.64
N GLY CA 71 32.06 -20.46 -29.39
CA GLY CA 71 31.57 -21.24 -28.28
C GLY CA 71 32.49 -22.40 -27.94
N THR CA 72 32.30 -22.96 -26.75
CA THR CA 72 33.08 -24.10 -26.34
C THR CA 72 32.84 -25.27 -27.29
N ASN CA 73 33.90 -26.00 -27.61
CA ASN CA 73 33.83 -27.05 -28.60
C ASN CA 73 33.08 -28.25 -28.04
N THR CA 74 31.88 -28.49 -28.55
CA THR CA 74 31.07 -29.65 -28.17
C THR CA 74 30.85 -30.49 -29.42
N TRP CA 75 31.19 -31.78 -29.33
CA TRP CA 75 31.11 -32.70 -30.45
C TRP CA 75 30.04 -33.74 -30.16
N ASP CA 76 29.14 -33.93 -31.11
CA ASP CA 76 28.22 -35.04 -31.04
C ASP CA 76 28.80 -36.25 -31.75
N ARG CA 77 28.40 -37.44 -31.31
CA ARG CA 77 28.98 -38.71 -31.76
C ARG CA 77 27.86 -39.59 -32.30
N PHE CA 78 27.56 -39.45 -33.58
CA PHE CA 78 26.61 -40.36 -34.22
C PHE CA 78 27.22 -41.75 -34.33
N GLU CA 79 26.39 -42.76 -34.14
CA GLU CA 79 26.85 -44.14 -34.15
C GLU CA 79 25.76 -45.03 -34.71
N MET CA 80 26.11 -45.78 -35.76
CA MET CA 80 25.18 -46.70 -36.40
C MET CA 80 25.68 -48.12 -36.22
N ARG CA 81 24.74 -49.05 -36.08
CA ARG CA 81 25.04 -50.47 -35.95
C ARG CA 81 24.53 -51.19 -37.19
N VAL CA 82 25.31 -52.15 -37.68
CA VAL CA 82 24.92 -53.00 -38.78
C VAL CA 82 24.98 -54.44 -38.28
N HIS CA 83 23.83 -55.10 -38.29
CA HIS CA 83 23.70 -56.49 -37.88
C HIS CA 83 23.57 -57.39 -39.10
N LYS CA 84 24.08 -58.60 -38.97
CA LYS CA 84 24.09 -59.55 -40.08
C LYS CA 84 23.92 -60.96 -39.55
N ARG CA 85 23.19 -61.77 -40.31
CA ARG CA 85 23.10 -63.20 -40.06
C ARG CA 85 23.39 -63.94 -41.36
N VAL CA 86 23.88 -65.16 -41.24
CA VAL CA 86 24.14 -66.00 -42.41
C VAL CA 86 23.59 -67.40 -42.16
N ILE CA 87 22.99 -67.96 -43.20
CA ILE CA 87 22.36 -69.29 -43.18
C ILE CA 87 22.91 -70.10 -44.35
N ASP CA 88 23.30 -71.33 -44.09
CA ASP CA 88 23.71 -72.27 -45.12
C ASP CA 88 22.70 -73.41 -45.17
N LEU CA 89 22.16 -73.69 -46.35
CA LEU CA 89 21.17 -74.74 -46.54
C LEU CA 89 21.67 -75.70 -47.61
N VAL CA 90 21.74 -76.98 -47.26
CA VAL CA 90 22.22 -78.01 -48.21
C VAL CA 90 20.97 -78.50 -48.95
N SER CA 91 20.62 -77.78 -50.01
CA SER CA 91 19.42 -78.09 -50.77
C SER CA 91 19.53 -77.46 -52.15
N SER CA 92 18.66 -77.92 -53.04
CA SER CA 92 18.58 -77.32 -54.37
C SER CA 92 18.16 -75.85 -54.25
N PRO CA 93 18.69 -74.97 -55.10
CA PRO CA 93 18.36 -73.54 -54.97
C PRO CA 93 16.88 -73.24 -55.14
N ASP CA 94 16.15 -74.06 -55.90
CA ASP CA 94 14.74 -73.77 -56.17
C ASP CA 94 13.91 -73.76 -54.88
N VAL CA 95 14.14 -74.74 -54.01
CA VAL CA 95 13.40 -74.75 -52.75
C VAL CA 95 13.82 -73.59 -51.86
N VAL CA 96 15.07 -73.12 -51.96
CA VAL CA 96 15.49 -71.95 -51.22
C VAL CA 96 14.73 -70.72 -51.69
N LYS CA 97 14.60 -70.56 -53.02
CA LYS CA 97 13.81 -69.46 -53.55
C LYS CA 97 12.35 -69.58 -53.13
N GLN CA 98 11.81 -70.80 -53.10
CA GLN CA 98 10.43 -70.99 -52.65
C GLN CA 98 10.26 -70.56 -51.20
N ILE CA 99 11.22 -70.91 -50.34
CA ILE CA 99 11.13 -70.55 -48.93
C ILE CA 99 11.25 -69.04 -48.75
N THR CA 100 12.21 -68.41 -49.43
CA THR CA 100 12.40 -66.97 -49.27
C THR CA 100 11.37 -66.15 -50.04
N SER CA 101 10.53 -66.79 -50.86
CA SER CA 101 9.54 -66.06 -51.64
C SER CA 101 8.45 -65.43 -50.78
N ILE CA 102 8.35 -65.80 -49.51
CA ILE CA 102 7.32 -65.27 -48.62
C ILE CA 102 7.64 -63.83 -48.25
N THR CA 103 6.69 -63.15 -47.62
CA THR CA 103 6.77 -61.73 -47.37
C THR CA 103 7.96 -61.38 -46.47
N ILE CA 104 8.26 -60.09 -46.41
CA ILE CA 104 9.40 -59.56 -45.68
C ILE CA 104 8.95 -58.34 -44.88
N GLU CA 105 9.77 -57.94 -43.92
CA GLU CA 105 9.57 -56.74 -43.14
C GLU CA 105 10.59 -55.68 -43.51
N PRO CA 106 10.29 -54.40 -43.29
CA PRO CA 106 11.22 -53.34 -43.69
C PRO CA 106 12.54 -53.41 -42.92
N GLY CA 107 13.60 -52.95 -43.58
CA GLY CA 107 14.91 -52.84 -42.97
C GLY CA 107 15.82 -54.03 -43.15
N VAL CA 108 15.37 -55.10 -43.79
CA VAL CA 108 16.15 -56.33 -43.92
C VAL CA 108 16.39 -56.59 -45.41
N GLU CA 109 17.65 -56.86 -45.76
CA GLU CA 109 18.06 -57.15 -47.12
C GLU CA 109 18.51 -58.59 -47.22
N VAL CA 110 18.05 -59.27 -48.27
CA VAL CA 110 18.27 -60.70 -48.49
C VAL CA 110 19.19 -60.87 -49.69
N GLU CA 111 20.26 -61.62 -49.52
CA GLU CA 111 21.15 -61.96 -50.63
C GLU CA 111 21.34 -63.47 -50.69
N VAL CA 112 21.38 -64.01 -51.90
CA VAL CA 112 21.50 -65.45 -52.12
C VAL CA 112 22.72 -65.71 -52.99
N THR CA 113 23.48 -66.75 -52.63
CA THR CA 113 24.68 -67.12 -53.37
C THR CA 113 24.83 -68.64 -53.37
N ILE CA 114 25.57 -69.14 -54.35
CA ILE CA 114 25.85 -70.57 -54.46
C ILE CA 114 26.99 -70.92 -53.53
N SER CA 115 26.76 -71.88 -52.63
CA SER CA 115 27.76 -72.27 -51.66
C SER CA 115 27.91 -73.80 -51.61
N VAL DA 5 55.94 -37.99 25.69
CA VAL DA 5 55.94 -39.40 25.31
C VAL DA 5 54.91 -40.13 26.16
N LYS DA 6 53.67 -39.66 26.12
CA LYS DA 6 52.56 -40.24 26.88
C LYS DA 6 51.56 -40.79 25.87
N LEU DA 7 51.68 -42.06 25.53
CA LEU DA 7 50.85 -42.66 24.49
C LEU DA 7 49.39 -42.62 24.90
N ALA DA 8 48.53 -42.23 23.95
CA ALA DA 8 47.11 -42.07 24.21
C ALA DA 8 46.30 -42.80 23.16
N VAL DA 9 45.15 -43.33 23.58
CA VAL DA 9 44.24 -44.04 22.69
C VAL DA 9 43.06 -43.14 22.39
N VAL DA 10 42.74 -43.00 21.11
CA VAL DA 10 41.60 -42.18 20.69
C VAL DA 10 40.32 -42.82 21.21
N VAL DA 11 39.50 -42.02 21.90
CA VAL DA 11 38.31 -42.56 22.53
C VAL DA 11 37.03 -42.16 21.80
N LYS DA 12 36.97 -40.93 21.28
CA LYS DA 12 35.85 -40.52 20.44
C LYS DA 12 36.32 -39.40 19.52
N VAL DA 13 35.67 -39.31 18.36
CA VAL DA 13 36.00 -38.32 17.34
C VAL DA 13 34.90 -37.26 17.32
N MET DA 14 35.30 -35.99 17.40
CA MET DA 14 34.37 -34.87 17.50
C MET DA 14 34.21 -34.11 16.19
N GLY DA 15 34.31 -34.80 15.06
CA GLY DA 15 34.10 -34.16 13.77
C GLY DA 15 35.27 -33.30 13.33
N ARG DA 16 35.44 -33.17 12.01
CA ARG DA 16 36.53 -32.39 11.47
C ARG DA 16 36.34 -30.91 11.78
N THR DA 17 37.42 -30.25 12.21
CA THR DA 17 37.41 -28.83 12.53
C THR DA 17 38.56 -28.15 11.80
N GLY DA 18 38.67 -26.83 12.00
CA GLY DA 18 39.69 -26.05 11.35
C GLY DA 18 39.13 -25.25 10.18
N SER DA 19 40.02 -24.45 9.58
CA SER DA 19 39.62 -23.63 8.44
C SER DA 19 39.27 -24.49 7.24
N ARG DA 20 40.15 -25.42 6.88
CA ARG DA 20 39.92 -26.35 5.79
C ARG DA 20 39.30 -27.66 6.24
N GLY DA 21 39.04 -27.82 7.54
CA GLY DA 21 38.63 -29.11 8.04
C GLY DA 21 39.71 -30.15 8.06
N GLN DA 22 40.98 -29.73 8.01
CA GLN DA 22 42.09 -30.68 7.97
C GLN DA 22 42.37 -31.29 9.34
N VAL DA 23 42.21 -30.54 10.41
CA VAL DA 23 42.44 -31.05 11.75
C VAL DA 23 41.16 -31.72 12.25
N THR DA 24 41.33 -32.79 13.01
CA THR DA 24 40.22 -33.56 13.55
C THR DA 24 40.39 -33.62 15.06
N GLN DA 25 39.40 -33.11 15.80
CA GLN DA 25 39.50 -33.04 17.24
C GLN DA 25 38.92 -34.31 17.87
N VAL DA 26 39.69 -34.91 18.77
CA VAL DA 26 39.32 -36.19 19.38
C VAL DA 26 39.53 -36.09 20.89
N ARG DA 27 38.94 -37.05 21.60
CA ARG DA 27 39.17 -37.24 23.02
C ARG DA 27 39.96 -38.53 23.24
N VAL DA 28 40.95 -38.47 24.13
CA VAL DA 28 41.88 -39.57 24.34
C VAL DA 28 42.01 -39.84 25.83
N LYS DA 29 42.50 -41.04 26.15
CA LYS DA 29 42.88 -41.40 27.50
C LYS DA 29 44.24 -42.08 27.47
N PHE DA 30 44.99 -41.91 28.55
CA PHE DA 30 46.36 -42.42 28.61
C PHE DA 30 46.37 -43.92 28.84
N LEU DA 31 47.34 -44.60 28.22
CA LEU DA 31 47.51 -46.02 28.48
C LEU DA 31 48.16 -46.26 29.83
N ASP DA 32 48.97 -45.31 30.31
CA ASP DA 32 49.54 -45.43 31.64
C ASP DA 32 48.49 -45.18 32.71
N ASP DA 33 47.61 -44.20 32.49
CA ASP DA 33 46.51 -43.90 33.40
C ASP DA 33 45.23 -43.83 32.57
N GLN DA 34 44.41 -44.87 32.65
CA GLN DA 34 43.21 -44.95 31.82
C GLN DA 34 42.20 -43.86 32.21
N ASN DA 35 42.09 -43.56 33.50
CA ASN DA 35 41.01 -42.73 33.99
C ASN DA 35 41.12 -41.26 33.59
N ARG DA 36 42.25 -40.81 33.07
CA ARG DA 36 42.42 -39.42 32.68
C ARG DA 36 41.97 -39.25 31.24
N LEU DA 37 41.05 -38.31 31.01
CA LEU DA 37 40.50 -38.05 29.68
C LEU DA 37 40.84 -36.64 29.26
N ILE DA 38 41.53 -36.50 28.12
CA ILE DA 38 41.94 -35.21 27.59
C ILE DA 38 41.32 -35.04 26.21
N MET DA 39 41.35 -33.81 25.72
CA MET DA 39 40.93 -33.47 24.36
C MET DA 39 42.13 -32.93 23.59
N ARG DA 40 42.34 -33.43 22.38
CA ARG DA 40 43.42 -32.97 21.53
C ARG DA 40 42.94 -32.91 20.09
N ASN DA 41 43.84 -32.52 19.19
CA ASN DA 41 43.56 -32.50 17.76
C ASN DA 41 44.64 -33.30 17.03
N VAL DA 42 44.27 -33.87 15.90
CA VAL DA 42 45.18 -34.69 15.11
C VAL DA 42 44.96 -34.38 13.64
N LYS DA 43 46.05 -34.24 12.89
CA LYS DA 43 45.95 -34.17 11.44
C LYS DA 43 45.70 -35.58 10.89
N GLY DA 44 45.64 -35.68 9.57
CA GLY DA 44 45.58 -36.97 8.91
C GLY DA 44 44.33 -37.75 9.23
N PRO DA 45 44.33 -39.04 8.86
CA PRO DA 45 43.15 -39.88 9.11
C PRO DA 45 43.22 -40.58 10.47
N VAL DA 46 42.16 -40.46 11.26
CA VAL DA 46 42.10 -41.05 12.58
C VAL DA 46 40.76 -41.76 12.74
N ARG DA 47 40.79 -42.99 13.24
CA ARG DA 47 39.59 -43.74 13.58
C ARG DA 47 39.64 -44.16 15.03
N GLU DA 48 38.48 -44.53 15.58
CA GLU DA 48 38.40 -44.90 16.97
C GLU DA 48 39.10 -46.23 17.23
N GLY DA 49 39.61 -46.39 18.45
CA GLY DA 49 40.37 -47.56 18.82
C GLY DA 49 41.85 -47.48 18.52
N ASP DA 50 42.30 -46.39 17.91
CA ASP DA 50 43.71 -46.23 17.56
C ASP DA 50 44.51 -45.77 18.77
N ILE DA 51 45.83 -45.91 18.68
CA ILE DA 51 46.76 -45.48 19.71
C ILE DA 51 47.64 -44.39 19.12
N LEU DA 52 47.75 -43.27 19.83
CA LEU DA 52 48.44 -42.09 19.35
C LEU DA 52 49.51 -41.65 20.34
N THR DA 53 50.69 -41.33 19.81
CA THR DA 53 51.80 -40.81 20.61
C THR DA 53 51.75 -39.29 20.64
N LEU DA 54 52.49 -38.72 21.59
CA LEU DA 54 52.58 -37.27 21.72
C LEU DA 54 53.90 -36.91 22.40
N LEU DA 55 54.09 -35.62 22.61
CA LEU DA 55 55.26 -35.10 23.32
C LEU DA 55 54.87 -34.38 24.60
N GLU DA 56 53.92 -33.46 24.54
CA GLU DA 56 53.47 -32.71 25.70
C GLU DA 56 52.05 -33.14 26.04
N SER DA 57 51.86 -33.61 27.28
CA SER DA 57 50.59 -34.16 27.73
C SER DA 57 49.76 -33.16 28.53
N GLU DA 58 50.19 -31.90 28.61
CA GLU DA 58 49.51 -30.91 29.44
C GLU DA 58 48.62 -29.98 28.63
N ARG DA 59 48.84 -29.87 27.31
CA ARG DA 59 48.01 -29.02 26.48
C ARG DA 59 46.56 -29.49 26.49
N GLU DA 60 45.64 -28.54 26.60
CA GLU DA 60 44.21 -28.81 26.58
C GLU DA 60 43.64 -28.45 25.22
N ALA DA 61 42.31 -28.52 25.08
CA ALA DA 61 41.64 -28.18 23.83
C ALA DA 61 40.24 -27.66 24.15
N ARG DA 62 39.44 -27.45 23.11
CA ARG DA 62 38.07 -26.99 23.24
C ARG DA 62 37.16 -27.85 22.37
N ARG DA 63 35.87 -27.87 22.73
CA ARG DA 63 34.89 -28.65 21.98
C ARG DA 63 34.53 -27.92 20.69
N LEU DA 64 34.49 -28.67 19.58
CA LEU DA 64 34.18 -28.14 18.26
C LEU DA 64 35.10 -26.97 17.92
N ARG DA 65 36.39 -27.26 17.85
CA ARG DA 65 37.41 -26.25 17.62
C ARG DA 65 37.31 -25.62 16.24
N TRP EA 7 38.97 -21.43 -69.72
CA TRP EA 7 37.86 -21.85 -68.87
C TRP EA 7 38.20 -23.13 -68.11
N ASN EA 8 38.34 -23.00 -66.79
CA ASN EA 8 38.63 -24.13 -65.90
C ASN EA 8 39.90 -24.86 -66.33
N SER EA 9 40.87 -24.10 -66.84
CA SER EA 9 42.10 -24.70 -67.36
C SER EA 9 42.94 -25.30 -66.24
N HIS EA 10 42.83 -24.78 -65.03
CA HIS EA 10 43.59 -25.32 -63.91
C HIS EA 10 43.14 -26.75 -63.63
N PRO EA 11 44.07 -27.69 -63.40
CA PRO EA 11 43.67 -29.08 -63.13
C PRO EA 11 42.86 -29.22 -61.84
N LYS EA 12 41.58 -29.56 -61.97
CA LYS EA 12 40.69 -29.76 -60.83
C LYS EA 12 40.47 -31.23 -60.54
N ASN EA 13 41.51 -32.05 -60.71
CA ASN EA 13 41.39 -33.48 -60.46
C ASN EA 13 41.27 -33.81 -58.98
N TYR EA 14 41.60 -32.87 -58.10
CA TYR EA 14 41.50 -33.08 -56.66
C TYR EA 14 41.24 -31.74 -55.98
N GLY EA 15 41.38 -31.72 -54.66
CA GLY EA 15 41.31 -30.50 -53.90
C GLY EA 15 39.90 -30.04 -53.62
N PRO EA 16 39.79 -28.98 -52.79
CA PRO EA 16 38.46 -28.41 -52.51
C PRO EA 16 37.82 -27.73 -53.71
N GLY EA 17 38.57 -27.46 -54.77
CA GLY EA 17 37.99 -26.89 -55.97
C GLY EA 17 37.18 -27.86 -56.80
N SER EA 18 37.21 -29.15 -56.45
CA SER EA 18 36.44 -30.16 -57.16
C SER EA 18 35.36 -30.82 -56.32
N ARG EA 19 35.49 -30.84 -54.99
CA ARG EA 19 34.51 -31.45 -54.11
C ARG EA 19 33.71 -30.37 -53.41
N VAL EA 20 32.38 -30.50 -53.43
CA VAL EA 20 31.48 -29.60 -52.73
C VAL EA 20 30.49 -30.45 -51.95
N CYS EA 21 29.88 -29.81 -50.94
CA CYS EA 21 28.84 -30.49 -50.16
C CYS EA 21 27.67 -30.84 -51.08
N ARG EA 22 27.22 -32.10 -51.00
CA ARG EA 22 26.10 -32.53 -51.83
C ARG EA 22 24.83 -31.77 -51.48
N VAL EA 23 24.63 -31.47 -50.19
CA VAL EA 23 23.43 -30.77 -49.78
C VAL EA 23 23.55 -29.27 -50.06
N CYS EA 24 24.53 -28.62 -49.43
CA CYS EA 24 24.67 -27.16 -49.52
C CYS EA 24 25.62 -26.75 -50.64
N GLY EA 25 26.88 -27.17 -50.57
CA GLY EA 25 27.83 -26.83 -51.60
C GLY EA 25 29.07 -26.10 -51.12
N ASN EA 26 29.28 -26.07 -49.81
CA ASN EA 26 30.47 -25.42 -49.28
C ASN EA 26 31.73 -26.16 -49.70
N SER EA 27 32.83 -25.42 -49.76
CA SER EA 27 34.15 -25.97 -50.02
C SER EA 27 34.94 -26.19 -48.74
N HIS EA 28 34.30 -26.10 -47.59
CA HIS EA 28 34.96 -26.25 -46.30
C HIS EA 28 34.13 -27.17 -45.40
N GLY EA 29 34.81 -27.85 -44.48
CA GLY EA 29 34.13 -28.76 -43.60
C GLY EA 29 33.64 -30.02 -44.25
N LEU EA 30 34.20 -30.39 -45.40
CA LEU EA 30 33.74 -31.56 -46.14
C LEU EA 30 34.10 -32.84 -45.40
N ILE EA 31 33.09 -33.59 -45.00
CA ILE EA 31 33.29 -34.94 -44.49
C ILE EA 31 33.30 -35.89 -45.68
N ARG EA 32 34.17 -36.90 -45.62
CA ARG EA 32 34.32 -37.85 -46.70
C ARG EA 32 34.27 -39.30 -46.24
N LYS EA 33 34.25 -39.54 -44.93
CA LYS EA 33 34.22 -40.90 -44.43
C LYS EA 33 32.99 -41.64 -44.94
N TYR EA 34 33.21 -42.84 -45.47
CA TYR EA 34 32.15 -43.67 -46.07
C TYR EA 34 31.46 -42.96 -47.23
N GLY EA 35 32.18 -42.02 -47.87
CA GLY EA 35 31.64 -41.34 -49.04
C GLY EA 35 30.40 -40.52 -48.78
N LEU EA 36 30.37 -39.81 -47.65
CA LEU EA 36 29.23 -38.95 -47.36
C LEU EA 36 29.18 -37.77 -48.32
N MET EA 37 30.31 -37.10 -48.53
CA MET EA 37 30.44 -35.98 -49.46
C MET EA 37 29.47 -34.85 -49.12
N CYS EA 38 29.62 -34.32 -47.91
CA CYS EA 38 28.80 -33.21 -47.45
C CYS EA 38 29.53 -32.50 -46.32
N CYS EA 39 29.15 -31.24 -46.09
CA CYS EA 39 29.73 -30.47 -45.01
C CYS EA 39 29.12 -30.87 -43.68
N ARG EA 40 29.80 -30.49 -42.59
CA ARG EA 40 29.37 -30.93 -41.27
C ARG EA 40 28.02 -30.37 -40.87
N GLN EA 41 27.71 -29.13 -41.28
CA GLN EA 41 26.44 -28.53 -40.89
C GLN EA 41 25.26 -29.24 -41.55
N CYS EA 42 25.33 -29.41 -42.88
CA CYS EA 42 24.27 -30.10 -43.60
C CYS EA 42 24.15 -31.55 -43.14
N PHE EA 43 25.29 -32.21 -42.90
CA PHE EA 43 25.26 -33.61 -42.49
C PHE EA 43 24.64 -33.76 -41.10
N ARG EA 44 24.97 -32.85 -40.19
CA ARG EA 44 24.35 -32.86 -38.87
C ARG EA 44 22.88 -32.52 -38.93
N SER EA 45 22.45 -31.72 -39.91
CA SER EA 45 21.04 -31.42 -40.06
C SER EA 45 20.22 -32.67 -40.40
N ASN EA 46 20.76 -33.54 -41.26
CA ASN EA 46 20.02 -34.69 -41.75
C ASN EA 46 20.53 -36.01 -41.18
N ALA EA 47 21.14 -35.97 -39.99
CA ALA EA 47 21.65 -37.19 -39.39
C ALA EA 47 20.53 -38.19 -39.12
N LYS EA 48 19.40 -37.71 -38.60
CA LYS EA 48 18.25 -38.58 -38.41
C LYS EA 48 17.77 -39.15 -39.74
N ASP EA 49 17.75 -38.31 -40.78
CA ASP EA 49 17.32 -38.77 -42.09
C ASP EA 49 18.25 -39.86 -42.63
N ILE EA 50 19.56 -39.63 -42.55
CA ILE EA 50 20.51 -40.65 -43.02
C ILE EA 50 20.37 -41.92 -42.20
N GLY EA 51 20.23 -41.78 -40.88
CA GLY EA 51 20.16 -42.92 -39.99
C GLY EA 51 21.17 -42.78 -38.87
N PHE EA 52 21.75 -41.58 -38.75
CA PHE EA 52 22.77 -41.30 -37.74
C PHE EA 52 22.06 -40.83 -36.49
N ILE EA 53 21.98 -41.70 -35.48
CA ILE EA 53 21.26 -41.40 -34.25
C ILE EA 53 22.21 -41.55 -33.07
N LYS EA 54 22.08 -40.63 -32.11
CA LYS EA 54 22.94 -40.63 -30.93
C LYS EA 54 22.65 -41.84 -30.06
N TYR EA 55 23.71 -42.45 -29.53
CA TYR EA 55 23.59 -43.56 -28.60
C TYR EA 55 24.24 -43.28 -27.26
N ARG EA 56 25.39 -42.59 -27.25
CA ARG EA 56 26.06 -42.23 -26.01
C ARG EA 56 27.01 -41.07 -26.26
N LEU FA 8 12.57 -87.91 19.82
CA LEU FA 8 13.02 -86.77 19.03
C LEU FA 8 14.16 -86.04 19.74
N ALA FA 9 15.36 -86.11 19.16
CA ALA FA 9 16.53 -85.47 19.75
C ALA FA 9 17.49 -85.08 18.62
N LEU FA 10 18.39 -84.16 18.95
CA LEU FA 10 19.34 -83.66 17.97
C LEU FA 10 20.38 -84.72 17.62
N VAL FA 11 20.65 -84.87 16.33
CA VAL FA 11 21.68 -85.77 15.84
C VAL FA 11 22.95 -85.01 15.46
N GLY FA 12 22.80 -83.93 14.70
CA GLY FA 12 23.95 -83.14 14.29
C GLY FA 12 23.49 -81.93 13.50
N THR FA 13 24.48 -81.14 13.07
CA THR FA 13 24.22 -79.94 12.31
C THR FA 13 25.15 -79.88 11.10
N MET FA 14 24.65 -79.29 10.03
CA MET FA 14 25.39 -79.15 8.78
C MET FA 14 25.53 -77.69 8.42
N ARG FA 15 26.67 -77.32 7.85
CA ARG FA 15 26.93 -75.92 7.48
C ARG FA 15 27.63 -75.82 6.14
N GLY FA 16 27.36 -76.73 5.22
CA GLY FA 16 28.04 -76.74 3.93
C GLY FA 16 27.27 -76.06 2.81
N HIS FA 17 26.28 -75.25 3.16
CA HIS FA 17 25.43 -74.60 2.18
C HIS FA 17 25.39 -73.09 2.43
N ASN FA 18 25.33 -72.32 1.34
CA ASN FA 18 25.35 -70.87 1.42
C ASN FA 18 24.01 -70.22 1.08
N ASP FA 19 22.97 -71.01 0.84
CA ASP FA 19 21.65 -70.46 0.57
C ASP FA 19 20.59 -71.46 1.04
N VAL FA 20 19.36 -71.25 0.60
CA VAL FA 20 18.23 -72.05 1.07
C VAL FA 20 18.24 -73.40 0.34
N VAL FA 21 18.19 -74.47 1.11
CA VAL FA 21 17.99 -75.81 0.54
C VAL FA 21 16.49 -76.08 0.53
N THR FA 22 15.95 -76.37 -0.66
CA THR FA 22 14.52 -76.44 -0.85
C THR FA 22 13.98 -77.87 -0.85
N ALA FA 23 14.76 -78.85 -1.31
CA ALA FA 23 14.28 -80.23 -1.33
C ALA FA 23 15.38 -81.17 -0.85
N ILE FA 24 14.98 -82.13 -0.01
CA ILE FA 24 15.86 -83.21 0.43
C ILE FA 24 15.21 -84.51 0.00
N ALA FA 25 15.93 -85.29 -0.81
CA ALA FA 25 15.42 -86.54 -1.34
C ALA FA 25 16.34 -87.68 -0.91
N ALA FA 26 15.73 -88.79 -0.51
CA ALA FA 26 16.49 -89.96 -0.10
C ALA FA 26 16.06 -91.17 -0.93
N PRO FA 27 16.98 -92.06 -1.27
CA PRO FA 27 16.62 -93.24 -2.06
C PRO FA 27 15.64 -94.13 -1.29
N ILE FA 28 14.76 -94.79 -2.05
CA ILE FA 28 13.83 -95.73 -1.46
C ILE FA 28 14.58 -96.88 -0.79
N ASP FA 29 15.70 -97.29 -1.40
CA ASP FA 29 16.51 -98.40 -0.89
C ASP FA 29 17.25 -98.06 0.41
N ASN FA 30 17.03 -96.88 0.99
CA ASN FA 30 17.68 -96.44 2.22
C ASN FA 30 19.19 -96.33 2.07
N SER FA 31 19.68 -96.26 0.84
CA SER FA 31 21.11 -96.14 0.61
C SER FA 31 21.59 -94.74 0.96
N PRO FA 32 22.82 -94.61 1.50
CA PRO FA 32 23.34 -93.28 1.90
C PRO FA 32 23.85 -92.46 0.72
N TYR FA 33 22.95 -92.16 -0.20
CA TYR FA 33 23.24 -91.36 -1.39
C TYR FA 33 22.15 -90.32 -1.60
N ILE FA 34 21.78 -89.64 -0.53
CA ILE FA 34 20.69 -88.67 -0.60
C ILE FA 34 21.13 -87.45 -1.42
N VAL FA 35 20.15 -86.75 -1.99
CA VAL FA 35 20.41 -85.60 -2.84
C VAL FA 35 19.64 -84.40 -2.30
N SER FA 36 20.35 -83.29 -2.09
CA SER FA 36 19.74 -82.05 -1.65
C SER FA 36 19.77 -81.05 -2.80
N GLY FA 37 18.58 -80.59 -3.20
CA GLY FA 37 18.44 -79.57 -4.22
C GLY FA 37 18.10 -78.23 -3.61
N SER FA 38 18.92 -77.23 -3.90
CA SER FA 38 18.86 -75.94 -3.22
C SER FA 38 18.68 -74.82 -4.24
N ARG FA 39 18.23 -73.68 -3.73
CA ARG FA 39 18.22 -72.42 -4.48
C ARG FA 39 19.54 -71.67 -4.36
N ASP FA 40 20.62 -72.39 -4.06
CA ASP FA 40 21.97 -71.84 -4.06
C ASP FA 40 22.63 -71.92 -5.43
N LYS FA 41 21.86 -72.26 -6.47
CA LYS FA 41 22.40 -72.60 -7.79
C LYS FA 41 23.31 -73.82 -7.73
N SER FA 42 23.09 -74.67 -6.73
CA SER FA 42 23.95 -75.82 -6.49
C SER FA 42 23.17 -76.91 -5.79
N LEU FA 43 23.52 -78.15 -6.11
CA LEU FA 43 22.99 -79.34 -5.44
C LEU FA 43 24.10 -79.96 -4.60
N LEU FA 44 23.73 -80.99 -3.83
CA LEU FA 44 24.74 -81.73 -3.09
C LEU FA 44 24.28 -83.18 -2.92
N VAL FA 45 25.24 -84.07 -2.74
CA VAL FA 45 24.99 -85.49 -2.55
C VAL FA 45 25.67 -85.94 -1.26
N TRP FA 46 24.91 -86.57 -0.38
CA TRP FA 46 25.44 -87.08 0.88
C TRP FA 46 25.42 -88.61 0.88
N ARG FA 69 28.71 -85.49 -3.85
CA ARG FA 69 28.75 -85.04 -5.24
C ARG FA 69 27.96 -83.75 -5.41
N ARG FA 70 28.49 -82.83 -6.21
CA ARG FA 70 27.90 -81.52 -6.42
C ARG FA 70 27.44 -81.37 -7.86
N LEU FA 71 26.31 -80.71 -8.06
CA LEU FA 71 25.75 -80.49 -9.38
C LEU FA 71 25.58 -78.98 -9.61
N THR FA 72 25.98 -78.52 -10.80
CA THR FA 72 25.85 -77.10 -11.12
C THR FA 72 25.42 -76.89 -12.58
N GLY FA 73 24.84 -77.91 -13.22
CA GLY FA 73 24.56 -77.82 -14.65
C GLY FA 73 23.50 -76.81 -15.02
N HIS FA 74 22.62 -76.45 -14.09
CA HIS FA 74 21.66 -75.39 -14.36
C HIS FA 74 22.33 -74.03 -14.24
N GLY FA 75 21.56 -72.97 -14.45
CA GLY FA 75 22.08 -71.63 -14.31
C GLY FA 75 21.19 -70.75 -13.46
N HIS FA 76 20.25 -71.37 -12.76
CA HIS FA 76 19.31 -70.66 -11.91
C HIS FA 76 19.12 -71.46 -10.63
N PHE FA 77 18.11 -71.08 -9.86
CA PHE FA 77 17.91 -71.60 -8.50
C PHE FA 77 17.03 -72.84 -8.58
N VAL FA 78 17.63 -74.01 -8.37
CA VAL FA 78 16.88 -75.26 -8.36
C VAL FA 78 15.93 -75.27 -7.17
N GLN FA 79 14.75 -75.87 -7.37
CA GLN FA 79 13.71 -75.90 -6.34
C GLN FA 79 13.44 -77.31 -5.83
N ASP FA 80 13.07 -78.25 -6.70
CA ASP FA 80 12.61 -79.56 -6.28
C ASP FA 80 13.53 -80.63 -6.84
N VAL FA 81 13.94 -81.56 -5.98
CA VAL FA 81 14.81 -82.66 -6.36
C VAL FA 81 14.18 -83.96 -5.88
N VAL FA 82 14.46 -85.05 -6.60
CA VAL FA 82 14.00 -86.39 -6.25
C VAL FA 82 15.08 -87.39 -6.65
N ILE FA 83 14.82 -88.65 -6.32
CA ILE FA 83 15.74 -89.75 -6.59
C ILE FA 83 14.97 -90.89 -7.22
N SER FA 84 15.54 -91.47 -8.28
CA SER FA 84 14.87 -92.55 -9.01
C SER FA 84 14.68 -93.77 -8.10
N SER FA 85 13.84 -94.70 -8.58
CA SER FA 85 13.56 -95.91 -7.82
C SER FA 85 14.82 -96.73 -7.58
N ASP FA 86 15.66 -96.88 -8.61
CA ASP FA 86 16.91 -97.60 -8.45
C ASP FA 86 17.88 -96.88 -7.52
N GLY FA 87 17.69 -95.58 -7.29
CA GLY FA 87 18.51 -94.84 -6.37
C GLY FA 87 19.84 -94.37 -6.91
N GLN FA 88 20.08 -94.51 -8.22
CA GLN FA 88 21.36 -94.13 -8.82
C GLN FA 88 21.25 -92.91 -9.72
N PHE FA 89 20.11 -92.22 -9.72
CA PHE FA 89 19.90 -91.02 -10.52
C PHE FA 89 19.24 -89.95 -9.66
N ALA FA 90 19.41 -88.69 -10.06
CA ALA FA 90 18.83 -87.58 -9.31
C ALA FA 90 18.15 -86.61 -10.26
N LEU FA 91 16.86 -86.38 -10.06
CA LEU FA 91 16.08 -85.49 -10.91
C LEU FA 91 15.81 -84.18 -10.17
N SER FA 92 16.21 -83.06 -10.78
CA SER FA 92 16.08 -81.75 -10.16
C SER FA 92 15.63 -80.73 -11.19
N GLY FA 93 14.75 -79.83 -10.75
CA GLY FA 93 14.24 -78.80 -11.64
C GLY FA 93 14.56 -77.39 -11.17
N SER FA 94 15.00 -76.53 -12.08
CA SER FA 94 15.48 -75.21 -11.72
C SER FA 94 14.44 -74.14 -12.06
N TRP FA 95 14.54 -73.00 -11.37
CA TRP FA 95 13.60 -71.91 -11.55
C TRP FA 95 13.73 -71.22 -12.90
N ASP FA 96 14.76 -71.52 -13.68
CA ASP FA 96 14.83 -70.97 -15.04
C ASP FA 96 13.70 -71.50 -15.91
N GLY FA 97 13.05 -72.58 -15.51
CA GLY FA 97 11.94 -73.13 -16.28
C GLY FA 97 12.30 -74.40 -17.01
N GLU FA 98 13.12 -75.26 -16.39
CA GLU FA 98 13.49 -76.52 -17.00
C GLU FA 98 13.81 -77.53 -15.91
N LEU FA 99 14.00 -78.78 -16.35
CA LEU FA 99 14.20 -79.92 -15.47
C LEU FA 99 15.38 -80.72 -16.00
N ARG FA 100 16.06 -81.45 -15.13
CA ARG FA 100 17.19 -82.26 -15.57
C ARG FA 100 17.30 -83.51 -14.70
N LEU FA 101 17.42 -84.66 -15.36
CA LEU FA 101 17.69 -85.93 -14.69
C LEU FA 101 19.18 -86.22 -14.86
N TRP FA 102 19.83 -86.54 -13.74
CA TRP FA 102 21.29 -86.50 -13.60
C TRP FA 102 21.83 -87.87 -13.25
N ASP FA 103 22.91 -88.25 -13.94
CA ASP FA 103 23.74 -89.38 -13.55
C ASP FA 103 24.47 -89.01 -12.26
N LEU FA 104 24.06 -89.61 -11.15
CA LEU FA 104 24.62 -89.24 -9.85
C LEU FA 104 26.11 -89.53 -9.79
N SER FA 105 26.55 -90.65 -10.35
CA SER FA 105 27.95 -91.03 -10.24
C SER FA 105 28.86 -90.06 -10.99
N THR FA 106 28.54 -89.77 -12.25
CA THR FA 106 29.37 -88.91 -13.08
C THR FA 106 29.07 -87.43 -12.89
N GLY FA 107 27.98 -87.09 -12.22
CA GLY FA 107 27.61 -85.69 -12.06
C GLY FA 107 27.28 -85.00 -13.37
N LEU FA 108 26.67 -85.72 -14.30
CA LEU FA 108 26.31 -85.18 -15.60
C LEU FA 108 24.84 -85.45 -15.88
N THR FA 109 24.27 -84.61 -16.74
CA THR FA 109 22.84 -84.72 -17.06
C THR FA 109 22.59 -85.96 -17.92
N THR FA 110 21.76 -86.88 -17.42
CA THR FA 110 21.30 -87.95 -18.28
C THR FA 110 20.32 -87.44 -19.32
N ARG FA 111 19.44 -86.52 -18.92
CA ARG FA 111 18.52 -85.94 -19.89
C ARG FA 111 17.97 -84.62 -19.37
N ARG FA 112 17.52 -83.79 -20.31
CA ARG FA 112 16.88 -82.51 -20.00
C ARG FA 112 15.37 -82.61 -20.23
N PHE FA 113 14.66 -81.59 -19.74
CA PHE FA 113 13.23 -81.45 -19.93
C PHE FA 113 12.93 -79.96 -20.03
N VAL FA 114 12.64 -79.48 -21.24
CA VAL FA 114 12.51 -78.06 -21.50
C VAL FA 114 11.18 -77.79 -22.18
N GLY FA 115 10.53 -76.70 -21.77
CA GLY FA 115 9.23 -76.35 -22.30
C GLY FA 115 8.30 -75.74 -21.27
N HIS FA 116 8.76 -75.64 -20.03
CA HIS FA 116 8.06 -74.91 -18.98
C HIS FA 116 8.48 -73.45 -19.09
N THR FA 117 7.66 -72.65 -19.79
CA THR FA 117 8.01 -71.25 -19.99
C THR FA 117 8.13 -70.52 -18.65
N LYS FA 118 7.18 -70.74 -17.76
CA LYS FA 118 7.26 -70.19 -16.41
C LYS FA 118 8.11 -71.09 -15.53
N ASP FA 119 8.56 -70.54 -14.41
CA ASP FA 119 9.47 -71.25 -13.52
C ASP FA 119 8.81 -72.48 -12.92
N VAL FA 120 9.53 -73.60 -12.92
CA VAL FA 120 9.00 -74.84 -12.37
C VAL FA 120 8.96 -74.73 -10.85
N ILE FA 121 8.05 -75.49 -10.23
CA ILE FA 121 7.85 -75.40 -8.80
C ILE FA 121 8.09 -76.75 -8.13
N SER FA 122 7.82 -77.84 -8.86
CA SER FA 122 7.92 -79.15 -8.23
C SER FA 122 8.04 -80.24 -9.29
N VAL FA 123 8.63 -81.36 -8.86
CA VAL FA 123 8.83 -82.54 -9.70
C VAL FA 123 8.42 -83.79 -8.93
N ALA FA 124 8.11 -84.84 -9.69
CA ALA FA 124 7.86 -86.16 -9.12
C ALA FA 124 7.97 -87.19 -10.23
N PHE FA 125 8.16 -88.44 -9.84
CA PHE FA 125 8.25 -89.54 -10.78
C PHE FA 125 6.85 -90.11 -11.03
N SER FA 126 6.78 -91.26 -11.68
CA SER FA 126 5.53 -91.98 -11.91
C SER FA 126 5.45 -93.19 -10.99
N VAL FA 127 4.35 -93.93 -11.11
CA VAL FA 127 4.20 -95.16 -10.33
C VAL FA 127 5.29 -96.16 -10.70
N ASP FA 128 5.63 -96.25 -11.98
CA ASP FA 128 6.74 -97.08 -12.44
C ASP FA 128 8.05 -96.30 -12.52
N ASN FA 129 8.05 -95.03 -12.09
CA ASN FA 129 9.22 -94.17 -12.16
C ASN FA 129 9.72 -94.00 -13.60
N ARG FA 130 8.79 -94.04 -14.55
CA ARG FA 130 9.11 -93.87 -15.96
C ARG FA 130 8.59 -92.56 -16.54
N GLN FA 131 7.58 -91.96 -15.95
CA GLN FA 131 7.07 -90.66 -16.35
C GLN FA 131 7.34 -89.64 -15.25
N ILE FA 132 7.61 -88.40 -15.64
CA ILE FA 132 7.97 -87.34 -14.72
C ILE FA 132 6.89 -86.27 -14.79
N VAL FA 133 6.29 -85.95 -13.64
CA VAL FA 133 5.25 -84.95 -13.53
C VAL FA 133 5.85 -83.70 -12.90
N SER FA 134 5.61 -82.55 -13.51
CA SER FA 134 6.20 -81.29 -13.08
C SER FA 134 5.13 -80.21 -13.00
N ALA FA 135 5.22 -79.41 -11.95
CA ALA FA 135 4.31 -78.28 -11.73
C ALA FA 135 5.12 -77.00 -11.74
N SER FA 136 4.62 -75.99 -12.46
CA SER FA 136 5.35 -74.74 -12.65
C SER FA 136 4.48 -73.54 -12.33
N ARG FA 137 4.96 -72.34 -12.68
CA ARG FA 137 4.19 -71.11 -12.48
C ARG FA 137 3.25 -70.81 -13.63
N ASP FA 138 3.20 -71.66 -14.66
CA ASP FA 138 2.41 -71.43 -15.85
C ASP FA 138 0.96 -71.87 -15.70
N ASN FA 139 0.48 -72.05 -14.48
CA ASN FA 139 -0.89 -72.47 -14.19
C ASN FA 139 -1.20 -73.84 -14.79
N THR FA 140 -0.19 -74.65 -15.07
CA THR FA 140 -0.38 -75.92 -15.75
C THR FA 140 0.62 -76.95 -15.21
N ILE FA 141 0.26 -78.22 -15.39
CA ILE FA 141 1.09 -79.35 -15.00
C ILE FA 141 1.50 -80.07 -16.27
N LYS FA 142 2.68 -80.70 -16.25
CA LYS FA 142 3.22 -81.35 -17.44
C LYS FA 142 3.73 -82.74 -17.10
N LEU FA 143 3.42 -83.71 -17.97
CA LEU FA 143 3.94 -85.06 -17.88
C LEU FA 143 4.92 -85.29 -19.03
N TRP FA 144 6.09 -85.81 -18.69
CA TRP FA 144 7.18 -86.03 -19.63
C TRP FA 144 7.62 -87.48 -19.57
N ASN FA 145 8.03 -88.03 -20.72
CA ASN FA 145 8.62 -89.35 -20.75
C ASN FA 145 10.11 -89.26 -20.43
N THR FA 146 10.59 -90.20 -19.61
CA THR FA 146 12.00 -90.20 -19.26
C THR FA 146 12.89 -90.44 -20.47
N LEU FA 147 12.40 -91.17 -21.46
CA LEU FA 147 13.17 -91.44 -22.68
C LEU FA 147 12.37 -91.09 -23.93
N GLY FA 148 11.06 -91.31 -23.89
CA GLY FA 148 10.24 -91.04 -25.06
C GLY FA 148 10.07 -89.56 -25.32
N GLU FA 149 9.66 -89.25 -26.55
CA GLU FA 149 9.45 -87.88 -26.98
C GLU FA 149 8.01 -87.41 -26.81
N CYS FA 150 7.14 -88.25 -26.26
CA CYS FA 150 5.74 -87.88 -26.07
C CYS FA 150 5.58 -87.13 -24.75
N LYS FA 151 5.18 -85.86 -24.82
CA LYS FA 151 4.96 -85.04 -23.64
C LYS FA 151 3.55 -84.48 -23.69
N TYR FA 152 2.92 -84.36 -22.53
CA TYR FA 152 1.54 -83.88 -22.46
C TYR FA 152 1.40 -82.86 -21.35
N THR FA 153 0.39 -82.01 -21.45
CA THR FA 153 0.15 -80.97 -20.47
C THR FA 153 -1.33 -80.95 -20.07
N ILE FA 154 -1.59 -80.54 -18.84
CA ILE FA 154 -2.95 -80.47 -18.31
C ILE FA 154 -3.12 -79.18 -17.53
N TRP FA 167 -1.23 -70.75 -10.31
CA TRP FA 167 0.06 -71.32 -9.99
C TRP FA 167 -0.08 -72.65 -9.28
N VAL FA 168 0.29 -73.74 -9.95
CA VAL FA 168 0.20 -75.07 -9.37
C VAL FA 168 1.37 -75.30 -8.45
N SER FA 169 1.08 -75.62 -7.19
CA SER FA 169 2.10 -75.79 -6.16
C SER FA 169 2.69 -77.20 -6.26
N CYS FA 170 3.39 -77.61 -5.21
CA CYS FA 170 4.06 -78.90 -5.20
C CYS FA 170 3.06 -80.04 -5.43
N VAL FA 171 3.47 -81.03 -6.21
CA VAL FA 171 2.64 -82.19 -6.51
C VAL FA 171 3.34 -83.44 -6.00
N ARG FA 172 2.55 -84.47 -5.75
CA ARG FA 172 3.08 -85.77 -5.33
C ARG FA 172 2.15 -86.85 -5.84
N PHE FA 173 2.64 -87.69 -6.74
CA PHE FA 173 1.81 -88.72 -7.35
C PHE FA 173 1.42 -89.78 -6.32
N SER FA 174 0.26 -90.40 -6.56
CA SER FA 174 -0.25 -91.42 -5.66
C SER FA 174 0.46 -92.75 -5.93
N PRO FA 175 1.14 -93.35 -4.94
CA PRO FA 175 1.80 -94.64 -5.11
C PRO FA 175 0.81 -95.81 -5.20
N PRO FA 180 -4.32 -94.84 -10.13
CA PRO FA 180 -3.17 -94.04 -9.70
C PRO FA 180 -3.34 -92.55 -10.04
N THR FA 181 -4.08 -91.84 -9.19
CA THR FA 181 -4.37 -90.44 -9.43
C THR FA 181 -3.15 -89.57 -9.09
N ILE FA 182 -3.25 -88.29 -9.42
CA ILE FA 182 -2.21 -87.31 -9.12
C ILE FA 182 -2.87 -86.13 -8.41
N VAL FA 183 -2.32 -85.75 -7.26
CA VAL FA 183 -2.84 -84.64 -6.48
C VAL FA 183 -1.98 -83.42 -6.73
N SER FA 184 -2.59 -82.24 -6.62
CA SER FA 184 -1.88 -81.00 -6.91
C SER FA 184 -2.54 -79.85 -6.15
N GLY FA 185 -1.72 -78.86 -5.80
CA GLY FA 185 -2.20 -77.63 -5.20
C GLY FA 185 -2.44 -76.57 -6.26
N SER FA 186 -3.40 -75.70 -5.99
CA SER FA 186 -3.81 -74.68 -6.96
C SER FA 186 -3.57 -73.29 -6.38
N TRP FA 187 -4.04 -72.28 -7.12
CA TRP FA 187 -3.86 -70.88 -6.74
C TRP FA 187 -5.11 -70.27 -6.14
N ASP FA 188 -6.11 -71.08 -5.81
CA ASP FA 188 -7.37 -70.58 -5.26
C ASP FA 188 -7.77 -71.36 -4.01
N LYS FA 189 -6.78 -71.72 -3.20
CA LYS FA 189 -6.97 -72.45 -1.94
C LYS FA 189 -7.64 -73.80 -2.15
N THR FA 190 -7.50 -74.40 -3.34
CA THR FA 190 -8.13 -75.66 -3.66
C THR FA 190 -7.08 -76.69 -4.04
N VAL FA 191 -7.41 -77.96 -3.84
CA VAL FA 191 -6.52 -79.07 -4.17
C VAL FA 191 -7.23 -79.92 -5.23
N LYS FA 192 -6.58 -80.10 -6.37
CA LYS FA 192 -7.16 -80.85 -7.47
C LYS FA 192 -6.60 -82.26 -7.50
N VAL FA 193 -7.45 -83.22 -7.87
CA VAL FA 193 -7.03 -84.60 -8.08
C VAL FA 193 -7.40 -84.98 -9.51
N TRP FA 194 -6.44 -85.55 -10.23
CA TRP FA 194 -6.58 -85.85 -11.65
C TRP FA 194 -6.88 -87.33 -11.86
N ASN FA 195 -6.99 -87.72 -13.12
CA ASN FA 195 -7.12 -89.12 -13.52
C ASN FA 195 -6.02 -89.45 -14.50
N LEU FA 196 -5.24 -90.49 -14.19
CA LEU FA 196 -4.12 -90.88 -15.04
C LEU FA 196 -4.54 -91.67 -16.27
N THR FA 197 -5.79 -92.15 -16.32
CA THR FA 197 -6.22 -92.95 -17.46
C THR FA 197 -6.24 -92.13 -18.75
N ASN FA 198 -6.72 -90.88 -18.68
CA ASN FA 198 -6.85 -90.06 -19.88
C ASN FA 198 -6.41 -88.62 -19.65
N CYS FA 199 -5.63 -88.35 -18.60
CA CYS FA 199 -5.20 -87.00 -18.25
C CYS FA 199 -6.42 -86.07 -18.08
N LYS FA 200 -7.39 -86.53 -17.29
CA LYS FA 200 -8.60 -85.77 -17.01
C LYS FA 200 -8.69 -85.48 -15.52
N LEU FA 201 -9.41 -84.41 -15.19
CA LEU FA 201 -9.57 -84.00 -13.81
C LEU FA 201 -10.57 -84.91 -13.11
N ARG FA 202 -10.18 -85.44 -11.95
CA ARG FA 202 -11.02 -86.36 -11.20
C ARG FA 202 -11.95 -85.62 -10.24
N SER FA 203 -11.42 -84.73 -9.42
CA SER FA 203 -12.23 -84.01 -8.44
C SER FA 203 -11.46 -82.80 -7.92
N THR FA 204 -12.15 -81.98 -7.13
CA THR FA 204 -11.58 -80.79 -6.52
C THR FA 204 -11.98 -80.74 -5.05
N LEU FA 205 -11.07 -80.29 -4.21
CA LEU FA 205 -11.27 -80.19 -2.76
C LEU FA 205 -11.07 -78.74 -2.37
N ALA FA 206 -12.18 -78.08 -2.01
CA ALA FA 206 -12.20 -76.66 -1.70
C ALA FA 206 -12.72 -76.47 -0.27
N GLY FA 207 -11.81 -76.54 0.69
CA GLY FA 207 -12.15 -76.32 2.08
C GLY FA 207 -11.05 -75.59 2.83
N HIS FA 208 -10.05 -75.11 2.10
CA HIS FA 208 -8.87 -74.51 2.68
C HIS FA 208 -9.03 -72.99 2.74
N GLY FA 209 -8.79 -72.43 3.93
CA GLY FA 209 -8.90 -70.99 4.11
C GLY FA 209 -7.74 -70.20 3.55
N GLY FA 210 -6.60 -70.84 3.35
CA GLY FA 210 -5.44 -70.20 2.77
C GLY FA 210 -4.95 -70.97 1.55
N TYR FA 211 -3.89 -70.43 0.95
CA TYR FA 211 -3.32 -71.07 -0.23
C TYR FA 211 -2.68 -72.40 0.14
N VAL FA 212 -2.54 -73.27 -0.87
CA VAL FA 212 -1.95 -74.59 -0.69
C VAL FA 212 -0.54 -74.55 -1.27
N ASN FA 213 0.46 -74.72 -0.42
CA ASN FA 213 1.85 -74.64 -0.83
C ASN FA 213 2.42 -75.98 -1.28
N ALA FA 214 1.81 -77.08 -0.87
CA ALA FA 214 2.28 -78.41 -1.23
C ALA FA 214 1.15 -79.41 -0.98
N VAL FA 215 1.41 -80.67 -1.31
CA VAL FA 215 0.45 -81.75 -1.10
C VAL FA 215 1.17 -82.91 -0.43
N ALA FA 216 0.40 -83.72 0.28
CA ALA FA 216 0.92 -84.91 0.94
C ALA FA 216 0.04 -86.10 0.60
N VAL FA 217 0.68 -87.24 0.31
CA VAL FA 217 -0.03 -88.47 -0.03
C VAL FA 217 0.46 -89.57 0.89
N SER FA 218 -0.42 -90.54 1.15
CA SER FA 218 -0.05 -91.67 1.98
C SER FA 218 1.01 -92.52 1.29
N PRO FA 219 1.87 -93.20 2.06
CA PRO FA 219 2.84 -94.11 1.44
C PRO FA 219 2.20 -95.22 0.63
N ASP FA 220 0.98 -95.62 0.97
CA ASP FA 220 0.23 -96.61 0.21
C ASP FA 220 -0.75 -95.98 -0.77
N GLY FA 221 -0.70 -94.66 -0.94
CA GLY FA 221 -1.57 -93.97 -1.89
C GLY FA 221 -3.04 -94.00 -1.52
N SER FA 222 -3.35 -93.73 -0.25
CA SER FA 222 -4.74 -93.76 0.20
C SER FA 222 -5.14 -92.54 1.02
N LEU FA 223 -4.31 -91.50 1.08
CA LEU FA 223 -4.63 -90.31 1.85
C LEU FA 223 -4.20 -89.07 1.06
N CYS FA 224 -4.80 -87.93 1.42
CA CYS FA 224 -4.41 -86.65 0.86
C CYS FA 224 -4.36 -85.61 1.98
N ALA FA 225 -3.40 -84.69 1.88
CA ALA FA 225 -3.22 -83.70 2.92
C ALA FA 225 -2.74 -82.39 2.30
N SER FA 226 -3.20 -81.28 2.88
CA SER FA 226 -2.81 -79.97 2.41
C SER FA 226 -2.43 -79.09 3.60
N GLY FA 227 -2.00 -77.86 3.30
CA GLY FA 227 -1.64 -76.90 4.32
C GLY FA 227 -1.31 -75.57 3.67
N GLY FA 228 -1.21 -74.54 4.51
CA GLY FA 228 -0.93 -73.21 4.00
C GLY FA 228 -0.99 -72.17 5.09
N LYS FA 229 -1.24 -70.92 4.68
CA LYS FA 229 -1.21 -69.80 5.61
C LYS FA 229 -2.27 -69.89 6.70
N ASP FA 230 -3.38 -70.60 6.44
CA ASP FA 230 -4.41 -70.74 7.46
C ASP FA 230 -3.89 -71.48 8.68
N GLY FA 231 -2.90 -72.35 8.50
CA GLY FA 231 -2.35 -73.11 9.59
C GLY FA 231 -3.11 -74.37 9.93
N VAL FA 232 -4.24 -74.62 9.29
CA VAL FA 232 -5.02 -75.83 9.51
C VAL FA 232 -4.80 -76.77 8.34
N THR FA 233 -4.22 -77.93 8.63
CA THR FA 233 -3.94 -78.93 7.61
C THR FA 233 -5.19 -79.78 7.41
N LEU FA 234 -5.66 -79.86 6.16
CA LEU FA 234 -6.82 -80.66 5.82
C LEU FA 234 -6.36 -82.05 5.41
N LEU FA 235 -6.98 -83.08 6.00
CA LEU FA 235 -6.76 -84.47 5.63
C LEU FA 235 -8.03 -85.02 5.01
N TRP FA 236 -7.90 -85.60 3.82
CA TRP FA 236 -8.99 -86.21 3.09
C TRP FA 236 -8.59 -87.62 2.66
N ASP FA 237 -9.58 -88.38 2.19
CA ASP FA 237 -9.35 -89.70 1.61
C ASP FA 237 -9.34 -89.59 0.09
N LEU FA 238 -8.38 -90.28 -0.53
CA LEU FA 238 -8.25 -90.24 -1.98
C LEU FA 238 -9.45 -90.89 -2.66
N SER FA 239 -9.97 -91.97 -2.09
CA SER FA 239 -11.02 -92.74 -2.76
C SER FA 239 -12.27 -91.91 -2.99
N GLU FA 240 -12.94 -91.51 -1.90
CA GLU FA 240 -14.17 -90.74 -2.03
C GLU FA 240 -13.91 -89.28 -2.36
N GLY FA 241 -12.72 -88.78 -2.11
CA GLY FA 241 -12.43 -87.37 -2.35
C GLY FA 241 -13.28 -86.44 -1.52
N LYS FA 242 -13.46 -86.76 -0.23
CA LYS FA 242 -14.26 -85.94 0.66
C LYS FA 242 -13.44 -85.59 1.90
N ARG FA 243 -13.87 -84.51 2.56
CA ARG FA 243 -13.13 -83.97 3.69
C ARG FA 243 -13.22 -84.91 4.89
N LEU FA 244 -12.09 -85.49 5.29
CA LEU FA 244 -12.08 -86.37 6.44
C LEU FA 244 -12.01 -85.57 7.74
N TYR FA 245 -10.91 -84.84 7.95
CA TYR FA 245 -10.80 -84.04 9.17
C TYR FA 245 -9.70 -83.00 9.03
N GLN FA 246 -9.46 -82.29 10.13
CA GLN FA 246 -8.54 -81.16 10.19
C GLN FA 246 -7.56 -81.35 11.34
N LEU FA 247 -6.37 -80.75 11.18
CA LEU FA 247 -5.39 -80.64 12.25
C LEU FA 247 -4.95 -79.19 12.36
N GLU FA 248 -4.68 -78.73 13.57
CA GLU FA 248 -4.38 -77.33 13.81
C GLU FA 248 -2.88 -77.15 14.05
N ALA FA 249 -2.24 -76.34 13.21
CA ALA FA 249 -0.83 -75.99 13.37
C ALA FA 249 -0.63 -74.50 13.66
N GLY FA 250 -1.12 -73.63 12.77
CA GLY FA 250 -1.06 -72.20 13.04
C GLY FA 250 -0.61 -71.32 11.90
N SER FA 251 0.31 -71.81 11.06
CA SER FA 251 0.86 -70.98 9.99
C SER FA 251 1.24 -71.87 8.82
N ILE FA 252 2.06 -71.32 7.90
CA ILE FA 252 2.43 -72.04 6.69
C ILE FA 252 3.26 -73.25 7.04
N ILE FA 253 2.95 -74.37 6.39
CA ILE FA 253 3.74 -75.60 6.49
C ILE FA 253 4.40 -75.83 5.14
N HIS FA 254 5.72 -75.89 5.13
CA HIS FA 254 6.45 -76.05 3.88
C HIS FA 254 6.25 -77.45 3.30
N ALA FA 255 6.63 -78.48 4.06
CA ALA FA 255 6.54 -79.86 3.63
C ALA FA 255 5.70 -80.66 4.63
N LEU FA 256 4.76 -81.43 4.11
CA LEU FA 256 3.94 -82.34 4.90
C LEU FA 256 4.35 -83.76 4.54
N CYS FA 257 5.01 -84.44 5.46
CA CYS FA 257 5.57 -85.75 5.19
C CYS FA 257 4.85 -86.81 6.01
N PHE FA 258 4.37 -87.85 5.34
CA PHE FA 258 3.67 -88.96 6.00
C PHE FA 258 4.67 -90.03 6.39
N SER FA 259 4.56 -90.51 7.61
CA SER FA 259 5.47 -91.56 8.09
C SER FA 259 5.17 -92.87 7.37
N PRO FA 260 6.13 -93.46 6.67
CA PRO FA 260 5.86 -94.73 5.98
C PRO FA 260 5.45 -95.86 6.90
N ASN FA 261 6.01 -95.91 8.12
CA ASN FA 261 5.72 -96.98 9.07
C ASN FA 261 4.86 -96.53 10.24
N ARG FA 262 5.16 -95.38 10.83
CA ARG FA 262 4.42 -94.90 11.99
C ARG FA 262 3.02 -94.41 11.63
N TYR FA 263 2.73 -94.22 10.34
CA TYR FA 263 1.44 -93.70 9.90
C TYR FA 263 1.18 -92.31 10.49
N TRP FA 264 2.24 -91.52 10.59
CA TRP FA 264 2.21 -90.21 11.22
C TRP FA 264 2.19 -89.11 10.16
N LEU FA 265 2.25 -87.86 10.63
CA LEU FA 265 2.24 -86.70 9.74
C LEU FA 265 3.10 -85.62 10.38
N CYS FA 266 4.22 -85.28 9.74
CA CYS FA 266 5.10 -84.24 10.23
C CYS FA 266 4.99 -83.02 9.33
N ALA FA 267 4.76 -81.86 9.95
CA ALA FA 267 4.52 -80.61 9.24
C ALA FA 267 5.47 -79.53 9.74
N ALA FA 268 6.08 -78.81 8.81
CA ALA FA 268 7.08 -77.78 9.12
C ALA FA 268 6.39 -76.42 9.29
N THR FA 269 5.66 -76.31 10.41
CA THR FA 269 5.01 -75.05 10.74
C THR FA 269 6.06 -74.00 11.11
N GLU FA 270 5.78 -72.74 10.74
CA GLU FA 270 6.73 -71.67 11.02
C GLU FA 270 6.92 -71.47 12.53
N GLU FA 271 5.84 -71.53 13.30
CA GLU FA 271 5.94 -71.35 14.74
C GLU FA 271 6.71 -72.50 15.38
N SER FA 272 6.34 -73.73 15.05
CA SER FA 272 6.99 -74.91 15.60
C SER FA 272 6.57 -76.13 14.78
N VAL FA 273 7.56 -76.94 14.38
CA VAL FA 273 7.26 -78.14 13.61
C VAL FA 273 6.40 -79.08 14.43
N LYS FA 274 5.30 -79.53 13.86
CA LYS FA 274 4.29 -80.29 14.58
C LYS FA 274 4.10 -81.66 13.97
N ILE FA 275 4.00 -82.67 14.83
CA ILE FA 275 3.86 -84.07 14.41
C ILE FA 275 2.55 -84.61 14.97
N TRP FA 276 1.72 -85.18 14.10
CA TRP FA 276 0.45 -85.77 14.46
C TRP FA 276 0.47 -87.27 14.21
N ASP FA 277 -0.30 -87.99 15.01
CA ASP FA 277 -0.51 -89.43 14.83
C ASP FA 277 -1.95 -89.66 14.38
N LEU FA 278 -2.12 -90.44 13.32
CA LEU FA 278 -3.43 -90.71 12.76
C LEU FA 278 -4.05 -91.96 13.39
N SER FA 280 -4.43 -89.62 16.67
CA SER FA 280 -5.35 -89.03 17.64
C SER FA 280 -5.59 -87.56 17.37
N LYS FA 281 -5.08 -87.08 16.23
CA LYS FA 281 -5.19 -85.67 15.84
C LYS FA 281 -4.63 -84.74 16.91
N HIS FA 282 -3.53 -85.16 17.53
CA HIS FA 282 -2.93 -84.44 18.63
C HIS FA 282 -1.43 -84.41 18.42
N VAL FA 283 -0.82 -83.24 18.62
CA VAL FA 283 0.64 -83.11 18.54
C VAL FA 283 1.26 -83.64 19.82
N VAL FA 284 1.62 -84.93 19.81
CA VAL FA 284 2.21 -85.57 20.97
C VAL FA 284 3.72 -85.31 21.00
N LEU FA 287 8.49 -78.96 17.00
CA LEU FA 287 9.94 -79.10 17.02
C LEU FA 287 10.62 -77.77 16.77
N LYS FA 288 11.45 -77.35 17.72
CA LYS FA 288 12.19 -76.08 17.59
C LYS FA 288 13.68 -76.33 17.48
N ASN FA 296 20.30 -64.02 12.76
CA ASN FA 296 19.01 -64.04 12.08
C ASN FA 296 17.86 -64.10 13.07
N GLN FA 297 16.96 -63.12 13.00
CA GLN FA 297 15.78 -63.09 13.84
C GLN FA 297 14.58 -63.78 13.21
N MET FA 298 14.72 -64.28 11.97
CA MET FA 298 13.67 -64.99 11.27
C MET FA 298 14.10 -66.44 11.11
N LEU FA 299 13.29 -67.37 11.61
CA LEU FA 299 13.64 -68.78 11.69
C LEU FA 299 12.52 -69.62 11.08
N TYR FA 300 12.72 -70.08 9.85
CA TYR FA 300 11.75 -70.94 9.17
C TYR FA 300 12.46 -72.09 8.48
N CYS FA 301 11.86 -73.27 8.53
CA CYS FA 301 12.35 -74.42 7.80
C CYS FA 301 11.95 -74.31 6.33
N THR FA 302 12.38 -75.26 5.52
CA THR FA 302 12.04 -75.24 4.10
C THR FA 302 11.52 -76.59 3.63
N SER FA 303 11.92 -77.68 4.27
CA SER FA 303 11.44 -78.99 3.86
C SER FA 303 11.65 -79.99 4.99
N LEU FA 304 10.78 -81.00 5.01
CA LEU FA 304 10.91 -82.15 5.89
C LEU FA 304 10.96 -83.42 5.06
N SER FA 305 11.74 -84.40 5.51
CA SER FA 305 11.90 -85.65 4.79
C SER FA 305 11.92 -86.79 5.80
N TRP FA 306 10.97 -87.71 5.64
CA TRP FA 306 10.92 -88.90 6.48
C TRP FA 306 11.90 -89.94 5.94
N SER FA 307 12.73 -90.47 6.83
CA SER FA 307 13.66 -91.52 6.43
C SER FA 307 12.93 -92.84 6.19
N ALA FA 308 13.56 -93.71 5.41
CA ALA FA 308 12.97 -95.01 5.13
C ALA FA 308 12.88 -95.87 6.38
N ASP FA 309 13.87 -95.76 7.27
CA ASP FA 309 13.85 -96.54 8.50
C ASP FA 309 12.68 -96.14 9.39
N GLY FA 310 12.40 -94.84 9.47
CA GLY FA 310 11.32 -94.33 10.29
C GLY FA 310 11.73 -93.79 11.64
N SER FA 311 12.96 -94.06 12.07
CA SER FA 311 13.45 -93.57 13.35
C SER FA 311 14.21 -92.25 13.23
N THR FA 312 14.35 -91.71 12.02
CA THR FA 312 15.05 -90.44 11.81
C THR FA 312 14.27 -89.60 10.80
N LEU FA 313 14.60 -88.31 10.78
CA LEU FA 313 14.01 -87.37 9.83
C LEU FA 313 15.02 -86.29 9.52
N TYR FA 314 14.96 -85.75 8.31
CA TYR FA 314 15.93 -84.77 7.84
C TYR FA 314 15.23 -83.49 7.38
N THR FA 315 15.75 -82.35 7.82
CA THR FA 315 15.14 -81.07 7.54
C THR FA 315 16.04 -80.23 6.64
N GLY FA 316 15.43 -79.59 5.63
CA GLY FA 316 16.09 -78.60 4.83
C GLY FA 316 15.72 -77.22 5.33
N TYR FA 317 16.72 -76.49 5.80
CA TYR FA 317 16.54 -75.20 6.45
C TYR FA 317 16.90 -74.07 5.48
N THR FA 318 16.98 -72.85 6.01
CA THR FA 318 17.28 -71.68 5.18
C THR FA 318 18.78 -71.46 5.01
N ASP FA 319 19.52 -71.31 6.11
CA ASP FA 319 20.95 -71.03 6.04
C ASP FA 319 21.79 -72.29 6.00
N GLY FA 320 21.23 -73.41 5.53
CA GLY FA 320 21.99 -74.63 5.32
C GLY FA 320 22.11 -75.53 6.51
N THR FA 321 21.54 -75.16 7.66
CA THR FA 321 21.63 -75.98 8.87
C THR FA 321 20.68 -77.17 8.73
N ILE FA 322 21.12 -78.16 7.97
CA ILE FA 322 20.34 -79.38 7.80
C ILE FA 322 20.41 -80.18 9.10
N ARG FA 323 19.25 -80.48 9.67
CA ARG FA 323 19.14 -81.10 10.97
C ARG FA 323 18.47 -82.46 10.87
N VAL FA 324 19.04 -83.43 11.59
CA VAL FA 324 18.51 -84.79 11.65
C VAL FA 324 17.95 -85.03 13.04
N PHE FA 325 16.76 -85.62 13.09
CA PHE FA 325 16.12 -85.97 14.35
C PHE FA 325 15.96 -87.48 14.44
N LYS FA 326 16.00 -87.97 15.68
CA LYS FA 326 15.84 -89.40 15.95
C LYS FA 326 15.33 -89.62 17.37
N LYS GA 26 83.96 -30.44 -10.37
CA LYS GA 26 84.32 -31.43 -11.38
C LYS GA 26 85.19 -32.53 -10.80
N VAL GA 27 84.68 -33.77 -10.85
CA VAL GA 27 85.42 -34.93 -10.37
C VAL GA 27 86.18 -35.51 -11.56
N ASN GA 28 87.51 -35.36 -11.54
CA ASN GA 28 88.36 -35.83 -12.63
C ASN GA 28 88.97 -37.19 -12.26
N ASN GA 29 88.14 -38.22 -12.37
CA ASN GA 29 88.57 -39.57 -12.03
C ASN GA 29 89.56 -40.09 -13.06
N ALA GA 30 90.46 -40.96 -12.61
CA ALA GA 30 91.50 -41.50 -13.48
C ALA GA 30 90.89 -42.44 -14.52
N VAL GA 31 91.49 -42.43 -15.72
CA VAL GA 31 90.99 -43.19 -16.84
C VAL GA 31 91.75 -44.51 -16.94
N LEU GA 32 93.02 -44.50 -16.51
CA LEU GA 32 93.86 -45.70 -16.49
C LEU GA 32 94.38 -45.88 -15.07
N PHE GA 33 94.34 -47.11 -14.57
CA PHE GA 33 94.73 -47.39 -13.20
C PHE GA 33 96.16 -47.91 -13.14
N ASP GA 34 96.90 -47.48 -12.13
CA ASP GA 34 98.27 -47.90 -11.94
C ASP GA 34 98.30 -49.20 -11.13
N GLN GA 35 99.52 -49.69 -10.88
CA GLN GA 35 99.68 -50.81 -9.95
C GLN GA 35 99.22 -50.46 -8.55
N ALA GA 36 99.22 -49.16 -8.21
CA ALA GA 36 98.77 -48.72 -6.89
C ALA GA 36 97.34 -49.19 -6.63
N THR GA 37 96.38 -48.68 -7.41
CA THR GA 37 95.01 -49.16 -7.27
C THR GA 37 94.91 -50.65 -7.50
N TYR GA 38 95.76 -51.19 -8.40
CA TYR GA 38 95.71 -52.60 -8.73
C TYR GA 38 95.91 -53.48 -7.49
N ASP GA 39 96.81 -53.08 -6.60
CA ASP GA 39 97.01 -53.88 -5.39
C ASP GA 39 96.22 -53.38 -4.19
N LYS GA 40 95.84 -52.10 -4.14
CA LYS GA 40 94.95 -51.66 -3.07
C LYS GA 40 93.59 -52.36 -3.16
N LEU GA 41 93.04 -52.48 -4.37
CA LEU GA 41 91.78 -53.17 -4.53
C LEU GA 41 91.90 -54.62 -4.10
N LEU GA 42 93.02 -55.26 -4.43
CA LEU GA 42 93.25 -56.64 -4.01
C LEU GA 42 93.31 -56.74 -2.48
N THR GA 43 93.97 -55.79 -1.83
CA THR GA 43 94.09 -55.82 -0.38
C THR GA 43 92.73 -55.63 0.30
N GLU GA 44 91.92 -54.69 -0.19
CA GLU GA 44 90.70 -54.32 0.52
C GLU GA 44 89.47 -55.12 0.11
N VAL GA 45 89.56 -56.00 -0.89
CA VAL GA 45 88.34 -56.65 -1.39
C VAL GA 45 87.83 -57.76 -0.47
N PRO GA 46 88.67 -58.51 0.27
CA PRO GA 46 88.10 -59.41 1.29
C PRO GA 46 87.49 -58.66 2.47
N LYS GA 47 88.11 -57.57 2.91
CA LYS GA 47 87.67 -56.85 4.10
C LYS GA 47 86.49 -55.92 3.82
N TYR GA 48 86.19 -55.63 2.56
CA TYR GA 48 85.05 -54.80 2.22
C TYR GA 48 83.78 -55.64 2.26
N LYS GA 49 82.91 -55.36 3.24
CA LYS GA 49 81.65 -56.08 3.33
C LYS GA 49 80.75 -55.79 2.14
N GLN GA 50 80.96 -54.68 1.45
CA GLN GA 50 80.25 -54.37 0.22
C GLN GA 50 81.24 -53.84 -0.81
N ILE GA 51 81.19 -54.39 -2.02
CA ILE GA 51 81.95 -53.89 -3.16
C ILE GA 51 80.98 -53.70 -4.32
N THR GA 52 80.85 -52.47 -4.80
CA THR GA 52 79.99 -52.11 -5.92
C THR GA 52 80.75 -51.17 -6.83
N PRO GA 53 80.43 -51.18 -8.14
CA PRO GA 53 81.13 -50.26 -9.05
C PRO GA 53 80.99 -48.80 -8.68
N SER GA 54 79.81 -48.39 -8.20
CA SER GA 54 79.59 -46.99 -7.87
C SER GA 54 80.37 -46.59 -6.63
N VAL GA 55 80.31 -47.39 -5.56
CA VAL GA 55 81.04 -47.08 -4.34
C VAL GA 55 82.54 -47.12 -4.60
N LEU GA 56 83.00 -48.11 -5.36
CA LEU GA 56 84.42 -48.19 -5.69
C LEU GA 56 84.86 -46.96 -6.47
N SER GA 57 84.06 -46.54 -7.45
CA SER GA 57 84.40 -45.36 -8.23
C SER GA 57 84.44 -44.10 -7.35
N GLU GA 58 83.47 -43.96 -6.45
CA GLU GA 58 83.39 -42.76 -5.63
C GLU GA 58 84.43 -42.75 -4.51
N ARG GA 59 84.96 -43.90 -4.12
CA ARG GA 59 85.93 -43.98 -3.03
C ARG GA 59 87.37 -43.97 -3.52
N LEU GA 60 87.71 -44.82 -4.48
CA LEU GA 60 89.08 -44.96 -4.94
C LEU GA 60 89.46 -43.93 -5.99
N ARG GA 61 88.56 -43.01 -6.35
CA ARG GA 61 88.81 -41.97 -7.34
C ARG GA 61 89.18 -42.59 -8.68
N ILE GA 62 88.26 -43.40 -9.19
CA ILE GA 62 88.46 -44.13 -10.44
C ILE GA 62 87.18 -44.07 -11.25
N ASN GA 63 87.31 -44.22 -12.57
CA ASN GA 63 86.16 -44.17 -13.46
C ASN GA 63 85.30 -45.41 -13.28
N GLY GA 64 84.01 -45.26 -13.60
CA GLY GA 64 83.09 -46.39 -13.51
C GLY GA 64 83.47 -47.54 -14.42
N SER GA 65 83.99 -47.23 -15.60
CA SER GA 65 84.48 -48.27 -16.50
C SER GA 65 85.62 -49.06 -15.86
N LEU GA 66 86.54 -48.35 -15.20
CA LEU GA 66 87.62 -49.03 -14.50
C LEU GA 66 87.10 -49.79 -13.29
N ALA GA 67 86.02 -49.31 -12.67
CA ALA GA 67 85.38 -50.10 -11.62
C ALA GA 67 84.82 -51.40 -12.18
N ARG GA 68 84.23 -51.35 -13.38
CA ARG GA 68 83.76 -52.56 -14.03
C ARG GA 68 84.91 -53.51 -14.31
N ARG GA 69 86.02 -52.98 -14.84
CA ARG GA 69 87.19 -53.81 -15.12
C ARG GA 69 87.74 -54.42 -13.83
N ALA GA 70 87.75 -53.64 -12.74
CA ALA GA 70 88.21 -54.16 -11.46
C ALA GA 70 87.30 -55.27 -10.95
N ILE GA 71 85.99 -55.14 -11.16
CA ILE GA 71 85.10 -56.22 -10.71
C ILE GA 71 85.26 -57.46 -11.58
N LYS GA 72 85.59 -57.30 -12.86
CA LYS GA 72 85.91 -58.48 -13.67
C LYS GA 72 87.21 -59.12 -13.21
N ASP GA 73 88.19 -58.31 -12.81
CA ASP GA 73 89.40 -58.86 -12.22
C ASP GA 73 89.10 -59.57 -10.90
N LEU GA 74 88.15 -59.05 -10.12
CA LEU GA 74 87.65 -59.75 -8.95
C LEU GA 74 87.10 -61.13 -9.31
N MET GA 75 86.21 -61.19 -10.31
CA MET GA 75 85.66 -62.46 -10.74
C MET GA 75 86.75 -63.40 -11.23
N GLU GA 76 87.82 -62.84 -11.81
CA GLU GA 76 88.99 -63.65 -12.14
C GLU GA 76 89.63 -64.23 -10.88
N ARG GA 77 89.77 -63.41 -9.83
CA ARG GA 77 90.38 -63.86 -8.59
C ARG GA 77 89.40 -64.53 -7.64
N GLY GA 78 88.12 -64.13 -7.68
CA GLY GA 78 87.10 -64.77 -6.88
C GLY GA 78 87.26 -64.62 -5.38
N LEU GA 79 87.53 -63.41 -4.91
CA LEU GA 79 87.65 -63.14 -3.48
C LEU GA 79 86.30 -62.94 -2.78
N ILE GA 80 85.21 -63.36 -3.41
CA ILE GA 80 83.90 -63.27 -2.78
C ILE GA 80 83.49 -64.64 -2.23
N SER GA 84 74.84 -59.52 -6.69
CA SER GA 84 74.49 -60.17 -7.95
C SER GA 84 75.12 -59.46 -9.14
N ILE GA 85 74.91 -60.00 -10.33
CA ILE GA 85 75.37 -59.40 -11.57
C ILE GA 85 74.15 -58.88 -12.33
N HIS GA 86 74.13 -57.57 -12.58
CA HIS GA 86 73.01 -56.93 -13.24
C HIS GA 86 73.53 -55.89 -14.22
N SER GA 87 72.66 -55.51 -15.16
CA SER GA 87 73.06 -54.56 -16.20
C SER GA 87 73.36 -53.18 -15.62
N SER GA 88 72.80 -52.86 -14.45
CA SER GA 88 72.96 -51.54 -13.86
C SER GA 88 73.73 -51.54 -12.55
N GLN GA 89 73.71 -52.64 -11.79
CA GLN GA 89 74.40 -52.68 -10.50
C GLN GA 89 75.06 -54.04 -10.33
N GLN GA 90 76.03 -54.08 -9.42
CA GLN GA 90 76.73 -55.31 -9.08
C GLN GA 90 76.93 -55.35 -7.58
N ILE GA 91 76.39 -56.39 -6.94
CA ILE GA 91 76.45 -56.54 -5.49
C ILE GA 91 77.19 -57.84 -5.18
N PHE GA 92 78.34 -57.73 -4.54
CA PHE GA 92 79.15 -58.90 -4.21
C PHE GA 92 79.97 -58.59 -2.97
N THR GA 93 80.55 -59.64 -2.39
CA THR GA 93 81.41 -59.49 -1.22
C THR GA 93 82.24 -60.75 -0.98
K K HA . 60.16 -12.09 -33.73
MG MG IA . 81.11 -34.65 -36.10
K K JA . 40.58 -23.73 -28.72
K K KA . 20.33 -16.34 -33.77
K K LA . 57.33 -24.88 -17.48
K K MA . 23.21 -19.10 -40.63
K K NA . 22.91 -11.80 -47.19
K K OA . 51.49 -87.63 -33.61
K K PA . 71.82 -30.60 -32.96
MG MG QA . 40.55 -28.18 -10.81
MG MG RA . 46.46 -27.85 -2.85
MG MG SA . 56.82 -29.86 -16.69
MG MG TA . 54.71 -19.39 -23.28
MG MG UA . 28.43 -22.75 -17.34
MG MG VA . 43.63 -28.50 -37.54
MG MG WA . 50.36 -26.98 -46.55
MG MG XA . 42.01 -21.77 -49.13
MG MG YA . 43.49 -18.22 -57.80
MG MG ZA . 24.66 -19.30 -50.39
MG MG AB . 23.99 -9.06 -30.11
MG MG BB . 24.63 -9.83 -30.55
MG MG CB . 19.00 -25.25 -17.84
MG MG DB . 16.99 -38.66 -16.54
MG MG EB . 9.45 -37.16 -16.59
MG MG FB . 32.96 -14.34 -56.29
MG MG GB . 45.36 -17.39 -38.47
MG MG HB . 71.71 -31.47 -28.01
MG MG IB . 73.14 -35.78 -24.63
MG MG JB . 31.28 -70.46 -24.72
MG MG KB . 67.13 -50.15 -24.23
MG MG LB . 49.75 -58.50 -27.52
MG MG MB . 34.57 -30.86 -10.21
MG MG NB . 57.54 -15.91 -23.47
MG MG OB . 42.31 -27.76 -27.48
MG MG PB . 20.24 -57.01 -13.78
MG MG QB . -43.79 83.14 20.42
MG MG RB . 4.92 17.41 23.12
MG MG SB . 3.25 33.12 24.54
MG MG TB . 12.74 22.95 17.81
MG MG UB . 7.18 15.09 9.33
MG MG VB . 11.35 12.50 7.04
MG MG WB . 15.66 1.20 8.08
MG MG XB . 14.73 12.79 26.87
MG MG YB . -4.48 18.88 1.49
MG MG ZB . -5.07 67.87 -20.53
MG MG AC . -27.98 91.16 -23.71
MG MG BC . -23.47 67.85 -14.90
MG MG CC . -22.02 60.12 -13.19
MG MG DC . -16.23 72.01 -10.07
MG MG EC . -11.58 77.12 -11.18
MG MG FC . -6.90 56.17 -8.72
MG MG GC . -7.60 79.11 21.38
MG MG HC . -21.36 79.50 19.84
MG MG IC . -18.04 52.81 -11.05
MG MG JC . -18.35 73.21 -17.56
MG MG KC . -13.20 73.29 -23.46
MG MG LC . -31.60 39.56 -49.78
MG MG MC . 1.45 14.73 -41.12
MG MG NC . -7.82 8.05 -30.47
MG MG OC . -27.05 25.04 30.11
MG MG PC . 24.33 2.10 45.88
MG MG QC . 6.20 24.68 -0.31
MG MG RC . 29.84 4.69 7.95
MG MG SC . 31.66 5.45 3.15
MG MG TC . 32.08 -2.91 12.74
MG MG UC . -15.74 56.55 -22.81
MG MG VC . 3.91 9.73 35.65
MG MG WC . -20.01 57.10 9.26
MG MG XC . 10.33 1.70 42.98
MG MG YC . -6.96 -16.72 -7.06
MG MG ZC . -10.21 46.71 -31.21
MG MG AD . -3.92 55.07 2.95
MG MG BD . 8.59 7.70 -43.21
MG MG CD . 2.97 -4.22 51.92
MG MG DD . -3.66 24.19 -15.46
MG MG ED . -40.57 63.89 13.05
MG MG FD . -3.25 -3.54 45.23
K K GD . 17.38 -4.15 25.23
K K HD . -22.41 78.04 12.44
K K ID . -26.55 57.46 3.75
K K JD . -29.97 84.89 -12.08
K K KD . -27.18 83.23 -15.01
K K LD . -3.97 -18.91 -7.26
MG MG MD . 55.27 -18.70 -41.98
K K ND . 62.52 -54.74 -33.32
K K OD . 30.75 -26.38 -43.99
ZN ZN PD . 26.52 -28.40 -46.71
#